data_6WR2
#
_entry.id   6WR2
#
_cell.length_a   1.00
_cell.length_b   1.00
_cell.length_c   1.00
_cell.angle_alpha   90.00
_cell.angle_beta   90.00
_cell.angle_gamma   90.00
#
_symmetry.space_group_name_H-M   'P 1'
#
loop_
_entity.id
_entity.type
_entity.pdbx_description
1 polymer 'ATP-dependent Clp protease ATP-binding subunit ClpX'
2 polymer 'ATP-dependent Clp protease proteolytic subunit'
3 water water
#
loop_
_entity_poly.entity_id
_entity_poly.type
_entity_poly.pdbx_seq_one_letter_code
_entity_poly.pdbx_strand_id
1 'polypeptide(L)'
;MGSSHHHHHHDYDIPTTENLYFQGSSALPTPHEIRNHLDDYVIGQEQAKKVLAVAVYNHYKRLRNGDTSNGVELGKSNIL
LIGPTGSGKTLLAETLARLLDVPFTMADATTLTEAGYVGEDVENIIQKLLQKSDYDVQKAQRGIVYIDEIDKISRKSDNP
SITRDVSGEGVQQALLKLIEGTVAAVPPQGGRKHPQQEFLQVDTSKILFICGGAFAGLDKVISHRVETGSGIGFGATVKA
KSDKASEGELLAQVEPEDLIKFGLIPEFIGRLPVVATLNELSEEALIQILKEPKNALTKQYQALFNLEGVDLEFRDEALD
AIAKKAMARKTGARGLRSIVEAALLDTMYDLPSMEDVEKVVIDESVIDGQSEPLLIYGKPEAQQASGE
;
A,B,C,D,E,F
2 'polypeptide(L)'
;LVPMVIEQTSRGERSFDIYSRLLKERVIFLTGQVEDHMANLIVAQMLFLEAENPEKDIYLYINSPGGVITAGMSIYDTMQ
FIKPDVSTICMGQAASMGAFLLTAGAKGKRFCLPNSRVMIHQPLGGYQGQATDIEIHAREILKVKGRMNELMALHTGQSL
EQIERDTERDRFLSAPEAVEYGLVDSILTHRNENLYFQSLEHHHHHH
;
h,i,j,k,l,m,n,M,N,H,I,J,K,L
#
# COMPACT_ATOMS: atom_id res chain seq x y z
N GLY A 231 9.10 -43.39 -27.14
CA GLY A 231 9.20 -42.13 -26.44
C GLY A 231 8.08 -41.92 -25.46
N ILE A 232 7.80 -40.66 -25.13
CA ILE A 232 6.77 -40.31 -24.16
C ILE A 232 5.73 -39.33 -24.69
N GLY A 233 6.02 -38.57 -25.73
CA GLY A 233 5.09 -37.58 -26.24
C GLY A 233 3.90 -38.17 -26.97
N PHE A 234 3.17 -37.25 -27.61
CA PHE A 234 2.02 -37.64 -28.41
C PHE A 234 2.48 -38.35 -29.68
N GLY A 235 3.50 -37.79 -30.33
CA GLY A 235 4.03 -38.40 -31.54
C GLY A 235 4.66 -39.75 -31.29
N ALA A 236 5.34 -39.89 -30.16
CA ALA A 236 6.04 -41.13 -29.85
C ALA A 236 5.09 -42.31 -29.70
N THR A 237 5.53 -43.44 -30.24
CA THR A 237 4.79 -44.69 -30.17
C THR A 237 5.00 -45.37 -28.82
N VAL A 238 4.04 -46.19 -28.44
CA VAL A 238 4.03 -46.89 -27.16
C VAL A 238 3.94 -48.39 -27.38
N LYS A 239 4.62 -49.15 -26.54
CA LYS A 239 4.61 -50.59 -26.62
C LYS A 239 3.23 -51.14 -26.34
N GLY B 231 30.31 -29.20 -30.92
CA GLY B 231 29.79 -28.25 -29.96
C GLY B 231 28.28 -28.26 -29.90
N ILE B 232 27.71 -27.23 -29.26
CA ILE B 232 26.26 -27.12 -29.11
C ILE B 232 25.70 -25.82 -29.62
N GLY B 233 26.48 -24.75 -29.73
CA GLY B 233 25.97 -23.47 -30.17
C GLY B 233 25.59 -23.41 -31.63
N PHE B 234 25.36 -22.17 -32.06
CA PHE B 234 25.02 -21.89 -33.45
C PHE B 234 26.22 -22.15 -34.35
N GLY B 235 27.31 -21.44 -34.08
CA GLY B 235 28.52 -21.60 -34.89
C GLY B 235 29.09 -23.00 -34.85
N ALA B 236 28.80 -23.74 -33.78
CA ALA B 236 29.31 -25.09 -33.64
C ALA B 236 28.73 -26.02 -34.70
N THR B 237 29.56 -26.96 -35.14
CA THR B 237 29.17 -27.96 -36.12
C THR B 237 28.66 -29.20 -35.39
N VAL B 238 27.79 -29.95 -36.07
CA VAL B 238 27.17 -31.12 -35.48
C VAL B 238 27.23 -32.30 -36.44
N LYS B 239 27.02 -33.49 -35.89
CA LYS B 239 27.05 -34.73 -36.65
C LYS B 239 25.89 -34.84 -37.63
N GLY C 231 46.67 -19.44 -13.17
CA GLY C 231 45.45 -19.06 -12.50
C GLY C 231 44.30 -18.80 -13.45
N ILE C 232 43.29 -18.07 -12.97
CA ILE C 232 42.11 -17.75 -13.77
C ILE C 232 41.85 -16.26 -13.87
N GLY C 233 42.32 -15.46 -12.94
CA GLY C 233 42.06 -14.04 -12.95
C GLY C 233 42.80 -13.26 -14.01
N PHE C 234 42.71 -11.94 -13.86
CA PHE C 234 43.39 -11.02 -14.76
C PHE C 234 44.89 -11.12 -14.56
N GLY C 235 45.35 -10.85 -13.34
CA GLY C 235 46.77 -10.93 -13.04
C GLY C 235 47.38 -12.29 -13.33
N ALA C 236 46.57 -13.34 -13.31
CA ALA C 236 47.06 -14.67 -13.60
C ALA C 236 47.53 -14.78 -15.04
N THR C 237 48.60 -15.54 -15.23
CA THR C 237 49.17 -15.76 -16.56
C THR C 237 48.59 -17.01 -17.18
N VAL C 238 48.45 -16.99 -18.50
CA VAL C 238 47.91 -18.10 -19.26
C VAL C 238 48.75 -18.30 -20.52
N LYS C 239 48.73 -19.52 -21.02
CA LYS C 239 49.48 -19.87 -22.23
C LYS C 239 48.86 -19.22 -23.46
N GLY D 231 45.61 -22.34 12.43
CA GLY D 231 44.24 -21.89 12.38
C GLY D 231 43.96 -20.96 11.22
N ILE D 232 42.79 -20.33 11.24
CA ILE D 232 42.39 -19.42 10.18
C ILE D 232 42.07 -18.02 10.67
N GLY D 233 41.71 -17.83 11.94
CA GLY D 233 41.36 -16.55 12.47
C GLY D 233 42.50 -15.56 12.52
N PHE D 234 42.19 -14.42 13.13
CA PHE D 234 43.18 -13.38 13.34
C PHE D 234 44.24 -13.87 14.33
N GLY D 235 43.81 -14.26 15.52
CA GLY D 235 44.71 -14.76 16.54
C GLY D 235 45.47 -16.00 16.13
N ALA D 236 44.96 -16.76 15.18
CA ALA D 236 45.64 -17.95 14.72
C ALA D 236 47.01 -17.62 14.13
N THR D 237 47.94 -18.53 14.31
CA THR D 237 49.31 -18.36 13.81
C THR D 237 49.46 -18.99 12.44
N VAL D 238 50.22 -18.30 11.58
CA VAL D 238 50.49 -18.76 10.23
C VAL D 238 51.94 -18.42 9.90
N LYS D 239 52.56 -19.25 9.07
CA LYS D 239 53.95 -19.06 8.66
C LYS D 239 54.05 -18.42 7.29
N GLY E 231 28.16 -35.19 26.20
CA GLY E 231 27.07 -34.38 25.69
C GLY E 231 27.53 -33.01 25.24
N ILE E 232 26.58 -32.16 24.87
CA ILE E 232 26.88 -30.82 24.40
C ILE E 232 26.16 -29.72 25.17
N GLY E 233 25.06 -29.99 25.84
CA GLY E 233 24.33 -28.96 26.53
C GLY E 233 25.00 -28.40 27.77
N PHE E 234 24.21 -27.60 28.47
CA PHE E 234 24.66 -27.00 29.73
C PHE E 234 24.80 -28.09 30.79
N GLY E 235 23.72 -28.82 31.03
CA GLY E 235 23.74 -29.88 32.02
C GLY E 235 24.74 -30.98 31.72
N ALA E 236 25.05 -31.16 30.44
CA ALA E 236 25.99 -32.19 30.03
C ALA E 236 27.39 -31.88 30.53
N THR E 237 28.11 -32.93 30.91
CA THR E 237 29.47 -32.82 31.40
C THR E 237 30.46 -32.99 30.27
N VAL E 238 31.61 -32.35 30.40
CA VAL E 238 32.66 -32.37 29.40
C VAL E 238 33.99 -32.70 30.05
N LYS E 239 34.94 -33.15 29.23
CA LYS E 239 36.27 -33.49 29.69
C LYS E 239 36.99 -32.29 30.28
N GLY F 231 6.40 -48.18 18.03
CA GLY F 231 6.57 -47.02 17.17
C GLY F 231 7.18 -45.83 17.89
N ILE F 232 6.72 -44.64 17.53
CA ILE F 232 7.21 -43.40 18.13
C ILE F 232 6.11 -42.53 18.70
N GLY F 233 4.86 -42.68 18.29
CA GLY F 233 3.80 -41.83 18.75
C GLY F 233 3.39 -42.07 20.19
N PHE F 234 2.27 -41.46 20.55
CA PHE F 234 1.70 -41.61 21.88
C PHE F 234 1.23 -43.05 22.10
N GLY F 235 0.36 -43.53 21.20
CA GLY F 235 -0.15 -44.88 21.33
C GLY F 235 0.92 -45.94 21.29
N ALA F 236 2.05 -45.65 20.64
CA ALA F 236 3.14 -46.59 20.56
C ALA F 236 3.71 -46.90 21.95
N THR F 237 4.03 -48.17 22.16
CA THR F 237 4.58 -48.63 23.42
C THR F 237 6.11 -48.62 23.34
N VAL F 238 6.74 -48.32 24.48
CA VAL F 238 8.19 -48.26 24.59
C VAL F 238 8.62 -49.04 25.83
N LYS F 239 9.93 -49.27 25.90
CA LYS F 239 10.52 -49.99 27.02
C LYS F 239 10.30 -49.24 28.33
N LEU G 1 -10.09 28.55 -7.26
CA LEU G 1 -11.38 29.10 -6.90
C LEU G 1 -12.02 29.72 -8.14
N VAL G 2 -13.28 30.13 -8.01
CA VAL G 2 -14.04 30.72 -9.10
C VAL G 2 -14.23 32.21 -8.82
N PRO G 3 -13.91 33.10 -9.75
CA PRO G 3 -14.13 34.53 -9.50
C PRO G 3 -15.60 34.86 -9.31
N MET G 4 -15.84 35.94 -8.57
CA MET G 4 -17.18 36.42 -8.26
C MET G 4 -17.40 37.79 -8.90
N VAL G 5 -18.55 37.94 -9.54
CA VAL G 5 -18.94 39.18 -10.21
C VAL G 5 -20.12 39.79 -9.48
N ILE G 6 -20.06 41.09 -9.24
CA ILE G 6 -21.15 41.83 -8.58
C ILE G 6 -21.99 42.49 -9.66
N GLU G 7 -23.31 42.29 -9.59
CA GLU G 7 -24.23 42.86 -10.55
C GLU G 7 -25.59 43.11 -9.91
N ARG G 14 -25.96 42.25 -5.83
CA ARG G 14 -26.03 40.81 -6.06
C ARG G 14 -24.68 40.27 -6.51
N SER G 15 -24.35 39.06 -6.10
CA SER G 15 -23.09 38.41 -6.41
C SER G 15 -23.32 37.22 -7.31
N PHE G 16 -22.58 37.17 -8.42
CA PHE G 16 -22.67 36.10 -9.40
C PHE G 16 -21.31 35.46 -9.65
N ASP G 17 -21.26 34.13 -9.68
CA ASP G 17 -20.03 33.48 -10.09
C ASP G 17 -19.92 33.66 -11.61
N ILE G 18 -18.71 33.58 -12.12
CA ILE G 18 -18.48 33.87 -13.54
C ILE G 18 -19.34 32.97 -14.43
N TYR G 19 -19.52 31.71 -14.06
CA TYR G 19 -20.35 30.83 -14.87
C TYR G 19 -21.81 31.28 -14.87
N SER G 20 -22.32 31.74 -13.73
CA SER G 20 -23.71 32.20 -13.68
C SER G 20 -23.92 33.43 -14.53
N ARG G 21 -22.95 34.34 -14.54
CA ARG G 21 -23.10 35.55 -15.34
C ARG G 21 -23.22 35.19 -16.80
N LEU G 22 -22.40 34.25 -17.27
CA LEU G 22 -22.48 33.81 -18.65
C LEU G 22 -23.79 33.06 -18.88
N LEU G 23 -24.29 32.37 -17.87
CA LEU G 23 -25.56 31.68 -17.99
C LEU G 23 -26.67 32.68 -18.24
N LYS G 24 -26.53 33.88 -17.67
CA LYS G 24 -27.47 34.96 -17.90
C LYS G 24 -27.52 35.29 -19.38
N GLU G 25 -26.41 35.12 -20.08
CA GLU G 25 -26.32 35.33 -21.51
C GLU G 25 -26.56 34.05 -22.29
N ARG G 26 -27.12 33.04 -21.64
CA ARG G 26 -27.48 31.76 -22.26
C ARG G 26 -26.27 31.01 -22.79
N VAL G 27 -25.19 31.00 -22.01
CA VAL G 27 -23.97 30.28 -22.33
C VAL G 27 -23.80 29.15 -21.33
N ILE G 28 -23.62 27.94 -21.83
CA ILE G 28 -23.41 26.75 -21.02
C ILE G 28 -22.08 26.15 -21.39
N PHE G 29 -21.30 25.75 -20.40
CA PHE G 29 -20.01 25.13 -20.61
C PHE G 29 -20.07 23.64 -20.29
N LEU G 30 -19.63 22.83 -21.24
CA LEU G 30 -19.50 21.40 -21.06
C LEU G 30 -18.00 21.15 -21.01
N THR G 31 -17.50 20.76 -19.85
CA THR G 31 -16.08 20.54 -19.67
C THR G 31 -15.83 19.24 -18.94
N GLY G 32 -14.73 18.60 -19.29
CA GLY G 32 -14.32 17.39 -18.65
C GLY G 32 -15.05 16.17 -19.15
N GLN G 33 -14.77 15.06 -18.50
CA GLN G 33 -15.41 13.82 -18.90
C GLN G 33 -16.89 13.89 -18.56
N VAL G 34 -17.70 13.35 -19.47
CA VAL G 34 -19.14 13.35 -19.26
C VAL G 34 -19.47 12.33 -18.19
N GLU G 35 -20.44 12.67 -17.36
CA GLU G 35 -20.88 11.80 -16.28
C GLU G 35 -22.29 12.24 -15.90
N ASP G 36 -22.93 11.43 -15.07
CA ASP G 36 -24.31 11.70 -14.69
C ASP G 36 -24.44 13.04 -13.97
N HIS G 37 -23.52 13.36 -13.08
CA HIS G 37 -23.64 14.59 -12.30
C HIS G 37 -23.42 15.84 -13.14
N MET G 38 -22.39 15.86 -13.98
CA MET G 38 -22.17 17.03 -14.81
C MET G 38 -23.28 17.16 -15.84
N ALA G 39 -23.73 16.04 -16.39
CA ALA G 39 -24.79 16.05 -17.39
C ALA G 39 -26.09 16.56 -16.79
N ASN G 40 -26.35 16.16 -15.55
CA ASN G 40 -27.57 16.61 -14.88
C ASN G 40 -27.55 18.12 -14.72
N LEU G 41 -26.39 18.67 -14.38
CA LEU G 41 -26.26 20.11 -14.22
C LEU G 41 -26.52 20.82 -15.54
N ILE G 42 -26.02 20.26 -16.63
CA ILE G 42 -26.25 20.87 -17.94
C ILE G 42 -27.72 20.80 -18.29
N VAL G 43 -28.37 19.68 -17.97
CA VAL G 43 -29.78 19.51 -18.26
C VAL G 43 -30.58 20.55 -17.50
N ALA G 44 -30.22 20.77 -16.24
CA ALA G 44 -30.91 21.76 -15.42
C ALA G 44 -30.79 23.14 -16.04
N GLN G 45 -29.60 23.47 -16.51
CA GLN G 45 -29.36 24.78 -17.12
C GLN G 45 -30.23 24.96 -18.36
N MET G 46 -30.34 23.93 -19.19
CA MET G 46 -31.15 24.04 -20.39
C MET G 46 -32.62 24.24 -20.04
N LEU G 47 -33.10 23.51 -19.06
CA LEU G 47 -34.50 23.64 -18.63
C LEU G 47 -34.75 25.01 -18.06
N PHE G 48 -33.82 25.51 -17.24
CA PHE G 48 -33.99 26.83 -16.64
C PHE G 48 -33.99 27.91 -17.69
N LEU G 49 -33.08 27.81 -18.67
CA LEU G 49 -33.05 28.80 -19.72
C LEU G 49 -34.31 28.77 -20.56
N GLU G 50 -34.81 27.57 -20.84
CA GLU G 50 -36.05 27.45 -21.60
C GLU G 50 -37.19 28.07 -20.82
N ALA G 51 -37.23 27.85 -19.51
CA ALA G 51 -38.26 28.44 -18.68
C ALA G 51 -38.16 29.95 -18.69
N GLU G 52 -36.93 30.47 -18.58
CA GLU G 52 -36.74 31.92 -18.57
C GLU G 52 -37.14 32.53 -19.91
N ASN G 53 -36.67 31.93 -21.00
CA ASN G 53 -37.01 32.36 -22.34
C ASN G 53 -37.03 31.14 -23.26
N PRO G 54 -38.15 30.79 -23.88
CA PRO G 54 -38.17 29.63 -24.77
C PRO G 54 -37.92 29.91 -26.24
N GLU G 55 -37.62 31.16 -26.60
CA GLU G 55 -37.41 31.55 -27.99
C GLU G 55 -35.99 32.00 -28.29
N LYS G 56 -35.16 32.21 -27.28
CA LYS G 56 -33.80 32.65 -27.49
C LYS G 56 -32.88 31.45 -27.58
N ASP G 57 -31.89 31.54 -28.45
CA ASP G 57 -30.95 30.45 -28.66
C ASP G 57 -30.01 30.29 -27.50
N ILE G 58 -29.60 29.06 -27.28
CA ILE G 58 -28.67 28.69 -26.23
C ILE G 58 -27.35 28.37 -26.90
N TYR G 59 -26.27 28.61 -26.17
CA TYR G 59 -24.92 28.36 -26.64
C TYR G 59 -24.28 27.38 -25.70
N LEU G 60 -23.70 26.32 -26.26
CA LEU G 60 -23.06 25.26 -25.50
C LEU G 60 -21.63 25.11 -26.01
N TYR G 61 -20.68 25.42 -25.15
CA TYR G 61 -19.27 25.33 -25.50
C TYR G 61 -18.81 23.95 -25.04
N ILE G 62 -18.13 23.24 -25.94
CA ILE G 62 -17.72 21.86 -25.70
C ILE G 62 -16.22 21.73 -25.74
N ASN G 63 -15.66 21.22 -24.65
CA ASN G 63 -14.24 20.92 -24.52
C ASN G 63 -14.19 19.71 -23.61
N SER G 64 -14.10 18.50 -24.16
CA SER G 64 -14.10 17.35 -23.28
C SER G 64 -13.57 16.13 -23.98
N PRO G 65 -12.97 15.18 -23.23
CA PRO G 65 -12.50 13.94 -23.84
C PRO G 65 -13.55 12.83 -23.90
N GLY G 66 -14.81 13.15 -23.66
CA GLY G 66 -15.86 12.17 -23.75
C GLY G 66 -16.15 11.51 -22.43
N GLY G 67 -17.06 10.55 -22.47
CA GLY G 67 -17.38 9.83 -21.28
C GLY G 67 -18.51 8.84 -21.42
N VAL G 68 -19.34 8.77 -20.38
CA VAL G 68 -20.46 7.85 -20.39
C VAL G 68 -21.41 8.24 -21.50
N ILE G 69 -22.08 7.24 -22.06
CA ILE G 69 -23.02 7.48 -23.14
C ILE G 69 -24.40 7.82 -22.62
N THR G 70 -24.82 7.17 -21.54
CA THR G 70 -26.14 7.43 -20.97
C THR G 70 -26.27 8.89 -20.57
N ALA G 71 -25.22 9.43 -19.95
CA ALA G 71 -25.23 10.84 -19.57
C ALA G 71 -25.32 11.71 -20.81
N GLY G 72 -24.54 11.37 -21.83
CA GLY G 72 -24.57 12.13 -23.07
C GLY G 72 -25.92 12.09 -23.74
N MET G 73 -26.59 10.95 -23.68
CA MET G 73 -27.89 10.84 -24.32
C MET G 73 -28.91 11.72 -23.63
N SER G 74 -28.80 11.89 -22.32
CA SER G 74 -29.74 12.77 -21.63
C SER G 74 -29.59 14.18 -22.12
N ILE G 75 -28.35 14.64 -22.29
CA ILE G 75 -28.11 15.97 -22.80
C ILE G 75 -28.64 16.09 -24.22
N TYR G 76 -28.41 15.06 -25.04
CA TYR G 76 -28.86 15.09 -26.43
C TYR G 76 -30.37 15.14 -26.51
N ASP G 77 -31.04 14.27 -25.76
CA ASP G 77 -32.49 14.22 -25.79
C ASP G 77 -33.08 15.52 -25.30
N THR G 78 -32.45 16.13 -24.30
CA THR G 78 -32.92 17.40 -23.77
C THR G 78 -32.79 18.50 -24.80
N MET G 79 -31.67 18.55 -25.51
CA MET G 79 -31.46 19.59 -26.50
C MET G 79 -32.47 19.49 -27.62
N GLN G 80 -32.76 18.27 -28.06
CA GLN G 80 -33.74 18.06 -29.11
C GLN G 80 -35.17 18.16 -28.61
N PHE G 81 -35.37 18.16 -27.30
CA PHE G 81 -36.71 18.23 -26.72
C PHE G 81 -37.14 19.66 -26.47
N ILE G 82 -36.26 20.48 -25.92
CA ILE G 82 -36.60 21.87 -25.66
C ILE G 82 -36.77 22.61 -26.98
N LYS G 83 -37.60 23.63 -26.94
CA LYS G 83 -37.93 24.46 -28.10
C LYS G 83 -36.73 25.29 -28.59
N PRO G 84 -35.94 25.91 -27.71
CA PRO G 84 -34.81 26.71 -28.19
C PRO G 84 -33.81 25.91 -29.00
N ASP G 85 -33.13 26.62 -29.88
CA ASP G 85 -32.10 26.05 -30.72
C ASP G 85 -30.78 26.15 -29.96
N VAL G 86 -30.12 25.01 -29.80
CA VAL G 86 -28.88 24.93 -29.05
C VAL G 86 -27.72 24.99 -30.02
N SER G 87 -27.01 26.11 -30.00
CA SER G 87 -25.85 26.32 -30.85
C SER G 87 -24.64 25.71 -30.15
N THR G 88 -24.07 24.68 -30.73
CA THR G 88 -22.91 24.02 -30.15
C THR G 88 -21.64 24.61 -30.70
N ILE G 89 -20.66 24.76 -29.82
CA ILE G 89 -19.35 25.29 -30.18
C ILE G 89 -18.31 24.35 -29.59
N CYS G 90 -17.27 24.09 -30.36
CA CYS G 90 -16.18 23.20 -29.97
C CYS G 90 -14.93 24.00 -29.67
N MET G 91 -14.40 23.83 -28.47
CA MET G 91 -13.19 24.50 -28.03
C MET G 91 -12.20 23.45 -27.57
N GLY G 92 -11.02 23.49 -28.13
CA GLY G 92 -9.96 22.57 -27.77
C GLY G 92 -10.17 21.21 -28.37
N GLN G 93 -11.20 20.48 -27.92
CA GLN G 93 -11.46 19.20 -28.53
C GLN G 93 -12.87 18.72 -28.24
N ALA G 94 -13.32 17.82 -29.10
CA ALA G 94 -14.58 17.11 -28.93
C ALA G 94 -14.29 15.64 -29.17
N ALA G 95 -14.62 14.82 -28.21
CA ALA G 95 -14.44 13.37 -28.29
C ALA G 95 -15.72 12.75 -28.85
N SER G 96 -15.81 11.42 -28.78
CA SER G 96 -16.96 10.73 -29.34
C SER G 96 -18.27 11.24 -28.80
N MET G 97 -18.40 11.35 -27.47
CA MET G 97 -19.64 11.89 -26.94
C MET G 97 -19.72 13.38 -27.17
N GLY G 98 -18.60 14.08 -27.05
CA GLY G 98 -18.61 15.51 -27.30
C GLY G 98 -18.96 15.81 -28.74
N ALA G 99 -18.41 15.04 -29.67
CA ALA G 99 -18.70 15.22 -31.08
C ALA G 99 -20.15 14.93 -31.37
N PHE G 100 -20.69 13.92 -30.69
CA PHE G 100 -22.09 13.58 -30.89
C PHE G 100 -22.98 14.71 -30.44
N LEU G 101 -22.65 15.34 -29.32
CA LEU G 101 -23.40 16.49 -28.86
C LEU G 101 -23.18 17.69 -29.76
N LEU G 102 -21.95 17.82 -30.28
CA LEU G 102 -21.63 18.93 -31.15
C LEU G 102 -22.45 18.88 -32.43
N THR G 103 -22.42 17.74 -33.12
CA THR G 103 -23.19 17.60 -34.34
C THR G 103 -24.69 17.59 -34.08
N ALA G 104 -25.11 17.38 -32.84
CA ALA G 104 -26.53 17.36 -32.51
C ALA G 104 -27.13 18.74 -32.38
N GLY G 105 -26.31 19.79 -32.40
CA GLY G 105 -26.83 21.14 -32.30
C GLY G 105 -27.75 21.48 -33.46
N ALA G 106 -28.36 22.65 -33.33
CA ALA G 106 -29.28 23.14 -34.33
C ALA G 106 -28.58 23.31 -35.66
N LYS G 107 -29.25 22.89 -36.73
CA LYS G 107 -28.70 22.97 -38.07
C LYS G 107 -28.39 24.42 -38.41
N GLY G 108 -27.14 24.66 -38.79
CA GLY G 108 -26.65 25.98 -39.12
C GLY G 108 -26.10 26.74 -37.94
N LYS G 109 -26.22 26.21 -36.73
CA LYS G 109 -25.76 26.84 -35.50
C LYS G 109 -24.66 26.04 -34.82
N ARG G 110 -24.02 25.11 -35.52
CA ARG G 110 -22.95 24.30 -34.97
C ARG G 110 -21.65 24.84 -35.55
N PHE G 111 -20.75 25.27 -34.67
CA PHE G 111 -19.50 25.86 -35.09
C PHE G 111 -18.34 25.22 -34.36
N CYS G 112 -17.17 25.33 -34.98
CA CYS G 112 -15.93 24.83 -34.44
C CYS G 112 -14.89 25.92 -34.57
N LEU G 113 -14.00 26.00 -33.58
CA LEU G 113 -12.92 26.95 -33.67
C LEU G 113 -11.86 26.38 -34.62
N PRO G 114 -11.02 27.24 -35.21
CA PRO G 114 -10.06 26.75 -36.21
C PRO G 114 -9.06 25.70 -35.75
N ASN G 115 -8.58 25.76 -34.51
CA ASN G 115 -7.59 24.82 -34.03
C ASN G 115 -8.17 23.66 -33.24
N SER G 116 -9.48 23.60 -33.08
CA SER G 116 -10.11 22.51 -32.38
C SER G 116 -10.01 21.22 -33.17
N ARG G 117 -9.94 20.11 -32.43
CA ARG G 117 -9.84 18.77 -32.99
C ARG G 117 -11.00 17.92 -32.54
N VAL G 118 -11.55 17.15 -33.46
CA VAL G 118 -12.72 16.31 -33.22
C VAL G 118 -12.34 14.87 -33.46
N MET G 119 -12.72 14.00 -32.52
CA MET G 119 -12.49 12.57 -32.61
C MET G 119 -13.79 11.82 -32.45
N ILE G 120 -14.03 10.87 -33.34
CA ILE G 120 -15.19 10.00 -33.30
C ILE G 120 -14.73 8.57 -33.22
N HIS G 121 -15.28 7.82 -32.28
CA HIS G 121 -14.94 6.41 -32.14
C HIS G 121 -16.19 5.68 -31.68
N GLN G 122 -16.17 4.36 -31.85
CA GLN G 122 -17.30 3.57 -31.42
C GLN G 122 -17.30 3.39 -29.91
N PRO G 123 -18.45 3.08 -29.32
CA PRO G 123 -18.53 2.90 -27.87
C PRO G 123 -17.55 1.94 -27.24
N LEU G 124 -17.27 2.17 -25.96
CA LEU G 124 -16.39 1.36 -25.15
C LEU G 124 -17.16 0.83 -23.97
N GLY G 125 -17.12 -0.48 -23.78
CA GLY G 125 -17.82 -1.08 -22.67
C GLY G 125 -17.23 -2.42 -22.32
N GLY G 126 -17.47 -2.83 -21.08
CA GLY G 126 -17.01 -4.14 -20.63
C GLY G 126 -17.90 -4.72 -19.57
N TYR G 127 -17.96 -6.05 -19.54
CA TYR G 127 -18.72 -6.76 -18.53
C TYR G 127 -17.99 -8.03 -18.15
N GLN G 128 -18.09 -8.39 -16.87
CA GLN G 128 -17.54 -9.63 -16.34
C GLN G 128 -18.68 -10.42 -15.74
N GLY G 129 -18.77 -11.69 -16.09
CA GLY G 129 -19.83 -12.52 -15.58
C GLY G 129 -20.01 -13.77 -16.42
N GLN G 130 -21.17 -14.37 -16.24
CA GLN G 130 -21.51 -15.58 -16.97
C GLN G 130 -21.72 -15.27 -18.44
N ALA G 131 -21.52 -16.30 -19.27
CA ALA G 131 -21.67 -16.14 -20.71
C ALA G 131 -23.05 -15.64 -21.09
N THR G 132 -24.08 -16.03 -20.35
CA THR G 132 -25.42 -15.56 -20.64
C THR G 132 -25.51 -14.06 -20.48
N ASP G 133 -25.06 -13.55 -19.33
CA ASP G 133 -25.07 -12.12 -19.07
C ASP G 133 -24.20 -11.36 -20.05
N ILE G 134 -23.10 -11.97 -20.48
CA ILE G 134 -22.19 -11.33 -21.44
C ILE G 134 -22.91 -11.08 -22.75
N GLU G 135 -23.65 -12.08 -23.23
CA GLU G 135 -24.37 -11.94 -24.48
C GLU G 135 -25.36 -10.80 -24.40
N ILE G 136 -26.02 -10.65 -23.26
CA ILE G 136 -27.00 -9.58 -23.09
C ILE G 136 -26.33 -8.22 -23.23
N HIS G 137 -25.27 -8.00 -22.45
CA HIS G 137 -24.57 -6.72 -22.50
C HIS G 137 -23.94 -6.46 -23.85
N ALA G 138 -23.49 -7.50 -24.53
CA ALA G 138 -22.90 -7.33 -25.84
C ALA G 138 -23.93 -6.82 -26.84
N ARG G 139 -25.10 -7.45 -26.85
CA ARG G 139 -26.15 -7.02 -27.75
C ARG G 139 -26.57 -5.58 -27.46
N GLU G 140 -26.62 -5.23 -26.18
CA GLU G 140 -27.04 -3.90 -25.79
C GLU G 140 -26.08 -2.84 -26.30
N ILE G 141 -24.77 -3.04 -26.08
CA ILE G 141 -23.80 -2.05 -26.54
C ILE G 141 -23.80 -1.98 -28.05
N LEU G 142 -24.05 -3.09 -28.72
CA LEU G 142 -24.11 -3.09 -30.17
C LEU G 142 -25.30 -2.28 -30.65
N LYS G 143 -26.44 -2.42 -29.99
CA LYS G 143 -27.61 -1.63 -30.34
C LYS G 143 -27.33 -0.16 -30.12
N VAL G 144 -26.60 0.15 -29.05
CA VAL G 144 -26.23 1.52 -28.76
C VAL G 144 -25.34 2.04 -29.88
N LYS G 145 -24.39 1.22 -30.32
CA LYS G 145 -23.51 1.62 -31.40
C LYS G 145 -24.30 1.90 -32.67
N GLY G 146 -25.26 1.03 -32.98
CA GLY G 146 -26.08 1.27 -34.15
C GLY G 146 -26.91 2.52 -34.01
N ARG G 147 -27.50 2.72 -32.84
CA ARG G 147 -28.32 3.90 -32.61
C ARG G 147 -27.50 5.17 -32.70
N MET G 148 -26.29 5.16 -32.15
CA MET G 148 -25.42 6.32 -32.22
C MET G 148 -25.06 6.63 -33.66
N ASN G 149 -24.75 5.61 -34.43
CA ASN G 149 -24.38 5.81 -35.83
C ASN G 149 -25.54 6.36 -36.64
N GLU G 150 -26.75 5.89 -36.35
CA GLU G 150 -27.93 6.38 -37.05
C GLU G 150 -28.10 7.87 -36.82
N LEU G 151 -28.00 8.30 -35.57
CA LEU G 151 -28.13 9.70 -35.23
C LEU G 151 -27.01 10.52 -35.85
N MET G 152 -25.79 10.00 -35.83
CA MET G 152 -24.66 10.71 -36.40
C MET G 152 -24.86 10.91 -37.88
N ALA G 153 -25.36 9.90 -38.57
CA ALA G 153 -25.59 9.99 -40.00
C ALA G 153 -26.68 10.99 -40.31
N LEU G 154 -27.69 11.05 -39.45
CA LEU G 154 -28.81 11.97 -39.65
C LEU G 154 -28.33 13.41 -39.55
N HIS G 155 -27.59 13.74 -38.50
CA HIS G 155 -27.14 15.11 -38.30
C HIS G 155 -26.07 15.50 -39.29
N THR G 156 -25.07 14.64 -39.49
CA THR G 156 -23.99 14.95 -40.42
C THR G 156 -24.45 14.94 -41.86
N GLY G 157 -25.35 14.03 -42.19
CA GLY G 157 -25.82 13.86 -43.54
C GLY G 157 -25.06 12.81 -44.31
N GLN G 158 -24.07 12.17 -43.68
CA GLN G 158 -23.30 11.12 -44.28
C GLN G 158 -24.08 9.82 -44.24
N SER G 159 -23.73 8.89 -45.12
CA SER G 159 -24.41 7.62 -45.16
C SER G 159 -24.07 6.82 -43.91
N LEU G 160 -25.02 5.97 -43.51
CA LEU G 160 -24.82 5.14 -42.33
C LEU G 160 -23.63 4.22 -42.50
N GLU G 161 -23.46 3.67 -43.71
CA GLU G 161 -22.35 2.76 -43.96
C GLU G 161 -21.02 3.48 -43.82
N GLN G 162 -20.95 4.72 -44.28
CA GLN G 162 -19.71 5.48 -44.17
C GLN G 162 -19.35 5.71 -42.71
N ILE G 163 -20.34 6.02 -41.88
CA ILE G 163 -20.08 6.28 -40.47
C ILE G 163 -19.53 5.04 -39.79
N GLU G 164 -20.05 3.87 -40.15
CA GLU G 164 -19.57 2.64 -39.55
C GLU G 164 -18.11 2.40 -39.89
N ARG G 165 -17.72 2.70 -41.14
CA ARG G 165 -16.34 2.50 -41.53
C ARG G 165 -15.40 3.48 -40.83
N ASP G 166 -15.86 4.69 -40.61
CA ASP G 166 -15.03 5.71 -39.99
C ASP G 166 -15.01 5.64 -38.47
N THR G 167 -15.97 4.96 -37.85
CA THR G 167 -16.00 4.83 -36.40
C THR G 167 -15.43 3.51 -35.90
N GLU G 168 -15.06 2.59 -36.80
CA GLU G 168 -14.47 1.33 -36.37
C GLU G 168 -13.22 1.55 -35.53
N ARG G 169 -12.54 2.66 -35.75
CA ARG G 169 -11.36 3.02 -35.00
C ARG G 169 -11.36 4.53 -34.84
N ASP G 170 -10.59 4.99 -33.86
CA ASP G 170 -10.47 6.40 -33.58
C ASP G 170 -10.08 7.16 -34.84
N ARG G 171 -10.89 8.17 -35.16
CA ARG G 171 -10.67 9.01 -36.33
C ARG G 171 -10.66 10.44 -35.87
N PHE G 172 -9.59 11.14 -36.17
CA PHE G 172 -9.41 12.53 -35.78
C PHE G 172 -9.74 13.42 -36.96
N LEU G 173 -10.28 14.60 -36.63
CA LEU G 173 -10.66 15.55 -37.64
C LEU G 173 -10.44 16.94 -37.11
N SER G 174 -9.93 17.79 -37.98
CA SER G 174 -9.72 19.19 -37.65
C SER G 174 -11.01 19.93 -37.96
N ALA G 175 -11.02 21.22 -37.70
CA ALA G 175 -12.20 22.02 -38.01
C ALA G 175 -12.57 21.94 -39.48
N PRO G 176 -11.65 22.12 -40.44
CA PRO G 176 -12.04 22.00 -41.85
C PRO G 176 -12.57 20.64 -42.23
N GLU G 177 -11.93 19.58 -41.76
CA GLU G 177 -12.37 18.23 -42.09
C GLU G 177 -13.76 17.97 -41.55
N ALA G 178 -14.04 18.49 -40.35
CA ALA G 178 -15.35 18.31 -39.75
C ALA G 178 -16.43 18.96 -40.60
N VAL G 179 -16.14 20.11 -41.18
CA VAL G 179 -17.12 20.79 -42.02
C VAL G 179 -17.42 19.94 -43.25
N GLU G 180 -16.38 19.44 -43.90
CA GLU G 180 -16.58 18.58 -45.06
C GLU G 180 -17.36 17.33 -44.66
N TYR G 181 -17.03 16.77 -43.51
CA TYR G 181 -17.74 15.61 -42.99
C TYR G 181 -19.18 15.94 -42.67
N GLY G 182 -19.42 17.17 -42.22
CA GLY G 182 -20.73 17.66 -41.85
C GLY G 182 -21.00 17.72 -40.38
N LEU G 183 -20.00 17.48 -39.53
CA LEU G 183 -20.19 17.57 -38.10
C LEU G 183 -20.54 18.99 -37.68
N VAL G 184 -19.88 19.98 -38.27
CA VAL G 184 -20.10 21.38 -37.94
C VAL G 184 -20.37 22.17 -39.21
N ASP G 185 -21.29 23.12 -39.10
CA ASP G 185 -21.69 23.95 -40.22
C ASP G 185 -20.59 24.90 -40.69
N SER G 186 -19.86 25.52 -39.78
CA SER G 186 -18.87 26.51 -40.17
C SER G 186 -17.84 26.71 -39.07
N ILE G 187 -16.81 27.47 -39.41
CA ILE G 187 -15.70 27.78 -38.51
C ILE G 187 -15.77 29.24 -38.10
N LEU G 188 -15.64 29.48 -36.79
CA LEU G 188 -15.65 30.82 -36.22
C LEU G 188 -14.21 31.28 -36.03
N THR G 189 -13.80 32.29 -36.79
CA THR G 189 -12.46 32.86 -36.66
C THR G 189 -12.47 34.15 -35.84
N HIS G 190 -13.39 35.06 -36.15
CA HIS G 190 -13.53 36.34 -35.47
C HIS G 190 -15.00 36.63 -35.24
N ARG G 191 -15.33 37.20 -34.08
CA ARG G 191 -16.72 37.49 -33.76
C ARG G 191 -17.32 38.49 -34.74
N ASN G 192 -16.59 39.56 -35.04
CA ASN G 192 -17.09 40.56 -35.98
C ASN G 192 -17.22 39.98 -37.39
N GLU G 193 -16.26 39.16 -37.80
CA GLU G 193 -16.28 38.57 -39.13
C GLU G 193 -17.50 37.69 -39.33
N ASN G 194 -17.85 36.89 -38.32
CA ASN G 194 -19.00 35.99 -38.39
C ASN G 194 -20.08 36.54 -37.45
N LEU H 1 -18.79 22.59 -9.18
CA LEU H 1 -19.47 23.85 -8.91
C LEU H 1 -20.90 23.83 -9.44
N VAL H 2 -21.80 24.41 -8.65
CA VAL H 2 -23.21 24.53 -9.02
C VAL H 2 -23.48 26.00 -9.34
N PRO H 3 -23.93 26.33 -10.56
CA PRO H 3 -24.22 27.74 -10.87
C PRO H 3 -25.33 28.29 -10.00
N MET H 4 -25.51 29.61 -10.08
CA MET H 4 -26.53 30.30 -9.29
C MET H 4 -27.33 31.24 -10.17
N VAL H 5 -28.54 31.53 -9.70
CA VAL H 5 -29.47 32.40 -10.38
C VAL H 5 -30.04 33.41 -9.39
N ILE H 6 -30.44 34.57 -9.90
CA ILE H 6 -31.02 35.64 -9.10
C ILE H 6 -32.47 35.86 -9.51
N GLU H 7 -33.36 35.87 -8.52
CA GLU H 7 -34.79 36.11 -8.74
C GLU H 7 -35.34 36.99 -7.63
N GLY H 12 -37.96 42.41 -4.88
CA GLY H 12 -36.55 42.21 -4.57
C GLY H 12 -35.92 41.10 -5.39
N GLU H 13 -34.62 40.92 -5.20
CA GLU H 13 -33.84 39.89 -5.88
C GLU H 13 -33.31 38.93 -4.84
N ARG H 14 -33.50 37.63 -5.08
CA ARG H 14 -33.11 36.58 -4.15
C ARG H 14 -32.14 35.60 -4.81
N SER H 15 -31.01 35.34 -4.15
CA SER H 15 -30.04 34.40 -4.70
C SER H 15 -30.57 32.97 -4.64
N PHE H 16 -30.23 32.18 -5.65
CA PHE H 16 -30.65 30.78 -5.75
C PHE H 16 -29.60 29.97 -6.48
N ASP H 17 -29.70 28.65 -6.33
CA ASP H 17 -28.87 27.72 -7.09
C ASP H 17 -29.77 27.12 -8.17
N ILE H 18 -29.14 26.54 -9.18
CA ILE H 18 -29.88 25.97 -10.31
C ILE H 18 -30.91 24.94 -9.85
N TYR H 19 -30.49 24.00 -9.01
CA TYR H 19 -31.41 22.95 -8.56
C TYR H 19 -32.54 23.53 -7.73
N SER H 20 -32.24 24.49 -6.87
CA SER H 20 -33.28 25.09 -6.05
C SER H 20 -34.27 25.87 -6.89
N ARG H 21 -33.79 26.54 -7.94
CA ARG H 21 -34.69 27.30 -8.80
C ARG H 21 -35.69 26.38 -9.47
N LEU H 22 -35.21 25.24 -9.96
CA LEU H 22 -36.10 24.26 -10.58
C LEU H 22 -37.10 23.73 -9.56
N LEU H 23 -36.67 23.63 -8.30
CA LEU H 23 -37.57 23.15 -7.26
C LEU H 23 -38.80 24.02 -7.14
N LYS H 24 -38.66 25.31 -7.41
CA LYS H 24 -39.82 26.20 -7.41
C LYS H 24 -40.81 25.78 -8.48
N GLU H 25 -40.32 25.13 -9.54
CA GLU H 25 -41.15 24.64 -10.63
C GLU H 25 -41.52 23.18 -10.42
N ARG H 26 -41.36 22.67 -9.20
CA ARG H 26 -41.73 21.31 -8.85
C ARG H 26 -40.99 20.29 -9.68
N VAL H 27 -39.68 20.46 -9.77
CA VAL H 27 -38.80 19.59 -10.53
C VAL H 27 -37.74 19.05 -9.59
N ILE H 28 -37.63 17.73 -9.54
CA ILE H 28 -36.68 17.03 -8.71
C ILE H 28 -35.79 16.19 -9.63
N PHE H 29 -34.58 15.94 -9.17
CA PHE H 29 -33.60 15.16 -9.90
C PHE H 29 -33.15 13.99 -9.05
N LEU H 30 -33.12 12.81 -9.65
CA LEU H 30 -32.68 11.59 -9.02
C LEU H 30 -31.52 11.13 -9.88
N THR H 31 -30.33 11.61 -9.54
CA THR H 31 -29.13 11.30 -10.27
C THR H 31 -28.17 10.49 -9.40
N GLY H 32 -27.35 9.69 -10.05
CA GLY H 32 -26.38 8.89 -9.34
C GLY H 32 -27.00 7.69 -8.68
N GLN H 33 -26.13 6.89 -8.07
CA GLN H 33 -26.58 5.70 -7.38
C GLN H 33 -27.53 6.06 -6.25
N VAL H 34 -28.52 5.20 -6.05
CA VAL H 34 -29.53 5.39 -5.02
C VAL H 34 -28.96 4.93 -3.68
N GLU H 35 -28.68 5.88 -2.81
CA GLU H 35 -28.17 5.64 -1.47
C GLU H 35 -29.20 6.19 -0.49
N ASP H 36 -28.86 6.16 0.80
CA ASP H 36 -29.79 6.62 1.83
C ASP H 36 -29.83 8.13 1.94
N HIS H 37 -28.69 8.79 1.81
CA HIS H 37 -28.64 10.23 1.96
C HIS H 37 -29.34 10.95 0.82
N MET H 38 -29.01 10.61 -0.43
CA MET H 38 -29.67 11.23 -1.56
C MET H 38 -31.16 10.95 -1.54
N ALA H 39 -31.54 9.74 -1.13
CA ALA H 39 -32.94 9.38 -1.07
C ALA H 39 -33.67 10.22 -0.03
N ASN H 40 -33.03 10.42 1.11
CA ASN H 40 -33.62 11.23 2.15
C ASN H 40 -33.80 12.66 1.65
N LEU H 41 -32.85 13.12 0.84
CA LEU H 41 -32.95 14.45 0.26
C LEU H 41 -34.13 14.55 -0.68
N ILE H 42 -34.34 13.52 -1.50
CA ILE H 42 -35.45 13.50 -2.42
C ILE H 42 -36.76 13.46 -1.65
N VAL H 43 -36.78 12.67 -0.58
CA VAL H 43 -37.96 12.55 0.24
C VAL H 43 -38.29 13.90 0.87
N ALA H 44 -37.27 14.61 1.31
CA ALA H 44 -37.47 15.92 1.89
C ALA H 44 -38.05 16.89 0.88
N GLN H 45 -37.55 16.83 -0.35
CA GLN H 45 -38.05 17.72 -1.39
C GLN H 45 -39.52 17.46 -1.68
N MET H 46 -39.92 16.20 -1.73
CA MET H 46 -41.31 15.88 -2.01
C MET H 46 -42.24 16.43 -0.93
N LEU H 47 -41.85 16.26 0.32
CA LEU H 47 -42.65 16.76 1.42
C LEU H 47 -42.77 18.27 1.39
N PHE H 48 -41.67 18.95 1.08
CA PHE H 48 -41.69 20.39 1.02
C PHE H 48 -42.62 20.87 -0.09
N LEU H 49 -42.56 20.23 -1.25
CA LEU H 49 -43.45 20.58 -2.35
C LEU H 49 -44.90 20.31 -1.99
N GLU H 50 -45.16 19.22 -1.29
CA GLU H 50 -46.52 18.90 -0.86
C GLU H 50 -47.07 19.98 0.04
N ALA H 51 -46.26 20.46 0.97
CA ALA H 51 -46.72 21.50 1.88
C ALA H 51 -47.03 22.80 1.16
N GLU H 52 -46.23 23.13 0.15
CA GLU H 52 -46.48 24.35 -0.62
C GLU H 52 -47.79 24.27 -1.37
N ASN H 53 -47.96 23.22 -2.16
CA ASN H 53 -49.18 23.03 -2.95
C ASN H 53 -49.38 21.54 -3.13
N PRO H 54 -50.27 20.92 -2.36
CA PRO H 54 -50.50 19.48 -2.52
C PRO H 54 -51.38 19.09 -3.70
N GLU H 55 -51.73 20.03 -4.56
CA GLU H 55 -52.57 19.76 -5.72
C GLU H 55 -51.82 19.84 -7.05
N LYS H 56 -50.61 20.38 -7.06
CA LYS H 56 -49.83 20.50 -8.28
C LYS H 56 -48.92 19.29 -8.43
N ASP H 57 -48.82 18.81 -9.65
CA ASP H 57 -48.02 17.63 -9.94
C ASP H 57 -46.54 17.93 -9.83
N ILE H 58 -45.78 16.90 -9.43
CA ILE H 58 -44.35 16.98 -9.29
C ILE H 58 -43.72 16.22 -10.44
N TYR H 59 -42.52 16.62 -10.80
CA TYR H 59 -41.75 16.03 -11.88
C TYR H 59 -40.44 15.52 -11.31
N LEU H 60 -40.14 14.26 -11.56
CA LEU H 60 -38.94 13.61 -11.07
C LEU H 60 -38.19 13.08 -12.27
N TYR H 61 -37.01 13.63 -12.52
CA TYR H 61 -36.17 13.22 -13.64
C TYR H 61 -35.25 12.15 -13.11
N ILE H 62 -35.12 11.05 -13.83
CA ILE H 62 -34.37 9.89 -13.38
C ILE H 62 -33.28 9.53 -14.36
N ASN H 63 -32.04 9.56 -13.90
CA ASN H 63 -30.86 9.13 -14.63
C ASN H 63 -30.03 8.46 -13.55
N SER H 64 -30.15 7.15 -13.42
CA SER H 64 -29.44 6.47 -12.37
C SER H 64 -29.11 5.01 -12.64
N PRO H 65 -27.95 4.51 -12.20
CA PRO H 65 -27.63 3.10 -12.38
C PRO H 65 -28.14 2.19 -11.28
N GLY H 66 -29.00 2.69 -10.41
CA GLY H 66 -29.57 1.90 -9.35
C GLY H 66 -28.82 2.04 -8.06
N GLY H 67 -29.27 1.28 -7.08
CA GLY H 67 -28.59 1.28 -5.80
C GLY H 67 -29.27 0.43 -4.75
N VAL H 68 -29.21 0.92 -3.52
CA VAL H 68 -29.84 0.20 -2.41
C VAL H 68 -31.33 0.14 -2.65
N ILE H 69 -31.96 -0.91 -2.14
CA ILE H 69 -33.38 -1.09 -2.32
C ILE H 69 -34.17 -0.38 -1.23
N THR H 70 -33.65 -0.40 0.00
CA THR H 70 -34.32 0.26 1.11
C THR H 70 -34.51 1.73 0.83
N ALA H 71 -33.50 2.38 0.27
CA ALA H 71 -33.58 3.78 -0.08
C ALA H 71 -34.65 3.99 -1.13
N GLY H 72 -34.68 3.14 -2.15
CA GLY H 72 -35.69 3.26 -3.17
C GLY H 72 -37.10 3.10 -2.63
N MET H 73 -37.29 2.16 -1.70
CA MET H 73 -38.61 1.96 -1.13
C MET H 73 -39.10 3.18 -0.40
N SER H 74 -38.20 3.92 0.24
CA SER H 74 -38.60 5.14 0.93
C SER H 74 -39.16 6.14 -0.06
N ILE H 75 -38.48 6.30 -1.18
CA ILE H 75 -38.96 7.21 -2.22
C ILE H 75 -40.29 6.71 -2.77
N TYR H 76 -40.39 5.41 -3.05
CA TYR H 76 -41.61 4.87 -3.63
C TYR H 76 -42.78 5.02 -2.67
N ASP H 77 -42.55 4.74 -1.40
CA ASP H 77 -43.60 4.87 -0.39
C ASP H 77 -44.03 6.32 -0.28
N THR H 78 -43.06 7.23 -0.28
CA THR H 78 -43.35 8.65 -0.15
C THR H 78 -44.17 9.16 -1.32
N MET H 79 -43.85 8.72 -2.53
CA MET H 79 -44.59 9.18 -3.70
C MET H 79 -46.05 8.75 -3.62
N GLN H 80 -46.28 7.52 -3.22
CA GLN H 80 -47.63 7.02 -3.05
C GLN H 80 -48.32 7.71 -1.89
N PHE H 81 -47.59 7.94 -0.81
CA PHE H 81 -48.14 8.54 0.39
C PHE H 81 -48.66 9.96 0.16
N ILE H 82 -47.91 10.76 -0.58
CA ILE H 82 -48.33 12.13 -0.81
C ILE H 82 -49.46 12.17 -1.86
N LYS H 83 -50.20 13.27 -1.84
CA LYS H 83 -51.32 13.49 -2.73
C LYS H 83 -50.89 13.87 -4.15
N PRO H 84 -49.93 14.79 -4.34
CA PRO H 84 -49.51 15.14 -5.70
C PRO H 84 -49.11 13.95 -6.54
N ASP H 85 -49.45 14.02 -7.83
CA ASP H 85 -49.11 12.98 -8.78
C ASP H 85 -47.70 13.22 -9.25
N VAL H 86 -46.80 12.29 -8.94
CA VAL H 86 -45.39 12.40 -9.27
C VAL H 86 -45.15 11.85 -10.67
N SER H 87 -44.90 12.74 -11.61
CA SER H 87 -44.60 12.36 -12.98
C SER H 87 -43.13 12.02 -13.10
N THR H 88 -42.83 10.77 -13.44
CA THR H 88 -41.46 10.31 -13.58
C THR H 88 -41.02 10.39 -15.03
N ILE H 89 -39.88 11.02 -15.25
CA ILE H 89 -39.29 11.15 -16.57
C ILE H 89 -37.93 10.48 -16.54
N CYS H 90 -37.61 9.75 -17.60
CA CYS H 90 -36.35 9.04 -17.74
C CYS H 90 -35.46 9.73 -18.76
N MET H 91 -34.25 10.05 -18.32
CA MET H 91 -33.22 10.66 -19.13
C MET H 91 -31.99 9.81 -18.94
N GLY H 92 -31.30 9.46 -20.00
CA GLY H 92 -30.16 8.62 -19.79
C GLY H 92 -30.64 7.21 -19.60
N GLN H 93 -30.57 6.71 -18.37
CA GLN H 93 -31.00 5.35 -18.13
C GLN H 93 -31.63 5.21 -16.75
N ALA H 94 -32.46 4.18 -16.67
CA ALA H 94 -33.12 3.77 -15.45
C ALA H 94 -32.76 2.31 -15.20
N ALA H 95 -32.15 2.07 -14.07
CA ALA H 95 -31.72 0.75 -13.62
C ALA H 95 -32.81 0.08 -12.81
N SER H 96 -32.46 -1.02 -12.14
CA SER H 96 -33.45 -1.81 -11.41
C SER H 96 -34.22 -0.96 -10.42
N MET H 97 -33.54 -0.12 -9.65
CA MET H 97 -34.28 0.73 -8.74
C MET H 97 -34.69 2.03 -9.38
N GLY H 98 -34.02 2.46 -10.44
CA GLY H 98 -34.49 3.62 -11.16
C GLY H 98 -35.77 3.33 -11.91
N ALA H 99 -35.82 2.15 -12.54
CA ALA H 99 -36.99 1.72 -13.28
C ALA H 99 -38.17 1.50 -12.36
N PHE H 100 -37.91 0.98 -11.17
CA PHE H 100 -38.97 0.73 -10.22
C PHE H 100 -39.63 2.03 -9.82
N LEU H 101 -38.84 3.08 -9.63
CA LEU H 101 -39.39 4.38 -9.30
C LEU H 101 -40.06 4.99 -10.51
N LEU H 102 -39.48 4.78 -11.69
CA LEU H 102 -40.06 5.31 -12.91
C LEU H 102 -41.44 4.76 -13.15
N THR H 103 -41.58 3.44 -13.14
CA THR H 103 -42.89 2.83 -13.33
C THR H 103 -43.83 3.10 -12.17
N ALA H 104 -43.31 3.56 -11.04
CA ALA H 104 -44.12 3.87 -9.88
C ALA H 104 -44.81 5.20 -9.99
N GLY H 105 -44.51 6.00 -11.00
CA GLY H 105 -45.13 7.29 -11.16
C GLY H 105 -46.62 7.19 -11.38
N ALA H 106 -47.27 8.34 -11.44
CA ALA H 106 -48.70 8.38 -11.64
C ALA H 106 -49.07 7.82 -13.00
N LYS H 107 -50.14 7.04 -13.04
CA LYS H 107 -50.59 6.44 -14.28
C LYS H 107 -50.90 7.53 -15.29
N GLY H 108 -50.27 7.43 -16.45
CA GLY H 108 -50.42 8.39 -17.52
C GLY H 108 -49.43 9.53 -17.47
N LYS H 109 -48.59 9.58 -16.43
CA LYS H 109 -47.59 10.62 -16.27
C LYS H 109 -46.18 10.05 -16.15
N ARG H 110 -45.96 8.86 -16.69
CA ARG H 110 -44.66 8.21 -16.70
C ARG H 110 -44.16 8.36 -18.13
N PHE H 111 -43.09 9.10 -18.30
CA PHE H 111 -42.53 9.37 -19.61
C PHE H 111 -41.09 8.94 -19.67
N CYS H 112 -40.59 8.81 -20.90
CA CYS H 112 -39.22 8.44 -21.14
C CYS H 112 -38.79 9.09 -22.44
N LEU H 113 -37.64 9.72 -22.42
CA LEU H 113 -37.12 10.35 -23.61
C LEU H 113 -36.80 9.27 -24.64
N PRO H 114 -36.73 9.64 -25.92
CA PRO H 114 -36.53 8.61 -26.96
C PRO H 114 -35.31 7.74 -26.84
N ASN H 115 -34.13 8.30 -26.59
CA ASN H 115 -32.90 7.53 -26.53
C ASN H 115 -32.59 6.98 -25.14
N SER H 116 -33.54 7.01 -24.22
CA SER H 116 -33.29 6.47 -22.90
C SER H 116 -33.32 4.95 -22.95
N ARG H 117 -32.74 4.34 -21.92
CA ARG H 117 -32.63 2.89 -21.84
C ARG H 117 -32.88 2.42 -20.43
N VAL H 118 -33.85 1.56 -20.28
CA VAL H 118 -34.24 0.99 -19.00
C VAL H 118 -33.63 -0.39 -18.85
N MET H 119 -33.33 -0.75 -17.61
CA MET H 119 -32.78 -2.05 -17.26
C MET H 119 -33.47 -2.54 -16.01
N ILE H 120 -34.05 -3.73 -16.07
CA ILE H 120 -34.69 -4.36 -14.93
C ILE H 120 -33.99 -5.67 -14.64
N HIS H 121 -33.76 -5.91 -13.35
CA HIS H 121 -33.12 -7.14 -12.92
C HIS H 121 -33.54 -7.42 -11.50
N GLN H 122 -33.39 -8.67 -11.09
CA GLN H 122 -33.73 -9.05 -9.74
C GLN H 122 -32.74 -8.47 -8.75
N PRO H 123 -33.13 -8.31 -7.49
CA PRO H 123 -32.24 -7.75 -6.48
C PRO H 123 -30.91 -8.47 -6.36
N LEU H 124 -29.98 -7.76 -5.72
CA LEU H 124 -28.64 -8.24 -5.45
C LEU H 124 -28.39 -8.14 -3.97
N GLY H 125 -27.54 -9.01 -3.46
CA GLY H 125 -27.23 -8.98 -2.06
C GLY H 125 -26.16 -9.97 -1.72
N GLY H 126 -26.07 -10.25 -0.43
CA GLY H 126 -25.08 -11.19 0.05
C GLY H 126 -24.89 -11.05 1.54
N TYR H 127 -24.36 -12.13 2.13
CA TYR H 127 -24.10 -12.17 3.55
C TYR H 127 -22.99 -13.17 3.81
N GLN H 128 -22.30 -12.97 4.93
CA GLN H 128 -21.22 -13.82 5.35
C GLN H 128 -21.40 -14.10 6.83
N GLY H 129 -21.45 -15.38 7.18
CA GLY H 129 -21.62 -15.76 8.56
C GLY H 129 -22.05 -17.21 8.66
N GLN H 130 -22.74 -17.51 9.74
CA GLN H 130 -23.19 -18.87 9.97
C GLN H 130 -24.27 -19.26 8.97
N ALA H 131 -24.54 -20.56 8.92
CA ALA H 131 -25.58 -21.07 8.04
C ALA H 131 -26.95 -20.62 8.49
N THR H 132 -27.16 -20.50 9.79
CA THR H 132 -28.44 -20.05 10.31
C THR H 132 -28.74 -18.65 9.87
N ASP H 133 -27.79 -17.74 10.05
CA ASP H 133 -27.97 -16.35 9.65
C ASP H 133 -28.14 -16.23 8.14
N ILE H 134 -27.47 -17.09 7.38
CA ILE H 134 -27.59 -17.05 5.93
C ILE H 134 -29.00 -17.34 5.49
N GLU H 135 -29.64 -18.32 6.12
CA GLU H 135 -31.00 -18.67 5.77
C GLU H 135 -31.94 -17.50 5.98
N ILE H 136 -31.75 -16.77 7.07
CA ILE H 136 -32.58 -15.62 7.36
C ILE H 136 -32.45 -14.57 6.28
N HIS H 137 -31.21 -14.15 5.99
CA HIS H 137 -30.98 -13.14 4.98
C HIS H 137 -31.42 -13.60 3.60
N ALA H 138 -31.26 -14.87 3.30
CA ALA H 138 -31.68 -15.39 2.00
C ALA H 138 -33.19 -15.29 1.86
N ARG H 139 -33.92 -15.71 2.88
CA ARG H 139 -35.37 -15.63 2.86
C ARG H 139 -35.83 -14.18 2.72
N GLU H 140 -35.14 -13.27 3.39
CA GLU H 140 -35.52 -11.87 3.35
C GLU H 140 -35.39 -11.30 1.95
N ILE H 141 -34.26 -11.54 1.29
CA ILE H 141 -34.06 -10.99 -0.04
C ILE H 141 -35.06 -11.60 -1.02
N LEU H 142 -35.44 -12.84 -0.80
CA LEU H 142 -36.43 -13.47 -1.66
C LEU H 142 -37.78 -12.79 -1.50
N LYS H 143 -38.15 -12.49 -0.25
CA LYS H 143 -39.39 -11.79 -0.01
C LYS H 143 -39.35 -10.41 -0.66
N VAL H 144 -38.19 -9.77 -0.60
CA VAL H 144 -38.01 -8.48 -1.24
C VAL H 144 -38.19 -8.62 -2.74
N LYS H 145 -37.59 -9.65 -3.32
CA LYS H 145 -37.73 -9.88 -4.75
C LYS H 145 -39.18 -10.10 -5.11
N GLY H 146 -39.88 -10.90 -4.33
CA GLY H 146 -41.29 -11.12 -4.58
C GLY H 146 -42.10 -9.85 -4.48
N ARG H 147 -41.82 -9.04 -3.45
CA ARG H 147 -42.53 -7.80 -3.26
C ARG H 147 -42.27 -6.83 -4.41
N MET H 148 -41.02 -6.73 -4.85
CA MET H 148 -40.69 -5.84 -5.96
C MET H 148 -41.39 -6.28 -7.23
N ASN H 149 -41.42 -7.59 -7.49
CA ASN H 149 -42.07 -8.09 -8.69
C ASN H 149 -43.57 -7.83 -8.66
N GLU H 150 -44.20 -7.96 -7.50
CA GLU H 150 -45.62 -7.71 -7.39
C GLU H 150 -45.96 -6.27 -7.74
N LEU H 151 -45.18 -5.34 -7.21
CA LEU H 151 -45.40 -3.93 -7.48
C LEU H 151 -45.17 -3.61 -8.94
N MET H 152 -44.14 -4.20 -9.54
CA MET H 152 -43.86 -3.94 -10.95
C MET H 152 -45.00 -4.43 -11.81
N ALA H 153 -45.56 -5.59 -11.47
CA ALA H 153 -46.67 -6.14 -12.22
C ALA H 153 -47.91 -5.27 -12.05
N LEU H 154 -48.10 -4.69 -10.88
CA LEU H 154 -49.26 -3.84 -10.64
C LEU H 154 -49.16 -2.56 -11.45
N HIS H 155 -47.97 -1.97 -11.50
CA HIS H 155 -47.77 -0.72 -12.22
C HIS H 155 -47.70 -0.94 -13.72
N THR H 156 -47.00 -1.98 -14.16
CA THR H 156 -46.86 -2.24 -15.58
C THR H 156 -48.06 -2.94 -16.18
N GLY H 157 -48.92 -3.52 -15.36
CA GLY H 157 -50.06 -4.24 -15.86
C GLY H 157 -49.76 -5.66 -16.26
N GLN H 158 -48.48 -6.02 -16.39
CA GLN H 158 -48.08 -7.35 -16.77
C GLN H 158 -48.44 -8.35 -15.67
N SER H 159 -48.21 -9.62 -15.97
CA SER H 159 -48.47 -10.69 -15.03
C SER H 159 -47.24 -10.92 -14.19
N LEU H 160 -47.48 -11.39 -12.97
CA LEU H 160 -46.38 -11.67 -12.05
C LEU H 160 -45.42 -12.70 -12.64
N GLU H 161 -45.96 -13.71 -13.32
CA GLU H 161 -45.11 -14.75 -13.91
C GLU H 161 -44.19 -14.17 -14.97
N GLN H 162 -44.72 -13.29 -15.82
CA GLN H 162 -43.89 -12.70 -16.87
C GLN H 162 -42.77 -11.88 -16.28
N ILE H 163 -43.06 -11.13 -15.22
CA ILE H 163 -42.06 -10.29 -14.57
C ILE H 163 -40.94 -11.16 -14.01
N GLU H 164 -41.30 -12.28 -13.38
CA GLU H 164 -40.30 -13.16 -12.80
C GLU H 164 -39.38 -13.71 -13.88
N ARG H 165 -39.92 -14.05 -15.03
CA ARG H 165 -39.10 -14.59 -16.10
C ARG H 165 -38.20 -13.53 -16.70
N ASP H 166 -38.70 -12.29 -16.79
CA ASP H 166 -37.93 -11.22 -17.38
C ASP H 166 -36.92 -10.59 -16.44
N THR H 167 -37.05 -10.80 -15.13
CA THR H 167 -36.12 -10.24 -14.17
C THR H 167 -35.05 -11.22 -13.71
N GLU H 168 -35.12 -12.49 -14.14
CA GLU H 168 -34.11 -13.46 -13.74
C GLU H 168 -32.72 -13.01 -14.14
N ARG H 169 -32.61 -12.24 -15.22
CA ARG H 169 -31.36 -11.71 -15.69
C ARG H 169 -31.61 -10.32 -16.22
N ASP H 170 -30.53 -9.54 -16.32
CA ASP H 170 -30.61 -8.18 -16.82
C ASP H 170 -31.31 -8.14 -18.16
N ARG H 171 -32.35 -7.32 -18.24
CA ARG H 171 -33.12 -7.13 -19.44
C ARG H 171 -33.14 -5.64 -19.75
N PHE H 172 -32.68 -5.29 -20.93
CA PHE H 172 -32.63 -3.91 -21.36
C PHE H 172 -33.83 -3.62 -22.24
N LEU H 173 -34.29 -2.38 -22.16
CA LEU H 173 -35.44 -1.95 -22.91
C LEU H 173 -35.26 -0.50 -23.32
N SER H 174 -35.56 -0.22 -24.58
CA SER H 174 -35.50 1.12 -25.08
C SER H 174 -36.80 1.82 -24.71
N ALA H 175 -36.94 3.07 -25.11
CA ALA H 175 -38.16 3.80 -24.84
C ALA H 175 -39.39 3.12 -25.44
N PRO H 176 -39.40 2.75 -26.72
CA PRO H 176 -40.59 2.08 -27.25
C PRO H 176 -40.89 0.74 -26.59
N GLU H 177 -39.85 -0.05 -26.33
CA GLU H 177 -40.05 -1.35 -25.70
C GLU H 177 -40.66 -1.19 -24.32
N ALA H 178 -40.23 -0.17 -23.59
CA ALA H 178 -40.76 0.07 -22.26
C ALA H 178 -42.23 0.41 -22.33
N VAL H 179 -42.63 1.18 -23.33
CA VAL H 179 -44.02 1.55 -23.50
C VAL H 179 -44.87 0.30 -23.71
N GLU H 180 -44.45 -0.57 -24.62
CA GLU H 180 -45.20 -1.78 -24.88
C GLU H 180 -45.20 -2.69 -23.66
N TYR H 181 -44.13 -2.64 -22.87
CA TYR H 181 -44.03 -3.42 -21.65
C TYR H 181 -44.83 -2.81 -20.51
N GLY H 182 -45.53 -1.70 -20.73
CA GLY H 182 -46.30 -1.07 -19.71
C GLY H 182 -45.49 -0.35 -18.66
N LEU H 183 -44.17 -0.33 -18.80
CA LEU H 183 -43.33 0.29 -17.79
C LEU H 183 -43.48 1.80 -17.80
N VAL H 184 -43.73 2.38 -18.96
CA VAL H 184 -43.99 3.81 -19.10
C VAL H 184 -45.27 3.96 -19.90
N ASP H 185 -45.65 5.21 -20.14
CA ASP H 185 -46.88 5.55 -20.82
C ASP H 185 -46.67 6.07 -22.23
N SER H 186 -45.71 6.96 -22.43
CA SER H 186 -45.46 7.52 -23.74
C SER H 186 -44.02 8.02 -23.79
N ILE H 187 -43.71 8.76 -24.84
CA ILE H 187 -42.40 9.31 -25.08
C ILE H 187 -42.53 10.81 -25.26
N LEU H 188 -41.47 11.53 -24.94
CA LEU H 188 -41.41 12.99 -25.04
C LEU H 188 -40.31 13.33 -26.04
N THR H 189 -40.71 13.58 -27.27
CA THR H 189 -39.77 13.95 -28.31
C THR H 189 -39.61 15.47 -28.41
N HIS H 190 -40.68 16.21 -28.18
CA HIS H 190 -40.66 17.67 -28.23
C HIS H 190 -41.68 18.23 -27.25
N ARG H 191 -41.32 19.34 -26.62
CA ARG H 191 -42.23 19.98 -25.66
C ARG H 191 -43.50 20.46 -26.35
N ASN H 192 -43.34 21.08 -27.52
CA ASN H 192 -44.48 21.58 -28.27
C ASN H 192 -45.39 20.43 -28.73
N GLU H 193 -44.78 19.33 -29.16
CA GLU H 193 -45.54 18.19 -29.65
C GLU H 193 -46.43 17.62 -28.56
N ASN H 194 -45.93 17.55 -27.33
CA ASN H 194 -46.69 17.02 -26.20
C ASN H 194 -46.60 17.99 -25.02
N LEU I 1 -24.47 18.49 -2.91
CA LEU I 1 -25.03 19.77 -2.46
C LEU I 1 -26.47 19.59 -2.01
N VAL I 2 -26.89 20.46 -1.09
CA VAL I 2 -28.23 20.43 -0.52
C VAL I 2 -29.01 21.62 -1.07
N PRO I 3 -30.23 21.43 -1.57
CA PRO I 3 -30.99 22.57 -2.07
C PRO I 3 -31.45 23.49 -0.96
N MET I 4 -31.59 24.77 -1.30
CA MET I 4 -32.05 25.80 -0.38
C MET I 4 -33.37 26.38 -0.88
N VAL I 5 -34.19 26.85 0.06
CA VAL I 5 -35.49 27.42 -0.25
C VAL I 5 -35.64 28.77 0.45
N ILE I 6 -36.51 29.60 -0.13
CA ILE I 6 -36.79 30.93 0.38
C ILE I 6 -38.15 30.92 1.07
N GLU I 7 -38.19 31.40 2.31
CA GLU I 7 -39.43 31.48 3.07
C GLU I 7 -39.42 32.77 3.89
N ARG I 14 -35.36 34.45 5.29
CA ARG I 14 -34.84 34.78 3.96
C ARG I 14 -34.50 33.53 3.18
N SER I 15 -33.42 32.86 3.58
CA SER I 15 -32.93 31.67 2.91
C SER I 15 -32.81 30.53 3.91
N PHE I 16 -33.36 29.37 3.54
CA PHE I 16 -33.38 28.20 4.39
C PHE I 16 -32.93 26.97 3.64
N ASP I 17 -32.31 26.05 4.37
CA ASP I 17 -31.93 24.77 3.83
C ASP I 17 -33.17 23.90 3.75
N ILE I 18 -33.13 22.89 2.89
CA ILE I 18 -34.29 22.02 2.72
C ILE I 18 -34.63 21.32 4.02
N TYR I 19 -33.63 20.90 4.78
CA TYR I 19 -33.90 20.24 6.05
C TYR I 19 -34.32 21.26 7.10
N SER I 20 -33.72 22.44 7.06
CA SER I 20 -34.09 23.50 8.00
C SER I 20 -35.53 23.92 7.80
N ARG I 21 -35.98 23.97 6.55
CA ARG I 21 -37.35 24.37 6.25
C ARG I 21 -38.32 23.37 6.85
N LEU I 22 -37.98 22.08 6.77
CA LEU I 22 -38.85 21.05 7.34
C LEU I 22 -38.81 21.11 8.85
N LEU I 23 -37.64 21.41 9.41
CA LEU I 23 -37.52 21.56 10.86
C LEU I 23 -38.50 22.59 11.37
N LYS I 24 -38.80 23.60 10.55
CA LYS I 24 -39.80 24.58 10.90
C LYS I 24 -41.15 23.92 11.10
N GLU I 25 -41.39 22.82 10.38
CA GLU I 25 -42.62 22.05 10.47
C GLU I 25 -42.48 20.88 11.44
N ARG I 26 -41.48 20.90 12.30
CA ARG I 26 -41.27 19.87 13.31
C ARG I 26 -41.07 18.49 12.69
N VAL I 27 -40.07 18.42 11.81
CA VAL I 27 -39.72 17.19 11.12
C VAL I 27 -38.21 17.01 11.22
N ILE I 28 -37.80 15.87 11.73
CA ILE I 28 -36.40 15.52 11.90
C ILE I 28 -36.14 14.25 11.12
N PHE I 29 -34.94 14.14 10.59
CA PHE I 29 -34.51 13.01 9.79
C PHE I 29 -33.38 12.29 10.50
N LEU I 30 -33.49 10.97 10.57
CA LEU I 30 -32.49 10.09 11.16
C LEU I 30 -32.09 9.17 10.04
N THR I 31 -31.03 9.54 9.33
CA THR I 31 -30.52 8.78 8.21
C THR I 31 -29.10 8.33 8.48
N GLY I 32 -28.74 7.21 7.90
CA GLY I 32 -27.41 6.67 8.03
C GLY I 32 -27.16 6.02 9.37
N GLN I 33 -25.95 5.47 9.49
CA GLN I 33 -25.56 4.82 10.72
C GLN I 33 -25.62 5.79 11.88
N VAL I 34 -26.03 5.28 13.03
CA VAL I 34 -26.16 6.07 14.25
C VAL I 34 -24.79 6.19 14.90
N GLU I 35 -24.25 7.40 14.88
CA GLU I 35 -22.97 7.74 15.49
C GLU I 35 -23.24 8.80 16.54
N ASP I 36 -22.18 9.32 17.15
CA ASP I 36 -22.34 10.31 18.20
C ASP I 36 -22.64 11.69 17.65
N HIS I 37 -22.04 12.04 16.52
CA HIS I 37 -22.23 13.37 15.95
C HIS I 37 -23.64 13.56 15.42
N MET I 38 -24.11 12.65 14.57
CA MET I 38 -25.46 12.77 14.05
C MET I 38 -26.48 12.70 15.18
N ALA I 39 -26.21 11.88 16.19
CA ALA I 39 -27.12 11.75 17.32
C ALA I 39 -27.19 13.05 18.09
N ASN I 40 -26.03 13.68 18.29
CA ASN I 40 -25.99 14.94 19.00
C ASN I 40 -26.78 15.99 18.24
N LEU I 41 -26.70 15.94 16.91
CA LEU I 41 -27.44 16.87 16.07
C LEU I 41 -28.94 16.68 16.24
N ILE I 42 -29.38 15.41 16.24
CA ILE I 42 -30.80 15.11 16.41
C ILE I 42 -31.26 15.58 17.78
N VAL I 43 -30.42 15.40 18.78
CA VAL I 43 -30.75 15.83 20.14
C VAL I 43 -30.93 17.33 20.16
N ALA I 44 -30.03 18.04 19.49
CA ALA I 44 -30.13 19.50 19.44
C ALA I 44 -31.42 19.94 18.80
N GLN I 45 -31.83 19.26 17.74
CA GLN I 45 -33.07 19.61 17.06
C GLN I 45 -34.26 19.42 17.98
N MET I 46 -34.30 18.33 18.73
CA MET I 46 -35.40 18.08 19.64
C MET I 46 -35.50 19.16 20.69
N LEU I 47 -34.36 19.53 21.28
CA LEU I 47 -34.36 20.57 22.29
C LEU I 47 -34.80 21.90 21.71
N PHE I 48 -34.36 22.21 20.49
CA PHE I 48 -34.76 23.45 19.85
C PHE I 48 -36.25 23.48 19.61
N LEU I 49 -36.80 22.38 19.10
CA LEU I 49 -38.23 22.30 18.86
C LEU I 49 -39.01 22.39 20.15
N GLU I 50 -38.49 21.78 21.22
CA GLU I 50 -39.16 21.85 22.51
C GLU I 50 -39.25 23.27 23.01
N ALA I 51 -38.17 24.03 22.86
CA ALA I 51 -38.15 25.41 23.33
C ALA I 51 -39.15 26.26 22.56
N GLU I 52 -39.29 26.01 21.26
CA GLU I 52 -40.22 26.79 20.46
C GLU I 52 -41.66 26.54 20.90
N ASN I 53 -42.06 25.28 20.95
CA ASN I 53 -43.41 24.91 21.35
C ASN I 53 -43.36 23.52 21.97
N PRO I 54 -43.38 23.42 23.30
CA PRO I 54 -43.34 22.09 23.93
C PRO I 54 -44.64 21.33 23.91
N GLU I 55 -45.67 21.82 23.20
CA GLU I 55 -46.96 21.15 23.12
C GLU I 55 -47.25 20.54 21.76
N LYS I 56 -46.46 20.84 20.74
CA LYS I 56 -46.67 20.31 19.41
C LYS I 56 -45.84 19.06 19.20
N ASP I 57 -46.46 18.04 18.63
CA ASP I 57 -45.81 16.78 18.37
C ASP I 57 -44.71 16.92 17.34
N ILE I 58 -43.65 16.16 17.53
CA ILE I 58 -42.50 16.14 16.63
C ILE I 58 -42.60 14.89 15.78
N TYR I 59 -42.05 14.97 14.58
CA TYR I 59 -42.03 13.88 13.63
C TYR I 59 -40.59 13.51 13.33
N LEU I 60 -40.28 12.23 13.48
CA LEU I 60 -38.93 11.71 13.26
C LEU I 60 -39.02 10.59 12.25
N TYR I 61 -38.42 10.83 11.09
CA TYR I 61 -38.39 9.83 10.03
C TYR I 61 -37.11 9.04 10.18
N ILE I 62 -37.22 7.72 10.06
CA ILE I 62 -36.11 6.82 10.31
C ILE I 62 -35.83 5.94 9.10
N ASN I 63 -34.59 5.99 8.65
CA ASN I 63 -34.07 5.14 7.58
C ASN I 63 -32.62 4.93 7.98
N SER I 64 -32.32 3.80 8.64
CA SER I 64 -30.98 3.60 9.10
C SER I 64 -30.58 2.14 9.28
N PRO I 65 -29.34 1.77 8.97
CA PRO I 65 -28.89 0.40 9.18
C PRO I 65 -28.34 0.13 10.57
N GLY I 66 -28.53 1.03 11.50
CA GLY I 66 -28.09 0.83 12.87
C GLY I 66 -26.75 1.47 13.14
N GLY I 67 -26.36 1.40 14.40
CA GLY I 67 -25.07 1.92 14.77
C GLY I 67 -24.74 1.74 16.23
N VAL I 68 -24.07 2.75 16.79
CA VAL I 68 -23.67 2.70 18.18
C VAL I 68 -24.93 2.72 19.04
N ILE I 69 -24.82 2.10 20.22
CA ILE I 69 -25.95 2.05 21.12
C ILE I 69 -26.00 3.28 22.02
N THR I 70 -24.82 3.75 22.45
CA THR I 70 -24.75 4.92 23.31
C THR I 70 -25.38 6.13 22.63
N ALA I 71 -25.10 6.30 21.35
CA ALA I 71 -25.69 7.39 20.59
C ALA I 71 -27.20 7.24 20.54
N GLY I 72 -27.67 6.03 20.27
CA GLY I 72 -29.09 5.79 20.22
C GLY I 72 -29.77 6.03 21.56
N MET I 73 -29.13 5.61 22.64
CA MET I 73 -29.72 5.79 23.95
C MET I 73 -29.86 7.27 24.29
N SER I 74 -28.94 8.09 23.81
CA SER I 74 -29.05 9.52 24.04
C SER I 74 -30.31 10.05 23.38
N ILE I 75 -30.57 9.61 22.16
CA ILE I 75 -31.77 10.03 21.44
C ILE I 75 -33.00 9.50 22.15
N TYR I 76 -32.97 8.26 22.62
CA TYR I 76 -34.12 7.67 23.29
C TYR I 76 -34.42 8.40 24.59
N ASP I 77 -33.38 8.61 25.39
CA ASP I 77 -33.55 9.30 26.67
C ASP I 77 -34.06 10.71 26.46
N THR I 78 -33.63 11.35 25.38
CA THR I 78 -34.08 12.69 25.08
C THR I 78 -35.54 12.72 24.70
N MET I 79 -35.96 11.79 23.84
CA MET I 79 -37.35 11.74 23.42
C MET I 79 -38.28 11.55 24.60
N GLN I 80 -37.89 10.72 25.54
CA GLN I 80 -38.69 10.50 26.74
C GLN I 80 -38.57 11.64 27.73
N PHE I 81 -37.50 12.42 27.65
CA PHE I 81 -37.29 13.52 28.58
C PHE I 81 -38.16 14.71 28.24
N ILE I 82 -38.23 15.07 26.97
CA ILE I 82 -39.02 16.20 26.56
C ILE I 82 -40.51 15.86 26.61
N LYS I 83 -41.31 16.91 26.67
CA LYS I 83 -42.77 16.79 26.75
C LYS I 83 -43.41 16.45 25.41
N PRO I 84 -43.02 17.09 24.30
CA PRO I 84 -43.63 16.76 23.01
C PRO I 84 -43.63 15.27 22.68
N ASP I 85 -44.72 14.83 22.09
CA ASP I 85 -44.84 13.43 21.68
C ASP I 85 -44.13 13.27 20.35
N VAL I 86 -43.07 12.48 20.36
CA VAL I 86 -42.24 12.24 19.18
C VAL I 86 -42.84 11.10 18.38
N SER I 87 -43.49 11.43 17.26
CA SER I 87 -44.07 10.44 16.38
C SER I 87 -42.98 9.92 15.46
N THR I 88 -42.64 8.65 15.59
CA THR I 88 -41.61 8.05 14.76
C THR I 88 -42.22 7.40 13.53
N ILE I 89 -41.56 7.58 12.40
CA ILE I 89 -41.95 7.00 11.13
C ILE I 89 -40.77 6.27 10.53
N CYS I 90 -41.03 5.12 9.94
CA CYS I 90 -40.03 4.25 9.33
C CYS I 90 -40.13 4.32 7.82
N MET I 91 -39.03 4.67 7.17
CA MET I 91 -38.95 4.73 5.72
C MET I 91 -37.76 3.88 5.29
N GLY I 92 -38.01 2.96 4.39
CA GLY I 92 -36.98 2.09 3.87
C GLY I 92 -36.60 0.99 4.82
N GLN I 93 -35.97 1.32 5.94
CA GLN I 93 -35.63 0.28 6.89
C GLN I 93 -35.33 0.86 8.27
N ALA I 94 -35.54 0.02 9.26
CA ALA I 94 -35.18 0.30 10.64
C ALA I 94 -34.36 -0.89 11.12
N ALA I 95 -33.17 -0.61 11.57
CA ALA I 95 -32.25 -1.62 12.08
C ALA I 95 -32.46 -1.76 13.58
N SER I 96 -31.56 -2.48 14.24
CA SER I 96 -31.71 -2.71 15.68
C SER I 96 -31.84 -1.41 16.45
N MET I 97 -30.92 -0.47 16.23
CA MET I 97 -31.07 0.80 16.93
C MET I 97 -32.19 1.63 16.33
N GLY I 98 -32.36 1.56 15.01
CA GLY I 98 -33.46 2.30 14.41
C GLY I 98 -34.81 1.78 14.89
N ALA I 99 -34.93 0.47 15.01
CA ALA I 99 -36.17 -0.13 15.48
C ALA I 99 -36.44 0.25 16.93
N PHE I 100 -35.38 0.32 17.72
CA PHE I 100 -35.54 0.70 19.11
C PHE I 100 -36.06 2.11 19.22
N LEU I 101 -35.55 3.00 18.38
CA LEU I 101 -36.02 4.37 18.39
C LEU I 101 -37.42 4.46 17.81
N LEU I 102 -37.72 3.63 16.82
CA LEU I 102 -39.04 3.63 16.22
C LEU I 102 -40.10 3.24 17.24
N THR I 103 -39.88 2.11 17.91
CA THR I 103 -40.83 1.66 18.92
C THR I 103 -40.84 2.55 20.15
N ALA I 104 -39.83 3.39 20.32
CA ALA I 104 -39.76 4.28 21.47
C ALA I 104 -40.65 5.50 21.33
N GLY I 105 -41.19 5.74 20.14
CA GLY I 105 -42.06 6.87 19.93
C GLY I 105 -43.27 6.84 20.83
N ALA I 106 -44.04 7.93 20.74
CA ALA I 106 -45.23 8.07 21.54
C ALA I 106 -46.25 6.99 21.19
N LYS I 107 -46.90 6.46 22.21
CA LYS I 107 -47.89 5.43 22.01
C LYS I 107 -49.00 5.95 21.11
N GLY I 108 -49.30 5.19 20.07
CA GLY I 108 -50.31 5.57 19.11
C GLY I 108 -49.82 6.49 18.03
N LYS I 109 -48.53 6.81 18.02
CA LYS I 109 -47.92 7.69 17.03
C LYS I 109 -46.68 7.09 16.38
N ARG I 110 -46.57 5.78 16.39
CA ARG I 110 -45.46 5.08 15.76
C ARG I 110 -46.04 4.48 14.49
N PHE I 111 -45.56 4.94 13.36
CA PHE I 111 -46.04 4.50 12.06
C PHE I 111 -44.91 3.94 11.23
N CYS I 112 -45.30 3.20 10.21
CA CYS I 112 -44.38 2.64 9.24
C CYS I 112 -45.04 2.71 7.88
N LEU I 113 -44.22 2.82 6.86
CA LEU I 113 -44.74 2.85 5.52
C LEU I 113 -44.99 1.43 5.04
N PRO I 114 -45.87 1.24 4.06
CA PRO I 114 -46.20 -0.13 3.60
C PRO I 114 -45.04 -1.03 3.25
N ASN I 115 -44.07 -0.55 2.46
CA ASN I 115 -42.95 -1.37 2.01
C ASN I 115 -41.70 -1.19 2.84
N SER I 116 -41.84 -0.68 4.06
CA SER I 116 -40.71 -0.54 4.95
C SER I 116 -40.37 -1.88 5.57
N ARG I 117 -39.23 -1.94 6.24
CA ARG I 117 -38.78 -3.17 6.87
C ARG I 117 -38.11 -2.84 8.19
N VAL I 118 -38.13 -3.81 9.08
CA VAL I 118 -37.55 -3.67 10.41
C VAL I 118 -36.70 -4.89 10.70
N MET I 119 -35.60 -4.65 11.41
CA MET I 119 -34.66 -5.68 11.79
C MET I 119 -34.29 -5.47 13.25
N ILE I 120 -34.46 -6.51 14.05
CA ILE I 120 -34.11 -6.48 15.46
C ILE I 120 -33.11 -7.59 15.72
N HIS I 121 -32.04 -7.24 16.43
CA HIS I 121 -31.02 -8.20 16.78
C HIS I 121 -30.37 -7.74 18.07
N GLN I 122 -29.70 -8.68 18.72
CA GLN I 122 -29.04 -8.35 19.96
C GLN I 122 -27.80 -7.52 19.69
N PRO I 123 -27.35 -6.75 20.69
CA PRO I 123 -26.15 -5.92 20.51
C PRO I 123 -24.92 -6.64 20.02
N LEU I 124 -24.01 -5.86 19.46
CA LEU I 124 -22.75 -6.32 18.94
C LEU I 124 -21.64 -5.57 19.66
N GLY I 125 -20.52 -6.23 19.82
CA GLY I 125 -19.42 -5.60 20.51
C GLY I 125 -18.17 -6.43 20.40
N GLY I 126 -17.23 -6.13 21.26
CA GLY I 126 -15.97 -6.84 21.27
C GLY I 126 -14.92 -6.08 22.04
N TYR I 127 -13.89 -6.82 22.42
CA TYR I 127 -12.78 -6.25 23.17
C TYR I 127 -11.60 -7.17 23.03
N GLN I 128 -10.41 -6.60 23.18
CA GLN I 128 -9.16 -7.31 23.11
C GLN I 128 -8.29 -6.88 24.26
N GLY I 129 -7.80 -7.84 25.02
CA GLY I 129 -6.96 -7.55 26.15
C GLY I 129 -6.91 -8.73 27.10
N GLN I 130 -6.61 -8.41 28.35
CA GLN I 130 -6.52 -9.42 29.37
C GLN I 130 -7.87 -10.05 29.64
N ALA I 131 -7.82 -11.23 30.24
CA ALA I 131 -9.03 -11.96 30.60
C ALA I 131 -9.88 -11.17 31.58
N THR I 132 -9.24 -10.43 32.47
CA THR I 132 -9.97 -9.63 33.45
C THR I 132 -10.79 -8.56 32.75
N ASP I 133 -10.15 -7.78 31.88
CA ASP I 133 -10.84 -6.74 31.15
C ASP I 133 -11.95 -7.31 30.29
N ILE I 134 -11.75 -8.49 29.73
CA ILE I 134 -12.77 -9.13 28.90
C ILE I 134 -14.03 -9.40 29.71
N GLU I 135 -13.87 -9.93 30.92
CA GLU I 135 -15.02 -10.23 31.75
C GLU I 135 -15.83 -8.99 32.05
N ILE I 136 -15.14 -7.88 32.33
CA ILE I 136 -15.82 -6.64 32.61
C ILE I 136 -16.65 -6.19 31.42
N HIS I 137 -16.01 -6.09 30.26
CA HIS I 137 -16.71 -5.64 29.07
C HIS I 137 -17.81 -6.60 28.66
N ALA I 138 -17.61 -7.89 28.90
CA ALA I 138 -18.63 -8.87 28.57
C ALA I 138 -19.88 -8.67 29.41
N ARG I 139 -19.70 -8.49 30.72
CA ARG I 139 -20.84 -8.29 31.60
C ARG I 139 -21.61 -7.03 31.23
N GLU I 140 -20.90 -5.98 30.81
CA GLU I 140 -21.55 -4.73 30.45
C GLU I 140 -22.46 -4.91 29.25
N ILE I 141 -21.96 -5.54 28.20
CA ILE I 141 -22.77 -5.70 26.99
C ILE I 141 -23.97 -6.58 27.27
N LEU I 142 -23.83 -7.55 28.18
CA LEU I 142 -24.96 -8.37 28.53
C LEU I 142 -26.01 -7.54 29.25
N LYS I 143 -25.56 -6.64 30.14
CA LYS I 143 -26.48 -5.75 30.83
C LYS I 143 -27.18 -4.86 29.82
N VAL I 144 -26.43 -4.40 28.82
CA VAL I 144 -26.99 -3.58 27.76
C VAL I 144 -28.05 -4.36 27.01
N LYS I 145 -27.75 -5.62 26.71
CA LYS I 145 -28.69 -6.47 26.01
C LYS I 145 -29.96 -6.63 26.84
N GLY I 146 -29.80 -6.86 28.14
CA GLY I 146 -30.96 -6.97 29.00
C GLY I 146 -31.75 -5.68 29.06
N ARG I 147 -31.06 -4.55 29.18
CA ARG I 147 -31.73 -3.27 29.27
C ARG I 147 -32.50 -2.96 28.00
N MET I 148 -31.90 -3.22 26.84
CA MET I 148 -32.59 -2.98 25.57
C MET I 148 -33.82 -3.87 25.46
N ASN I 149 -33.68 -5.13 25.84
CA ASN I 149 -34.81 -6.06 25.75
C ASN I 149 -35.94 -5.64 26.66
N GLU I 150 -35.61 -5.14 27.86
CA GLU I 150 -36.64 -4.69 28.77
C GLU I 150 -37.43 -3.53 28.18
N LEU I 151 -36.71 -2.57 27.61
CA LEU I 151 -37.35 -1.41 27.00
C LEU I 151 -38.19 -1.81 25.80
N MET I 152 -37.70 -2.74 25.00
CA MET I 152 -38.46 -3.20 23.84
C MET I 152 -39.76 -3.84 24.27
N ALA I 153 -39.71 -4.62 25.35
CA ALA I 153 -40.89 -5.28 25.85
C ALA I 153 -41.91 -4.29 26.37
N LEU I 154 -41.43 -3.22 26.99
CA LEU I 154 -42.33 -2.21 27.53
C LEU I 154 -43.09 -1.51 26.42
N HIS I 155 -42.38 -1.07 25.39
CA HIS I 155 -43.02 -0.35 24.30
C HIS I 155 -43.86 -1.27 23.44
N THR I 156 -43.31 -2.42 23.05
CA THR I 156 -44.05 -3.36 22.22
C THR I 156 -45.20 -4.00 22.97
N GLY I 157 -44.98 -4.31 24.24
CA GLY I 157 -45.95 -4.99 25.06
C GLY I 157 -45.77 -6.48 25.07
N GLN I 158 -44.76 -7.00 24.38
CA GLN I 158 -44.44 -8.40 24.34
C GLN I 158 -43.73 -8.81 25.62
N SER I 159 -43.77 -10.10 25.92
CA SER I 159 -43.10 -10.58 27.10
C SER I 159 -41.60 -10.51 26.89
N LEU I 160 -40.88 -10.37 28.00
CA LEU I 160 -39.43 -10.29 27.93
C LEU I 160 -38.83 -11.55 27.33
N GLU I 161 -39.39 -12.71 27.67
CA GLU I 161 -38.87 -13.96 27.15
C GLU I 161 -39.03 -14.04 25.63
N GLN I 162 -40.16 -13.55 25.12
CA GLN I 162 -40.38 -13.57 23.68
C GLN I 162 -39.35 -12.73 22.96
N ILE I 163 -39.02 -11.57 23.53
CA ILE I 163 -38.05 -10.67 22.93
C ILE I 163 -36.67 -11.32 22.88
N GLU I 164 -36.29 -11.98 23.97
CA GLU I 164 -34.99 -12.63 24.01
C GLU I 164 -34.88 -13.71 22.97
N ARG I 165 -35.96 -14.47 22.76
CA ARG I 165 -35.94 -15.52 21.77
C ARG I 165 -35.87 -14.96 20.36
N ASP I 166 -36.52 -13.82 20.13
CA ASP I 166 -36.55 -13.22 18.81
C ASP I 166 -35.33 -12.36 18.50
N THR I 167 -34.57 -11.96 19.51
CA THR I 167 -33.39 -11.14 19.30
C THR I 167 -32.10 -11.94 19.27
N GLU I 168 -32.14 -13.24 19.59
CA GLU I 168 -30.94 -14.07 19.55
C GLU I 168 -30.28 -14.04 18.19
N ARG I 169 -31.07 -13.81 17.14
CA ARG I 169 -30.57 -13.72 15.79
C ARG I 169 -31.39 -12.67 15.06
N ASP I 170 -30.82 -12.19 13.96
CA ASP I 170 -31.47 -11.17 13.15
C ASP I 170 -32.85 -11.64 12.73
N ARG I 171 -33.85 -10.83 13.05
CA ARG I 171 -35.24 -11.12 12.73
C ARG I 171 -35.75 -9.95 11.92
N PHE I 172 -36.28 -10.26 10.74
CA PHE I 172 -36.82 -9.26 9.85
C PHE I 172 -38.33 -9.23 9.96
N LEU I 173 -38.87 -8.04 9.82
CA LEU I 173 -40.29 -7.83 9.93
C LEU I 173 -40.74 -6.76 8.96
N SER I 174 -41.85 -7.03 8.31
CA SER I 174 -42.45 -6.08 7.39
C SER I 174 -43.36 -5.17 8.18
N ALA I 175 -43.96 -4.21 7.50
CA ALA I 175 -44.87 -3.29 8.17
C ALA I 175 -46.02 -4.01 8.85
N PRO I 176 -46.73 -4.93 8.22
CA PRO I 176 -47.81 -5.63 8.93
C PRO I 176 -47.32 -6.45 10.11
N GLU I 177 -46.22 -7.16 9.94
CA GLU I 177 -45.67 -7.97 11.02
C GLU I 177 -45.27 -7.12 12.20
N ALA I 178 -44.71 -5.94 11.92
CA ALA I 178 -44.29 -5.04 12.98
C ALA I 178 -45.49 -4.57 13.79
N VAL I 179 -46.61 -4.32 13.12
CA VAL I 179 -47.81 -3.88 13.82
C VAL I 179 -48.30 -4.98 14.75
N GLU I 180 -48.35 -6.21 14.25
CA GLU I 180 -48.78 -7.33 15.08
C GLU I 180 -47.78 -7.56 16.21
N TYR I 181 -46.51 -7.28 15.97
CA TYR I 181 -45.46 -7.41 16.97
C TYR I 181 -45.43 -6.23 17.94
N GLY I 182 -46.35 -5.29 17.83
CA GLY I 182 -46.37 -4.14 18.71
C GLY I 182 -45.27 -3.13 18.48
N LEU I 183 -44.40 -3.35 17.50
CA LEU I 183 -43.31 -2.40 17.28
C LEU I 183 -43.82 -1.06 16.82
N VAL I 184 -44.91 -1.05 16.05
CA VAL I 184 -45.54 0.17 15.59
C VAL I 184 -47.03 0.06 15.84
N ASP I 185 -47.75 1.10 15.45
CA ASP I 185 -49.18 1.20 15.65
C ASP I 185 -49.99 0.93 14.40
N SER I 186 -49.66 1.59 13.29
CA SER I 186 -50.39 1.41 12.06
C SER I 186 -49.48 1.69 10.88
N ILE I 187 -50.08 1.74 9.70
CA ILE I 187 -49.40 1.98 8.44
C ILE I 187 -50.03 3.18 7.76
N LEU I 188 -49.22 3.93 7.01
CA LEU I 188 -49.68 5.11 6.30
C LEU I 188 -49.66 4.84 4.79
N THR I 189 -50.76 4.30 4.28
CA THR I 189 -50.85 4.12 2.84
C THR I 189 -50.91 5.46 2.14
N HIS I 190 -51.74 6.38 2.65
CA HIS I 190 -51.95 7.70 2.08
C HIS I 190 -52.14 8.72 3.20
N ARG I 191 -51.72 9.95 2.92
CA ARG I 191 -51.81 11.01 3.91
C ARG I 191 -53.26 11.33 4.29
N ASN I 192 -54.13 11.39 3.30
CA ASN I 192 -55.53 11.74 3.54
C ASN I 192 -56.23 10.72 4.43
N GLU I 193 -55.94 9.45 4.25
CA GLU I 193 -56.64 8.41 5.01
C GLU I 193 -56.36 8.53 6.50
N ASN I 194 -55.12 8.82 6.88
CA ASN I 194 -54.76 8.95 8.29
C ASN I 194 -54.82 10.41 8.70
N LEU J 1 -23.03 18.26 7.91
CA LEU J 1 -24.26 18.97 7.63
C LEU J 1 -24.91 19.42 8.92
N VAL J 2 -25.26 20.71 8.98
CA VAL J 2 -25.88 21.33 10.15
C VAL J 2 -27.02 22.21 9.66
N PRO J 3 -28.24 22.05 10.15
CA PRO J 3 -29.34 22.88 9.66
C PRO J 3 -29.41 24.23 10.34
N MET J 4 -29.91 25.20 9.59
CA MET J 4 -30.06 26.57 10.06
C MET J 4 -31.43 26.79 10.67
N VAL J 5 -31.56 27.93 11.35
CA VAL J 5 -32.78 28.32 12.05
C VAL J 5 -32.88 29.84 11.95
N ILE J 6 -33.98 30.40 12.46
CA ILE J 6 -34.25 31.83 12.38
C ILE J 6 -34.80 32.27 13.74
N GLU J 7 -34.47 33.51 14.10
CA GLU J 7 -34.87 34.08 15.37
C GLU J 7 -34.86 35.60 15.28
N GLY J 12 -35.11 41.87 12.64
CA GLY J 12 -34.98 41.42 11.27
C GLY J 12 -34.83 39.92 11.17
N GLU J 13 -34.05 39.47 10.19
CA GLU J 13 -33.79 38.05 9.96
C GLU J 13 -32.32 37.77 10.22
N ARG J 14 -32.05 36.76 11.04
CA ARG J 14 -30.70 36.34 11.40
C ARG J 14 -30.56 34.87 11.09
N SER J 15 -29.38 34.46 10.63
CA SER J 15 -29.11 33.07 10.30
C SER J 15 -28.28 32.47 11.42
N PHE J 16 -28.80 31.41 12.02
CA PHE J 16 -28.18 30.69 13.11
C PHE J 16 -28.15 29.20 12.81
N ASP J 17 -27.04 28.54 13.14
CA ASP J 17 -27.05 27.10 13.02
C ASP J 17 -27.70 26.56 14.28
N ILE J 18 -27.99 25.26 14.29
CA ILE J 18 -28.69 24.67 15.43
C ILE J 18 -27.87 24.82 16.71
N TYR J 19 -26.56 24.60 16.63
CA TYR J 19 -25.73 24.68 17.83
C TYR J 19 -25.65 26.10 18.37
N SER J 20 -25.57 27.09 17.50
CA SER J 20 -25.49 28.47 17.97
C SER J 20 -26.78 28.91 18.64
N ARG J 21 -27.92 28.47 18.12
CA ARG J 21 -29.19 28.84 18.72
C ARG J 21 -29.26 28.32 20.14
N LEU J 22 -28.79 27.09 20.35
CA LEU J 22 -28.77 26.52 21.68
C LEU J 22 -27.80 27.28 22.57
N LEU J 23 -26.66 27.68 22.01
CA LEU J 23 -25.68 28.44 22.77
C LEU J 23 -26.33 29.70 23.33
N LYS J 24 -27.21 30.30 22.55
CA LYS J 24 -27.98 31.45 23.02
C LYS J 24 -28.78 31.10 24.27
N GLU J 25 -29.07 29.82 24.48
CA GLU J 25 -29.78 29.32 25.65
C GLU J 25 -28.84 28.75 26.69
N ARG J 26 -27.55 29.03 26.58
CA ARG J 26 -26.54 28.58 27.54
C ARG J 26 -26.48 27.05 27.59
N VAL J 27 -26.25 26.47 26.42
CA VAL J 27 -26.16 25.02 26.25
C VAL J 27 -24.96 24.73 25.38
N ILE J 28 -24.07 23.90 25.89
CA ILE J 28 -22.85 23.50 25.20
C ILE J 28 -22.89 21.99 25.06
N PHE J 29 -22.32 21.51 23.96
CA PHE J 29 -22.26 20.10 23.65
C PHE J 29 -20.81 19.64 23.61
N LEU J 30 -20.53 18.54 24.29
CA LEU J 30 -19.21 17.95 24.36
C LEU J 30 -19.42 16.55 23.80
N THR J 31 -19.19 16.42 22.50
CA THR J 31 -19.39 15.18 21.79
C THR J 31 -18.08 14.74 21.15
N GLY J 32 -17.91 13.44 21.04
CA GLY J 32 -16.74 12.88 20.42
C GLY J 32 -15.55 12.85 21.34
N GLN J 33 -14.47 12.29 20.82
CA GLN J 33 -13.23 12.20 21.57
C GLN J 33 -12.75 13.59 21.97
N VAL J 34 -12.20 13.66 23.17
CA VAL J 34 -11.70 14.91 23.71
C VAL J 34 -10.29 15.15 23.18
N GLU J 35 -10.15 16.15 22.32
CA GLU J 35 -8.90 16.56 21.73
C GLU J 35 -8.67 18.02 22.12
N ASP J 36 -7.62 18.62 21.59
CA ASP J 36 -7.29 20.00 21.94
C ASP J 36 -8.17 20.99 21.22
N HIS J 37 -8.50 20.72 19.97
CA HIS J 37 -9.29 21.66 19.19
C HIS J 37 -10.72 21.75 19.70
N MET J 38 -11.39 20.61 19.87
CA MET J 38 -12.75 20.65 20.40
C MET J 38 -12.77 21.25 21.79
N ALA J 39 -11.76 20.97 22.59
CA ALA J 39 -11.68 21.51 23.94
C ALA J 39 -11.54 23.01 23.91
N ASN J 40 -10.71 23.52 23.02
CA ASN J 40 -10.53 24.95 22.89
C ASN J 40 -11.84 25.61 22.49
N LEU J 41 -12.62 24.94 21.66
CA LEU J 41 -13.91 25.45 21.24
C LEU J 41 -14.85 25.53 22.42
N ILE J 42 -14.90 24.48 23.24
CA ILE J 42 -15.75 24.47 24.41
C ILE J 42 -15.33 25.54 25.38
N VAL J 43 -14.03 25.75 25.52
CA VAL J 43 -13.52 26.77 26.40
C VAL J 43 -13.98 28.13 25.94
N ALA J 44 -13.91 28.37 24.63
CA ALA J 44 -14.33 29.63 24.06
C ALA J 44 -15.80 29.89 24.35
N GLN J 45 -16.63 28.86 24.23
CA GLN J 45 -18.05 29.02 24.48
C GLN J 45 -18.31 29.41 25.93
N MET J 46 -17.61 28.77 26.86
CA MET J 46 -17.80 29.08 28.27
C MET J 46 -17.45 30.53 28.56
N LEU J 47 -16.33 30.99 28.02
CA LEU J 47 -15.91 32.37 28.25
C LEU J 47 -16.89 33.34 27.61
N PHE J 48 -17.37 33.04 26.42
CA PHE J 48 -18.33 33.91 25.76
C PHE J 48 -19.61 34.01 26.57
N LEU J 49 -20.08 32.88 27.08
CA LEU J 49 -21.29 32.86 27.89
C LEU J 49 -21.08 33.63 29.18
N GLU J 50 -19.89 33.50 29.78
CA GLU J 50 -19.61 34.20 31.01
C GLU J 50 -19.67 35.70 30.80
N ALA J 51 -19.12 36.19 29.69
CA ALA J 51 -19.14 37.61 29.41
C ALA J 51 -20.56 38.11 29.20
N GLU J 52 -21.39 37.34 28.49
CA GLU J 52 -22.77 37.73 28.25
C GLU J 52 -23.53 37.86 29.55
N ASN J 53 -23.48 36.83 30.38
CA ASN J 53 -24.17 36.82 31.67
C ASN J 53 -23.38 35.93 32.62
N PRO J 54 -22.59 36.51 33.53
CA PRO J 54 -21.83 35.69 34.46
C PRO J 54 -22.61 35.14 35.62
N GLU J 55 -23.93 35.34 35.67
CA GLU J 55 -24.76 34.86 36.75
C GLU J 55 -25.67 33.71 36.37
N LYS J 56 -25.93 33.50 35.08
CA LYS J 56 -26.80 32.44 34.64
C LYS J 56 -26.02 31.14 34.47
N ASP J 57 -26.63 30.04 34.90
CA ASP J 57 -26.00 28.74 34.84
C ASP J 57 -25.85 28.27 33.41
N ILE J 58 -24.78 27.53 33.18
CA ILE J 58 -24.46 26.96 31.88
C ILE J 58 -24.78 25.47 31.94
N TYR J 59 -25.14 24.91 30.80
CA TYR J 59 -25.47 23.51 30.66
C TYR J 59 -24.51 22.89 29.68
N LEU J 60 -23.94 21.75 30.07
CA LEU J 60 -22.97 21.04 29.24
C LEU J 60 -23.44 19.60 29.11
N TYR J 61 -23.79 19.20 27.90
CA TYR J 61 -24.26 17.86 27.63
C TYR J 61 -23.04 17.06 27.21
N ILE J 62 -22.91 15.85 27.76
CA ILE J 62 -21.73 15.02 27.54
C ILE J 62 -22.10 13.67 26.97
N ASN J 63 -21.56 13.37 25.80
CA ASN J 63 -21.67 12.07 25.14
C ASN J 63 -20.28 11.89 24.53
N SER J 64 -19.39 11.20 25.25
CA SER J 64 -18.04 11.07 24.76
C SER J 64 -17.31 9.80 25.16
N PRO J 65 -16.46 9.24 24.29
CA PRO J 65 -15.68 8.06 24.68
C PRO J 65 -14.33 8.39 25.31
N GLY J 66 -14.09 9.65 25.67
CA GLY J 66 -12.86 10.04 26.31
C GLY J 66 -11.83 10.54 25.34
N GLY J 67 -10.68 10.89 25.89
CA GLY J 67 -9.60 11.36 25.06
C GLY J 67 -8.40 11.84 25.82
N VAL J 68 -7.75 12.86 25.27
CA VAL J 68 -6.56 13.41 25.89
C VAL J 68 -6.93 13.95 27.25
N ILE J 69 -5.97 13.93 28.18
CA ILE J 69 -6.21 14.43 29.52
C ILE J 69 -5.95 15.92 29.60
N THR J 70 -4.90 16.38 28.93
CA THR J 70 -4.55 17.80 28.94
C THR J 70 -5.71 18.64 28.45
N ALA J 71 -6.36 18.19 27.38
CA ALA J 71 -7.51 18.89 26.85
C ALA J 71 -8.62 18.96 27.87
N GLY J 72 -8.90 17.83 28.52
CA GLY J 72 -9.94 17.78 29.51
C GLY J 72 -9.65 18.68 30.70
N MET J 73 -8.39 18.76 31.09
CA MET J 73 -8.04 19.61 32.23
C MET J 73 -8.31 21.06 31.93
N SER J 74 -8.11 21.48 30.69
CA SER J 74 -8.41 22.87 30.34
C SER J 74 -9.89 23.15 30.53
N ILE J 75 -10.73 22.23 30.10
CA ILE J 75 -12.16 22.39 30.29
C ILE J 75 -12.51 22.39 31.77
N TYR J 76 -11.91 21.47 32.53
CA TYR J 76 -12.19 21.39 33.96
C TYR J 76 -11.76 22.64 34.69
N ASP J 77 -10.55 23.10 34.41
CA ASP J 77 -10.04 24.30 35.06
C ASP J 77 -10.87 25.51 34.70
N THR J 78 -11.34 25.56 33.46
CA THR J 78 -12.15 26.67 33.00
C THR J 78 -13.50 26.69 33.72
N MET J 79 -14.12 25.52 33.88
CA MET J 79 -15.41 25.45 34.55
C MET J 79 -15.29 25.91 35.98
N GLN J 80 -14.22 25.52 36.66
CA GLN J 80 -14.02 25.94 38.04
C GLN J 80 -13.50 27.38 38.13
N PHE J 81 -13.03 27.95 37.03
CA PHE J 81 -12.52 29.31 37.04
C PHE J 81 -13.63 30.33 36.90
N ILE J 82 -14.56 30.10 35.97
CA ILE J 82 -15.65 31.02 35.76
C ILE J 82 -16.63 30.97 36.92
N LYS J 83 -17.42 32.02 37.04
CA LYS J 83 -18.40 32.15 38.10
C LYS J 83 -19.66 31.31 37.86
N PRO J 84 -20.23 31.31 36.65
CA PRO J 84 -21.43 30.49 36.41
C PRO J 84 -21.26 29.03 36.80
N ASP J 85 -22.35 28.45 37.26
CA ASP J 85 -22.36 27.04 37.65
C ASP J 85 -22.61 26.22 36.40
N VAL J 86 -21.65 25.36 36.06
CA VAL J 86 -21.73 24.53 34.88
C VAL J 86 -22.43 23.22 35.24
N SER J 87 -23.70 23.12 34.87
CA SER J 87 -24.47 21.91 35.12
C SER J 87 -24.17 20.91 34.01
N THR J 88 -23.56 19.79 34.39
CA THR J 88 -23.22 18.76 33.42
C THR J 88 -24.30 17.71 33.33
N ILE J 89 -24.58 17.28 32.10
CA ILE J 89 -25.57 16.25 31.82
C ILE J 89 -24.91 15.19 30.96
N CYS J 90 -25.23 13.93 31.25
CA CYS J 90 -24.68 12.79 30.54
C CYS J 90 -25.74 12.16 29.64
N MET J 91 -25.43 12.06 28.36
CA MET J 91 -26.30 11.43 27.37
C MET J 91 -25.50 10.36 26.66
N GLY J 92 -26.00 9.15 26.66
CA GLY J 92 -25.34 8.07 25.98
C GLY J 92 -24.24 7.47 26.82
N GLN J 93 -23.13 8.17 26.95
CA GLN J 93 -22.07 7.65 27.79
C GLN J 93 -21.06 8.71 28.16
N ALA J 94 -20.39 8.47 29.27
CA ALA J 94 -19.30 9.29 29.74
C ALA J 94 -18.13 8.37 30.02
N ALA J 95 -17.00 8.65 29.41
CA ALA J 95 -15.78 7.88 29.57
C ALA J 95 -14.96 8.49 30.70
N SER J 96 -13.71 8.08 30.84
CA SER J 96 -12.87 8.55 31.94
C SER J 96 -12.79 10.05 31.98
N MET J 97 -12.49 10.69 30.85
CA MET J 97 -12.45 12.14 30.87
C MET J 97 -13.85 12.72 30.91
N GLY J 98 -14.80 12.09 30.21
CA GLY J 98 -16.16 12.58 30.27
C GLY J 98 -16.73 12.48 31.68
N ALA J 99 -16.45 11.38 32.36
CA ALA J 99 -16.91 11.21 33.73
C ALA J 99 -16.25 12.20 34.65
N PHE J 100 -14.98 12.48 34.40
CA PHE J 100 -14.27 13.45 35.21
C PHE J 100 -14.88 14.83 35.08
N LEU J 101 -15.27 15.20 33.86
CA LEU J 101 -15.92 16.48 33.65
C LEU J 101 -17.34 16.46 34.16
N LEU J 102 -18.01 15.32 34.05
CA LEU J 102 -19.37 15.20 34.54
C LEU J 102 -19.43 15.44 36.04
N THR J 103 -18.61 14.70 36.79
CA THR J 103 -18.57 14.88 38.23
C THR J 103 -18.00 16.22 38.63
N ALA J 104 -17.31 16.90 37.73
CA ALA J 104 -16.73 18.20 38.01
C ALA J 104 -17.73 19.34 37.97
N GLY J 105 -18.94 19.08 37.51
CA GLY J 105 -19.95 20.10 37.46
C GLY J 105 -20.28 20.65 38.83
N ALA J 106 -21.12 21.66 38.82
CA ALA J 106 -21.53 22.30 40.06
C ALA J 106 -22.28 21.32 40.94
N LYS J 107 -22.00 21.37 42.23
CA LYS J 107 -22.65 20.49 43.18
C LYS J 107 -24.16 20.66 43.12
N GLY J 108 -24.86 19.55 43.05
CA GLY J 108 -26.29 19.55 42.96
C GLY J 108 -26.83 19.80 41.57
N LYS J 109 -25.94 20.00 40.58
CA LYS J 109 -26.32 20.26 39.21
C LYS J 109 -25.68 19.28 38.25
N ARG J 110 -25.34 18.08 38.71
CA ARG J 110 -24.76 17.03 37.89
C ARG J 110 -25.86 16.00 37.70
N PHE J 111 -26.25 15.78 36.44
CA PHE J 111 -27.30 14.83 36.13
C PHE J 111 -26.86 13.82 35.09
N CYS J 112 -27.62 12.75 35.04
CA CYS J 112 -27.46 11.67 34.10
C CYS J 112 -28.84 11.24 33.64
N LEU J 113 -28.93 10.86 32.39
CA LEU J 113 -30.19 10.37 31.89
C LEU J 113 -30.37 8.93 32.32
N PRO J 114 -31.62 8.44 32.38
CA PRO J 114 -31.87 7.08 32.88
C PRO J 114 -31.06 5.96 32.27
N ASN J 115 -30.89 5.91 30.96
CA ASN J 115 -30.18 4.82 30.29
C ASN J 115 -28.76 5.19 29.89
N SER J 116 -28.21 6.23 30.50
CA SER J 116 -26.84 6.63 30.24
C SER J 116 -25.89 5.65 30.92
N ARG J 117 -24.60 5.80 30.62
CA ARG J 117 -23.58 4.94 31.18
C ARG J 117 -22.34 5.75 31.47
N VAL J 118 -21.55 5.26 32.41
CA VAL J 118 -20.33 5.92 32.82
C VAL J 118 -19.24 4.88 32.93
N MET J 119 -18.02 5.28 32.56
CA MET J 119 -16.85 4.42 32.60
C MET J 119 -15.69 5.23 33.16
N ILE J 120 -15.09 4.74 34.23
CA ILE J 120 -13.93 5.38 34.83
C ILE J 120 -12.77 4.40 34.79
N HIS J 121 -11.62 4.88 34.36
CA HIS J 121 -10.42 4.07 34.29
C HIS J 121 -9.22 4.97 34.48
N GLN J 122 -8.11 4.35 34.82
CA GLN J 122 -6.90 5.10 35.02
C GLN J 122 -6.31 5.57 33.69
N PRO J 123 -5.49 6.62 33.72
CA PRO J 123 -4.91 7.15 32.49
C PRO J 123 -4.14 6.13 31.66
N LEU J 124 -4.09 6.40 30.36
CA LEU J 124 -3.40 5.59 29.38
C LEU J 124 -2.35 6.44 28.70
N GLY J 125 -1.13 5.95 28.65
CA GLY J 125 -0.05 6.68 28.02
C GLY J 125 1.06 5.74 27.61
N GLY J 126 1.83 6.18 26.65
CA GLY J 126 2.98 5.41 26.20
C GLY J 126 4.11 6.28 25.73
N TYR J 127 5.33 5.80 25.96
CA TYR J 127 6.53 6.48 25.51
C TYR J 127 7.56 5.46 25.07
N GLN J 128 8.28 5.80 24.02
CA GLN J 128 9.36 4.98 23.49
C GLN J 128 10.62 5.84 23.48
N GLY J 129 11.70 5.30 24.01
CA GLY J 129 12.94 6.06 24.07
C GLY J 129 13.89 5.44 25.07
N GLN J 130 14.85 6.26 25.48
CA GLN J 130 15.84 5.85 26.45
C GLN J 130 15.20 5.61 27.81
N ALA J 131 15.85 4.73 28.58
CA ALA J 131 15.36 4.39 29.90
C ALA J 131 15.22 5.63 30.78
N THR J 132 16.12 6.58 30.63
CA THR J 132 16.05 7.81 31.42
C THR J 132 14.78 8.57 31.11
N ASP J 133 14.51 8.81 29.83
CA ASP J 133 13.30 9.49 29.41
C ASP J 133 12.06 8.72 29.82
N ILE J 134 12.12 7.40 29.81
CA ILE J 134 10.98 6.58 30.19
C ILE J 134 10.62 6.83 31.64
N GLU J 135 11.62 6.89 32.51
CA GLU J 135 11.37 7.13 33.92
C GLU J 135 10.67 8.46 34.13
N ILE J 136 11.09 9.49 33.39
CA ILE J 136 10.48 10.80 33.51
C ILE J 136 9.01 10.74 33.13
N HIS J 137 8.71 10.22 31.95
CA HIS J 137 7.34 10.13 31.49
C HIS J 137 6.49 9.25 32.37
N ALA J 138 7.07 8.18 32.90
CA ALA J 138 6.33 7.30 33.78
C ALA J 138 5.92 8.02 35.06
N ARG J 139 6.86 8.72 35.67
CA ARG J 139 6.54 9.46 36.89
C ARG J 139 5.47 10.51 36.64
N GLU J 140 5.53 11.16 35.49
CA GLU J 140 4.56 12.21 35.16
C GLU J 140 3.15 11.65 35.08
N ILE J 141 2.98 10.54 34.37
CA ILE J 141 1.65 9.97 34.22
C ILE J 141 1.13 9.47 35.56
N LEU J 142 2.02 8.99 36.43
CA LEU J 142 1.58 8.57 37.75
C LEU J 142 1.10 9.74 38.56
N LYS J 143 1.80 10.88 38.46
CA LYS J 143 1.36 12.08 39.15
C LYS J 143 0.01 12.53 38.64
N VAL J 144 -0.20 12.40 37.33
CA VAL J 144 -1.47 12.74 36.73
C VAL J 144 -2.56 11.83 37.28
N LYS J 145 -2.26 10.55 37.39
CA LYS J 145 -3.21 9.59 37.93
C LYS J 145 -3.58 9.96 39.35
N GLY J 146 -2.58 10.33 40.15
CA GLY J 146 -2.87 10.74 41.51
C GLY J 146 -3.70 12.00 41.55
N ARG J 147 -3.36 12.97 40.70
CA ARG J 147 -4.10 14.22 40.67
C ARG J 147 -5.54 13.99 40.25
N MET J 148 -5.76 13.17 39.23
CA MET J 148 -7.11 12.88 38.78
C MET J 148 -7.92 12.18 39.86
N ASN J 149 -7.30 11.23 40.55
CA ASN J 149 -7.99 10.49 41.60
C ASN J 149 -8.37 11.40 42.75
N GLU J 150 -7.50 12.35 43.11
CA GLU J 150 -7.81 13.27 44.19
C GLU J 150 -9.02 14.11 43.85
N LEU J 151 -9.07 14.62 42.63
CA LEU J 151 -10.19 15.45 42.20
C LEU J 151 -11.48 14.65 42.17
N MET J 152 -11.41 13.40 41.70
CA MET J 152 -12.60 12.56 41.66
C MET J 152 -13.12 12.33 43.06
N ALA J 153 -12.22 12.07 44.00
CA ALA J 153 -12.60 11.83 45.37
C ALA J 153 -13.19 13.09 45.99
N LEU J 154 -12.70 14.26 45.58
CA LEU J 154 -13.21 15.50 46.12
C LEU J 154 -14.61 15.78 45.61
N HIS J 155 -14.85 15.56 44.33
CA HIS J 155 -16.15 15.82 43.74
C HIS J 155 -17.17 14.76 44.12
N THR J 156 -16.76 13.50 44.12
CA THR J 156 -17.66 12.41 44.46
C THR J 156 -17.86 12.23 45.95
N GLY J 157 -16.94 12.71 46.76
CA GLY J 157 -17.03 12.54 48.19
C GLY J 157 -16.42 11.25 48.68
N GLN J 158 -16.13 10.31 47.78
CA GLN J 158 -15.55 9.05 48.16
C GLN J 158 -14.14 9.25 48.70
N SER J 159 -13.56 8.16 49.18
CA SER J 159 -12.21 8.18 49.69
C SER J 159 -11.23 7.95 48.56
N LEU J 160 -10.05 8.55 48.70
CA LEU J 160 -9.01 8.40 47.69
C LEU J 160 -8.65 6.94 47.48
N GLU J 161 -8.66 6.15 48.55
CA GLU J 161 -8.33 4.74 48.44
C GLU J 161 -9.35 3.99 47.61
N GLN J 162 -10.64 4.27 47.82
CA GLN J 162 -11.69 3.60 47.08
C GLN J 162 -11.59 3.91 45.59
N ILE J 163 -11.29 5.16 45.26
CA ILE J 163 -11.17 5.57 43.87
C ILE J 163 -10.03 4.83 43.19
N GLU J 164 -8.90 4.68 43.89
CA GLU J 164 -7.76 3.98 43.31
C GLU J 164 -8.08 2.52 43.05
N ARG J 165 -8.83 1.90 43.95
CA ARG J 165 -9.19 0.50 43.76
C ARG J 165 -10.15 0.33 42.61
N ASP J 166 -11.09 1.27 42.45
CA ASP J 166 -12.08 1.18 41.40
C ASP J 166 -11.58 1.64 40.04
N THR J 167 -10.54 2.48 39.99
CA THR J 167 -9.99 2.94 38.73
C THR J 167 -8.86 2.07 38.21
N GLU J 168 -8.42 1.06 38.98
CA GLU J 168 -7.36 0.19 38.53
C GLU J 168 -7.70 -0.48 37.21
N ARG J 169 -8.98 -0.69 36.96
CA ARG J 169 -9.46 -1.27 35.73
C ARG J 169 -10.75 -0.58 35.37
N ASP J 170 -11.15 -0.73 34.12
CA ASP J 170 -12.36 -0.12 33.61
C ASP J 170 -13.56 -0.57 34.45
N ARG J 171 -14.25 0.40 35.04
CA ARG J 171 -15.43 0.16 35.84
C ARG J 171 -16.59 0.87 35.18
N PHE J 172 -17.65 0.14 34.94
CA PHE J 172 -18.84 0.68 34.32
C PHE J 172 -19.89 0.95 35.38
N LEU J 173 -20.67 1.99 35.15
CA LEU J 173 -21.69 2.41 36.09
C LEU J 173 -22.87 2.97 35.33
N SER J 174 -24.05 2.61 35.78
CA SER J 174 -25.27 3.12 35.22
C SER J 174 -25.62 4.40 35.96
N ALA J 175 -26.70 5.05 35.52
CA ALA J 175 -27.14 6.27 36.20
C ALA J 175 -27.41 6.04 37.68
N PRO J 176 -28.14 5.02 38.10
CA PRO J 176 -28.35 4.81 39.54
C PRO J 176 -27.06 4.53 40.29
N GLU J 177 -26.21 3.69 39.73
CA GLU J 177 -24.94 3.37 40.38
C GLU J 177 -24.07 4.62 40.52
N ALA J 178 -24.07 5.46 39.50
CA ALA J 178 -23.29 6.69 39.55
C ALA J 178 -23.78 7.59 40.67
N VAL J 179 -25.09 7.64 40.87
CA VAL J 179 -25.65 8.45 41.94
C VAL J 179 -25.18 7.94 43.29
N GLU J 180 -25.30 6.63 43.51
CA GLU J 180 -24.86 6.05 44.77
C GLU J 180 -23.36 6.20 44.94
N TYR J 181 -22.62 6.23 43.85
CA TYR J 181 -21.18 6.46 43.88
C TYR J 181 -20.81 7.91 44.08
N GLY J 182 -21.80 8.80 44.20
CA GLY J 182 -21.53 10.22 44.36
C GLY J 182 -21.05 10.90 43.11
N LEU J 183 -20.99 10.19 41.98
CA LEU J 183 -20.47 10.78 40.77
C LEU J 183 -21.41 11.83 40.22
N VAL J 184 -22.72 11.66 40.40
CA VAL J 184 -23.71 12.65 39.99
C VAL J 184 -24.69 12.83 41.15
N ASP J 185 -25.67 13.69 40.91
CA ASP J 185 -26.65 14.05 41.92
C ASP J 185 -27.98 13.34 41.76
N SER J 186 -28.59 13.42 40.59
CA SER J 186 -29.89 12.80 40.37
C SER J 186 -30.01 12.41 38.90
N ILE J 187 -31.22 11.98 38.53
CA ILE J 187 -31.54 11.52 37.19
C ILE J 187 -32.71 12.31 36.63
N LEU J 188 -32.56 12.78 35.39
CA LEU J 188 -33.61 13.53 34.70
C LEU J 188 -34.52 12.59 33.94
N THR J 189 -35.52 12.04 34.63
CA THR J 189 -36.47 11.17 33.94
C THR J 189 -37.31 11.98 32.96
N HIS J 190 -37.84 13.12 33.40
CA HIS J 190 -38.68 13.98 32.57
C HIS J 190 -38.44 15.44 32.98
N ARG J 191 -38.61 16.33 32.01
CA ARG J 191 -38.42 17.76 32.27
C ARG J 191 -39.42 18.30 33.28
N ASN J 192 -40.68 17.90 33.15
CA ASN J 192 -41.73 18.39 34.06
C ASN J 192 -41.48 17.98 35.50
N GLU J 193 -41.02 16.74 35.71
CA GLU J 193 -40.82 16.25 37.07
C GLU J 193 -39.78 17.06 37.83
N ASN J 194 -38.71 17.46 37.15
CA ASN J 194 -37.65 18.26 37.75
C ASN J 194 -37.58 19.61 37.06
N LEU K 1 -16.65 21.94 13.59
CA LEU K 1 -17.34 23.14 13.14
C LEU K 1 -17.28 24.21 14.21
N VAL K 2 -17.45 25.47 13.79
CA VAL K 2 -17.36 26.63 14.66
C VAL K 2 -18.75 27.24 14.81
N PRO K 3 -19.30 27.36 16.02
CA PRO K 3 -20.61 27.99 16.16
C PRO K 3 -20.52 29.49 15.99
N MET K 4 -21.58 30.07 15.48
CA MET K 4 -21.66 31.51 15.24
C MET K 4 -22.45 32.21 16.34
N VAL K 5 -22.45 33.54 16.26
CA VAL K 5 -23.14 34.39 17.21
C VAL K 5 -23.48 35.69 16.48
N ILE K 6 -24.43 36.43 17.05
CA ILE K 6 -24.89 37.69 16.48
C ILE K 6 -24.70 38.78 17.53
N GLU K 7 -24.24 39.94 17.08
CA GLU K 7 -24.01 41.08 17.96
C GLU K 7 -25.18 42.05 17.90
N GLY K 12 -27.19 43.08 5.58
CA GLY K 12 -27.95 42.33 6.57
C GLY K 12 -27.24 42.21 7.90
N GLU K 13 -27.77 41.34 8.75
CA GLU K 13 -27.20 41.11 10.07
C GLU K 13 -25.81 40.49 9.92
N ARG K 14 -24.93 40.85 10.86
CA ARG K 14 -23.54 40.41 10.85
C ARG K 14 -23.35 39.26 11.84
N SER K 15 -22.70 38.19 11.37
CA SER K 15 -22.46 37.00 12.18
C SER K 15 -20.98 36.87 12.50
N PHE K 16 -20.69 36.63 13.77
CA PHE K 16 -19.34 36.42 14.29
C PHE K 16 -19.14 34.96 14.64
N ASP K 17 -18.04 34.37 14.19
CA ASP K 17 -17.78 33.03 14.71
C ASP K 17 -17.34 33.19 16.16
N ILE K 18 -17.27 32.07 16.88
CA ILE K 18 -16.97 32.16 18.30
C ILE K 18 -15.60 32.77 18.56
N TYR K 19 -14.61 32.43 17.76
CA TYR K 19 -13.27 32.96 17.98
C TYR K 19 -13.20 34.46 17.74
N SER K 20 -13.88 34.96 16.72
CA SER K 20 -13.83 36.39 16.43
C SER K 20 -14.47 37.20 17.54
N ARG K 21 -15.55 36.69 18.13
CA ARG K 21 -16.20 37.42 19.21
C ARG K 21 -15.24 37.61 20.37
N LEU K 22 -14.47 36.58 20.68
CA LEU K 22 -13.48 36.68 21.75
C LEU K 22 -12.36 37.61 21.33
N LEU K 23 -11.96 37.54 20.07
CA LEU K 23 -10.94 38.45 19.56
C LEU K 23 -11.34 39.89 19.79
N LYS K 24 -12.64 40.18 19.68
CA LYS K 24 -13.15 41.50 19.98
C LYS K 24 -12.86 41.90 21.42
N GLU K 25 -12.62 40.92 22.30
CA GLU K 25 -12.29 41.12 23.69
C GLU K 25 -10.79 40.98 23.94
N ARG K 26 -9.98 41.02 22.89
CA ARG K 26 -8.53 40.91 22.99
C ARG K 26 -8.12 39.58 23.59
N VAL K 27 -8.60 38.51 22.97
CA VAL K 27 -8.32 37.15 23.40
C VAL K 27 -7.92 36.34 22.18
N ILE K 28 -6.79 35.66 22.29
CA ILE K 28 -6.25 34.84 21.22
C ILE K 28 -6.04 33.45 21.77
N PHE K 29 -6.17 32.45 20.90
CA PHE K 29 -5.99 31.06 21.25
C PHE K 29 -4.86 30.49 20.45
N LEU K 30 -3.93 29.85 21.13
CA LEU K 30 -2.77 29.20 20.54
C LEU K 30 -2.96 27.73 20.88
N THR K 31 -3.61 27.01 19.98
CA THR K 31 -3.91 25.61 20.19
C THR K 31 -3.25 24.77 19.10
N GLY K 32 -2.97 23.53 19.45
CA GLY K 32 -2.36 22.62 18.52
C GLY K 32 -0.89 22.88 18.35
N GLN K 33 -0.27 22.03 17.54
CA GLN K 33 1.15 22.17 17.25
C GLN K 33 1.43 23.52 16.61
N VAL K 34 2.63 24.01 16.85
CA VAL K 34 3.07 25.30 16.34
C VAL K 34 3.68 25.09 14.97
N GLU K 35 3.03 25.61 13.95
CA GLU K 35 3.46 25.55 12.57
C GLU K 35 3.56 26.98 12.05
N ASP K 36 3.85 27.13 10.77
CA ASP K 36 4.01 28.45 10.19
C ASP K 36 2.68 29.13 9.92
N HIS K 37 1.68 28.38 9.48
CA HIS K 37 0.39 28.96 9.16
C HIS K 37 -0.34 29.46 10.39
N MET K 38 -0.49 28.60 11.40
CA MET K 38 -1.15 29.04 12.62
C MET K 38 -0.40 30.18 13.29
N ALA K 39 0.93 30.15 13.21
CA ALA K 39 1.74 31.20 13.79
C ALA K 39 1.50 32.51 13.07
N ASN K 40 1.42 32.45 11.75
CA ASN K 40 1.15 33.65 10.96
C ASN K 40 -0.21 34.21 11.32
N LEU K 41 -1.16 33.33 11.59
CA LEU K 41 -2.49 33.76 11.98
C LEU K 41 -2.47 34.50 13.31
N ILE K 42 -1.74 33.95 14.28
CA ILE K 42 -1.61 34.59 15.58
C ILE K 42 -0.92 35.93 15.44
N VAL K 43 0.08 36.00 14.57
CA VAL K 43 0.78 37.25 14.34
C VAL K 43 -0.18 38.28 13.77
N ALA K 44 -1.02 37.85 12.83
CA ALA K 44 -2.00 38.76 12.25
C ALA K 44 -2.95 39.28 13.29
N GLN K 45 -3.39 38.40 14.19
CA GLN K 45 -4.32 38.80 15.24
C GLN K 45 -3.68 39.84 16.15
N MET K 46 -2.42 39.64 16.53
CA MET K 46 -1.77 40.59 17.43
C MET K 46 -1.63 41.95 16.79
N LEU K 47 -1.28 41.99 15.52
CA LEU K 47 -1.13 43.26 14.82
C LEU K 47 -2.46 43.97 14.70
N PHE K 48 -3.52 43.23 14.40
CA PHE K 48 -4.85 43.82 14.27
C PHE K 48 -5.29 44.43 15.59
N LEU K 49 -5.02 43.74 16.70
CA LEU K 49 -5.39 44.26 18.01
C LEU K 49 -4.56 45.50 18.34
N GLU K 50 -3.30 45.48 17.97
CA GLU K 50 -2.43 46.62 18.24
C GLU K 50 -2.93 47.85 17.49
N ALA K 51 -3.37 47.66 16.25
CA ALA K 51 -3.88 48.77 15.47
C ALA K 51 -5.18 49.29 16.06
N GLU K 52 -6.06 48.38 16.44
CA GLU K 52 -7.35 48.76 17.01
C GLU K 52 -7.17 49.56 18.29
N ASN K 53 -6.35 49.06 19.21
CA ASN K 53 -6.10 49.71 20.48
C ASN K 53 -4.71 49.29 20.96
N PRO K 54 -3.68 50.12 20.75
CA PRO K 54 -2.33 49.72 21.17
C PRO K 54 -2.03 49.88 22.66
N GLU K 55 -3.03 50.24 23.48
CA GLU K 55 -2.82 50.40 24.91
C GLU K 55 -3.47 49.33 25.76
N LYS K 56 -4.44 48.59 25.22
CA LYS K 56 -5.10 47.55 25.98
C LYS K 56 -4.32 46.26 25.91
N ASP K 57 -4.29 45.54 27.03
CA ASP K 57 -3.56 44.29 27.11
C ASP K 57 -4.23 43.22 26.28
N ILE K 58 -3.42 42.29 25.80
CA ILE K 58 -3.87 41.15 25.01
C ILE K 58 -3.74 39.92 25.87
N TYR K 59 -4.63 38.96 25.64
CA TYR K 59 -4.65 37.70 26.36
C TYR K 59 -4.45 36.58 25.36
N LEU K 60 -3.54 35.68 25.68
CA LEU K 60 -3.18 34.56 24.82
C LEU K 60 -3.26 33.29 25.64
N TYR K 61 -4.19 32.42 25.27
CA TYR K 61 -4.37 31.15 25.95
C TYR K 61 -3.57 30.11 25.20
N ILE K 62 -2.80 29.31 25.93
CA ILE K 62 -1.87 28.36 25.35
C ILE K 62 -2.20 26.94 25.78
N ASN K 63 -2.48 26.09 24.81
CA ASN K 63 -2.68 24.66 25.00
C ASN K 63 -2.01 24.03 23.78
N SER K 64 -0.75 23.63 23.93
CA SER K 64 -0.05 23.09 22.78
C SER K 64 1.03 22.06 23.08
N PRO K 65 1.20 21.05 22.23
CA PRO K 65 2.30 20.10 22.43
C PRO K 65 3.61 20.51 21.79
N GLY K 66 3.71 21.76 21.36
CA GLY K 66 4.93 22.28 20.79
C GLY K 66 4.95 22.13 19.28
N GLY K 67 6.05 22.56 18.70
CA GLY K 67 6.21 22.42 17.29
C GLY K 67 7.48 23.04 16.75
N VAL K 68 7.36 23.64 15.57
CA VAL K 68 8.50 24.28 14.94
C VAL K 68 8.96 25.43 15.82
N ILE K 69 10.25 25.71 15.76
CA ILE K 69 10.81 26.79 16.58
C ILE K 69 10.63 28.13 15.89
N THR K 70 11.09 28.22 14.63
CA THR K 70 10.99 29.43 13.82
C THR K 70 9.62 30.08 13.92
N ALA K 71 8.57 29.26 13.87
CA ALA K 71 7.22 29.76 14.01
C ALA K 71 7.04 30.42 15.37
N GLY K 72 7.50 29.75 16.42
CA GLY K 72 7.39 30.30 17.76
C GLY K 72 8.14 31.60 17.91
N MET K 73 9.29 31.71 17.24
CA MET K 73 10.09 32.91 17.35
C MET K 73 9.37 34.09 16.72
N SER K 74 8.64 33.85 15.63
CA SER K 74 7.88 34.92 15.01
C SER K 74 6.83 35.42 15.99
N ILE K 75 6.16 34.51 16.68
CA ILE K 75 5.18 34.89 17.68
C ILE K 75 5.86 35.64 18.82
N TYR K 76 6.98 35.10 19.31
CA TYR K 76 7.68 35.72 20.43
C TYR K 76 8.20 37.10 20.07
N ASP K 77 8.79 37.23 18.89
CA ASP K 77 9.30 38.51 18.46
C ASP K 77 8.19 39.52 18.32
N THR K 78 7.05 39.08 17.78
CA THR K 78 5.90 39.96 17.59
C THR K 78 5.37 40.45 18.93
N MET K 79 5.31 39.57 19.92
CA MET K 79 4.80 39.97 21.23
C MET K 79 5.67 41.05 21.85
N GLN K 80 6.98 40.87 21.78
CA GLN K 80 7.90 41.86 22.30
C GLN K 80 7.83 43.14 21.48
N PHE K 81 7.73 42.99 20.16
CA PHE K 81 7.72 44.13 19.26
C PHE K 81 6.52 45.03 19.46
N ILE K 82 5.32 44.46 19.62
CA ILE K 82 4.14 45.28 19.78
C ILE K 82 4.13 45.92 21.16
N LYS K 83 3.59 47.14 21.21
CA LYS K 83 3.51 47.88 22.45
C LYS K 83 2.60 47.26 23.50
N PRO K 84 1.43 46.71 23.17
CA PRO K 84 0.57 46.17 24.22
C PRO K 84 1.17 44.97 24.91
N ASP K 85 0.97 44.91 26.23
CA ASP K 85 1.43 43.78 26.99
C ASP K 85 0.60 42.56 26.63
N VAL K 86 1.25 41.41 26.58
CA VAL K 86 0.59 40.15 26.23
C VAL K 86 0.56 39.28 27.47
N SER K 87 -0.64 39.02 27.97
CA SER K 87 -0.84 38.16 29.13
C SER K 87 -1.00 36.73 28.64
N THR K 88 -0.03 35.89 28.96
CA THR K 88 -0.10 34.49 28.56
C THR K 88 -0.73 33.65 29.65
N ILE K 89 -1.59 32.74 29.23
CA ILE K 89 -2.28 31.82 30.13
C ILE K 89 -2.10 30.41 29.59
N CYS K 90 -1.90 29.46 30.49
CA CYS K 90 -1.70 28.07 30.15
C CYS K 90 -2.92 27.25 30.52
N MET K 91 -3.48 26.56 29.54
CA MET K 91 -4.63 25.69 29.72
C MET K 91 -4.27 24.31 29.23
N GLY K 92 -4.42 23.33 30.09
CA GLY K 92 -4.13 21.96 29.76
C GLY K 92 -2.65 21.68 29.75
N GLN K 93 -1.91 22.25 28.82
CA GLN K 93 -0.47 22.05 28.85
C GLN K 93 0.26 23.08 28.03
N ALA K 94 1.53 23.25 28.38
CA ALA K 94 2.46 24.07 27.63
C ALA K 94 3.68 23.20 27.36
N ALA K 95 4.03 23.09 26.10
CA ALA K 95 5.19 22.32 25.66
C ALA K 95 6.39 23.26 25.59
N SER K 96 7.48 22.78 24.99
CA SER K 96 8.70 23.56 24.94
C SER K 96 8.47 24.91 24.27
N MET K 97 7.88 24.92 23.08
CA MET K 97 7.62 26.20 22.44
C MET K 97 6.48 26.92 23.15
N GLY K 98 5.48 26.16 23.61
CA GLY K 98 4.40 26.79 24.35
C GLY K 98 4.91 27.41 25.64
N ALA K 99 5.82 26.73 26.31
CA ALA K 99 6.40 27.25 27.54
C ALA K 99 7.25 28.48 27.26
N PHE K 100 7.96 28.45 26.13
CA PHE K 100 8.78 29.59 25.76
C PHE K 100 7.92 30.81 25.52
N LEU K 101 6.77 30.61 24.89
CA LEU K 101 5.84 31.71 24.67
C LEU K 101 5.15 32.11 25.96
N LEU K 102 4.88 31.15 26.83
CA LEU K 102 4.23 31.43 28.09
C LEU K 102 5.09 32.32 28.96
N THR K 103 6.33 31.93 29.17
CA THR K 103 7.25 32.71 29.97
C THR K 103 7.61 34.03 29.32
N ALA K 104 7.39 34.14 28.02
CA ALA K 104 7.70 35.36 27.29
C ALA K 104 6.64 36.44 27.46
N GLY K 105 5.54 36.13 28.10
CA GLY K 105 4.51 37.11 28.31
C GLY K 105 4.99 38.25 29.18
N ALA K 106 4.13 39.25 29.27
CA ALA K 106 4.43 40.42 30.06
C ALA K 106 4.64 40.05 31.52
N LYS K 107 5.67 40.65 32.12
CA LYS K 107 6.00 40.39 33.51
C LYS K 107 4.80 40.70 34.39
N GLY K 108 4.47 39.76 35.26
CA GLY K 108 3.35 39.88 36.16
C GLY K 108 2.01 39.55 35.53
N LYS K 109 1.99 39.20 34.24
CA LYS K 109 0.77 38.85 33.54
C LYS K 109 0.84 37.47 32.92
N ARG K 110 1.69 36.61 33.45
CA ARG K 110 1.82 35.23 32.99
C ARG K 110 1.16 34.37 34.05
N PHE K 111 0.19 33.56 33.64
CA PHE K 111 -0.54 32.71 34.55
C PHE K 111 -0.65 31.30 34.02
N CYS K 112 -0.99 30.41 34.94
CA CYS K 112 -1.26 29.02 34.65
C CYS K 112 -2.45 28.61 35.48
N LEU K 113 -3.24 27.72 34.93
CA LEU K 113 -4.37 27.22 35.68
C LEU K 113 -3.86 26.15 36.64
N PRO K 114 -4.58 25.88 37.73
CA PRO K 114 -4.09 24.94 38.74
C PRO K 114 -3.64 23.57 38.25
N ASN K 115 -4.34 22.97 37.29
CA ASN K 115 -4.02 21.64 36.81
C ASN K 115 -3.21 21.62 35.53
N SER K 116 -2.81 22.77 35.01
CA SER K 116 -2.03 22.81 33.80
C SER K 116 -0.62 22.28 34.05
N ARG K 117 -0.01 21.75 33.00
CA ARG K 117 1.32 21.17 33.04
C ARG K 117 2.23 21.80 32.01
N VAL K 118 3.47 22.02 32.42
CA VAL K 118 4.47 22.66 31.58
C VAL K 118 5.65 21.72 31.40
N MET K 119 6.08 21.56 30.17
CA MET K 119 7.22 20.73 29.82
C MET K 119 8.22 21.55 29.03
N ILE K 120 9.48 21.48 29.45
CA ILE K 120 10.57 22.17 28.76
C ILE K 120 11.63 21.14 28.40
N HIS K 121 12.05 21.17 27.14
CA HIS K 121 13.12 20.29 26.69
C HIS K 121 13.89 21.02 25.62
N GLN K 122 15.09 20.53 25.35
CA GLN K 122 15.93 21.15 24.36
C GLN K 122 15.40 20.92 22.95
N PRO K 123 15.84 21.72 21.98
CA PRO K 123 15.35 21.58 20.61
C PRO K 123 15.65 20.24 19.96
N LEU K 124 14.77 19.88 19.04
CA LEU K 124 14.84 18.64 18.28
C LEU K 124 15.01 18.98 16.81
N GLY K 125 16.04 18.41 16.20
CA GLY K 125 16.30 18.64 14.80
C GLY K 125 17.03 17.46 14.20
N GLY K 126 16.88 17.31 12.90
CA GLY K 126 17.58 16.27 12.17
C GLY K 126 17.96 16.68 10.78
N TYR K 127 19.07 16.13 10.31
CA TYR K 127 19.56 16.39 8.97
C TYR K 127 20.18 15.14 8.37
N GLN K 128 19.98 14.97 7.07
CA GLN K 128 20.55 13.87 6.31
C GLN K 128 21.35 14.50 5.19
N GLY K 129 22.59 14.07 5.03
CA GLY K 129 23.41 14.62 3.97
C GLY K 129 24.88 14.34 4.19
N GLN K 130 25.69 15.16 3.54
CA GLN K 130 27.13 15.08 3.66
C GLN K 130 27.59 15.54 5.02
N ALA K 131 28.80 15.12 5.38
CA ALA K 131 29.37 15.50 6.66
C ALA K 131 29.54 17.01 6.78
N THR K 132 29.86 17.66 5.68
CA THR K 132 30.03 19.11 5.68
C THR K 132 28.72 19.80 6.04
N ASP K 133 27.64 19.40 5.39
CA ASP K 133 26.33 19.97 5.64
C ASP K 133 25.89 19.71 7.08
N ILE K 134 26.19 18.53 7.59
CA ILE K 134 25.80 18.15 8.94
C ILE K 134 26.43 19.08 9.97
N GLU K 135 27.69 19.43 9.74
CA GLU K 135 28.38 20.32 10.66
C GLU K 135 27.70 21.66 10.71
N ILE K 136 27.30 22.18 9.55
CA ILE K 136 26.63 23.47 9.48
C ILE K 136 25.30 23.42 10.22
N HIS K 137 24.51 22.39 9.97
CA HIS K 137 23.20 22.29 10.60
C HIS K 137 23.32 22.02 12.08
N ALA K 138 24.28 21.20 12.48
CA ALA K 138 24.45 20.90 13.90
C ALA K 138 24.83 22.15 14.67
N ARG K 139 25.70 22.98 14.10
CA ARG K 139 26.07 24.22 14.75
C ARG K 139 24.88 25.14 14.91
N GLU K 140 24.05 25.22 13.89
CA GLU K 140 22.90 26.12 13.92
C GLU K 140 21.93 25.77 15.02
N ILE K 141 21.65 24.47 15.19
CA ILE K 141 20.69 24.07 16.20
C ILE K 141 21.26 24.32 17.59
N LEU K 142 22.56 24.19 17.75
CA LEU K 142 23.18 24.48 19.03
C LEU K 142 23.07 25.96 19.35
N LYS K 143 23.26 26.81 18.35
CA LYS K 143 23.10 28.24 18.56
C LYS K 143 21.66 28.55 18.93
N VAL K 144 20.72 27.85 18.30
CA VAL K 144 19.32 28.02 18.60
C VAL K 144 19.05 27.59 20.04
N LYS K 145 19.62 26.46 20.44
CA LYS K 145 19.46 25.99 21.80
C LYS K 145 20.04 26.99 22.79
N GLY K 146 21.21 27.52 22.48
CA GLY K 146 21.79 28.52 23.34
C GLY K 146 20.96 29.78 23.40
N ARG K 147 20.46 30.22 22.24
CA ARG K 147 19.63 31.42 22.20
C ARG K 147 18.36 31.24 22.98
N MET K 148 17.71 30.08 22.82
CA MET K 148 16.48 29.83 23.56
C MET K 148 16.73 29.80 25.06
N ASN K 149 17.83 29.18 25.48
CA ASN K 149 18.14 29.11 26.90
C ASN K 149 18.41 30.49 27.48
N GLU K 150 19.09 31.35 26.72
CA GLU K 150 19.36 32.69 27.21
C GLU K 150 18.07 33.45 27.45
N LEU K 151 17.13 33.35 26.51
CA LEU K 151 15.86 34.02 26.65
C LEU K 151 15.06 33.45 27.81
N MET K 152 15.11 32.13 28.00
CA MET K 152 14.38 31.52 29.09
C MET K 152 14.91 32.01 30.43
N ALA K 153 16.23 32.15 30.55
CA ALA K 153 16.82 32.62 31.78
C ALA K 153 16.46 34.07 32.04
N LEU K 154 16.32 34.85 30.98
CA LEU K 154 15.98 36.26 31.14
C LEU K 154 14.54 36.41 31.61
N HIS K 155 13.64 35.59 31.09
CA HIS K 155 12.24 35.67 31.47
C HIS K 155 11.95 34.97 32.79
N THR K 156 12.68 33.91 33.11
CA THR K 156 12.45 33.19 34.36
C THR K 156 13.30 33.70 35.51
N GLY K 157 14.38 34.42 35.23
CA GLY K 157 15.25 34.88 36.27
C GLY K 157 16.29 33.88 36.70
N GLN K 158 16.15 32.62 36.30
CA GLN K 158 17.10 31.60 36.66
C GLN K 158 18.44 31.88 35.99
N SER K 159 19.42 31.06 36.33
CA SER K 159 20.74 31.16 35.74
C SER K 159 20.80 30.31 34.48
N LEU K 160 21.61 30.77 33.53
CA LEU K 160 21.77 30.03 32.28
C LEU K 160 22.24 28.62 32.53
N GLU K 161 23.08 28.42 33.55
CA GLU K 161 23.57 27.09 33.86
C GLU K 161 22.45 26.18 34.32
N GLN K 162 21.56 26.69 35.16
CA GLN K 162 20.44 25.89 35.66
C GLN K 162 19.51 25.49 34.52
N ILE K 163 19.27 26.41 33.59
CA ILE K 163 18.38 26.12 32.48
C ILE K 163 18.98 25.03 31.60
N GLU K 164 20.28 25.08 31.36
CA GLU K 164 20.93 24.08 30.53
C GLU K 164 20.86 22.71 31.18
N ARG K 165 20.97 22.65 32.50
CA ARG K 165 20.89 21.37 33.18
C ARG K 165 19.46 20.83 33.20
N ASP K 166 18.47 21.71 33.27
CA ASP K 166 17.09 21.25 33.34
C ASP K 166 16.50 20.94 31.97
N THR K 167 16.99 21.60 30.92
CA THR K 167 16.49 21.34 29.58
C THR K 167 17.21 20.20 28.88
N GLU K 168 18.26 19.63 29.48
CA GLU K 168 18.95 18.52 28.85
C GLU K 168 18.03 17.36 28.57
N ARG K 169 16.94 17.24 29.33
CA ARG K 169 15.94 16.22 29.13
C ARG K 169 14.60 16.80 29.50
N ASP K 170 13.55 16.15 29.02
CA ASP K 170 12.19 16.57 29.29
C ASP K 170 11.94 16.71 30.78
N ARG K 171 11.56 17.91 31.19
CA ARG K 171 11.27 18.22 32.57
C ARG K 171 9.84 18.73 32.64
N PHE K 172 9.04 18.10 33.47
CA PHE K 172 7.65 18.45 33.63
C PHE K 172 7.48 19.28 34.89
N LEU K 173 6.53 20.20 34.84
CA LEU K 173 6.28 21.11 35.94
C LEU K 173 4.82 21.43 36.01
N SER K 174 4.28 21.39 37.22
CA SER K 174 2.91 21.76 37.47
C SER K 174 2.86 23.27 37.69
N ALA K 175 1.66 23.79 37.84
CA ALA K 175 1.48 25.22 38.08
C ALA K 175 2.30 25.73 39.26
N PRO K 176 2.30 25.09 40.44
CA PRO K 176 3.11 25.60 41.54
C PRO K 176 4.60 25.58 41.25
N GLU K 177 5.10 24.48 40.68
CA GLU K 177 6.51 24.37 40.37
C GLU K 177 6.94 25.45 39.39
N ALA K 178 6.11 25.71 38.39
CA ALA K 178 6.41 26.75 37.41
C ALA K 178 6.54 28.11 38.07
N VAL K 179 5.65 28.38 39.03
CA VAL K 179 5.70 29.65 39.75
C VAL K 179 7.00 29.78 40.50
N GLU K 180 7.44 28.70 41.14
CA GLU K 180 8.69 28.73 41.88
C GLU K 180 9.88 28.76 40.94
N TYR K 181 9.75 28.15 39.78
CA TYR K 181 10.79 28.15 38.76
C TYR K 181 10.85 29.46 37.99
N GLY K 182 9.99 30.43 38.32
CA GLY K 182 9.98 31.69 37.62
C GLY K 182 9.38 31.65 36.24
N LEU K 183 8.84 30.51 35.85
CA LEU K 183 8.30 30.38 34.50
C LEU K 183 7.02 31.19 34.34
N VAL K 184 6.24 31.30 35.40
CA VAL K 184 5.02 32.10 35.42
C VAL K 184 5.04 32.95 36.68
N ASP K 185 3.98 33.73 36.86
CA ASP K 185 3.85 34.64 37.96
C ASP K 185 2.91 34.13 39.06
N SER K 186 1.70 33.74 38.69
CA SER K 186 0.75 33.26 39.67
C SER K 186 -0.15 32.23 39.03
N ILE K 187 -1.23 31.90 39.74
CA ILE K 187 -2.21 30.91 39.33
C ILE K 187 -3.59 31.56 39.35
N LEU K 188 -4.47 31.09 38.49
CA LEU K 188 -5.83 31.58 38.37
C LEU K 188 -6.80 30.50 38.82
N THR K 189 -7.17 30.55 40.10
CA THR K 189 -8.14 29.59 40.62
C THR K 189 -9.55 30.01 40.25
N HIS K 190 -9.90 31.27 40.52
CA HIS K 190 -11.21 31.81 40.21
C HIS K 190 -11.04 33.23 39.69
N ARG K 191 -11.96 33.63 38.80
CA ARG K 191 -11.88 34.95 38.20
C ARG K 191 -12.03 36.06 39.24
N ASN K 192 -12.97 35.90 40.16
CA ASN K 192 -13.18 36.93 41.18
C ASN K 192 -11.98 37.06 42.12
N GLU K 193 -11.38 35.93 42.50
CA GLU K 193 -10.25 35.96 43.43
C GLU K 193 -9.07 36.73 42.84
N ASN K 194 -8.79 36.54 41.55
CA ASN K 194 -7.68 37.19 40.88
C ASN K 194 -8.19 37.83 39.58
N LEU L 1 -8.66 27.32 10.36
CA LEU L 1 -9.71 28.30 10.13
C LEU L 1 -9.16 29.70 10.30
N VAL L 2 -9.87 30.69 9.77
CA VAL L 2 -9.46 32.09 9.81
C VAL L 2 -10.56 32.89 10.47
N PRO L 3 -10.27 33.69 11.50
CA PRO L 3 -11.34 34.47 12.13
C PRO L 3 -11.69 35.71 11.34
N MET L 4 -12.94 36.12 11.48
CA MET L 4 -13.48 37.29 10.81
C MET L 4 -13.45 38.50 11.74
N VAL L 5 -13.66 39.69 11.16
CA VAL L 5 -13.68 40.94 11.90
C VAL L 5 -14.64 41.89 11.18
N ILE L 6 -15.07 42.92 11.91
CA ILE L 6 -15.97 43.95 11.40
C ILE L 6 -15.29 45.30 11.57
N GLU L 7 -15.46 46.16 10.57
CA GLU L 7 -14.87 47.50 10.60
C GLU L 7 -15.81 48.51 11.24
N GLU L 13 -21.57 48.79 8.03
CA GLU L 13 -20.42 48.00 8.44
C GLU L 13 -20.11 46.93 7.40
N ARG L 14 -18.89 46.41 7.45
CA ARG L 14 -18.41 45.41 6.50
C ARG L 14 -17.76 44.26 7.26
N SER L 15 -17.71 43.10 6.60
CA SER L 15 -17.15 41.88 7.18
C SER L 15 -15.91 41.47 6.40
N PHE L 16 -14.83 41.18 7.14
CA PHE L 16 -13.55 40.81 6.55
C PHE L 16 -12.92 39.67 7.34
N ASP L 17 -12.04 38.94 6.67
CA ASP L 17 -11.23 37.96 7.37
C ASP L 17 -10.03 38.71 7.91
N ILE L 18 -9.25 38.05 8.79
CA ILE L 18 -8.13 38.74 9.42
C ILE L 18 -7.11 39.21 8.40
N TYR L 19 -6.77 38.37 7.42
CA TYR L 19 -5.78 38.75 6.44
C TYR L 19 -6.23 39.94 5.59
N SER L 20 -7.51 39.97 5.20
CA SER L 20 -8.02 41.07 4.41
C SER L 20 -7.95 42.38 5.16
N ARG L 21 -8.23 42.36 6.46
CA ARG L 21 -8.20 43.58 7.24
C ARG L 21 -6.82 44.17 7.25
N LEU L 22 -5.80 43.34 7.39
CA LEU L 22 -4.43 43.81 7.35
C LEU L 22 -4.09 44.36 5.98
N LEU L 23 -4.70 43.80 4.93
CA LEU L 23 -4.46 44.27 3.58
C LEU L 23 -4.85 45.74 3.43
N LYS L 24 -5.84 46.18 4.19
CA LYS L 24 -6.22 47.59 4.18
C LYS L 24 -5.05 48.44 4.63
N GLU L 25 -4.22 47.90 5.51
CA GLU L 25 -3.04 48.58 6.01
C GLU L 25 -1.81 48.27 5.18
N ARG L 26 -2.00 47.73 3.97
CA ARG L 26 -0.93 47.44 3.04
C ARG L 26 0.06 46.43 3.60
N VAL L 27 -0.45 45.41 4.27
CA VAL L 27 0.35 44.35 4.87
C VAL L 27 0.06 43.06 4.12
N ILE L 28 1.11 42.42 3.64
CA ILE L 28 1.04 41.16 2.93
C ILE L 28 1.83 40.14 3.72
N PHE L 29 1.41 38.89 3.65
CA PHE L 29 2.06 37.79 4.32
C PHE L 29 2.54 36.76 3.31
N LEU L 30 3.79 36.36 3.45
CA LEU L 30 4.43 35.37 2.61
C LEU L 30 4.81 34.25 3.57
N THR L 31 3.93 33.28 3.69
CA THR L 31 4.12 32.16 4.60
C THR L 31 4.11 30.85 3.83
N GLY L 32 4.84 29.87 4.35
CA GLY L 32 4.90 28.57 3.74
C GLY L 32 5.80 28.54 2.53
N GLN L 33 5.98 27.33 2.01
CA GLN L 33 6.84 27.13 0.86
C GLN L 33 6.30 27.92 -0.32
N VAL L 34 7.23 28.51 -1.07
CA VAL L 34 6.87 29.28 -2.24
C VAL L 34 6.39 28.35 -3.33
N GLU L 35 5.37 28.78 -4.06
CA GLU L 35 4.80 28.00 -5.15
C GLU L 35 4.06 28.95 -6.05
N ASP L 36 3.66 28.45 -7.21
CA ASP L 36 2.98 29.27 -8.19
C ASP L 36 1.68 29.85 -7.65
N HIS L 37 0.88 29.04 -6.98
CA HIS L 37 -0.42 29.51 -6.51
C HIS L 37 -0.31 30.58 -5.43
N MET L 38 0.55 30.38 -4.44
CA MET L 38 0.70 31.39 -3.41
C MET L 38 1.35 32.64 -3.95
N ALA L 39 2.33 32.48 -4.84
CA ALA L 39 3.03 33.62 -5.41
C ALA L 39 2.09 34.45 -6.25
N ASN L 40 1.21 33.80 -6.99
CA ASN L 40 0.25 34.52 -7.80
C ASN L 40 -0.65 35.36 -6.92
N LEU L 41 -1.06 34.79 -5.79
CA LEU L 41 -1.90 35.49 -4.83
C LEU L 41 -1.19 36.71 -4.29
N ILE L 42 0.08 36.57 -3.94
CA ILE L 42 0.87 37.67 -3.44
C ILE L 42 1.01 38.74 -4.51
N VAL L 43 1.24 38.31 -5.74
CA VAL L 43 1.36 39.23 -6.85
C VAL L 43 0.07 40.01 -7.03
N ALA L 44 -1.06 39.31 -6.90
CA ALA L 44 -2.35 39.96 -7.04
C ALA L 44 -2.55 41.02 -5.97
N GLN L 45 -2.13 40.74 -4.74
CA GLN L 45 -2.26 41.70 -3.67
C GLN L 45 -1.44 42.94 -3.96
N MET L 46 -0.22 42.77 -4.48
CA MET L 46 0.61 43.92 -4.78
C MET L 46 -0.02 44.81 -5.83
N LEU L 47 -0.54 44.21 -6.89
CA LEU L 47 -1.17 44.99 -7.95
C LEU L 47 -2.40 45.72 -7.43
N PHE L 48 -3.19 45.05 -6.59
CA PHE L 48 -4.37 45.69 -6.05
C PHE L 48 -4.00 46.88 -5.18
N LEU L 49 -2.98 46.72 -4.35
CA LEU L 49 -2.54 47.82 -3.49
C LEU L 49 -1.99 48.96 -4.32
N GLU L 50 -1.27 48.65 -5.40
CA GLU L 50 -0.74 49.70 -6.25
C GLU L 50 -1.84 50.51 -6.88
N ALA L 51 -2.91 49.85 -7.31
CA ALA L 51 -4.03 50.56 -7.91
C ALA L 51 -4.75 51.42 -6.88
N GLU L 52 -4.91 50.91 -5.67
CA GLU L 52 -5.59 51.65 -4.62
C GLU L 52 -4.82 52.90 -4.24
N ASN L 53 -3.52 52.77 -4.00
CA ASN L 53 -2.67 53.91 -3.62
C ASN L 53 -1.26 53.58 -4.05
N PRO L 54 -0.81 54.05 -5.22
CA PRO L 54 0.55 53.76 -5.67
C PRO L 54 1.64 54.56 -4.99
N GLU L 55 1.33 55.38 -4.00
CA GLU L 55 2.32 56.19 -3.30
C GLU L 55 2.65 55.69 -1.90
N LYS L 56 1.79 54.89 -1.29
CA LYS L 56 2.03 54.39 0.05
C LYS L 56 2.85 53.10 -0.01
N ASP L 57 3.77 52.97 0.93
CA ASP L 57 4.63 51.79 0.97
C ASP L 57 3.85 50.56 1.36
N ILE L 58 4.34 49.42 0.91
CA ILE L 58 3.75 48.12 1.19
C ILE L 58 4.68 47.40 2.14
N TYR L 59 4.09 46.54 2.97
CA TYR L 59 4.83 45.75 3.95
C TYR L 59 4.60 44.27 3.62
N LEU L 60 5.69 43.51 3.61
CA LEU L 60 5.66 42.10 3.29
C LEU L 60 6.39 41.35 4.38
N TYR L 61 5.66 40.54 5.13
CA TYR L 61 6.24 39.75 6.21
C TYR L 61 6.59 38.39 5.62
N ILE L 62 7.79 37.91 5.94
CA ILE L 62 8.32 36.69 5.36
C ILE L 62 8.68 35.68 6.43
N ASN L 63 8.02 34.54 6.40
CA ASN L 63 8.31 33.39 7.26
C ASN L 63 8.12 32.20 6.33
N SER L 64 9.20 31.70 5.73
CA SER L 64 9.03 30.58 4.83
C SER L 64 10.32 29.80 4.68
N PRO L 65 10.24 28.49 4.42
CA PRO L 65 11.44 27.70 4.19
C PRO L 65 11.89 27.68 2.73
N GLY L 66 11.35 28.55 1.90
CA GLY L 66 11.74 28.64 0.52
C GLY L 66 10.91 27.76 -0.37
N GLY L 67 11.26 27.80 -1.66
CA GLY L 67 10.55 26.98 -2.60
C GLY L 67 11.01 27.14 -4.03
N VAL L 68 10.03 27.10 -4.93
CA VAL L 68 10.32 27.24 -6.35
C VAL L 68 10.95 28.59 -6.61
N ILE L 69 11.81 28.64 -7.61
CA ILE L 69 12.49 29.87 -7.96
C ILE L 69 11.66 30.70 -8.92
N THR L 70 11.00 30.06 -9.88
CA THR L 70 10.17 30.78 -10.84
C THR L 70 9.10 31.59 -10.13
N ALA L 71 8.48 31.00 -9.12
CA ALA L 71 7.47 31.70 -8.35
C ALA L 71 8.09 32.89 -7.63
N GLY L 72 9.25 32.69 -7.03
CA GLY L 72 9.92 33.78 -6.34
C GLY L 72 10.30 34.91 -7.28
N MET L 73 10.74 34.56 -8.49
CA MET L 73 11.13 35.59 -9.44
C MET L 73 9.95 36.45 -9.83
N SER L 74 8.76 35.85 -9.90
CA SER L 74 7.57 36.62 -10.24
C SER L 74 7.32 37.67 -9.16
N ILE L 75 7.43 37.25 -7.91
CA ILE L 75 7.25 38.19 -6.80
C ILE L 75 8.33 39.25 -6.83
N TYR L 76 9.57 38.85 -7.10
CA TYR L 76 10.68 39.80 -7.12
C TYR L 76 10.50 40.82 -8.23
N ASP L 77 10.19 40.36 -9.43
CA ASP L 77 10.00 41.25 -10.56
C ASP L 77 8.84 42.19 -10.32
N THR L 78 7.79 41.69 -9.69
CA THR L 78 6.62 42.51 -9.41
C THR L 78 6.96 43.61 -8.42
N MET L 79 7.72 43.30 -7.38
CA MET L 79 8.07 44.29 -6.39
C MET L 79 8.90 45.40 -7.00
N GLN L 80 9.77 45.06 -7.94
CA GLN L 80 10.59 46.05 -8.62
C GLN L 80 9.81 46.78 -9.69
N PHE L 81 8.77 46.13 -10.24
CA PHE L 81 7.97 46.73 -11.29
C PHE L 81 7.07 47.85 -10.77
N ILE L 82 6.41 47.62 -9.67
CA ILE L 82 5.47 48.59 -9.13
C ILE L 82 6.19 49.75 -8.46
N LYS L 83 5.55 50.91 -8.51
CA LYS L 83 6.10 52.13 -7.93
C LYS L 83 6.25 52.08 -6.41
N PRO L 84 5.28 51.58 -5.64
CA PRO L 84 5.44 51.63 -4.19
C PRO L 84 6.60 50.80 -3.69
N ASP L 85 7.31 51.37 -2.73
CA ASP L 85 8.42 50.65 -2.13
C ASP L 85 7.84 49.54 -1.28
N VAL L 86 8.51 48.39 -1.29
CA VAL L 86 8.08 47.22 -0.53
C VAL L 86 9.05 47.02 0.61
N SER L 87 8.54 47.14 1.84
CA SER L 87 9.35 46.93 3.02
C SER L 87 9.22 45.47 3.40
N THR L 88 10.31 44.73 3.32
CA THR L 88 10.29 43.33 3.67
C THR L 88 10.69 43.15 5.12
N ILE L 89 10.00 42.24 5.80
CA ILE L 89 10.27 41.91 7.18
C ILE L 89 10.38 40.41 7.30
N CYS L 90 11.32 39.96 8.12
CA CYS L 90 11.60 38.54 8.35
C CYS L 90 11.14 38.15 9.73
N MET L 91 10.28 37.15 9.79
CA MET L 91 9.77 36.61 11.03
C MET L 91 10.02 35.11 11.04
N GLY L 92 10.67 34.64 12.08
CA GLY L 92 10.99 33.24 12.21
C GLY L 92 12.14 32.82 11.34
N GLN L 93 11.96 32.83 10.02
CA GLN L 93 13.08 32.48 9.16
C GLN L 93 12.83 32.90 7.73
N ALA L 94 13.94 33.08 7.03
CA ALA L 94 13.97 33.36 5.61
C ALA L 94 14.94 32.38 4.97
N ALA L 95 14.45 31.60 4.04
CA ALA L 95 15.25 30.62 3.33
C ALA L 95 15.83 31.25 2.07
N SER L 96 16.39 30.44 1.18
CA SER L 96 17.04 30.95 -0.01
C SER L 96 16.12 31.85 -0.82
N MET L 97 14.93 31.38 -1.14
CA MET L 97 14.02 32.26 -1.87
C MET L 97 13.48 33.35 -0.98
N GLY L 98 13.17 33.03 0.28
CA GLY L 98 12.68 34.05 1.18
C GLY L 98 13.70 35.13 1.42
N ALA L 99 14.97 34.74 1.56
CA ALA L 99 16.04 35.70 1.76
C ALA L 99 16.22 36.56 0.52
N PHE L 100 16.09 35.95 -0.64
CA PHE L 100 16.22 36.69 -1.89
C PHE L 100 15.15 37.76 -1.97
N LEU L 101 13.94 37.43 -1.57
CA LEU L 101 12.86 38.40 -1.55
C LEU L 101 13.06 39.42 -0.44
N LEU L 102 13.61 38.99 0.68
CA LEU L 102 13.86 39.88 1.80
C LEU L 102 14.85 40.96 1.41
N THR L 103 16.01 40.56 0.93
CA THR L 103 17.03 41.50 0.50
C THR L 103 16.58 42.31 -0.71
N ALA L 104 15.58 41.83 -1.43
CA ALA L 104 15.09 42.53 -2.61
C ALA L 104 14.18 43.69 -2.28
N GLY L 105 13.85 43.89 -1.01
CA GLY L 105 13.02 45.00 -0.63
C GLY L 105 13.66 46.33 -0.93
N ALA L 106 12.89 47.38 -0.70
CA ALA L 106 13.36 48.73 -0.92
C ALA L 106 14.54 49.03 -0.03
N LYS L 107 15.57 49.65 -0.62
CA LYS L 107 16.76 50.01 0.13
C LYS L 107 16.39 50.90 1.30
N GLY L 108 16.84 50.51 2.48
CA GLY L 108 16.55 51.19 3.71
C GLY L 108 15.25 50.80 4.36
N LYS L 109 14.50 49.87 3.76
CA LYS L 109 13.23 49.41 4.32
C LYS L 109 13.20 47.89 4.48
N ARG L 110 14.36 47.25 4.60
CA ARG L 110 14.44 45.82 4.82
C ARG L 110 14.75 45.61 6.29
N PHE L 111 13.96 44.76 6.94
CA PHE L 111 14.11 44.52 8.36
C PHE L 111 14.05 43.05 8.71
N CYS L 112 14.53 42.75 9.90
CA CYS L 112 14.50 41.44 10.49
C CYS L 112 14.24 41.60 11.97
N LEU L 113 13.48 40.69 12.52
CA LEU L 113 13.21 40.73 13.93
C LEU L 113 14.42 40.17 14.67
N PRO L 114 14.59 40.52 15.94
CA PRO L 114 15.79 40.09 16.68
C PRO L 114 16.13 38.61 16.67
N ASN L 115 15.16 37.71 16.81
CA ASN L 115 15.42 36.29 16.88
C ASN L 115 15.14 35.57 15.57
N SER L 116 15.03 36.31 14.48
CA SER L 116 14.83 35.70 13.18
C SER L 116 16.13 35.09 12.70
N ARG L 117 16.04 34.36 11.59
CA ARG L 117 17.19 33.70 11.01
C ARG L 117 17.07 33.74 9.51
N VAL L 118 18.20 33.60 8.85
CA VAL L 118 18.27 33.62 7.39
C VAL L 118 19.16 32.50 6.93
N MET L 119 18.80 31.92 5.80
CA MET L 119 19.54 30.84 5.18
C MET L 119 19.65 31.10 3.69
N ILE L 120 20.86 31.11 3.17
CA ILE L 120 21.09 31.31 1.75
C ILE L 120 21.87 30.11 1.23
N HIS L 121 21.45 29.63 0.07
CA HIS L 121 22.11 28.51 -0.56
C HIS L 121 21.89 28.62 -2.06
N GLN L 122 22.50 27.73 -2.78
CA GLN L 122 22.36 27.75 -4.22
C GLN L 122 21.14 26.93 -4.64
N PRO L 123 20.63 27.17 -5.84
CA PRO L 123 19.44 26.45 -6.30
C PRO L 123 19.56 24.94 -6.24
N LEU L 124 18.39 24.31 -6.15
CA LEU L 124 18.24 22.86 -6.11
C LEU L 124 17.38 22.44 -7.28
N GLY L 125 17.87 21.50 -8.06
CA GLY L 125 17.13 21.03 -9.21
C GLY L 125 17.57 19.66 -9.63
N GLY L 126 16.68 18.97 -10.31
CA GLY L 126 17.00 17.66 -10.82
C GLY L 126 16.27 17.36 -12.11
N TYR L 127 16.91 16.56 -12.95
CA TYR L 127 16.34 16.12 -14.21
C TYR L 127 16.76 14.70 -14.51
N GLN L 128 15.85 13.94 -15.08
CA GLN L 128 16.08 12.57 -15.49
C GLN L 128 15.77 12.48 -16.97
N GLY L 129 16.69 11.91 -17.74
CA GLY L 129 16.47 11.79 -19.16
C GLY L 129 17.78 11.51 -19.88
N GLN L 130 17.74 11.78 -21.18
CA GLN L 130 18.89 11.60 -22.03
C GLN L 130 19.98 12.60 -21.69
N ALA L 131 21.22 12.22 -22.00
CA ALA L 131 22.36 13.07 -21.72
C ALA L 131 22.23 14.43 -22.39
N THR L 132 21.63 14.49 -23.57
CA THR L 132 21.45 15.76 -24.25
C THR L 132 20.55 16.68 -23.45
N ASP L 133 19.40 16.18 -23.03
CA ASP L 133 18.47 16.97 -22.22
C ASP L 133 19.10 17.38 -20.91
N ILE L 134 19.95 16.54 -20.34
CA ILE L 134 20.61 16.85 -19.08
C ILE L 134 21.48 18.07 -19.22
N GLU L 135 22.25 18.14 -20.31
CA GLU L 135 23.14 19.27 -20.52
C GLU L 135 22.35 20.57 -20.60
N ILE L 136 21.21 20.54 -21.26
CA ILE L 136 20.38 21.73 -21.38
C ILE L 136 19.92 22.21 -20.01
N HIS L 137 19.31 21.30 -19.25
CA HIS L 137 18.81 21.66 -17.93
C HIS L 137 19.94 22.04 -17.00
N ALA L 138 21.06 21.35 -17.09
CA ALA L 138 22.21 21.67 -16.26
C ALA L 138 22.72 23.07 -16.56
N ARG L 139 22.79 23.44 -17.83
CA ARG L 139 23.23 24.77 -18.17
C ARG L 139 22.25 25.82 -17.67
N GLU L 140 20.96 25.53 -17.80
CA GLU L 140 19.94 26.49 -17.39
C GLU L 140 19.96 26.79 -15.91
N ILE L 141 20.11 25.76 -15.07
CA ILE L 141 20.11 25.99 -13.64
C ILE L 141 21.32 26.81 -13.24
N LEU L 142 22.46 26.58 -13.88
CA LEU L 142 23.66 27.34 -13.59
C LEU L 142 23.44 28.81 -13.92
N LYS L 143 22.75 29.08 -15.03
CA LYS L 143 22.44 30.46 -15.37
C LYS L 143 21.56 31.08 -14.30
N VAL L 144 20.60 30.31 -13.80
CA VAL L 144 19.74 30.78 -12.74
C VAL L 144 20.55 31.06 -11.49
N LYS L 145 21.53 30.20 -11.22
CA LYS L 145 22.40 30.40 -10.08
C LYS L 145 23.20 31.69 -10.23
N GLY L 146 23.72 31.92 -11.43
CA GLY L 146 24.47 33.13 -11.68
C GLY L 146 23.60 34.37 -11.58
N ARG L 147 22.42 34.32 -12.17
CA ARG L 147 21.52 35.46 -12.15
C ARG L 147 21.10 35.79 -10.73
N MET L 148 20.77 34.77 -9.93
CA MET L 148 20.39 35.02 -8.55
C MET L 148 21.53 35.62 -7.75
N ASN L 149 22.75 35.12 -7.95
CA ASN L 149 23.89 35.63 -7.23
C ASN L 149 24.17 37.08 -7.58
N GLU L 150 24.01 37.45 -8.86
CA GLU L 150 24.21 38.82 -9.27
C GLU L 150 23.25 39.75 -8.55
N LEU L 151 21.99 39.35 -8.47
CA LEU L 151 20.98 40.15 -7.79
C LEU L 151 21.28 40.26 -6.31
N MET L 152 21.71 39.17 -5.69
CA MET L 152 22.02 39.19 -4.27
C MET L 152 23.17 40.15 -4.00
N ALA L 153 24.15 40.16 -4.89
CA ALA L 153 25.29 41.05 -4.74
C ALA L 153 24.86 42.49 -4.88
N LEU L 154 23.94 42.76 -5.80
CA LEU L 154 23.48 44.11 -6.03
C LEU L 154 22.75 44.66 -4.81
N HIS L 155 21.82 43.90 -4.26
CA HIS L 155 21.06 44.36 -3.12
C HIS L 155 21.90 44.41 -1.85
N THR L 156 22.65 43.34 -1.58
CA THR L 156 23.49 43.29 -0.39
C THR L 156 24.66 44.26 -0.48
N GLY L 157 25.21 44.42 -1.67
CA GLY L 157 26.37 45.23 -1.88
C GLY L 157 27.66 44.47 -1.77
N GLN L 158 27.58 43.16 -1.51
CA GLN L 158 28.73 42.29 -1.45
C GLN L 158 29.22 42.01 -2.86
N SER L 159 30.49 41.63 -2.97
CA SER L 159 31.02 41.30 -4.28
C SER L 159 30.45 39.98 -4.73
N LEU L 160 30.36 39.82 -6.05
CA LEU L 160 29.82 38.60 -6.62
C LEU L 160 30.65 37.39 -6.22
N GLU L 161 31.97 37.54 -6.17
CA GLU L 161 32.83 36.44 -5.80
C GLU L 161 32.55 35.95 -4.39
N GLN L 162 32.33 36.89 -3.47
CA GLN L 162 32.05 36.52 -2.09
C GLN L 162 30.74 35.75 -1.98
N ILE L 163 29.73 36.18 -2.74
CA ILE L 163 28.43 35.52 -2.71
C ILE L 163 28.54 34.08 -3.18
N GLU L 164 29.35 33.85 -4.21
CA GLU L 164 29.49 32.50 -4.73
C GLU L 164 30.08 31.56 -3.69
N ARG L 165 31.07 32.03 -2.94
CA ARG L 165 31.67 31.19 -1.91
C ARG L 165 30.66 30.88 -0.81
N ASP L 166 29.94 31.88 -0.36
CA ASP L 166 28.98 31.72 0.73
C ASP L 166 27.80 30.84 0.34
N THR L 167 27.32 30.94 -0.89
CA THR L 167 26.17 30.17 -1.32
C THR L 167 26.51 28.77 -1.79
N GLU L 168 27.80 28.41 -1.88
CA GLU L 168 28.17 27.05 -2.28
C GLU L 168 27.56 26.00 -1.36
N ARG L 169 27.23 26.39 -0.14
CA ARG L 169 26.62 25.51 0.82
C ARG L 169 25.71 26.34 1.70
N ASP L 170 24.78 25.68 2.37
CA ASP L 170 23.85 26.34 3.26
C ASP L 170 24.59 27.17 4.30
N ARG L 171 24.27 28.45 4.35
CA ARG L 171 24.88 29.39 5.27
C ARG L 171 23.76 30.05 6.05
N PHE L 172 23.85 29.98 7.37
CA PHE L 172 22.86 30.55 8.25
C PHE L 172 23.36 31.87 8.79
N LEU L 173 22.42 32.78 9.01
CA LEU L 173 22.74 34.10 9.49
C LEU L 173 21.63 34.58 10.40
N SER L 174 22.02 35.15 11.52
CA SER L 174 21.08 35.74 12.44
C SER L 174 20.81 37.15 11.98
N ALA L 175 19.87 37.80 12.67
CA ALA L 175 19.55 39.20 12.36
C ALA L 175 20.77 40.10 12.35
N PRO L 176 21.65 40.09 13.36
CA PRO L 176 22.84 40.95 13.31
C PRO L 176 23.77 40.63 12.17
N GLU L 177 24.06 39.35 11.94
CA GLU L 177 24.95 38.97 10.86
C GLU L 177 24.40 39.42 9.52
N ALA L 178 23.10 39.30 9.33
CA ALA L 178 22.47 39.71 8.08
C ALA L 178 22.68 41.19 7.84
N VAL L 179 22.67 41.99 8.90
CA VAL L 179 22.88 43.42 8.77
C VAL L 179 24.28 43.70 8.27
N GLU L 180 25.28 43.01 8.83
CA GLU L 180 26.65 43.21 8.40
C GLU L 180 26.85 42.68 6.99
N TYR L 181 26.15 41.61 6.66
CA TYR L 181 26.19 41.05 5.33
C TYR L 181 25.55 41.99 4.33
N GLY L 182 24.52 42.71 4.78
CA GLY L 182 23.78 43.64 3.96
C GLY L 182 22.46 43.14 3.46
N LEU L 183 22.01 41.97 3.90
CA LEU L 183 20.72 41.47 3.48
C LEU L 183 19.60 42.37 3.96
N VAL L 184 19.69 42.84 5.20
CA VAL L 184 18.67 43.71 5.78
C VAL L 184 19.32 44.95 6.37
N ASP L 185 18.61 46.07 6.26
CA ASP L 185 19.10 47.35 6.74
C ASP L 185 19.19 47.43 8.26
N SER L 186 18.17 46.98 8.98
CA SER L 186 18.17 47.15 10.42
C SER L 186 17.23 46.15 11.10
N ILE L 187 17.37 46.08 12.42
CA ILE L 187 16.61 45.18 13.28
C ILE L 187 15.54 45.96 14.03
N LEU L 188 14.31 45.45 13.98
CA LEU L 188 13.17 46.06 14.66
C LEU L 188 13.01 45.46 16.06
N THR L 189 13.67 46.05 17.05
CA THR L 189 13.51 45.57 18.41
C THR L 189 12.12 45.88 18.96
N HIS L 190 11.64 47.11 18.74
CA HIS L 190 10.34 47.54 19.22
C HIS L 190 9.74 48.52 18.22
N ARG L 191 8.40 48.56 18.20
CA ARG L 191 7.70 49.47 17.29
C ARG L 191 8.00 50.92 17.61
N ASN L 192 7.93 51.28 18.90
CA ASN L 192 8.16 52.67 19.30
C ASN L 192 9.59 53.11 19.03
N GLU L 193 10.55 52.22 19.25
CA GLU L 193 11.96 52.57 19.04
C GLU L 193 12.21 52.97 17.58
N ASN L 194 11.61 52.25 16.64
CA ASN L 194 11.77 52.53 15.22
C ASN L 194 10.42 52.86 14.63
N LEU M 1 -5.97 30.28 0.96
CA LEU M 1 -7.05 31.22 1.19
C LEU M 1 -6.96 32.37 0.20
N VAL M 2 -8.11 32.98 -0.11
CA VAL M 2 -8.19 34.09 -1.04
C VAL M 2 -8.71 35.32 -0.30
N PRO M 3 -7.90 36.39 -0.15
CA PRO M 3 -8.41 37.60 0.52
C PRO M 3 -9.66 38.18 -0.09
N MET M 4 -10.32 39.08 0.65
CA MET M 4 -11.54 39.73 0.21
C MET M 4 -11.37 41.24 0.33
N VAL M 5 -12.01 41.96 -0.60
CA VAL M 5 -11.99 43.42 -0.65
C VAL M 5 -13.42 43.91 -0.80
N ILE M 6 -13.67 45.12 -0.29
CA ILE M 6 -14.97 45.77 -0.37
C ILE M 6 -14.86 46.98 -1.28
N GLU M 7 -15.75 47.06 -2.26
CA GLU M 7 -15.77 48.18 -3.19
C GLU M 7 -17.07 48.14 -4.01
N ARG M 14 -18.59 45.35 -3.86
CA ARG M 14 -18.70 44.85 -2.50
C ARG M 14 -18.48 43.34 -2.43
N SER M 15 -17.82 42.91 -1.35
CA SER M 15 -17.55 41.49 -1.08
C SER M 15 -16.84 40.79 -2.24
N PHE M 16 -15.81 41.45 -2.79
CA PHE M 16 -15.03 40.91 -3.89
C PHE M 16 -13.80 40.17 -3.39
N ASP M 17 -13.51 39.01 -3.99
CA ASP M 17 -12.25 38.36 -3.71
C ASP M 17 -11.17 39.11 -4.48
N ILE M 18 -9.92 38.86 -4.11
CA ILE M 18 -8.79 39.59 -4.71
C ILE M 18 -8.73 39.38 -6.22
N TYR M 19 -9.05 38.17 -6.69
CA TYR M 19 -8.94 37.91 -8.12
C TYR M 19 -10.04 38.62 -8.91
N SER M 20 -11.25 38.67 -8.38
CA SER M 20 -12.34 39.35 -9.08
C SER M 20 -12.09 40.84 -9.19
N ARG M 21 -11.53 41.44 -8.15
CA ARG M 21 -11.27 42.87 -8.18
C ARG M 21 -10.34 43.21 -9.33
N LEU M 22 -9.32 42.39 -9.52
CA LEU M 22 -8.42 42.57 -10.64
C LEU M 22 -9.15 42.37 -11.96
N LEU M 23 -10.07 41.41 -11.99
CA LEU M 23 -10.87 41.17 -13.19
C LEU M 23 -11.62 42.43 -13.57
N LYS M 24 -12.10 43.16 -12.57
CA LYS M 24 -12.74 44.45 -12.83
C LYS M 24 -11.82 45.38 -13.58
N GLU M 25 -10.51 45.20 -13.43
CA GLU M 25 -9.49 45.97 -14.13
C GLU M 25 -8.99 45.26 -15.38
N ARG M 26 -9.73 44.25 -15.85
CA ARG M 26 -9.38 43.52 -17.06
C ARG M 26 -8.03 42.84 -16.92
N VAL M 27 -7.90 42.03 -15.87
CA VAL M 27 -6.69 41.30 -15.57
C VAL M 27 -7.05 39.86 -15.27
N ILE M 28 -6.40 38.95 -15.97
CA ILE M 28 -6.63 37.52 -15.84
C ILE M 28 -5.30 36.88 -15.49
N PHE M 29 -5.37 35.79 -14.74
CA PHE M 29 -4.21 35.04 -14.31
C PHE M 29 -4.29 33.63 -14.86
N LEU M 30 -3.18 33.17 -15.41
CA LEU M 30 -3.04 31.84 -15.96
C LEU M 30 -1.90 31.24 -15.17
N THR M 31 -2.26 30.58 -14.08
CA THR M 31 -1.30 29.97 -13.17
C THR M 31 -1.50 28.48 -13.11
N GLY M 32 -0.40 27.78 -12.86
CA GLY M 32 -0.44 26.34 -12.75
C GLY M 32 -0.53 25.67 -14.10
N GLN M 33 -0.50 24.33 -14.04
CA GLN M 33 -0.61 23.53 -15.24
C GLN M 33 -1.89 23.86 -15.99
N VAL M 34 -1.81 23.77 -17.32
CA VAL M 34 -2.93 24.06 -18.19
C VAL M 34 -3.76 22.79 -18.32
N GLU M 35 -4.93 22.80 -17.73
CA GLU M 35 -5.89 21.71 -17.78
C GLU M 35 -7.16 22.23 -18.44
N ASP M 36 -8.20 21.41 -18.47
CA ASP M 36 -9.44 21.80 -19.13
C ASP M 36 -10.28 22.73 -18.28
N HIS M 37 -10.32 22.48 -16.97
CA HIS M 37 -11.16 23.30 -16.10
C HIS M 37 -10.63 24.72 -15.96
N MET M 38 -9.35 24.87 -15.65
CA MET M 38 -8.77 26.21 -15.54
C MET M 38 -8.87 26.94 -16.86
N ALA M 39 -8.68 26.24 -17.96
CA ALA M 39 -8.77 26.85 -19.27
C ALA M 39 -10.18 27.33 -19.55
N ASN M 40 -11.16 26.51 -19.19
CA ASN M 40 -12.54 26.91 -19.36
C ASN M 40 -12.85 28.12 -18.52
N LEU M 41 -12.23 28.22 -17.35
CA LEU M 41 -12.42 29.35 -16.47
C LEU M 41 -11.87 30.61 -17.12
N ILE M 42 -10.69 30.51 -17.71
CA ILE M 42 -10.07 31.64 -18.40
C ILE M 42 -10.92 32.06 -19.57
N VAL M 43 -11.48 31.09 -20.28
CA VAL M 43 -12.33 31.38 -21.42
C VAL M 43 -13.55 32.16 -20.98
N ALA M 44 -14.14 31.74 -19.86
CA ALA M 44 -15.31 32.43 -19.34
C ALA M 44 -14.99 33.88 -19.01
N GLN M 45 -13.81 34.11 -18.43
CA GLN M 45 -13.42 35.47 -18.07
C GLN M 45 -13.29 36.34 -19.30
N MET M 46 -12.66 35.83 -20.36
CA MET M 46 -12.48 36.61 -21.58
C MET M 46 -13.81 37.00 -22.19
N LEU M 47 -14.74 36.05 -22.25
CA LEU M 47 -16.05 36.33 -22.81
C LEU M 47 -16.79 37.36 -21.97
N PHE M 48 -16.68 37.24 -20.65
CA PHE M 48 -17.33 38.20 -19.76
C PHE M 48 -16.76 39.60 -19.96
N LEU M 49 -15.44 39.70 -20.05
CA LEU M 49 -14.81 40.98 -20.29
C LEU M 49 -15.20 41.55 -21.63
N GLU M 50 -15.28 40.69 -22.64
CA GLU M 50 -15.67 41.14 -23.97
C GLU M 50 -17.08 41.70 -23.95
N ALA M 51 -17.99 41.02 -23.28
CA ALA M 51 -19.37 41.48 -23.19
C ALA M 51 -19.46 42.79 -22.45
N GLU M 52 -18.64 42.96 -21.42
CA GLU M 52 -18.66 44.18 -20.63
C GLU M 52 -18.13 45.37 -21.44
N ASN M 53 -16.98 45.20 -22.08
CA ASN M 53 -16.37 46.24 -22.89
C ASN M 53 -15.51 45.59 -23.95
N PRO M 54 -16.01 45.41 -25.18
CA PRO M 54 -15.22 44.76 -26.22
C PRO M 54 -14.19 45.65 -26.89
N GLU M 55 -13.91 46.84 -26.36
CA GLU M 55 -12.94 47.75 -26.95
C GLU M 55 -11.72 47.99 -26.07
N LYS M 56 -11.78 47.59 -24.80
CA LYS M 56 -10.65 47.76 -23.89
C LYS M 56 -9.76 46.53 -23.93
N ASP M 57 -8.47 46.76 -23.74
CA ASP M 57 -7.50 45.68 -23.77
C ASP M 57 -7.60 44.82 -22.53
N ILE M 58 -7.23 43.55 -22.70
CA ILE M 58 -7.24 42.58 -21.63
C ILE M 58 -5.79 42.25 -21.33
N TYR M 59 -5.52 41.94 -20.06
CA TYR M 59 -4.19 41.59 -19.59
C TYR M 59 -4.24 40.19 -19.03
N LEU M 60 -3.31 39.36 -19.48
CA LEU M 60 -3.22 37.96 -19.07
C LEU M 60 -1.81 37.72 -18.57
N TYR M 61 -1.69 37.42 -17.29
CA TYR M 61 -0.40 37.16 -16.66
C TYR M 61 -0.19 35.66 -16.71
N ILE M 62 1.01 35.24 -17.11
CA ILE M 62 1.32 33.84 -17.34
C ILE M 62 2.48 33.38 -16.49
N ASN M 63 2.22 32.40 -15.63
CA ASN M 63 3.22 31.72 -14.81
C ASN M 63 2.77 30.28 -14.84
N SER M 64 3.32 29.48 -15.75
CA SER M 64 2.87 28.11 -15.85
C SER M 64 3.88 27.11 -16.38
N PRO M 65 3.89 25.87 -15.88
CA PRO M 65 4.79 24.86 -16.43
C PRO M 65 4.23 24.09 -17.61
N GLY M 66 3.13 24.56 -18.19
CA GLY M 66 2.55 23.92 -19.34
C GLY M 66 1.50 22.91 -18.97
N GLY M 67 0.92 22.31 -20.00
CA GLY M 67 -0.04 21.27 -19.77
C GLY M 67 -0.63 20.70 -21.04
N VAL M 68 -1.92 20.37 -20.96
CA VAL M 68 -2.61 19.81 -22.10
C VAL M 68 -2.60 20.82 -23.24
N ILE M 69 -2.58 20.32 -24.46
CA ILE M 69 -2.57 21.18 -25.63
C ILE M 69 -3.97 21.61 -26.02
N THR M 70 -4.93 20.70 -25.91
CA THR M 70 -6.32 21.00 -26.25
C THR M 70 -6.83 22.18 -25.44
N ALA M 71 -6.51 22.20 -24.15
CA ALA M 71 -6.90 23.31 -23.30
C ALA M 71 -6.24 24.59 -23.76
N GLY M 72 -4.97 24.53 -24.09
CA GLY M 72 -4.27 25.70 -24.58
C GLY M 72 -4.86 26.24 -25.87
N MET M 73 -5.28 25.35 -26.75
CA MET M 73 -5.86 25.79 -28.01
C MET M 73 -7.17 26.51 -27.77
N SER M 74 -7.95 26.08 -26.78
CA SER M 74 -9.20 26.76 -26.49
C SER M 74 -8.92 28.20 -26.08
N ILE M 75 -7.93 28.38 -25.21
CA ILE M 75 -7.57 29.72 -24.79
C ILE M 75 -7.04 30.52 -25.97
N TYR M 76 -6.21 29.90 -26.80
CA TYR M 76 -5.64 30.60 -27.95
C TYR M 76 -6.71 31.02 -28.94
N ASP M 77 -7.61 30.10 -29.27
CA ASP M 77 -8.67 30.40 -30.22
C ASP M 77 -9.58 31.48 -29.70
N THR M 78 -9.83 31.47 -28.39
CA THR M 78 -10.69 32.47 -27.79
C THR M 78 -10.04 33.85 -27.87
N MET M 79 -8.74 33.93 -27.62
CA MET M 79 -8.05 35.20 -27.67
C MET M 79 -8.07 35.77 -29.08
N GLN M 80 -7.87 34.93 -30.08
CA GLN M 80 -7.89 35.36 -31.45
C GLN M 80 -9.30 35.57 -31.98
N PHE M 81 -10.32 35.09 -31.26
CA PHE M 81 -11.70 35.22 -31.68
C PHE M 81 -12.31 36.53 -31.20
N ILE M 82 -12.15 36.83 -29.93
CA ILE M 82 -12.68 38.06 -29.38
C ILE M 82 -12.00 39.27 -30.01
N LYS M 83 -12.67 40.39 -29.92
CA LYS M 83 -12.19 41.65 -30.48
C LYS M 83 -11.11 42.31 -29.64
N PRO M 84 -11.23 42.34 -28.32
CA PRO M 84 -10.18 42.95 -27.49
C PRO M 84 -8.80 42.38 -27.74
N ASP M 85 -7.80 43.24 -27.58
CA ASP M 85 -6.41 42.84 -27.71
C ASP M 85 -5.97 42.28 -26.36
N VAL M 86 -5.53 41.03 -26.37
CA VAL M 86 -5.12 40.34 -25.16
C VAL M 86 -3.61 40.52 -24.98
N SER M 87 -3.23 41.40 -24.06
CA SER M 87 -1.84 41.63 -23.75
C SER M 87 -1.35 40.54 -22.81
N THR M 88 -0.39 39.75 -23.26
CA THR M 88 0.15 38.67 -22.46
C THR M 88 1.41 39.13 -21.75
N ILE M 89 1.55 38.72 -20.50
CA ILE M 89 2.70 39.05 -19.68
C ILE M 89 3.19 37.76 -19.04
N CYS M 90 4.51 37.62 -18.96
CA CYS M 90 5.17 36.44 -18.42
C CYS M 90 5.78 36.75 -17.07
N MET M 91 5.39 35.99 -16.06
CA MET M 91 5.90 36.13 -14.71
C MET M 91 6.43 34.78 -14.26
N GLY M 92 7.68 34.76 -13.85
CA GLY M 92 8.31 33.56 -13.39
C GLY M 92 8.70 32.64 -14.50
N GLN M 93 7.73 32.06 -15.20
CA GLN M 93 8.09 31.21 -16.32
C GLN M 93 6.92 31.00 -17.25
N ALA M 94 7.28 30.68 -18.50
CA ALA M 94 6.35 30.30 -19.54
C ALA M 94 6.89 29.03 -20.15
N ALA M 95 6.11 27.98 -20.09
CA ALA M 95 6.44 26.67 -20.63
C ALA M 95 5.95 26.57 -22.06
N SER M 96 5.97 25.36 -22.61
CA SER M 96 5.59 25.17 -24.00
C SER M 96 4.20 25.71 -24.30
N MET M 97 3.20 25.33 -23.51
CA MET M 97 1.89 25.89 -23.75
C MET M 97 1.82 27.34 -23.30
N GLY M 98 2.49 27.67 -22.20
CA GLY M 98 2.50 29.04 -21.75
C GLY M 98 3.14 29.97 -22.77
N ALA M 99 4.24 29.51 -23.37
CA ALA M 99 4.93 30.31 -24.38
C ALA M 99 4.08 30.47 -25.61
N PHE M 100 3.33 29.44 -25.96
CA PHE M 100 2.45 29.52 -27.12
C PHE M 100 1.38 30.56 -26.90
N LEU M 101 0.84 30.62 -25.70
CA LEU M 101 -0.16 31.62 -25.39
C LEU M 101 0.46 32.99 -25.25
N LEU M 102 1.70 33.05 -24.74
CA LEU M 102 2.38 34.32 -24.59
C LEU M 102 2.60 34.98 -25.94
N THR M 103 3.22 34.25 -26.86
CA THR M 103 3.46 34.77 -28.19
C THR M 103 2.18 35.01 -28.97
N ALA M 104 1.07 34.43 -28.53
CA ALA M 104 -0.20 34.61 -29.21
C ALA M 104 -0.89 35.90 -28.84
N GLY M 105 -0.36 36.66 -27.91
CA GLY M 105 -0.95 37.92 -27.55
C GLY M 105 -0.96 38.90 -28.69
N ALA M 106 -1.60 40.03 -28.43
CA ALA M 106 -1.70 41.08 -29.43
C ALA M 106 -0.33 41.58 -29.82
N LYS M 107 -0.15 41.78 -31.12
CA LYS M 107 1.12 42.26 -31.64
C LYS M 107 1.47 43.59 -31.01
N GLY M 108 2.65 43.66 -30.41
CA GLY M 108 3.12 44.85 -29.75
C GLY M 108 2.71 44.96 -28.31
N LYS M 109 1.93 44.00 -27.80
CA LYS M 109 1.48 44.00 -26.42
C LYS M 109 1.89 42.73 -25.68
N ARG M 110 2.88 42.01 -26.18
CA ARG M 110 3.41 40.83 -25.52
C ARG M 110 4.61 41.31 -24.72
N PHE M 111 4.61 41.04 -23.43
CA PHE M 111 5.67 41.48 -22.55
C PHE M 111 6.18 40.34 -21.70
N CYS M 112 7.35 40.55 -21.13
CA CYS M 112 7.97 39.60 -20.24
C CYS M 112 8.80 40.37 -19.24
N LEU M 113 8.70 39.97 -17.99
CA LEU M 113 9.47 40.61 -16.96
C LEU M 113 10.93 40.21 -17.11
N PRO M 114 11.86 41.04 -16.62
CA PRO M 114 13.29 40.76 -16.83
C PRO M 114 13.81 39.41 -16.37
N ASN M 115 13.44 38.95 -15.18
CA ASN M 115 13.96 37.70 -14.65
C ASN M 115 13.07 36.51 -14.97
N SER M 116 12.16 36.65 -15.91
CA SER M 116 11.32 35.54 -16.32
C SER M 116 12.10 34.64 -17.27
N ARG M 117 11.54 33.48 -17.55
CA ARG M 117 12.19 32.51 -18.41
C ARG M 117 11.14 31.79 -19.24
N VAL M 118 11.50 31.51 -20.48
CA VAL M 118 10.61 30.85 -21.41
C VAL M 118 11.23 29.54 -21.85
N MET M 119 10.37 28.55 -22.06
CA MET M 119 10.76 27.22 -22.48
C MET M 119 9.82 26.76 -23.57
N ILE M 120 10.39 26.37 -24.70
CA ILE M 120 9.62 25.85 -25.82
C ILE M 120 10.14 24.48 -26.17
N HIS M 121 9.23 23.55 -26.44
CA HIS M 121 9.58 22.20 -26.82
C HIS M 121 8.47 21.65 -27.66
N GLN M 122 8.70 20.47 -28.21
CA GLN M 122 7.70 19.85 -29.03
C GLN M 122 6.70 19.10 -28.17
N PRO M 123 5.49 18.86 -28.67
CA PRO M 123 4.47 18.16 -27.89
C PRO M 123 4.88 16.82 -27.31
N LEU M 124 4.20 16.46 -26.24
CA LEU M 124 4.39 15.21 -25.54
C LEU M 124 3.08 14.44 -25.59
N GLY M 125 3.21 13.13 -25.64
CA GLY M 125 2.02 12.30 -25.67
C GLY M 125 2.38 10.84 -25.60
N GLY M 126 1.45 10.03 -26.02
CA GLY M 126 1.65 8.60 -26.00
C GLY M 126 0.35 7.85 -26.05
N TYR M 127 0.45 6.58 -26.43
CA TYR M 127 -0.71 5.72 -26.53
C TYR M 127 -0.24 4.29 -26.41
N GLN M 128 -1.13 3.45 -25.88
CA GLN M 128 -0.88 2.03 -25.70
C GLN M 128 -2.03 1.27 -26.30
N GLY M 129 -1.73 0.35 -27.22
CA GLY M 129 -2.75 -0.43 -27.85
C GLY M 129 -2.22 -1.11 -29.09
N GLN M 130 -3.12 -1.42 -30.00
CA GLN M 130 -2.75 -2.08 -31.22
C GLN M 130 -1.90 -1.16 -32.09
N ALA M 131 -1.18 -1.78 -33.02
CA ALA M 131 -0.33 -1.03 -33.93
C ALA M 131 -1.14 -0.07 -34.78
N THR M 132 -2.35 -0.47 -35.15
CA THR M 132 -3.21 0.38 -35.95
C THR M 132 -3.57 1.66 -35.20
N ASP M 133 -4.04 1.51 -33.96
CA ASP M 133 -4.39 2.67 -33.15
C ASP M 133 -3.18 3.54 -32.89
N ILE M 134 -2.01 2.92 -32.73
CA ILE M 134 -0.79 3.68 -32.48
C ILE M 134 -0.49 4.59 -33.66
N GLU M 135 -0.62 4.06 -34.88
CA GLU M 135 -0.35 4.86 -36.07
C GLU M 135 -1.26 6.07 -36.14
N ILE M 136 -2.53 5.88 -35.80
CA ILE M 136 -3.48 6.99 -35.84
C ILE M 136 -3.07 8.08 -34.88
N HIS M 137 -2.86 7.72 -33.62
CA HIS M 137 -2.46 8.71 -32.62
C HIS M 137 -1.12 9.32 -32.94
N ALA M 138 -0.21 8.56 -33.53
CA ALA M 138 1.08 9.09 -33.90
C ALA M 138 0.95 10.15 -34.97
N ARG M 139 0.17 9.88 -36.00
CA ARG M 139 -0.04 10.86 -37.06
C ARG M 139 -0.68 12.11 -36.52
N GLU M 140 -1.62 11.94 -35.59
CA GLU M 140 -2.35 13.07 -35.02
C GLU M 140 -1.42 14.02 -34.27
N ILE M 141 -0.58 13.48 -33.41
CA ILE M 141 0.32 14.32 -32.62
C ILE M 141 1.31 15.05 -33.52
N LEU M 142 1.70 14.42 -34.62
CA LEU M 142 2.61 15.07 -35.55
C LEU M 142 1.92 16.25 -36.21
N LYS M 143 0.66 16.09 -36.59
CA LYS M 143 -0.09 17.20 -37.17
C LYS M 143 -0.21 18.32 -36.16
N VAL M 144 -0.41 17.97 -34.90
CA VAL M 144 -0.48 18.95 -33.84
C VAL M 144 0.84 19.69 -33.73
N LYS M 145 1.94 18.94 -33.76
CA LYS M 145 3.25 19.55 -33.70
C LYS M 145 3.47 20.49 -34.87
N GLY M 146 3.08 20.06 -36.07
CA GLY M 146 3.20 20.92 -37.23
C GLY M 146 2.38 22.18 -37.10
N ARG M 147 1.13 22.03 -36.66
CA ARG M 147 0.25 23.18 -36.51
C ARG M 147 0.78 24.14 -35.47
N MET M 148 1.29 23.61 -34.36
CA MET M 148 1.84 24.47 -33.31
C MET M 148 3.04 25.26 -33.82
N ASN M 149 3.91 24.60 -34.57
CA ASN M 149 5.09 25.28 -35.11
C ASN M 149 4.70 26.36 -36.10
N GLU M 150 3.69 26.12 -36.91
CA GLU M 150 3.26 27.12 -37.88
C GLU M 150 2.76 28.37 -37.17
N LEU M 151 1.95 28.19 -36.14
CA LEU M 151 1.43 29.32 -35.38
C LEU M 151 2.55 30.05 -34.66
N MET M 152 3.51 29.31 -34.13
CA MET M 152 4.63 29.94 -33.44
C MET M 152 5.44 30.79 -34.41
N ALA M 153 5.67 30.26 -35.60
CA ALA M 153 6.42 31.00 -36.60
C ALA M 153 5.66 32.22 -37.08
N LEU M 154 4.34 32.14 -37.12
CA LEU M 154 3.54 33.26 -37.55
C LEU M 154 3.58 34.39 -36.53
N HIS M 155 3.52 34.04 -35.25
CA HIS M 155 3.53 35.01 -34.18
C HIS M 155 4.91 35.55 -33.87
N THR M 156 5.96 34.77 -34.16
CA THR M 156 7.32 35.18 -33.89
C THR M 156 8.02 35.77 -35.09
N GLY M 157 7.51 35.55 -36.29
CA GLY M 157 8.16 36.04 -37.48
C GLY M 157 9.27 35.15 -37.98
N GLN M 158 9.70 34.18 -37.18
CA GLN M 158 10.76 33.28 -37.56
C GLN M 158 10.28 32.35 -38.66
N SER M 159 11.20 31.52 -39.14
CA SER M 159 10.91 30.57 -40.19
C SER M 159 10.48 29.25 -39.57
N LEU M 160 9.59 28.56 -40.27
CA LEU M 160 9.10 27.28 -39.81
C LEU M 160 10.25 26.29 -39.60
N GLU M 161 11.26 26.35 -40.46
CA GLU M 161 12.39 25.45 -40.33
C GLU M 161 13.16 25.73 -39.05
N GLN M 162 13.37 27.01 -38.73
CA GLN M 162 14.10 27.36 -37.52
C GLN M 162 13.35 26.89 -36.29
N ILE M 163 12.03 27.04 -36.29
CA ILE M 163 11.23 26.63 -35.14
C ILE M 163 11.32 25.13 -34.95
N GLU M 164 11.26 24.36 -36.03
CA GLU M 164 11.35 22.93 -35.92
C GLU M 164 12.69 22.51 -35.37
N ARG M 165 13.76 23.22 -35.74
CA ARG M 165 15.08 22.87 -35.24
C ARG M 165 15.22 23.21 -33.76
N ASP M 166 14.62 24.32 -33.34
CA ASP M 166 14.75 24.75 -31.95
C ASP M 166 13.78 24.05 -31.01
N THR M 167 12.70 23.49 -31.51
CA THR M 167 11.73 22.81 -30.66
C THR M 167 11.97 21.31 -30.53
N GLU M 168 12.93 20.75 -31.27
CA GLU M 168 13.21 19.33 -31.17
C GLU M 168 13.61 18.92 -29.77
N ARG M 169 14.10 19.86 -28.98
CA ARG M 169 14.48 19.61 -27.60
C ARG M 169 14.19 20.88 -26.82
N ASP M 170 14.03 20.71 -25.52
CA ASP M 170 13.74 21.81 -24.62
C ASP M 170 14.75 22.92 -24.79
N ARG M 171 14.26 24.11 -25.12
CA ARG M 171 15.09 25.28 -25.31
C ARG M 171 14.61 26.37 -24.37
N PHE M 172 15.53 26.87 -23.57
CA PHE M 172 15.25 27.90 -22.60
C PHE M 172 15.68 29.25 -23.13
N LEU M 173 14.93 30.27 -22.74
CA LEU M 173 15.20 31.62 -23.18
C LEU M 173 14.85 32.58 -22.08
N SER M 174 15.69 33.58 -21.90
CA SER M 174 15.45 34.61 -20.93
C SER M 174 14.62 35.70 -21.61
N ALA M 175 14.29 36.72 -20.86
CA ALA M 175 13.53 37.84 -21.42
C ALA M 175 14.22 38.44 -22.64
N PRO M 176 15.49 38.81 -22.59
CA PRO M 176 16.13 39.36 -23.81
C PRO M 176 16.15 38.41 -24.98
N GLU M 177 16.46 37.15 -24.74
CA GLU M 177 16.51 36.16 -25.82
C GLU M 177 15.16 36.04 -26.48
N ALA M 178 14.09 36.02 -25.69
CA ALA M 178 12.74 35.90 -26.24
C ALA M 178 12.42 37.10 -27.12
N VAL M 179 12.90 38.28 -26.75
CA VAL M 179 12.66 39.47 -27.54
C VAL M 179 13.33 39.33 -28.90
N GLU M 180 14.60 38.89 -28.90
CA GLU M 180 15.31 38.71 -30.14
C GLU M 180 14.70 37.59 -30.96
N TYR M 181 14.15 36.58 -30.29
CA TYR M 181 13.48 35.47 -30.94
C TYR M 181 12.08 35.82 -31.43
N GLY M 182 11.65 37.07 -31.27
CA GLY M 182 10.33 37.45 -31.70
C GLY M 182 9.21 36.90 -30.86
N LEU M 183 9.53 36.22 -29.78
CA LEU M 183 8.51 35.60 -28.95
C LEU M 183 7.72 36.64 -28.17
N VAL M 184 8.37 37.72 -27.77
CA VAL M 184 7.74 38.83 -27.11
C VAL M 184 8.14 40.11 -27.84
N ASP M 185 7.65 41.23 -27.33
CA ASP M 185 7.88 42.53 -27.93
C ASP M 185 8.86 43.38 -27.15
N SER M 186 8.74 43.43 -25.82
CA SER M 186 9.64 44.22 -25.02
C SER M 186 9.66 43.65 -23.61
N ILE M 187 10.26 44.40 -22.70
CA ILE M 187 10.42 44.03 -21.31
C ILE M 187 9.84 45.13 -20.43
N LEU M 188 9.33 44.74 -19.28
CA LEU M 188 8.71 45.62 -18.31
C LEU M 188 9.58 45.69 -17.07
N THR M 189 10.52 46.63 -17.06
CA THR M 189 11.39 46.81 -15.90
C THR M 189 10.64 47.53 -14.80
N HIS M 190 10.02 48.67 -15.12
CA HIS M 190 9.25 49.43 -14.16
C HIS M 190 8.03 50.01 -14.86
N ARG M 191 7.02 50.34 -14.06
CA ARG M 191 5.80 50.93 -14.59
C ARG M 191 6.05 52.36 -15.05
N ASN M 192 6.72 53.15 -14.22
CA ASN M 192 7.00 54.54 -14.54
C ASN M 192 8.09 54.71 -15.59
N GLU M 193 8.91 53.68 -15.81
CA GLU M 193 9.96 53.78 -16.81
C GLU M 193 9.48 53.40 -18.19
N ASN M 194 8.39 52.63 -18.28
CA ASN M 194 7.79 52.24 -19.56
C ASN M 194 6.46 52.93 -19.80
N LEU M 195 5.59 52.92 -18.78
CA LEU M 195 4.28 53.58 -18.84
C LEU M 195 3.43 53.09 -20.02
N TYR M 196 3.64 51.86 -20.44
CA TYR M 196 2.87 51.30 -21.55
C TYR M 196 1.37 51.30 -21.25
N PHE M 197 1.00 51.12 -19.98
CA PHE M 197 -0.41 51.06 -19.60
C PHE M 197 -0.91 52.46 -19.23
N LEU N 1 12.65 -23.88 10.28
CA LEU N 1 13.57 -24.95 9.93
C LEU N 1 13.07 -26.29 10.46
N VAL N 2 13.48 -27.37 9.82
CA VAL N 2 13.09 -28.72 10.19
C VAL N 2 14.34 -29.53 10.51
N PRO N 3 14.47 -30.10 11.71
CA PRO N 3 15.66 -30.89 12.00
C PRO N 3 15.69 -32.20 11.25
N MET N 4 16.89 -32.71 11.06
CA MET N 4 17.14 -33.98 10.41
C MET N 4 17.60 -34.97 11.46
N VAL N 5 17.10 -36.18 11.37
CA VAL N 5 17.42 -37.25 12.30
C VAL N 5 18.07 -38.39 11.54
N ILE N 6 18.68 -39.29 12.31
CA ILE N 6 19.37 -40.45 11.77
C ILE N 6 18.68 -41.71 12.30
N GLU N 7 18.41 -42.64 11.39
CA GLU N 7 17.80 -43.91 11.72
C GLU N 7 18.87 -44.98 11.57
N GLN N 8 19.00 -45.83 12.58
CA GLN N 8 20.01 -46.88 12.58
C GLN N 8 19.37 -48.16 12.07
N THR N 9 19.96 -48.73 11.02
CA THR N 9 19.50 -49.97 10.43
C THR N 9 20.72 -50.85 10.21
N SER N 10 20.46 -52.15 10.07
CA SER N 10 21.53 -53.09 9.84
C SER N 10 22.28 -52.79 8.54
N ARG N 11 21.53 -52.51 7.47
CA ARG N 11 22.15 -52.25 6.19
C ARG N 11 22.99 -50.98 6.20
N GLY N 12 22.41 -49.89 6.67
CA GLY N 12 23.16 -48.64 6.73
C GLY N 12 22.37 -47.56 7.42
N GLU N 13 23.10 -46.50 7.79
CA GLU N 13 22.48 -45.34 8.38
C GLU N 13 21.74 -44.54 7.33
N ARG N 14 20.65 -43.91 7.75
CA ARG N 14 19.79 -43.13 6.89
C ARG N 14 19.45 -41.81 7.56
N SER N 15 19.25 -40.77 6.75
CA SER N 15 18.92 -39.44 7.22
C SER N 15 17.50 -39.09 6.80
N PHE N 16 16.70 -38.64 7.76
CA PHE N 16 15.32 -38.27 7.55
C PHE N 16 14.98 -36.96 8.23
N ASP N 17 14.03 -36.25 7.64
CA ASP N 17 13.48 -35.10 8.32
C ASP N 17 12.56 -35.62 9.40
N ILE N 18 12.45 -34.89 10.49
CA ILE N 18 11.66 -35.31 11.65
C ILE N 18 10.25 -35.75 11.27
N TYR N 19 9.61 -35.04 10.35
CA TYR N 19 8.25 -35.40 9.96
C TYR N 19 8.21 -36.71 9.20
N SER N 20 9.19 -36.95 8.33
CA SER N 20 9.21 -38.19 7.57
C SER N 20 9.54 -39.39 8.45
N ARG N 21 10.39 -39.20 9.44
CA ARG N 21 10.73 -40.29 10.35
C ARG N 21 9.47 -40.78 11.06
N LEU N 22 8.62 -39.84 11.46
CA LEU N 22 7.38 -40.21 12.12
C LEU N 22 6.42 -40.84 11.13
N LEU N 23 6.41 -40.36 9.90
CA LEU N 23 5.56 -40.95 8.87
C LEU N 23 5.91 -42.42 8.70
N LYS N 24 7.20 -42.74 8.76
CA LYS N 24 7.66 -44.12 8.71
C LYS N 24 7.03 -44.96 9.81
N GLU N 25 6.55 -44.33 10.87
CA GLU N 25 5.87 -44.97 11.99
C GLU N 25 4.36 -44.78 11.90
N ARG N 26 3.85 -44.46 10.72
CA ARG N 26 2.43 -44.29 10.48
C ARG N 26 1.82 -43.17 11.30
N VAL N 27 2.56 -42.08 11.45
CA VAL N 27 2.11 -40.90 12.16
C VAL N 27 1.96 -39.76 11.16
N ILE N 28 0.80 -39.14 11.13
CA ILE N 28 0.51 -38.01 10.27
C ILE N 28 0.16 -36.83 11.14
N PHE N 29 0.68 -35.66 10.79
CA PHE N 29 0.42 -34.44 11.52
C PHE N 29 -0.52 -33.54 10.75
N LEU N 30 -1.61 -33.16 11.38
CA LEU N 30 -2.54 -32.20 10.83
C LEU N 30 -2.34 -30.95 11.66
N THR N 31 -1.80 -29.90 11.05
CA THR N 31 -1.52 -28.67 11.74
C THR N 31 -1.96 -27.49 10.89
N GLY N 32 -2.34 -26.42 11.57
CA GLY N 32 -2.73 -25.21 10.89
C GLY N 32 -4.09 -25.33 10.27
N GLN N 33 -4.50 -24.25 9.61
CA GLN N 33 -5.79 -24.22 8.95
C GLN N 33 -5.88 -25.32 7.91
N VAL N 34 -7.09 -25.83 7.73
CA VAL N 34 -7.37 -26.88 6.76
C VAL N 34 -7.65 -26.22 5.42
N GLU N 35 -6.76 -26.44 4.47
CA GLU N 35 -6.86 -25.95 3.11
C GLU N 35 -6.84 -27.16 2.17
N ASP N 36 -6.83 -26.90 0.87
CA ASP N 36 -6.85 -27.98 -0.10
C ASP N 36 -5.48 -28.63 -0.26
N HIS N 37 -4.42 -27.84 -0.23
CA HIS N 37 -3.09 -28.38 -0.43
C HIS N 37 -2.65 -29.26 0.73
N MET N 38 -2.76 -28.75 1.96
CA MET N 38 -2.38 -29.57 3.11
C MET N 38 -3.23 -30.83 3.19
N ALA N 39 -4.51 -30.71 2.84
CA ALA N 39 -5.41 -31.86 2.85
C ALA N 39 -4.97 -32.88 1.82
N ASN N 40 -4.55 -32.40 0.66
CA ASN N 40 -4.07 -33.29 -0.39
C ASN N 40 -2.84 -34.03 0.09
N LEU N 41 -1.97 -33.33 0.81
CA LEU N 41 -0.77 -33.93 1.35
C LEU N 41 -1.11 -35.01 2.37
N ILE N 42 -2.07 -34.72 3.23
CA ILE N 42 -2.50 -35.70 4.23
C ILE N 42 -3.11 -36.89 3.54
N VAL N 43 -3.91 -36.65 2.52
CA VAL N 43 -4.55 -37.73 1.78
C VAL N 43 -3.50 -38.61 1.14
N ALA N 44 -2.47 -37.99 0.58
CA ALA N 44 -1.41 -38.75 -0.07
C ALA N 44 -0.71 -39.64 0.92
N GLN N 45 -0.46 -39.12 2.13
CA GLN N 45 0.21 -39.92 3.14
C GLN N 45 -0.63 -41.13 3.52
N MET N 46 -1.94 -40.96 3.65
CA MET N 46 -2.79 -42.07 4.02
C MET N 46 -2.77 -43.17 2.97
N LEU N 47 -2.82 -42.79 1.70
CA LEU N 47 -2.77 -43.77 0.63
C LEU N 47 -1.44 -44.52 0.63
N PHE N 48 -0.36 -43.82 0.89
CA PHE N 48 0.95 -44.46 0.93
C PHE N 48 1.03 -45.45 2.08
N LEU N 49 0.57 -45.05 3.25
CA LEU N 49 0.57 -45.93 4.41
C LEU N 49 -0.31 -47.13 4.18
N GLU N 50 -1.43 -46.93 3.48
CA GLU N 50 -2.33 -48.03 3.20
C GLU N 50 -1.65 -49.05 2.30
N ALA N 51 -0.93 -48.57 1.29
CA ALA N 51 -0.22 -49.48 0.39
C ALA N 51 0.87 -50.24 1.13
N GLU N 52 1.60 -49.55 2.00
CA GLU N 52 2.69 -50.19 2.73
C GLU N 52 2.19 -51.33 3.60
N ASN N 53 1.23 -51.05 4.47
CA ASN N 53 0.65 -52.06 5.35
C ASN N 53 -0.77 -51.66 5.67
N PRO N 54 -1.77 -52.24 4.98
CA PRO N 54 -3.16 -51.88 5.30
C PRO N 54 -3.58 -52.26 6.71
N GLU N 55 -3.11 -53.39 7.21
CA GLU N 55 -3.54 -53.85 8.53
C GLU N 55 -3.13 -52.90 9.65
N LYS N 56 -1.93 -52.35 9.59
CA LYS N 56 -1.47 -51.51 10.69
C LYS N 56 -2.23 -50.19 10.75
N ASP N 57 -2.38 -49.69 11.97
CA ASP N 57 -3.10 -48.46 12.26
C ASP N 57 -2.33 -47.22 11.82
N ILE N 58 -3.09 -46.14 11.63
CA ILE N 58 -2.59 -44.83 11.24
C ILE N 58 -2.97 -43.86 12.34
N TYR N 59 -2.02 -43.03 12.75
CA TYR N 59 -2.23 -42.04 13.78
C TYR N 59 -2.23 -40.65 13.16
N LEU N 60 -3.22 -39.84 13.55
CA LEU N 60 -3.38 -38.49 13.05
C LEU N 60 -3.49 -37.52 14.21
N TYR N 61 -2.50 -36.64 14.33
CA TYR N 61 -2.43 -35.65 15.39
C TYR N 61 -3.06 -34.35 14.89
N ILE N 62 -4.01 -33.82 15.64
CA ILE N 62 -4.76 -32.63 15.23
C ILE N 62 -4.49 -31.47 16.17
N ASN N 63 -4.00 -30.37 15.60
CA ASN N 63 -3.71 -29.10 16.26
C ASN N 63 -4.25 -27.96 15.39
N SER N 64 -5.50 -28.05 14.91
CA SER N 64 -5.95 -27.13 13.89
C SER N 64 -7.06 -26.18 14.31
N PRO N 65 -6.91 -24.87 14.03
CA PRO N 65 -7.96 -23.89 14.37
C PRO N 65 -9.25 -24.08 13.60
N GLY N 66 -9.15 -24.45 12.33
CA GLY N 66 -10.33 -24.70 11.53
C GLY N 66 -9.95 -24.68 10.07
N GLY N 67 -10.96 -24.65 9.22
CA GLY N 67 -10.67 -24.51 7.81
C GLY N 67 -11.85 -24.85 6.94
N VAL N 68 -11.53 -24.94 5.65
CA VAL N 68 -12.46 -25.25 4.59
C VAL N 68 -13.11 -26.58 4.91
N ILE N 69 -14.34 -26.76 4.45
CA ILE N 69 -15.07 -27.99 4.70
C ILE N 69 -14.76 -29.04 3.65
N THR N 70 -14.72 -28.62 2.38
CA THR N 70 -14.43 -29.54 1.28
C THR N 70 -13.12 -30.27 1.51
N ALA N 71 -12.11 -29.55 1.96
CA ALA N 71 -10.83 -30.15 2.27
C ALA N 71 -10.96 -31.17 3.38
N GLY N 72 -11.70 -30.82 4.43
CA GLY N 72 -11.90 -31.73 5.53
C GLY N 72 -12.65 -32.98 5.11
N MET N 73 -13.63 -32.83 4.23
CA MET N 73 -14.39 -33.99 3.79
C MET N 73 -13.51 -34.96 3.03
N SER N 74 -12.54 -34.45 2.27
CA SER N 74 -11.64 -35.34 1.56
C SER N 74 -10.85 -36.17 2.54
N ILE N 75 -10.38 -35.56 3.61
CA ILE N 75 -9.66 -36.29 4.63
C ILE N 75 -10.58 -37.27 5.33
N TYR N 76 -11.79 -36.83 5.64
CA TYR N 76 -12.75 -37.70 6.33
C TYR N 76 -13.14 -38.89 5.47
N ASP N 77 -13.47 -38.65 4.21
CA ASP N 77 -13.86 -39.73 3.33
C ASP N 77 -12.71 -40.70 3.11
N THR N 78 -11.49 -40.18 3.04
CA THR N 78 -10.33 -41.04 2.86
C THR N 78 -10.13 -41.94 4.06
N MET N 79 -10.31 -41.41 5.27
CA MET N 79 -10.13 -42.21 6.47
C MET N 79 -11.16 -43.33 6.54
N GLN N 80 -12.40 -43.03 6.19
CA GLN N 80 -13.44 -44.03 6.19
C GLN N 80 -13.37 -44.95 4.99
N PHE N 81 -12.59 -44.60 3.98
CA PHE N 81 -12.45 -45.41 2.77
C PHE N 81 -11.38 -46.47 2.91
N ILE N 82 -10.23 -46.09 3.44
CA ILE N 82 -9.15 -47.03 3.60
C ILE N 82 -9.47 -48.02 4.70
N LYS N 83 -8.74 -49.11 4.70
CA LYS N 83 -8.87 -50.19 5.67
C LYS N 83 -8.25 -49.85 7.02
N PRO N 84 -7.03 -49.33 7.08
CA PRO N 84 -6.43 -48.98 8.37
C PRO N 84 -7.32 -48.13 9.26
N ASP N 85 -7.33 -48.46 10.54
CA ASP N 85 -8.06 -47.68 11.52
C ASP N 85 -7.26 -46.43 11.82
N VAL N 86 -7.87 -45.26 11.61
CA VAL N 86 -7.20 -43.99 11.82
C VAL N 86 -7.45 -43.52 13.25
N SER N 87 -6.44 -43.67 14.08
CA SER N 87 -6.50 -43.21 15.46
C SER N 87 -6.22 -41.71 15.52
N THR N 88 -7.21 -40.93 15.91
CA THR N 88 -7.08 -39.49 15.98
C THR N 88 -6.70 -39.04 17.38
N ILE N 89 -5.73 -38.14 17.47
CA ILE N 89 -5.28 -37.56 18.72
C ILE N 89 -5.37 -36.04 18.60
N CYS N 90 -5.83 -35.41 19.66
CA CYS N 90 -5.99 -33.96 19.72
C CYS N 90 -4.89 -33.36 20.58
N MET N 91 -4.11 -32.47 20.00
CA MET N 91 -3.03 -31.79 20.67
C MET N 91 -3.25 -30.29 20.54
N GLY N 92 -3.37 -29.62 21.67
CA GLY N 92 -3.59 -28.20 21.68
C GLY N 92 -5.05 -27.86 21.50
N GLN N 93 -5.55 -28.01 20.28
CA GLN N 93 -6.96 -27.76 20.07
C GLN N 93 -7.46 -28.43 18.82
N ALA N 94 -8.75 -28.72 18.82
CA ALA N 94 -9.47 -29.24 17.68
C ALA N 94 -10.71 -28.38 17.50
N ALA N 95 -10.80 -27.73 16.38
CA ALA N 95 -11.93 -26.86 16.05
C ALA N 95 -12.99 -27.65 15.31
N SER N 96 -13.96 -26.95 14.72
CA SER N 96 -15.10 -27.61 14.07
C SER N 96 -14.65 -28.63 13.05
N MET N 97 -13.76 -28.26 12.13
CA MET N 97 -13.31 -29.27 11.18
C MET N 97 -12.37 -30.25 11.85
N GLY N 98 -11.49 -29.77 12.73
CA GLY N 98 -10.61 -30.67 13.43
C GLY N 98 -11.36 -31.64 14.32
N ALA N 99 -12.41 -31.14 14.99
CA ALA N 99 -13.22 -31.99 15.84
C ALA N 99 -13.95 -33.02 15.02
N PHE N 100 -14.39 -32.62 13.84
CA PHE N 100 -15.07 -33.54 12.95
C PHE N 100 -14.13 -34.66 12.54
N LEU N 101 -12.90 -34.33 12.21
CA LEU N 101 -11.91 -35.34 11.90
C LEU N 101 -11.53 -36.13 13.12
N LEU N 102 -11.48 -35.47 14.28
CA LEU N 102 -11.13 -36.14 15.52
C LEU N 102 -12.16 -37.20 15.87
N THR N 103 -13.43 -36.81 15.92
CA THR N 103 -14.49 -37.75 16.25
C THR N 103 -14.67 -38.79 15.16
N ALA N 104 -14.20 -38.53 13.95
CA ALA N 104 -14.32 -39.46 12.85
C ALA N 104 -13.35 -40.62 12.93
N GLY N 105 -12.39 -40.58 13.84
CA GLY N 105 -11.46 -41.66 13.99
C GLY N 105 -12.13 -42.96 14.35
N ALA N 106 -11.33 -44.01 14.34
CA ALA N 106 -11.82 -45.33 14.66
C ALA N 106 -12.37 -45.37 16.07
N LYS N 107 -13.47 -46.09 16.23
CA LYS N 107 -14.10 -46.23 17.54
C LYS N 107 -13.12 -46.85 18.52
N GLY N 108 -12.96 -46.20 19.67
CA GLY N 108 -12.05 -46.64 20.69
C GLY N 108 -10.61 -46.22 20.49
N LYS N 109 -10.30 -45.59 19.37
CA LYS N 109 -8.95 -45.13 19.05
C LYS N 109 -8.86 -43.62 18.95
N ARG N 110 -9.84 -42.90 19.50
CA ARG N 110 -9.86 -41.44 19.50
C ARG N 110 -9.46 -41.00 20.89
N PHE N 111 -8.38 -40.23 20.97
CA PHE N 111 -7.82 -39.78 22.23
C PHE N 111 -7.59 -38.29 22.18
N CYS N 112 -7.51 -37.70 23.36
CA CYS N 112 -7.20 -36.30 23.49
C CYS N 112 -6.33 -36.11 24.71
N LEU N 113 -5.48 -35.09 24.65
CA LEU N 113 -4.65 -34.77 25.78
C LEU N 113 -5.50 -34.06 26.83
N PRO N 114 -5.09 -34.09 28.10
CA PRO N 114 -5.92 -33.51 29.15
C PRO N 114 -6.23 -32.03 29.03
N ASN N 115 -5.26 -31.22 28.61
CA ASN N 115 -5.45 -29.78 28.50
C ASN N 115 -5.94 -29.32 27.14
N SER N 116 -6.09 -30.24 26.19
CA SER N 116 -6.57 -29.87 24.87
C SER N 116 -8.02 -29.43 24.95
N ARG N 117 -8.39 -28.53 24.05
CA ARG N 117 -9.74 -27.97 24.00
C ARG N 117 -10.35 -28.22 22.64
N VAL N 118 -11.63 -28.54 22.64
CA VAL N 118 -12.37 -28.87 21.44
C VAL N 118 -13.50 -27.88 21.28
N MET N 119 -13.67 -27.39 20.05
CA MET N 119 -14.75 -26.48 19.70
C MET N 119 -15.50 -27.03 18.52
N ILE N 120 -16.82 -26.84 18.53
CA ILE N 120 -17.69 -27.26 17.45
C ILE N 120 -18.68 -26.15 17.18
N HIS N 121 -18.94 -25.90 15.91
CA HIS N 121 -19.93 -24.90 15.54
C HIS N 121 -20.38 -25.18 14.12
N GLN N 122 -21.48 -24.54 13.73
CA GLN N 122 -22.03 -24.75 12.42
C GLN N 122 -21.16 -24.12 11.34
N PRO N 123 -21.28 -24.57 10.09
CA PRO N 123 -20.48 -24.02 9.01
C PRO N 123 -20.64 -22.53 8.82
N LEU N 124 -19.63 -21.96 8.17
CA LEU N 124 -19.58 -20.54 7.83
C LEU N 124 -19.41 -20.41 6.34
N GLY N 125 -20.26 -19.60 5.72
CA GLY N 125 -20.19 -19.40 4.30
C GLY N 125 -20.79 -18.08 3.91
N GLY N 126 -20.38 -17.58 2.76
CA GLY N 126 -20.94 -16.34 2.25
C GLY N 126 -20.98 -16.33 0.74
N TYR N 127 -21.99 -15.65 0.22
CA TYR N 127 -22.16 -15.48 -1.21
C TYR N 127 -22.70 -14.10 -1.51
N GLN N 128 -22.22 -13.51 -2.60
CA GLN N 128 -22.70 -12.22 -3.08
C GLN N 128 -23.18 -12.44 -4.51
N GLY N 129 -24.38 -11.95 -4.81
CA GLY N 129 -24.92 -12.14 -6.14
C GLY N 129 -26.41 -11.92 -6.16
N GLN N 130 -27.02 -12.42 -7.22
CA GLN N 130 -28.45 -12.32 -7.41
C GLN N 130 -29.18 -13.19 -6.40
N ALA N 131 -30.43 -12.80 -6.12
CA ALA N 131 -31.25 -13.54 -5.18
C ALA N 131 -31.40 -15.00 -5.57
N THR N 132 -31.47 -15.28 -6.86
CA THR N 132 -31.59 -16.65 -7.32
C THR N 132 -30.36 -17.45 -6.93
N ASP N 133 -29.18 -16.91 -7.22
CA ASP N 133 -27.93 -17.56 -6.87
C ASP N 133 -27.80 -17.70 -5.35
N ILE N 134 -28.23 -16.69 -4.62
CA ILE N 134 -28.16 -16.71 -3.17
C ILE N 134 -28.95 -17.87 -2.60
N GLU N 135 -30.12 -18.13 -3.16
CA GLU N 135 -30.95 -19.22 -2.69
C GLU N 135 -30.27 -20.56 -2.90
N ILE N 136 -29.61 -20.73 -4.04
CA ILE N 136 -28.95 -21.98 -4.34
C ILE N 136 -27.83 -22.24 -3.36
N HIS N 137 -27.00 -21.23 -3.11
CA HIS N 137 -25.88 -21.39 -2.20
C HIS N 137 -26.36 -21.56 -0.77
N ALA N 138 -27.43 -20.87 -0.40
CA ALA N 138 -27.96 -21.01 0.94
C ALA N 138 -28.46 -22.41 1.20
N ARG N 139 -29.14 -23.00 0.22
CA ARG N 139 -29.61 -24.37 0.37
C ARG N 139 -28.43 -25.33 0.51
N GLU N 140 -27.38 -25.10 -0.26
CA GLU N 140 -26.22 -25.98 -0.25
C GLU N 140 -25.54 -26.00 1.11
N ILE N 141 -25.36 -24.83 1.72
CA ILE N 141 -24.67 -24.80 3.01
C ILE N 141 -25.53 -25.44 4.09
N LEU N 142 -26.85 -25.32 3.97
CA LEU N 142 -27.74 -25.95 4.93
C LEU N 142 -27.66 -27.46 4.84
N LYS N 143 -27.61 -27.99 3.61
CA LYS N 143 -27.47 -29.41 3.42
C LYS N 143 -26.15 -29.89 4.00
N VAL N 144 -25.11 -29.09 3.84
CA VAL N 144 -23.80 -29.42 4.39
C VAL N 144 -23.90 -29.47 5.91
N LYS N 145 -24.57 -28.49 6.49
CA LYS N 145 -24.75 -28.46 7.93
C LYS N 145 -25.51 -29.68 8.40
N GLY N 146 -26.56 -30.05 7.69
CA GLY N 146 -27.30 -31.23 8.06
C GLY N 146 -26.47 -32.49 7.94
N ARG N 147 -25.71 -32.59 6.85
CA ARG N 147 -24.87 -33.76 6.65
C ARG N 147 -23.80 -33.87 7.72
N MET N 148 -23.17 -32.74 8.05
CA MET N 148 -22.14 -32.74 9.08
C MET N 148 -22.72 -33.16 10.42
N ASN N 149 -23.91 -32.65 10.75
CA ASN N 149 -24.53 -33.00 12.02
C ASN N 149 -24.88 -34.47 12.08
N GLU N 150 -25.33 -35.03 10.97
CA GLU N 150 -25.65 -36.46 10.93
C GLU N 150 -24.43 -37.30 11.25
N LEU N 151 -23.31 -36.97 10.61
CA LEU N 151 -22.07 -37.70 10.85
C LEU N 151 -21.57 -37.51 12.27
N MET N 152 -21.71 -36.30 12.79
CA MET N 152 -21.28 -36.03 14.16
C MET N 152 -22.08 -36.87 15.14
N ALA N 153 -23.39 -36.99 14.89
CA ALA N 153 -24.25 -37.76 15.75
C ALA N 153 -23.93 -39.24 15.69
N LEU N 154 -23.54 -39.72 14.52
CA LEU N 154 -23.22 -41.12 14.34
C LEU N 154 -21.96 -41.51 15.10
N HIS N 155 -20.89 -40.72 14.92
CA HIS N 155 -19.64 -41.03 15.60
C HIS N 155 -19.74 -40.81 17.10
N THR N 156 -20.30 -39.67 17.51
CA THR N 156 -20.44 -39.37 18.93
C THR N 156 -21.47 -40.27 19.59
N GLY N 157 -22.55 -40.57 18.88
CA GLY N 157 -23.64 -41.33 19.41
C GLY N 157 -24.72 -40.47 20.03
N GLN N 158 -24.58 -39.16 19.97
CA GLN N 158 -25.58 -38.23 20.47
C GLN N 158 -26.72 -38.14 19.49
N SER N 159 -27.86 -37.69 19.97
CA SER N 159 -29.01 -37.54 19.09
C SER N 159 -28.78 -36.38 18.15
N LEU N 160 -29.39 -36.49 16.96
CA LEU N 160 -29.25 -35.45 15.96
C LEU N 160 -29.79 -34.13 16.47
N GLU N 161 -30.90 -34.18 17.22
CA GLU N 161 -31.49 -32.96 17.75
C GLU N 161 -30.54 -32.26 18.71
N GLN N 162 -29.91 -33.04 19.60
CA GLN N 162 -28.98 -32.45 20.57
C GLN N 162 -27.80 -31.81 19.86
N ILE N 163 -27.29 -32.44 18.82
CA ILE N 163 -26.16 -31.89 18.08
C ILE N 163 -26.53 -30.56 17.46
N GLU N 164 -27.72 -30.47 16.88
CA GLU N 164 -28.15 -29.22 16.27
C GLU N 164 -28.26 -28.11 17.29
N ARG N 165 -28.78 -28.42 18.48
CA ARG N 165 -28.93 -27.40 19.51
C ARG N 165 -27.58 -26.93 20.01
N ASP N 166 -26.61 -27.83 20.08
CA ASP N 166 -25.29 -27.50 20.57
C ASP N 166 -24.40 -26.83 19.54
N THR N 167 -24.69 -27.00 18.26
CA THR N 167 -23.90 -26.41 17.18
C THR N 167 -24.43 -25.08 16.69
N GLU N 168 -25.58 -24.62 17.19
CA GLU N 168 -26.11 -23.33 16.76
C GLU N 168 -25.14 -22.21 17.04
N ARG N 169 -24.29 -22.37 18.05
CA ARG N 169 -23.28 -21.39 18.40
C ARG N 169 -22.05 -22.13 18.87
N ASP N 170 -20.93 -21.42 18.88
CA ASP N 170 -19.67 -21.98 19.30
C ASP N 170 -19.77 -22.62 20.68
N ARG N 171 -19.40 -23.89 20.75
CA ARG N 171 -19.41 -24.65 21.99
C ARG N 171 -18.02 -25.20 22.22
N PHE N 172 -17.45 -24.87 23.36
CA PHE N 172 -16.13 -25.31 23.74
C PHE N 172 -16.24 -26.47 24.71
N LEU N 173 -15.31 -27.39 24.60
CA LEU N 173 -15.30 -28.57 25.43
C LEU N 173 -13.88 -28.94 25.77
N SER N 174 -13.67 -29.29 27.02
CA SER N 174 -12.38 -29.74 27.48
C SER N 174 -12.30 -31.22 27.20
N ALA N 175 -11.16 -31.80 27.50
CA ALA N 175 -10.99 -33.24 27.29
C ALA N 175 -12.04 -34.06 28.02
N PRO N 176 -12.30 -33.84 29.31
CA PRO N 176 -13.35 -34.64 29.97
C PRO N 176 -14.73 -34.45 29.39
N GLU N 177 -15.12 -33.20 29.13
CA GLU N 177 -16.44 -32.93 28.57
C GLU N 177 -16.61 -33.61 27.22
N ALA N 178 -15.54 -33.66 26.45
CA ALA N 178 -15.57 -34.29 25.13
C ALA N 178 -15.84 -35.78 25.27
N VAL N 179 -15.26 -36.40 26.29
CA VAL N 179 -15.44 -37.83 26.50
C VAL N 179 -16.91 -38.14 26.77
N GLU N 180 -17.54 -37.36 27.63
CA GLU N 180 -18.94 -37.58 27.94
C GLU N 180 -19.80 -37.30 26.71
N TYR N 181 -19.42 -36.30 25.92
CA TYR N 181 -20.13 -35.99 24.70
C TYR N 181 -19.98 -37.11 23.68
N GLY N 182 -18.83 -37.78 23.70
CA GLY N 182 -18.52 -38.87 22.81
C GLY N 182 -17.58 -38.54 21.68
N LEU N 183 -17.05 -37.32 21.64
CA LEU N 183 -16.11 -36.96 20.59
C LEU N 183 -14.84 -37.81 20.67
N VAL N 184 -14.34 -38.04 21.88
CA VAL N 184 -13.12 -38.80 22.11
C VAL N 184 -13.40 -39.91 23.12
N ASP N 185 -12.82 -41.08 22.85
CA ASP N 185 -13.01 -42.23 23.72
C ASP N 185 -12.35 -42.08 25.09
N SER N 186 -11.14 -41.56 25.15
CA SER N 186 -10.40 -41.50 26.41
C SER N 186 -9.34 -40.42 26.34
N ILE N 187 -8.60 -40.27 27.44
CA ILE N 187 -7.54 -39.28 27.58
C ILE N 187 -6.22 -39.96 27.92
N LEU N 188 -5.14 -39.41 27.36
CA LEU N 188 -3.77 -39.87 27.59
C LEU N 188 -3.10 -38.99 28.64
N THR N 189 -3.43 -39.23 29.91
CA THR N 189 -2.84 -38.43 30.97
C THR N 189 -1.34 -38.67 31.09
N HIS N 190 -0.91 -39.93 31.10
CA HIS N 190 0.49 -40.30 31.24
C HIS N 190 0.74 -41.60 30.51
N ARG N 191 1.98 -41.81 30.11
CA ARG N 191 2.36 -43.04 29.45
C ARG N 191 2.34 -44.18 30.44
N ASN N 192 1.88 -45.35 29.99
CA ASN N 192 1.78 -46.54 30.82
C ASN N 192 2.50 -47.70 30.14
N LEU O 1 5.61 -28.11 3.52
CA LEU O 1 6.64 -29.13 3.43
C LEU O 1 6.06 -30.43 2.91
N VAL O 2 6.87 -31.17 2.16
CA VAL O 2 6.46 -32.42 1.54
C VAL O 2 7.25 -33.56 2.19
N PRO O 3 6.60 -34.56 2.78
CA PRO O 3 7.35 -35.68 3.36
C PRO O 3 8.04 -36.52 2.30
N MET O 4 9.15 -37.12 2.72
CA MET O 4 9.94 -38.00 1.88
C MET O 4 9.77 -39.42 2.37
N VAL O 5 9.68 -40.36 1.44
CA VAL O 5 9.47 -41.77 1.73
C VAL O 5 10.56 -42.61 1.10
N ILE O 6 10.77 -43.78 1.70
CA ILE O 6 11.78 -44.74 1.25
C ILE O 6 11.07 -45.94 0.63
N GLU O 7 11.51 -46.34 -0.55
CA GLU O 7 10.99 -47.51 -1.25
C GLU O 7 12.07 -48.58 -1.27
N GLN O 8 11.71 -49.79 -0.88
CA GLN O 8 12.65 -50.90 -0.88
C GLN O 8 12.73 -51.52 -2.26
N THR O 9 13.95 -51.66 -2.78
CA THR O 9 14.17 -52.26 -4.09
C THR O 9 15.41 -53.15 -4.03
N SER O 10 15.54 -54.01 -5.03
CA SER O 10 16.67 -54.92 -5.09
C SER O 10 17.99 -54.16 -5.15
N ARG O 11 18.03 -53.08 -5.91
CA ARG O 11 19.25 -52.29 -6.00
C ARG O 11 19.58 -51.69 -4.64
N GLY O 12 18.57 -51.21 -3.94
CA GLY O 12 18.75 -50.66 -2.61
C GLY O 12 17.60 -49.74 -2.29
N GLU O 13 17.69 -49.09 -1.14
CA GLU O 13 16.67 -48.15 -0.74
C GLU O 13 16.71 -46.94 -1.66
N ARG O 14 15.54 -46.41 -1.98
CA ARG O 14 15.38 -45.27 -2.86
C ARG O 14 14.53 -44.22 -2.15
N SER O 15 14.88 -42.95 -2.32
CA SER O 15 14.22 -41.84 -1.66
C SER O 15 13.34 -41.07 -2.64
N PHE O 16 12.09 -40.86 -2.24
CA PHE O 16 11.10 -40.15 -3.04
C PHE O 16 10.27 -39.22 -2.18
N ASP O 17 9.74 -38.19 -2.83
CA ASP O 17 8.74 -37.35 -2.19
C ASP O 17 7.42 -38.12 -2.28
N ILE O 18 6.50 -37.77 -1.39
CA ILE O 18 5.24 -38.51 -1.30
C ILE O 18 4.47 -38.46 -2.61
N TYR O 19 4.46 -37.32 -3.29
CA TYR O 19 3.72 -37.23 -4.53
C TYR O 19 4.35 -38.08 -5.63
N SER O 20 5.68 -38.08 -5.72
CA SER O 20 6.37 -38.88 -6.72
C SER O 20 6.18 -40.37 -6.48
N ARG O 21 6.18 -40.79 -5.22
CA ARG O 21 6.01 -42.19 -4.92
C ARG O 21 4.64 -42.67 -5.39
N LEU O 22 3.62 -41.86 -5.17
CA LEU O 22 2.29 -42.21 -5.62
C LEU O 22 2.23 -42.28 -7.14
N LEU O 23 2.90 -41.34 -7.81
CA LEU O 23 2.98 -41.35 -9.26
C LEU O 23 3.45 -42.70 -9.76
N LYS O 24 4.43 -43.28 -9.06
CA LYS O 24 4.91 -44.61 -9.38
C LYS O 24 3.80 -45.65 -9.35
N GLU O 25 2.71 -45.36 -8.63
CA GLU O 25 1.55 -46.21 -8.53
C GLU O 25 0.42 -45.73 -9.43
N ARG O 26 0.73 -44.89 -10.42
CA ARG O 26 -0.26 -44.39 -11.36
C ARG O 26 -1.35 -43.59 -10.65
N VAL O 27 -0.92 -42.59 -9.90
CA VAL O 27 -1.81 -41.73 -9.14
C VAL O 27 -1.38 -40.30 -9.35
N ILE O 28 -2.32 -39.47 -9.79
CA ILE O 28 -2.08 -38.07 -10.05
C ILE O 28 -3.08 -37.29 -9.23
N PHE O 29 -2.66 -36.10 -8.81
CA PHE O 29 -3.48 -35.21 -8.01
C PHE O 29 -3.72 -33.92 -8.76
N LEU O 30 -4.97 -33.50 -8.82
CA LEU O 30 -5.40 -32.29 -9.47
C LEU O 30 -6.02 -31.47 -8.34
N THR O 31 -5.19 -30.69 -7.68
CA THR O 31 -5.61 -29.87 -6.56
C THR O 31 -5.42 -28.40 -6.89
N GLY O 32 -6.26 -27.57 -6.30
CA GLY O 32 -6.17 -26.15 -6.51
C GLY O 32 -6.78 -25.72 -7.81
N GLN O 33 -6.76 -24.40 -8.02
CA GLN O 33 -7.29 -23.83 -9.24
C GLN O 33 -6.52 -24.34 -10.44
N VAL O 34 -7.24 -24.57 -11.52
CA VAL O 34 -6.66 -25.07 -12.75
C VAL O 34 -6.03 -23.91 -13.51
N GLU O 35 -4.71 -23.96 -13.65
CA GLU O 35 -3.95 -22.96 -14.38
C GLU O 35 -3.14 -23.68 -15.45
N ASP O 36 -2.30 -22.92 -16.16
CA ASP O 36 -1.51 -23.49 -17.24
C ASP O 36 -0.35 -24.33 -16.72
N HIS O 37 0.29 -23.87 -15.65
CA HIS O 37 1.45 -24.56 -15.12
C HIS O 37 1.09 -25.92 -14.53
N MET O 38 0.12 -25.95 -13.63
CA MET O 38 -0.29 -27.22 -13.05
C MET O 38 -0.81 -28.17 -14.12
N ALA O 39 -1.49 -27.65 -15.11
CA ALA O 39 -2.05 -28.49 -16.17
C ALA O 39 -0.96 -29.15 -16.98
N ASN O 40 0.09 -28.41 -17.32
CA ASN O 40 1.19 -29.00 -18.07
C ASN O 40 1.84 -30.10 -17.26
N LEU O 41 1.96 -29.88 -15.96
CA LEU O 41 2.53 -30.89 -15.08
C LEU O 41 1.69 -32.15 -15.10
N ILE O 42 0.37 -32.00 -15.04
CA ILE O 42 -0.52 -33.14 -15.12
C ILE O 42 -0.40 -33.80 -16.48
N VAL O 43 -0.31 -32.98 -17.53
CA VAL O 43 -0.18 -33.51 -18.87
C VAL O 43 1.12 -34.28 -19.01
N ALA O 44 2.19 -33.75 -18.43
CA ALA O 44 3.46 -34.43 -18.47
C ALA O 44 3.39 -35.76 -17.73
N GLN O 45 2.71 -35.78 -16.60
CA GLN O 45 2.59 -36.99 -15.83
C GLN O 45 1.80 -38.06 -16.58
N MET O 46 0.73 -37.66 -17.25
CA MET O 46 -0.07 -38.63 -17.99
C MET O 46 0.71 -39.25 -19.12
N LEU O 47 1.47 -38.43 -19.84
CA LEU O 47 2.28 -38.94 -20.94
C LEU O 47 3.33 -39.90 -20.43
N PHE O 48 3.96 -39.56 -19.31
CA PHE O 48 4.98 -40.43 -18.75
C PHE O 48 4.41 -41.77 -18.34
N LEU O 49 3.24 -41.75 -17.71
CA LEU O 49 2.59 -42.98 -17.29
C LEU O 49 2.19 -43.83 -18.47
N GLU O 50 1.72 -43.20 -19.54
CA GLU O 50 1.32 -43.93 -20.72
C GLU O 50 2.50 -44.71 -21.30
N ALA O 51 3.66 -44.10 -21.34
CA ALA O 51 4.83 -44.77 -21.89
C ALA O 51 5.26 -45.94 -21.03
N GLU O 52 5.20 -45.78 -19.70
CA GLU O 52 5.59 -46.85 -18.81
C GLU O 52 4.72 -48.08 -19.01
N ASN O 53 3.41 -47.89 -19.02
CA ASN O 53 2.46 -48.98 -19.22
C ASN O 53 1.19 -48.41 -19.82
N PRO O 54 1.02 -48.48 -21.15
CA PRO O 54 -0.19 -47.93 -21.76
C PRO O 54 -1.44 -48.77 -21.56
N GLU O 55 -1.36 -49.87 -20.81
CA GLU O 55 -2.50 -50.74 -20.55
C GLU O 55 -3.04 -50.62 -19.14
N LYS O 56 -2.24 -50.12 -18.20
CA LYS O 56 -2.69 -49.98 -16.82
C LYS O 56 -3.43 -48.67 -16.64
N ASP O 57 -4.51 -48.74 -15.88
CA ASP O 57 -5.34 -47.57 -15.65
C ASP O 57 -4.62 -46.53 -14.79
N ILE O 58 -4.96 -45.29 -15.04
CA ILE O 58 -4.44 -44.14 -14.32
C ILE O 58 -5.52 -43.67 -13.39
N TYR O 59 -5.11 -43.12 -12.25
CA TYR O 59 -6.01 -42.59 -11.25
C TYR O 59 -5.72 -41.12 -11.08
N LEU O 60 -6.77 -40.31 -11.15
CA LEU O 60 -6.67 -38.86 -11.03
C LEU O 60 -7.65 -38.43 -9.96
N TYR O 61 -7.12 -37.91 -8.86
CA TYR O 61 -7.93 -37.46 -7.75
C TYR O 61 -8.18 -35.98 -7.96
N ILE O 62 -9.43 -35.56 -7.77
CA ILE O 62 -9.85 -34.20 -8.05
C ILE O 62 -10.44 -33.54 -6.82
N ASN O 63 -9.82 -32.45 -6.41
CA ASN O 63 -10.28 -31.59 -5.33
C ASN O 63 -9.93 -30.22 -5.85
N SER O 64 -10.89 -29.56 -6.50
CA SER O 64 -10.59 -28.29 -7.10
C SER O 64 -11.77 -27.34 -7.23
N PRO O 65 -11.57 -26.04 -7.04
CA PRO O 65 -12.66 -25.09 -7.25
C PRO O 65 -12.75 -24.59 -8.69
N GLY O 66 -12.05 -25.22 -9.61
CA GLY O 66 -12.11 -24.82 -11.00
C GLY O 66 -11.09 -23.77 -11.34
N GLY O 67 -11.09 -23.39 -12.60
CA GLY O 67 -10.18 -22.36 -13.05
C GLY O 67 -10.29 -22.08 -14.53
N VAL O 68 -9.14 -21.87 -15.17
CA VAL O 68 -9.14 -21.57 -16.58
C VAL O 68 -9.70 -22.76 -17.34
N ILE O 69 -10.28 -22.49 -18.49
CA ILE O 69 -10.85 -23.53 -19.33
C ILE O 69 -9.80 -24.15 -20.22
N THR O 70 -9.05 -23.31 -20.93
CA THR O 70 -7.99 -23.76 -21.83
C THR O 70 -7.05 -24.73 -21.13
N ALA O 71 -6.66 -24.40 -19.91
CA ALA O 71 -5.81 -25.27 -19.13
C ALA O 71 -6.49 -26.61 -18.87
N GLY O 72 -7.82 -26.58 -18.74
CA GLY O 72 -8.58 -27.79 -18.49
C GLY O 72 -8.79 -28.60 -19.74
N MET O 73 -8.98 -27.93 -20.86
CA MET O 73 -9.18 -28.64 -22.12
C MET O 73 -7.94 -29.42 -22.49
N SER O 74 -6.77 -28.91 -22.14
CA SER O 74 -5.54 -29.62 -22.43
C SER O 74 -5.52 -30.95 -21.71
N ILE O 75 -5.92 -30.93 -20.43
CA ILE O 75 -5.98 -32.15 -19.65
C ILE O 75 -7.04 -33.09 -20.22
N TYR O 76 -8.19 -32.54 -20.61
CA TYR O 76 -9.26 -33.36 -21.16
C TYR O 76 -8.81 -34.06 -22.43
N ASP O 77 -8.20 -33.30 -23.33
CA ASP O 77 -7.75 -33.85 -24.60
C ASP O 77 -6.68 -34.90 -24.39
N THR O 78 -5.78 -34.65 -23.45
CA THR O 78 -4.72 -35.61 -23.15
C THR O 78 -5.31 -36.92 -22.64
N MET O 79 -6.34 -36.83 -21.82
CA MET O 79 -6.96 -38.03 -21.28
C MET O 79 -7.67 -38.82 -22.36
N GLN O 80 -8.39 -38.13 -23.24
CA GLN O 80 -9.09 -38.79 -24.32
C GLN O 80 -8.14 -39.28 -25.40
N PHE O 81 -6.89 -38.83 -25.40
CA PHE O 81 -5.92 -39.22 -26.41
C PHE O 81 -5.20 -40.51 -26.05
N ILE O 82 -4.63 -40.54 -24.85
CA ILE O 82 -3.89 -41.70 -24.40
C ILE O 82 -4.77 -42.95 -24.35
N LYS O 83 -4.10 -44.10 -24.42
CA LYS O 83 -4.80 -45.38 -24.39
C LYS O 83 -5.31 -45.74 -22.99
N PRO O 84 -4.53 -45.58 -21.93
CA PRO O 84 -5.01 -45.92 -20.59
C PRO O 84 -6.32 -45.26 -20.21
N ASP O 85 -7.10 -45.99 -19.42
CA ASP O 85 -8.36 -45.49 -18.91
C ASP O 85 -8.07 -44.65 -17.69
N VAL O 86 -8.38 -43.36 -17.77
CA VAL O 86 -8.11 -42.43 -16.68
C VAL O 86 -9.30 -42.44 -15.72
N SER O 87 -9.15 -43.16 -14.63
CA SER O 87 -10.19 -43.25 -13.62
C SER O 87 -10.14 -41.99 -12.77
N THR O 88 -11.19 -41.19 -12.83
CA THR O 88 -11.28 -39.94 -12.09
C THR O 88 -12.02 -40.15 -10.79
N ILE O 89 -11.47 -39.59 -9.71
CA ILE O 89 -12.06 -39.65 -8.39
C ILE O 89 -12.21 -38.24 -7.87
N CYS O 90 -13.32 -37.98 -7.20
CA CYS O 90 -13.65 -36.68 -6.65
C CYS O 90 -13.49 -36.70 -5.14
N MET O 91 -12.63 -35.83 -4.63
CA MET O 91 -12.38 -35.70 -3.21
C MET O 91 -12.66 -34.27 -2.81
N GLY O 92 -13.56 -34.09 -1.88
CA GLY O 92 -13.87 -32.78 -1.39
C GLY O 92 -14.83 -32.05 -2.29
N GLN O 93 -14.36 -31.58 -3.44
CA GLN O 93 -15.25 -30.93 -4.35
C GLN O 93 -14.70 -30.91 -5.76
N ALA O 94 -15.63 -30.83 -6.71
CA ALA O 94 -15.35 -30.67 -8.12
C ALA O 94 -16.19 -29.51 -8.63
N ALA O 95 -15.54 -28.51 -9.16
CA ALA O 95 -16.20 -27.33 -9.70
C ALA O 95 -16.47 -27.55 -11.19
N SER O 96 -16.86 -26.51 -11.91
CA SER O 96 -17.21 -26.65 -13.31
C SER O 96 -16.10 -27.31 -14.11
N MET O 97 -14.87 -26.83 -14.00
CA MET O 97 -13.81 -27.48 -14.75
C MET O 97 -13.43 -28.80 -14.09
N GLY O 98 -13.45 -28.86 -12.76
CA GLY O 98 -13.16 -30.10 -12.08
C GLY O 98 -14.17 -31.17 -12.41
N ALA O 99 -15.44 -30.79 -12.46
CA ALA O 99 -16.52 -31.73 -12.77
C ALA O 99 -16.42 -32.19 -14.21
N PHE O 100 -16.03 -31.28 -15.10
CA PHE O 100 -15.90 -31.62 -16.50
C PHE O 100 -14.83 -32.69 -16.68
N LEU O 101 -13.71 -32.52 -15.99
CA LEU O 101 -12.66 -33.53 -16.02
C LEU O 101 -13.14 -34.82 -15.39
N LEU O 102 -13.90 -34.72 -14.31
CA LEU O 102 -14.39 -35.91 -13.63
C LEU O 102 -15.29 -36.74 -14.53
N THR O 103 -16.20 -36.10 -15.24
CA THR O 103 -17.06 -36.83 -16.16
C THR O 103 -16.30 -37.32 -17.37
N ALA O 104 -15.18 -36.68 -17.69
CA ALA O 104 -14.35 -37.05 -18.82
C ALA O 104 -13.62 -38.36 -18.60
N GLY O 105 -13.59 -38.85 -17.37
CA GLY O 105 -12.93 -40.10 -17.09
C GLY O 105 -13.59 -41.25 -17.80
N ALA O 106 -12.83 -42.34 -17.90
CA ALA O 106 -13.28 -43.53 -18.60
C ALA O 106 -14.61 -44.02 -18.06
N LYS O 107 -15.48 -44.43 -18.97
CA LYS O 107 -16.79 -44.92 -18.61
C LYS O 107 -16.66 -46.09 -17.66
N GLY O 108 -17.41 -46.03 -16.57
CA GLY O 108 -17.40 -47.05 -15.56
C GLY O 108 -16.27 -46.93 -14.57
N LYS O 109 -15.39 -45.95 -14.74
CA LYS O 109 -14.26 -45.74 -13.85
C LYS O 109 -14.23 -44.33 -13.30
N ARG O 110 -15.40 -43.71 -13.17
CA ARG O 110 -15.55 -42.38 -12.60
C ARG O 110 -16.17 -42.59 -11.25
N PHE O 111 -15.52 -42.09 -10.21
CA PHE O 111 -15.97 -42.26 -8.85
C PHE O 111 -16.03 -40.95 -8.10
N CYS O 112 -16.80 -40.99 -7.03
CA CYS O 112 -16.96 -39.90 -6.10
C CYS O 112 -17.07 -40.48 -4.70
N LEU O 113 -16.56 -39.76 -3.74
CA LEU O 113 -16.70 -40.19 -2.38
C LEU O 113 -18.07 -39.76 -1.89
N PRO O 114 -18.57 -40.37 -0.82
CA PRO O 114 -19.94 -40.05 -0.39
C PRO O 114 -20.21 -38.60 -0.05
N ASN O 115 -19.28 -37.92 0.60
CA ASN O 115 -19.48 -36.54 1.00
C ASN O 115 -18.97 -35.52 -0.01
N SER O 116 -18.43 -35.96 -1.13
CA SER O 116 -17.93 -35.04 -2.14
C SER O 116 -19.08 -34.29 -2.79
N ARG O 117 -18.78 -33.07 -3.25
CA ARG O 117 -19.76 -32.21 -3.88
C ARG O 117 -19.30 -31.78 -5.26
N VAL O 118 -20.24 -31.77 -6.19
CA VAL O 118 -19.98 -31.41 -7.57
C VAL O 118 -20.82 -30.20 -7.92
N MET O 119 -20.17 -29.22 -8.54
CA MET O 119 -20.83 -28.02 -9.00
C MET O 119 -20.55 -27.84 -10.48
N ILE O 120 -21.59 -27.51 -11.24
CA ILE O 120 -21.47 -27.26 -12.66
C ILE O 120 -22.12 -25.92 -12.95
N HIS O 121 -21.47 -25.14 -13.81
CA HIS O 121 -22.03 -23.87 -14.22
C HIS O 121 -21.46 -23.50 -15.56
N GLN O 122 -22.08 -22.53 -16.21
CA GLN O 122 -21.61 -22.08 -17.49
C GLN O 122 -20.33 -21.29 -17.33
N PRO O 123 -19.51 -21.20 -18.38
CA PRO O 123 -18.26 -20.45 -18.28
C PRO O 123 -18.44 -19.02 -17.83
N LEU O 124 -17.34 -18.47 -17.33
CA LEU O 124 -17.24 -17.11 -16.86
C LEU O 124 -16.18 -16.41 -17.69
N GLY O 125 -16.38 -15.12 -17.90
CA GLY O 125 -15.43 -14.37 -18.66
C GLY O 125 -15.75 -12.90 -18.65
N GLY O 126 -15.15 -12.19 -19.58
CA GLY O 126 -15.36 -10.77 -19.69
C GLY O 126 -14.30 -10.12 -20.53
N TYR O 127 -14.61 -8.92 -20.99
CA TYR O 127 -13.69 -8.15 -21.81
C TYR O 127 -14.06 -6.70 -21.69
N GLN O 128 -13.07 -5.85 -21.93
CA GLN O 128 -13.23 -4.40 -21.88
C GLN O 128 -12.58 -3.82 -23.12
N GLY O 129 -13.35 -3.06 -23.87
CA GLY O 129 -12.83 -2.43 -25.07
C GLY O 129 -13.94 -1.96 -25.96
N GLN O 130 -13.63 -1.90 -27.24
CA GLN O 130 -14.59 -1.45 -28.22
C GLN O 130 -15.74 -2.45 -28.36
N ALA O 131 -16.81 -1.99 -28.98
CA ALA O 131 -17.96 -2.85 -29.20
C ALA O 131 -17.64 -3.99 -30.14
N THR O 132 -16.79 -3.74 -31.12
CA THR O 132 -16.40 -4.76 -32.08
C THR O 132 -15.72 -5.92 -31.39
N ASP O 133 -14.72 -5.62 -30.56
CA ASP O 133 -14.00 -6.65 -29.85
C ASP O 133 -14.90 -7.42 -28.90
N ILE O 134 -15.85 -6.73 -28.29
CA ILE O 134 -16.79 -7.36 -27.37
C ILE O 134 -17.58 -8.44 -28.08
N GLU O 135 -18.02 -8.15 -29.31
CA GLU O 135 -18.78 -9.11 -30.06
C GLU O 135 -17.94 -10.33 -30.37
N ILE O 136 -16.67 -10.12 -30.71
CA ILE O 136 -15.78 -11.22 -31.00
C ILE O 136 -15.59 -12.11 -29.78
N HIS O 137 -15.31 -11.49 -28.64
CA HIS O 137 -15.08 -12.25 -27.42
C HIS O 137 -16.36 -12.90 -26.92
N ALA O 138 -17.48 -12.19 -27.02
CA ALA O 138 -18.75 -12.75 -26.59
C ALA O 138 -19.11 -13.98 -27.42
N ARG O 139 -18.86 -13.91 -28.73
CA ARG O 139 -19.13 -15.06 -29.58
C ARG O 139 -18.26 -16.24 -29.21
N GLU O 140 -16.98 -15.97 -28.91
CA GLU O 140 -16.05 -17.04 -28.57
C GLU O 140 -16.44 -17.78 -27.32
N ILE O 141 -16.81 -17.06 -26.27
CA ILE O 141 -17.18 -17.70 -25.02
C ILE O 141 -18.43 -18.54 -25.19
N LEU O 142 -19.36 -18.06 -26.00
CA LEU O 142 -20.58 -18.83 -26.26
C LEU O 142 -20.24 -20.13 -26.96
N LYS O 143 -19.32 -20.09 -27.90
CA LYS O 143 -18.89 -21.31 -28.57
C LYS O 143 -18.27 -22.27 -27.57
N VAL O 144 -17.51 -21.73 -26.63
CA VAL O 144 -16.91 -22.53 -25.58
C VAL O 144 -18.00 -23.15 -24.74
N LYS O 145 -19.00 -22.36 -24.37
CA LYS O 145 -20.12 -22.87 -23.59
C LYS O 145 -20.84 -23.98 -24.34
N GLY O 146 -21.07 -23.78 -25.63
CA GLY O 146 -21.71 -24.80 -26.42
C GLY O 146 -20.89 -26.06 -26.50
N ARG O 147 -19.59 -25.90 -26.75
CA ARG O 147 -18.70 -27.04 -26.85
C ARG O 147 -18.63 -27.80 -25.54
N MET O 148 -18.53 -27.08 -24.43
CA MET O 148 -18.47 -27.74 -23.12
C MET O 148 -19.75 -28.50 -22.84
N ASN O 149 -20.90 -27.91 -23.14
CA ASN O 149 -22.17 -28.57 -22.90
C ASN O 149 -22.31 -29.83 -23.75
N GLU O 150 -21.84 -29.78 -24.99
CA GLU O 150 -21.90 -30.95 -25.86
C GLU O 150 -21.11 -32.09 -25.27
N LEU O 151 -19.91 -31.80 -24.79
CA LEU O 151 -19.06 -32.82 -24.18
C LEU O 151 -19.68 -33.38 -22.92
N MET O 152 -20.26 -32.51 -22.09
CA MET O 152 -20.87 -32.97 -20.85
C MET O 152 -22.02 -33.91 -21.14
N ALA O 153 -22.81 -33.60 -22.16
CA ALA O 153 -23.93 -34.44 -22.52
C ALA O 153 -23.47 -35.78 -23.05
N LEU O 154 -22.35 -35.78 -23.76
CA LEU O 154 -21.83 -37.02 -24.31
C LEU O 154 -21.35 -37.95 -23.22
N HIS O 155 -20.67 -37.40 -22.22
CA HIS O 155 -20.13 -38.21 -21.12
C HIS O 155 -21.22 -38.61 -20.14
N THR O 156 -22.09 -37.68 -19.78
CA THR O 156 -23.16 -37.98 -18.84
C THR O 156 -24.32 -38.73 -19.46
N GLY O 157 -24.46 -38.69 -20.78
CA GLY O 157 -25.56 -39.34 -21.44
C GLY O 157 -26.80 -38.49 -21.51
N GLN O 158 -26.86 -37.40 -20.75
CA GLN O 158 -28.03 -36.54 -20.76
C GLN O 158 -28.17 -35.85 -22.11
N SER O 159 -29.27 -35.13 -22.26
CA SER O 159 -29.53 -34.39 -23.48
C SER O 159 -28.89 -33.02 -23.40
N LEU O 160 -28.53 -32.49 -24.56
CA LEU O 160 -27.92 -31.17 -24.62
C LEU O 160 -28.85 -30.12 -24.04
N GLU O 161 -30.15 -30.27 -24.27
CA GLU O 161 -31.11 -29.30 -23.76
C GLU O 161 -31.14 -29.31 -22.24
N GLN O 162 -31.13 -30.51 -21.64
CA GLN O 162 -31.15 -30.62 -20.19
C GLN O 162 -29.92 -29.99 -19.58
N ILE O 163 -28.77 -30.20 -20.20
CA ILE O 163 -27.52 -29.64 -19.69
C ILE O 163 -27.57 -28.12 -19.70
N GLU O 164 -28.09 -27.55 -20.79
CA GLU O 164 -28.17 -26.10 -20.89
C GLU O 164 -29.06 -25.53 -19.80
N ARG O 165 -30.16 -26.21 -19.50
CA ARG O 165 -31.07 -25.72 -18.47
C ARG O 165 -30.44 -25.82 -17.09
N ASP O 166 -29.67 -26.87 -16.84
CA ASP O 166 -29.06 -27.06 -15.55
C ASP O 166 -27.77 -26.27 -15.36
N THR O 167 -27.12 -25.85 -16.44
CA THR O 167 -25.89 -25.07 -16.34
C THR O 167 -26.12 -23.57 -16.38
N GLU O 168 -27.35 -23.12 -16.60
CA GLU O 168 -27.62 -21.69 -16.64
C GLU O 168 -27.26 -21.01 -15.33
N ARG O 169 -27.23 -21.76 -14.24
CA ARG O 169 -26.87 -21.24 -12.94
C ARG O 169 -26.14 -22.34 -12.18
N ASP O 170 -25.41 -21.94 -11.16
CA ASP O 170 -24.67 -22.87 -10.34
C ASP O 170 -25.58 -23.95 -9.80
N ARG O 171 -25.28 -25.19 -10.13
CA ARG O 171 -26.04 -26.35 -9.70
C ARG O 171 -25.12 -27.26 -8.91
N PHE O 172 -25.52 -27.57 -7.70
CA PHE O 172 -24.75 -28.43 -6.82
C PHE O 172 -25.33 -29.83 -6.82
N LEU O 173 -24.44 -30.80 -6.70
CA LEU O 173 -24.84 -32.19 -6.70
C LEU O 173 -23.95 -32.96 -5.75
N SER O 174 -24.56 -33.88 -5.04
CA SER O 174 -23.84 -34.76 -4.14
C SER O 174 -23.46 -35.99 -4.93
N ALA O 175 -22.74 -36.89 -4.29
CA ALA O 175 -22.36 -38.14 -4.94
C ALA O 175 -23.55 -38.91 -5.49
N PRO O 176 -24.63 -39.13 -4.72
CA PRO O 176 -25.77 -39.85 -5.29
C PRO O 176 -26.45 -39.13 -6.43
N GLU O 177 -26.66 -37.82 -6.28
CA GLU O 177 -27.29 -37.03 -7.33
C GLU O 177 -26.46 -37.08 -8.61
N ALA O 178 -25.14 -37.06 -8.46
CA ALA O 178 -24.25 -37.09 -9.60
C ALA O 178 -24.35 -38.43 -10.33
N VAL O 179 -24.48 -39.52 -9.57
CA VAL O 179 -24.59 -40.83 -10.18
C VAL O 179 -25.84 -40.91 -11.04
N GLU O 180 -26.94 -40.34 -10.56
CA GLU O 180 -28.17 -40.35 -11.33
C GLU O 180 -28.12 -39.39 -12.50
N TYR O 181 -27.27 -38.37 -12.42
CA TYR O 181 -27.11 -37.39 -13.48
C TYR O 181 -26.13 -37.83 -14.55
N GLY O 182 -25.35 -38.88 -14.29
CA GLY O 182 -24.40 -39.39 -15.24
C GLY O 182 -23.01 -38.86 -15.09
N LEU O 183 -22.77 -37.91 -14.19
CA LEU O 183 -21.45 -37.36 -14.01
C LEU O 183 -20.46 -38.41 -13.57
N VAL O 184 -20.90 -39.37 -12.76
CA VAL O 184 -20.08 -40.45 -12.29
C VAL O 184 -20.88 -41.74 -12.41
N ASP O 185 -20.25 -42.83 -11.99
CA ASP O 185 -20.79 -44.17 -12.09
C ASP O 185 -21.19 -44.77 -10.75
N SER O 186 -20.30 -44.74 -9.76
CA SER O 186 -20.58 -45.33 -8.46
C SER O 186 -19.95 -44.45 -7.39
N ILE O 187 -19.96 -44.96 -6.16
CA ILE O 187 -19.42 -44.26 -5.00
C ILE O 187 -18.47 -45.20 -4.28
N LEU O 188 -17.30 -44.68 -3.95
CA LEU O 188 -16.26 -45.44 -3.23
C LEU O 188 -16.47 -45.36 -1.73
N THR O 189 -17.49 -46.07 -1.24
CA THR O 189 -17.71 -46.06 0.20
C THR O 189 -16.56 -46.72 0.95
N HIS O 190 -16.07 -47.86 0.45
CA HIS O 190 -14.96 -48.55 1.08
C HIS O 190 -14.12 -49.25 0.03
N ARG O 191 -12.82 -49.36 0.31
CA ARG O 191 -11.88 -49.94 -0.65
C ARG O 191 -12.16 -51.41 -0.91
N ASN O 192 -12.38 -52.20 0.14
CA ASN O 192 -12.57 -53.62 -0.04
C ASN O 192 -14.02 -54.01 -0.28
N GLU O 193 -14.97 -53.14 0.10
CA GLU O 193 -16.37 -53.48 -0.11
C GLU O 193 -16.67 -53.60 -1.60
N ASN O 194 -16.16 -52.68 -2.41
CA ASN O 194 -16.41 -52.67 -3.84
C ASN O 194 -15.30 -53.30 -4.67
N LEU O 195 -14.04 -53.07 -4.31
CA LEU O 195 -12.88 -53.60 -5.03
C LEU O 195 -12.95 -53.29 -6.53
N TYR O 196 -13.38 -52.06 -6.86
CA TYR O 196 -13.44 -51.65 -8.25
C TYR O 196 -12.06 -51.65 -8.89
N PHE O 197 -11.06 -51.19 -8.15
CA PHE O 197 -9.69 -51.11 -8.65
C PHE O 197 -9.12 -52.52 -8.85
N LEU P 1 5.28 -27.51 -7.06
CA LEU P 1 6.13 -28.68 -6.94
C LEU P 1 6.24 -29.40 -8.26
N VAL P 2 7.36 -30.07 -8.46
CA VAL P 2 7.66 -30.82 -9.68
C VAL P 2 7.95 -32.26 -9.29
N PRO P 3 7.23 -33.24 -9.83
CA PRO P 3 7.52 -34.63 -9.47
C PRO P 3 8.82 -35.14 -10.04
N MET P 4 9.36 -36.14 -9.35
CA MET P 4 10.59 -36.80 -9.75
C MET P 4 10.26 -38.18 -10.28
N VAL P 5 10.92 -38.56 -11.35
CA VAL P 5 10.70 -39.84 -12.01
C VAL P 5 11.99 -40.63 -12.04
N ILE P 6 11.84 -41.90 -12.37
CA ILE P 6 12.95 -42.84 -12.44
C ILE P 6 13.05 -43.41 -13.85
N GLU P 7 14.28 -43.50 -14.33
CA GLU P 7 14.60 -44.08 -15.62
C GLU P 7 15.43 -45.33 -15.35
N GLN P 8 15.01 -46.46 -15.92
CA GLN P 8 15.66 -47.75 -15.68
C GLN P 8 16.45 -48.14 -16.91
N THR P 9 17.71 -47.71 -16.96
CA THR P 9 18.61 -48.05 -18.04
C THR P 9 19.48 -49.24 -17.63
N SER P 10 20.14 -49.84 -18.61
CA SER P 10 21.07 -50.92 -18.31
C SER P 10 22.18 -50.44 -17.39
N ARG P 11 22.60 -49.18 -17.57
CA ARG P 11 23.66 -48.61 -16.74
C ARG P 11 23.22 -48.52 -15.29
N GLY P 12 21.95 -48.20 -15.06
CA GLY P 12 21.44 -48.09 -13.71
C GLY P 12 20.28 -47.12 -13.64
N GLU P 13 19.75 -46.98 -12.44
CA GLU P 13 18.65 -46.07 -12.17
C GLU P 13 19.12 -44.63 -12.18
N ARG P 14 18.21 -43.73 -12.53
CA ARG P 14 18.52 -42.31 -12.61
C ARG P 14 17.28 -41.52 -12.24
N SER P 15 17.45 -40.55 -11.34
CA SER P 15 16.36 -39.71 -10.89
C SER P 15 16.32 -38.45 -11.74
N PHE P 16 15.15 -38.18 -12.30
CA PHE P 16 14.92 -37.05 -13.18
C PHE P 16 13.67 -36.30 -12.79
N ASP P 17 13.64 -35.04 -13.20
CA ASP P 17 12.44 -34.26 -13.04
C ASP P 17 11.54 -34.60 -14.21
N ILE P 18 10.24 -34.42 -14.03
CA ILE P 18 9.29 -34.78 -15.08
C ILE P 18 9.62 -34.01 -16.36
N TYR P 19 9.96 -32.73 -16.25
CA TYR P 19 10.30 -31.94 -17.41
C TYR P 19 11.62 -32.38 -18.03
N SER P 20 12.60 -32.68 -17.18
CA SER P 20 13.90 -33.10 -17.69
C SER P 20 13.82 -34.45 -18.37
N ARG P 21 13.02 -35.36 -17.84
CA ARG P 21 12.88 -36.67 -18.45
C ARG P 21 12.29 -36.54 -19.84
N LEU P 22 11.30 -35.67 -19.99
CA LEU P 22 10.70 -35.47 -21.29
C LEU P 22 11.68 -34.83 -22.26
N LEU P 23 12.54 -33.95 -21.75
CA LEU P 23 13.54 -33.33 -22.60
C LEU P 23 14.46 -34.38 -23.20
N LYS P 24 14.76 -35.41 -22.42
CA LYS P 24 15.57 -36.52 -22.90
C LYS P 24 14.90 -37.22 -24.07
N GLU P 25 13.58 -37.10 -24.19
CA GLU P 25 12.80 -37.66 -25.28
C GLU P 25 12.48 -36.62 -26.34
N ARG P 26 13.22 -35.52 -26.37
CA ARG P 26 13.04 -34.46 -27.36
C ARG P 26 11.65 -33.84 -27.29
N VAL P 27 11.32 -33.37 -26.09
CA VAL P 27 10.04 -32.72 -25.84
C VAL P 27 10.32 -31.47 -25.03
N ILE P 28 9.85 -30.34 -25.53
CA ILE P 28 10.02 -29.05 -24.90
C ILE P 28 8.63 -28.50 -24.61
N PHE P 29 8.54 -27.76 -23.51
CA PHE P 29 7.30 -27.15 -23.06
C PHE P 29 7.44 -25.64 -23.13
N LEU P 30 6.47 -25.00 -23.76
CA LEU P 30 6.41 -23.56 -23.91
C LEU P 30 5.11 -23.18 -23.24
N THR P 31 5.17 -22.94 -21.95
CA THR P 31 4.03 -22.60 -21.14
C THR P 31 4.19 -21.20 -20.57
N GLY P 32 3.07 -20.53 -20.35
CA GLY P 32 3.09 -19.21 -19.78
C GLY P 32 3.44 -18.14 -20.78
N GLN P 33 3.45 -16.92 -20.28
CA GLN P 33 3.78 -15.78 -21.13
C GLN P 33 5.19 -15.93 -21.67
N VAL P 34 5.38 -15.44 -22.88
CA VAL P 34 6.67 -15.48 -23.55
C VAL P 34 7.49 -14.28 -23.11
N GLU P 35 8.51 -14.52 -22.32
CA GLU P 35 9.43 -13.53 -21.81
C GLU P 35 10.82 -13.87 -22.33
N ASP P 36 11.82 -13.11 -21.87
CA ASP P 36 13.17 -13.33 -22.34
C ASP P 36 13.84 -14.52 -21.67
N HIS P 37 13.59 -14.72 -20.39
CA HIS P 37 14.23 -15.80 -19.66
C HIS P 37 13.74 -17.16 -20.12
N MET P 38 12.42 -17.35 -20.15
CA MET P 38 11.88 -18.64 -20.61
C MET P 38 12.29 -18.92 -22.04
N ALA P 39 12.30 -17.89 -22.89
CA ALA P 39 12.67 -18.06 -24.28
C ALA P 39 14.13 -18.46 -24.40
N ASN P 40 14.98 -17.83 -23.63
CA ASN P 40 16.40 -18.15 -23.63
C ASN P 40 16.60 -19.60 -23.22
N LEU P 41 15.81 -20.05 -22.26
CA LEU P 41 15.87 -21.43 -21.82
C LEU P 41 15.47 -22.38 -22.92
N ILE P 42 14.39 -22.06 -23.64
CA ILE P 42 13.92 -22.89 -24.73
C ILE P 42 14.97 -22.96 -25.82
N VAL P 43 15.64 -21.86 -26.08
CA VAL P 43 16.68 -21.82 -27.09
C VAL P 43 17.79 -22.78 -26.70
N ALA P 44 18.20 -22.76 -25.44
CA ALA P 44 19.25 -23.65 -24.97
C ALA P 44 18.85 -25.10 -25.15
N GLN P 45 17.61 -25.43 -24.86
CA GLN P 45 17.15 -26.80 -25.01
C GLN P 45 17.22 -27.25 -26.46
N MET P 46 16.80 -26.40 -27.40
CA MET P 46 16.83 -26.75 -28.80
C MET P 46 18.26 -27.02 -29.27
N LEU P 47 19.19 -26.17 -28.88
CA LEU P 47 20.58 -26.35 -29.26
C LEU P 47 21.13 -27.64 -28.68
N PHE P 48 20.83 -27.92 -27.42
CA PHE P 48 21.30 -29.15 -26.81
C PHE P 48 20.75 -30.37 -27.53
N LEU P 49 19.47 -30.32 -27.88
CA LEU P 49 18.84 -31.43 -28.59
C LEU P 49 19.44 -31.61 -29.97
N GLU P 50 19.68 -30.51 -30.68
CA GLU P 50 20.26 -30.59 -32.01
C GLU P 50 21.60 -31.30 -31.99
N ALA P 51 22.45 -30.96 -31.02
CA ALA P 51 23.76 -31.57 -30.95
C ALA P 51 23.68 -33.06 -30.62
N GLU P 52 22.74 -33.45 -29.77
CA GLU P 52 22.62 -34.86 -29.43
C GLU P 52 22.25 -35.69 -30.65
N ASN P 53 21.27 -35.24 -31.41
CA ASN P 53 20.83 -35.94 -32.62
C ASN P 53 20.23 -34.90 -33.54
N PRO P 54 20.99 -34.39 -34.52
CA PRO P 54 20.45 -33.40 -35.43
C PRO P 54 19.53 -33.94 -36.52
N GLU P 55 19.15 -35.21 -36.44
CA GLU P 55 18.27 -35.83 -37.42
C GLU P 55 16.91 -36.20 -36.86
N LYS P 56 16.77 -36.27 -35.54
CA LYS P 56 15.50 -36.62 -34.92
C LYS P 56 14.66 -35.37 -34.69
N ASP P 57 13.37 -35.52 -34.87
CA ASP P 57 12.44 -34.41 -34.73
C ASP P 57 12.30 -33.98 -33.29
N ILE P 58 12.17 -32.68 -33.10
CA ILE P 58 11.97 -32.07 -31.80
C ILE P 58 10.50 -31.76 -31.69
N TYR P 59 9.98 -31.82 -30.48
CA TYR P 59 8.58 -31.56 -30.19
C TYR P 59 8.50 -30.38 -29.25
N LEU P 60 7.59 -29.47 -29.55
CA LEU P 60 7.37 -28.26 -28.75
C LEU P 60 5.90 -28.16 -28.44
N TYR P 61 5.55 -28.31 -27.17
CA TYR P 61 4.17 -28.22 -26.72
C TYR P 61 3.91 -26.77 -26.38
N ILE P 62 2.75 -26.26 -26.79
CA ILE P 62 2.42 -24.85 -26.65
C ILE P 62 1.09 -24.66 -25.95
N ASN P 63 1.13 -24.02 -24.79
CA ASN P 63 -0.05 -23.62 -24.02
C ASN P 63 0.37 -22.26 -23.49
N SER P 64 0.00 -21.19 -24.19
CA SER P 64 0.45 -19.88 -23.77
C SER P 64 -0.45 -18.71 -24.13
N PRO P 65 -0.55 -17.69 -23.28
CA PRO P 65 -1.33 -16.51 -23.64
C PRO P 65 -0.55 -15.45 -24.39
N GLY P 66 0.64 -15.77 -24.89
CA GLY P 66 1.42 -14.84 -25.65
C GLY P 66 2.35 -14.02 -24.79
N GLY P 67 3.08 -13.14 -25.45
CA GLY P 67 3.96 -12.29 -24.71
C GLY P 67 4.80 -11.37 -25.57
N VAL P 68 6.05 -11.18 -25.15
CA VAL P 68 6.95 -10.31 -25.88
C VAL P 68 7.17 -10.90 -27.27
N ILE P 69 7.45 -10.03 -28.22
CA ILE P 69 7.69 -10.47 -29.58
C ILE P 69 9.15 -10.80 -29.81
N THR P 70 10.05 -9.98 -29.24
CA THR P 70 11.48 -10.22 -29.37
C THR P 70 11.85 -11.62 -28.90
N ALA P 71 11.30 -12.02 -27.76
CA ALA P 71 11.55 -13.35 -27.23
C ALA P 71 11.06 -14.42 -28.20
N GLY P 72 9.87 -14.22 -28.76
CA GLY P 72 9.35 -15.18 -29.71
C GLY P 72 10.20 -15.30 -30.96
N MET P 73 10.74 -14.17 -31.43
CA MET P 73 11.57 -14.20 -32.62
C MET P 73 12.82 -15.03 -32.39
N SER P 74 13.37 -14.97 -31.19
CA SER P 74 14.55 -15.77 -30.89
C SER P 74 14.23 -17.25 -31.01
N ILE P 75 13.10 -17.66 -30.46
CA ILE P 75 12.68 -19.04 -30.57
C ILE P 75 12.42 -19.39 -32.02
N TYR P 76 11.74 -18.50 -32.75
CA TYR P 76 11.42 -18.76 -34.15
C TYR P 76 12.67 -18.89 -35.00
N ASP P 77 13.60 -17.97 -34.82
CA ASP P 77 14.85 -18.00 -35.57
C ASP P 77 15.63 -19.25 -35.26
N THR P 78 15.63 -19.66 -34.00
CA THR P 78 16.35 -20.86 -33.60
C THR P 78 15.72 -22.09 -34.23
N MET P 79 14.40 -22.14 -34.34
CA MET P 79 13.73 -23.28 -34.93
C MET P 79 14.06 -23.40 -36.41
N GLN P 80 14.09 -22.29 -37.10
CA GLN P 80 14.40 -22.29 -38.52
C GLN P 80 15.89 -22.50 -38.77
N PHE P 81 16.73 -22.27 -37.78
CA PHE P 81 18.17 -22.43 -37.96
C PHE P 81 18.58 -23.88 -37.85
N ILE P 82 18.19 -24.52 -36.75
CA ILE P 82 18.56 -25.91 -36.52
C ILE P 82 18.04 -26.81 -37.64
N LYS P 83 18.74 -27.92 -37.82
CA LYS P 83 18.35 -28.87 -38.86
C LYS P 83 17.12 -29.67 -38.46
N PRO P 84 16.99 -30.19 -37.24
CA PRO P 84 15.81 -30.96 -36.87
C PRO P 84 14.50 -30.24 -37.12
N ASP P 85 13.49 -31.01 -37.51
CA ASP P 85 12.17 -30.49 -37.74
C ASP P 85 11.47 -30.34 -36.40
N VAL P 86 11.06 -29.12 -36.08
CA VAL P 86 10.41 -28.81 -34.81
C VAL P 86 8.91 -28.99 -34.98
N SER P 87 8.40 -30.11 -34.49
CA SER P 87 6.98 -30.40 -34.55
C SER P 87 6.28 -29.69 -33.40
N THR P 88 5.42 -28.74 -33.72
CA THR P 88 4.69 -27.98 -32.73
C THR P 88 3.33 -28.59 -32.46
N ILE P 89 2.95 -28.64 -31.19
CA ILE P 89 1.65 -29.13 -30.77
C ILE P 89 1.03 -28.07 -29.88
N CYS P 90 -0.25 -27.83 -30.09
CA CYS P 90 -1.02 -26.84 -29.34
C CYS P 90 -1.90 -27.54 -28.32
N MET P 91 -1.71 -27.20 -27.06
CA MET P 91 -2.49 -27.76 -25.96
C MET P 91 -3.13 -26.61 -25.22
N GLY P 92 -4.44 -26.62 -25.15
CA GLY P 92 -5.18 -25.60 -24.46
C GLY P 92 -5.39 -24.36 -25.30
N GLN P 93 -4.35 -23.56 -25.50
CA GLN P 93 -4.51 -22.40 -26.34
C GLN P 93 -3.17 -21.94 -26.89
N ALA P 94 -3.25 -21.25 -28.01
CA ALA P 94 -2.13 -20.56 -28.60
C ALA P 94 -2.55 -19.11 -28.82
N ALA P 95 -1.75 -18.20 -28.33
CA ALA P 95 -1.96 -16.78 -28.49
C ALA P 95 -1.26 -16.31 -29.76
N SER P 96 -1.20 -14.99 -29.94
CA SER P 96 -0.58 -14.45 -31.15
C SER P 96 0.85 -14.91 -31.29
N MET P 97 1.64 -14.81 -30.22
CA MET P 97 3.01 -15.31 -30.31
C MET P 97 3.03 -16.82 -30.32
N GLY P 98 2.17 -17.45 -29.52
CA GLY P 98 2.12 -18.91 -29.52
C GLY P 98 1.69 -19.46 -30.86
N ALA P 99 0.71 -18.80 -31.48
CA ALA P 99 0.25 -19.22 -32.79
C ALA P 99 1.34 -19.04 -33.83
N PHE P 100 2.10 -17.95 -33.69
CA PHE P 100 3.19 -17.69 -34.61
C PHE P 100 4.24 -18.79 -34.51
N LEU P 101 4.54 -19.21 -33.30
CA LEU P 101 5.49 -20.30 -33.11
C LEU P 101 4.88 -21.62 -33.52
N LEU P 102 3.58 -21.77 -33.35
CA LEU P 102 2.91 -23.00 -33.73
C LEU P 102 2.97 -23.20 -35.24
N THR P 103 2.54 -22.19 -35.99
CA THR P 103 2.55 -22.28 -37.45
C THR P 103 3.96 -22.31 -38.01
N ALA P 104 4.95 -21.88 -37.22
CA ALA P 104 6.33 -21.89 -37.65
C ALA P 104 6.96 -23.26 -37.62
N GLY P 105 6.26 -24.26 -37.12
CA GLY P 105 6.79 -25.59 -37.07
C GLY P 105 7.01 -26.15 -38.47
N ALA P 106 7.59 -27.34 -38.49
CA ALA P 106 7.87 -28.00 -39.75
C ALA P 106 6.58 -28.33 -40.47
N LYS P 107 6.56 -28.09 -41.77
CA LYS P 107 5.40 -28.38 -42.58
C LYS P 107 5.03 -29.85 -42.44
N GLY P 108 3.77 -30.09 -42.12
CA GLY P 108 3.25 -31.43 -41.94
C GLY P 108 3.42 -31.97 -40.55
N LYS P 109 4.08 -31.23 -39.66
CA LYS P 109 4.31 -31.66 -38.29
C LYS P 109 3.78 -30.63 -37.29
N ARG P 110 2.74 -29.89 -37.68
CA ARG P 110 2.09 -28.92 -36.81
C ARG P 110 0.73 -29.50 -36.47
N PHE P 111 0.54 -29.84 -35.20
CA PHE P 111 -0.69 -30.44 -34.72
C PHE P 111 -1.38 -29.55 -33.71
N CYS P 112 -2.66 -29.82 -33.52
CA CYS P 112 -3.49 -29.12 -32.57
C CYS P 112 -4.49 -30.12 -32.01
N LEU P 113 -4.69 -30.07 -30.72
CA LEU P 113 -5.65 -30.95 -30.11
C LEU P 113 -7.05 -30.49 -30.48
N PRO P 114 -8.03 -31.39 -30.42
CA PRO P 114 -9.39 -31.02 -30.84
C PRO P 114 -10.01 -29.80 -30.16
N ASN P 115 -9.99 -29.76 -28.84
CA ASN P 115 -10.64 -28.69 -28.09
C ASN P 115 -9.76 -27.47 -27.89
N SER P 116 -8.59 -27.42 -28.51
CA SER P 116 -7.72 -26.28 -28.36
C SER P 116 -8.25 -25.09 -29.17
N ARG P 117 -7.78 -23.91 -28.78
CA ARG P 117 -8.15 -22.66 -29.42
C ARG P 117 -6.89 -21.96 -29.86
N VAL P 118 -7.05 -21.08 -30.85
CA VAL P 118 -5.95 -20.30 -31.38
C VAL P 118 -6.43 -18.88 -31.54
N MET P 119 -5.55 -17.93 -31.26
CA MET P 119 -5.86 -16.52 -31.35
C MET P 119 -4.72 -15.80 -32.05
N ILE P 120 -5.06 -15.04 -33.08
CA ILE P 120 -4.09 -14.26 -33.82
C ILE P 120 -4.55 -12.81 -33.80
N HIS P 121 -3.62 -11.90 -33.55
CA HIS P 121 -3.94 -10.49 -33.54
C HIS P 121 -2.66 -9.73 -33.85
N GLN P 122 -2.82 -8.46 -34.16
CA GLN P 122 -1.67 -7.66 -34.49
C GLN P 122 -0.90 -7.27 -33.23
N PRO P 123 0.39 -6.93 -33.38
CA PRO P 123 1.19 -6.56 -32.22
C PRO P 123 0.60 -5.43 -31.39
N LEU P 124 0.99 -5.42 -30.13
CA LEU P 124 0.59 -4.42 -29.16
C LEU P 124 1.84 -3.71 -28.67
N GLY P 125 1.67 -2.45 -28.33
CA GLY P 125 2.79 -1.69 -27.84
C GLY P 125 2.35 -0.33 -27.39
N GLY P 126 3.31 0.56 -27.27
CA GLY P 126 3.05 1.91 -26.85
C GLY P 126 4.29 2.61 -26.37
N TYR P 127 4.23 3.93 -26.39
CA TYR P 127 5.35 4.74 -25.97
C TYR P 127 4.81 6.07 -25.46
N GLN P 128 5.57 6.67 -24.57
CA GLN P 128 5.24 7.96 -23.98
C GLN P 128 6.47 8.84 -24.07
N GLY P 129 6.30 10.02 -24.67
CA GLY P 129 7.40 10.94 -24.80
C GLY P 129 7.10 11.96 -25.89
N GLN P 130 8.18 12.50 -26.43
CA GLN P 130 8.07 13.50 -27.46
C GLN P 130 7.47 12.92 -28.74
N ALA P 131 7.04 13.81 -29.62
CA ALA P 131 6.45 13.39 -30.87
C ALA P 131 7.47 12.72 -31.77
N THR P 132 8.71 13.18 -31.72
CA THR P 132 9.76 12.58 -32.53
C THR P 132 9.97 11.13 -32.13
N ASP P 133 10.15 10.90 -30.84
CA ASP P 133 10.33 9.55 -30.33
C ASP P 133 9.12 8.68 -30.65
N ILE P 134 7.93 9.26 -30.57
CA ILE P 134 6.70 8.52 -30.86
C ILE P 134 6.72 8.00 -32.30
N GLU P 135 7.08 8.86 -33.23
CA GLU P 135 7.12 8.48 -34.64
C GLU P 135 8.08 7.32 -34.86
N ILE P 136 9.23 7.37 -34.21
CA ILE P 136 10.22 6.30 -34.35
C ILE P 136 9.65 4.98 -33.87
N HIS P 137 9.14 4.95 -32.65
CA HIS P 137 8.59 3.73 -32.09
C HIS P 137 7.39 3.23 -32.88
N ALA P 138 6.59 4.15 -33.40
CA ALA P 138 5.43 3.77 -34.20
C ALA P 138 5.87 3.08 -35.48
N ARG P 139 6.85 3.65 -36.17
CA ARG P 139 7.35 3.04 -37.39
C ARG P 139 7.91 1.66 -37.13
N GLU P 140 8.60 1.50 -36.01
CA GLU P 140 9.21 0.22 -35.68
C GLU P 140 8.17 -0.87 -35.49
N ILE P 141 7.13 -0.59 -34.70
CA ILE P 141 6.11 -1.60 -34.45
C ILE P 141 5.35 -1.94 -35.73
N LEU P 142 5.20 -0.97 -36.62
CA LEU P 142 4.53 -1.25 -37.88
C LEU P 142 5.36 -2.19 -38.72
N LYS P 143 6.68 -1.99 -38.73
CA LYS P 143 7.57 -2.89 -39.44
C LYS P 143 7.48 -4.28 -38.87
N VAL P 144 7.37 -4.37 -37.55
CA VAL P 144 7.23 -5.65 -36.88
C VAL P 144 5.94 -6.32 -37.32
N LYS P 145 4.86 -5.56 -37.37
CA LYS P 145 3.58 -6.10 -37.81
C LYS P 145 3.68 -6.62 -39.23
N GLY P 146 4.32 -5.86 -40.11
CA GLY P 146 4.49 -6.31 -41.48
C GLY P 146 5.32 -7.56 -41.56
N ARG P 147 6.40 -7.61 -40.80
CA ARG P 147 7.27 -8.77 -40.80
C ARG P 147 6.55 -10.00 -40.29
N MET P 148 5.78 -9.84 -39.22
CA MET P 148 5.03 -10.96 -38.66
C MET P 148 3.99 -11.47 -39.64
N ASN P 149 3.30 -10.56 -40.32
CA ASN P 149 2.28 -10.96 -41.28
C ASN P 149 2.90 -11.71 -42.45
N GLU P 150 4.08 -11.27 -42.90
CA GLU P 150 4.74 -11.96 -44.00
C GLU P 150 5.09 -13.38 -43.63
N LEU P 151 5.62 -13.57 -42.43
CA LEU P 151 5.98 -14.90 -41.96
C LEU P 151 4.75 -15.77 -41.79
N MET P 152 3.67 -15.21 -41.27
CA MET P 152 2.44 -15.97 -41.10
C MET P 152 1.91 -16.43 -42.44
N ALA P 153 1.98 -15.56 -43.44
CA ALA P 153 1.50 -15.92 -44.77
C ALA P 153 2.38 -16.97 -45.41
N LEU P 154 3.69 -16.92 -45.16
CA LEU P 154 4.59 -17.90 -45.73
C LEU P 154 4.33 -19.28 -45.18
N HIS P 155 4.09 -19.36 -43.87
CA HIS P 155 3.85 -20.64 -43.22
C HIS P 155 2.42 -21.13 -43.45
N THR P 156 1.45 -20.24 -43.35
CA THR P 156 0.06 -20.62 -43.53
C THR P 156 -0.33 -20.77 -44.98
N GLY P 157 0.44 -20.23 -45.91
CA GLY P 157 0.11 -20.32 -47.30
C GLY P 157 -0.87 -19.27 -47.76
N GLN P 158 -1.55 -18.58 -46.85
CA GLN P 158 -2.51 -17.57 -47.20
C GLN P 158 -1.81 -16.39 -47.86
N SER P 159 -2.62 -15.45 -48.32
CA SER P 159 -2.11 -14.24 -48.93
C SER P 159 -1.86 -13.21 -47.84
N LEU P 160 -0.87 -12.36 -48.08
CA LEU P 160 -0.53 -11.31 -47.14
C LEU P 160 -1.73 -10.41 -46.87
N GLU P 161 -2.52 -10.12 -47.91
CA GLU P 161 -3.67 -9.26 -47.75
C GLU P 161 -4.70 -9.88 -46.82
N GLN P 162 -4.98 -11.17 -46.98
CA GLN P 162 -5.95 -11.84 -46.13
C GLN P 162 -5.49 -11.85 -44.69
N ILE P 163 -4.20 -12.07 -44.46
CA ILE P 163 -3.66 -12.09 -43.10
C ILE P 163 -3.85 -10.74 -42.44
N GLU P 164 -3.58 -9.67 -43.19
CA GLU P 164 -3.73 -8.33 -42.64
C GLU P 164 -5.18 -8.07 -42.26
N ARG P 165 -6.12 -8.51 -43.09
CA ARG P 165 -7.52 -8.29 -42.78
C ARG P 165 -7.96 -9.08 -41.56
N ASP P 166 -7.43 -10.28 -41.40
CA ASP P 166 -7.81 -11.14 -40.28
C ASP P 166 -7.10 -10.80 -38.99
N THR P 167 -5.93 -10.17 -39.04
CA THR P 167 -5.20 -9.83 -37.84
C THR P 167 -5.48 -8.43 -37.33
N GLU P 168 -6.27 -7.63 -38.05
CA GLU P 168 -6.60 -6.29 -37.59
C GLU P 168 -7.26 -6.32 -36.23
N ARG P 169 -7.95 -7.42 -35.90
CA ARG P 169 -8.59 -7.60 -34.63
C ARG P 169 -8.44 -9.05 -34.23
N ASP P 170 -8.57 -9.29 -32.94
CA ASP P 170 -8.46 -10.64 -32.38
C ASP P 170 -9.39 -11.59 -33.10
N ARG P 171 -8.81 -12.63 -33.67
CA ARG P 171 -9.53 -13.66 -34.39
C ARG P 171 -9.28 -14.99 -33.72
N PHE P 172 -10.34 -15.66 -33.34
CA PHE P 172 -10.26 -16.95 -32.67
C PHE P 172 -10.52 -18.05 -33.68
N LEU P 173 -9.82 -19.16 -33.47
CA LEU P 173 -9.92 -20.29 -34.35
C LEU P 173 -9.80 -21.57 -33.54
N SER P 174 -10.65 -22.52 -33.86
CA SER P 174 -10.60 -23.82 -33.25
C SER P 174 -9.63 -24.67 -34.06
N ALA P 175 -9.44 -25.90 -33.63
CA ALA P 175 -8.57 -26.82 -34.36
C ALA P 175 -8.99 -26.99 -35.81
N PRO P 176 -10.26 -27.26 -36.13
CA PRO P 176 -10.65 -27.41 -37.53
C PRO P 176 -10.45 -26.16 -38.36
N GLU P 177 -10.85 -25.00 -37.82
CA GLU P 177 -10.69 -23.75 -38.55
C GLU P 177 -9.23 -23.48 -38.83
N ALA P 178 -8.36 -23.77 -37.85
CA ALA P 178 -6.94 -23.56 -38.01
C ALA P 178 -6.39 -24.42 -39.13
N VAL P 179 -6.88 -25.65 -39.24
CA VAL P 179 -6.44 -26.55 -40.30
C VAL P 179 -6.79 -25.97 -41.65
N GLU P 180 -8.03 -25.50 -41.79
CA GLU P 180 -8.46 -24.90 -43.05
C GLU P 180 -7.71 -23.61 -43.32
N TYR P 181 -7.34 -22.88 -42.28
CA TYR P 181 -6.59 -21.64 -42.40
C TYR P 181 -5.11 -21.88 -42.63
N GLY P 182 -4.67 -23.13 -42.74
CA GLY P 182 -3.27 -23.42 -42.95
C GLY P 182 -2.39 -23.21 -41.75
N LEU P 183 -2.97 -22.87 -40.60
CA LEU P 183 -2.16 -22.59 -39.43
C LEU P 183 -1.57 -23.86 -38.83
N VAL P 184 -2.27 -24.98 -38.97
CA VAL P 184 -1.81 -26.28 -38.54
C VAL P 184 -1.99 -27.24 -39.70
N ASP P 185 -1.64 -28.50 -39.47
CA ASP P 185 -1.70 -29.54 -40.48
C ASP P 185 -2.74 -30.59 -40.20
N SER P 186 -2.85 -31.08 -38.97
CA SER P 186 -3.85 -32.08 -38.65
C SER P 186 -4.21 -31.96 -37.18
N ILE P 187 -4.98 -32.93 -36.69
CA ILE P 187 -5.46 -32.97 -35.33
C ILE P 187 -5.16 -34.34 -34.73
N LEU P 188 -4.92 -34.35 -33.42
CA LEU P 188 -4.63 -35.56 -32.66
C LEU P 188 -5.80 -35.84 -31.73
N THR P 189 -6.75 -36.66 -32.20
CA THR P 189 -7.89 -37.01 -31.38
C THR P 189 -7.55 -38.16 -30.44
N HIS P 190 -7.11 -39.28 -31.01
CA HIS P 190 -6.75 -40.47 -30.26
C HIS P 190 -5.42 -40.99 -30.77
N ARG P 191 -4.91 -41.99 -30.09
CA ARG P 191 -3.64 -42.61 -30.45
C ARG P 191 -3.91 -43.83 -31.31
N ASN P 192 -3.22 -43.92 -32.43
CA ASN P 192 -3.37 -45.02 -33.37
C ASN P 192 -2.22 -46.02 -33.22
N LEU Q 1 11.87 -22.98 -13.33
CA LEU Q 1 12.68 -24.18 -13.27
C LEU Q 1 13.68 -24.21 -14.41
N VAL Q 2 14.79 -24.91 -14.18
CA VAL Q 2 15.86 -25.07 -15.15
C VAL Q 2 16.04 -26.56 -15.38
N PRO Q 3 15.95 -27.06 -16.61
CA PRO Q 3 16.09 -28.51 -16.81
C PRO Q 3 17.51 -28.98 -16.60
N MET Q 4 17.62 -30.26 -16.27
CA MET Q 4 18.88 -30.94 -16.05
C MET Q 4 19.09 -31.91 -17.19
N VAL Q 5 20.33 -31.96 -17.67
CA VAL Q 5 20.72 -32.80 -18.78
C VAL Q 5 21.81 -33.74 -18.32
N ILE Q 6 22.08 -34.73 -19.16
CA ILE Q 6 23.07 -35.75 -18.89
C ILE Q 6 24.13 -35.70 -19.98
N GLU Q 7 25.39 -35.76 -19.56
CA GLU Q 7 26.54 -35.76 -20.44
C GLU Q 7 27.25 -37.09 -20.29
N GLN Q 8 27.52 -37.76 -21.41
CA GLN Q 8 28.23 -39.03 -21.38
C GLN Q 8 29.71 -38.75 -21.52
N THR Q 9 30.48 -39.25 -20.56
CA THR Q 9 31.92 -39.07 -20.54
C THR Q 9 32.59 -40.42 -20.30
N SER Q 10 33.92 -40.41 -20.36
CA SER Q 10 34.67 -41.64 -20.15
C SER Q 10 34.54 -42.11 -18.71
N ARG Q 11 34.58 -41.18 -17.75
CA ARG Q 11 34.48 -41.57 -16.35
C ARG Q 11 33.09 -42.09 -16.01
N GLY Q 12 32.06 -41.46 -16.53
CA GLY Q 12 30.70 -41.87 -16.25
C GLY Q 12 29.75 -40.74 -16.60
N GLU Q 13 28.47 -41.01 -16.39
CA GLU Q 13 27.49 -39.98 -16.67
C GLU Q 13 27.61 -38.84 -15.67
N ARG Q 14 27.23 -37.65 -16.12
CA ARG Q 14 27.29 -36.45 -15.30
C ARG Q 14 26.02 -35.66 -15.53
N SER Q 15 25.42 -35.15 -14.45
CA SER Q 15 24.21 -34.37 -14.56
C SER Q 15 24.57 -32.90 -14.46
N PHE Q 16 24.04 -32.11 -15.38
CA PHE Q 16 24.29 -30.69 -15.48
C PHE Q 16 23.00 -29.94 -15.72
N ASP Q 17 23.00 -28.67 -15.34
CA ASP Q 17 21.88 -27.85 -15.73
C ASP Q 17 22.15 -27.41 -17.16
N ILE Q 18 21.10 -27.00 -17.86
CA ILE Q 18 21.25 -26.68 -19.27
C ILE Q 18 22.23 -25.53 -19.48
N TYR Q 19 22.24 -24.55 -18.59
CA TYR Q 19 23.14 -23.43 -18.75
C TYR Q 19 24.59 -23.83 -18.52
N SER Q 20 24.84 -24.67 -17.52
CA SER Q 20 26.19 -25.11 -17.23
C SER Q 20 26.75 -25.98 -18.33
N ARG Q 21 25.91 -26.81 -18.94
CA ARG Q 21 26.38 -27.67 -20.02
C ARG Q 21 26.85 -26.84 -21.19
N LEU Q 22 26.11 -25.78 -21.52
CA LEU Q 22 26.51 -24.91 -22.59
C LEU Q 22 27.80 -24.18 -22.26
N LEU Q 23 27.99 -23.81 -20.99
CA LEU Q 23 29.21 -23.16 -20.58
C LEU Q 23 30.41 -24.07 -20.85
N LYS Q 24 30.22 -25.37 -20.66
CA LYS Q 24 31.26 -26.33 -20.96
C LYS Q 24 31.65 -26.28 -22.43
N GLU Q 25 30.74 -25.81 -23.29
CA GLU Q 25 30.96 -25.66 -24.72
C GLU Q 25 31.30 -24.23 -25.09
N ARG Q 26 31.72 -23.42 -24.13
CA ARG Q 26 32.13 -22.04 -24.37
C ARG Q 26 30.98 -21.19 -24.90
N VAL Q 27 29.87 -21.23 -24.19
CA VAL Q 27 28.68 -20.47 -24.54
C VAL Q 27 28.18 -19.79 -23.28
N ILE Q 28 28.08 -18.47 -23.36
CA ILE Q 28 27.62 -17.63 -22.26
C ILE Q 28 26.34 -16.96 -22.72
N PHE Q 29 25.44 -16.74 -21.77
CA PHE Q 29 24.16 -16.12 -22.02
C PHE Q 29 24.10 -14.78 -21.30
N LEU Q 30 23.64 -13.76 -22.01
CA LEU Q 30 23.49 -12.41 -21.50
C LEU Q 30 22.02 -12.09 -21.73
N THR Q 31 21.22 -12.42 -20.74
CA THR Q 31 19.78 -12.24 -20.79
C THR Q 31 19.34 -11.26 -19.71
N GLY Q 32 18.27 -10.55 -19.98
CA GLY Q 32 17.73 -9.62 -19.04
C GLY Q 32 18.52 -8.34 -18.98
N GLN Q 33 18.04 -7.44 -18.12
CA GLN Q 33 18.72 -6.16 -17.96
C GLN Q 33 20.13 -6.37 -17.46
N VAL Q 34 21.01 -5.48 -17.90
CA VAL Q 34 22.42 -5.52 -17.52
C VAL Q 34 22.57 -4.83 -16.17
N GLU Q 35 22.84 -5.61 -15.14
CA GLU Q 35 23.05 -5.14 -13.78
C GLU Q 35 24.46 -5.52 -13.37
N ASP Q 36 24.80 -5.26 -12.12
CA ASP Q 36 26.14 -5.54 -11.62
C ASP Q 36 26.36 -7.01 -11.31
N HIS Q 37 25.35 -7.66 -10.73
CA HIS Q 37 25.51 -9.06 -10.35
C HIS Q 37 25.62 -9.96 -11.57
N MET Q 38 24.70 -9.84 -12.52
CA MET Q 38 24.77 -10.67 -13.72
C MET Q 38 26.06 -10.41 -14.49
N ALA Q 39 26.48 -9.15 -14.55
CA ALA Q 39 27.71 -8.81 -15.25
C ALA Q 39 28.91 -9.44 -14.57
N ASN Q 40 28.93 -9.38 -13.25
CA ASN Q 40 30.02 -9.98 -12.50
C ASN Q 40 30.07 -11.48 -12.76
N LEU Q 41 28.91 -12.10 -12.86
CA LEU Q 41 28.82 -13.51 -13.19
C LEU Q 41 29.38 -13.80 -14.57
N ILE Q 42 29.02 -12.98 -15.55
CA ILE Q 42 29.49 -13.15 -16.91
C ILE Q 42 30.99 -13.00 -16.97
N VAL Q 43 31.51 -12.06 -16.20
CA VAL Q 43 32.95 -11.82 -16.16
C VAL Q 43 33.66 -13.07 -15.66
N ALA Q 44 33.14 -13.68 -14.60
CA ALA Q 44 33.75 -14.87 -14.06
C ALA Q 44 33.77 -15.99 -15.08
N GLN Q 45 32.70 -16.15 -15.85
CA GLN Q 45 32.65 -17.19 -16.86
C GLN Q 45 33.70 -16.98 -17.92
N MET Q 46 33.91 -15.75 -18.35
CA MET Q 46 34.91 -15.47 -19.38
C MET Q 46 36.30 -15.83 -18.89
N LEU Q 47 36.63 -15.44 -17.67
CA LEU Q 47 37.93 -15.73 -17.11
C LEU Q 47 38.14 -17.22 -16.97
N PHE Q 48 37.13 -17.94 -16.50
CA PHE Q 48 37.23 -19.38 -16.36
C PHE Q 48 37.48 -20.04 -17.71
N LEU Q 49 36.74 -19.62 -18.72
CA LEU Q 49 36.89 -20.20 -20.05
C LEU Q 49 38.26 -19.90 -20.63
N GLU Q 50 38.76 -18.68 -20.43
CA GLU Q 50 40.05 -18.31 -20.94
C GLU Q 50 41.14 -19.21 -20.38
N ALA Q 51 41.10 -19.45 -19.07
CA ALA Q 51 42.09 -20.31 -18.45
C ALA Q 51 41.98 -21.74 -18.95
N GLU Q 52 40.76 -22.22 -19.16
CA GLU Q 52 40.56 -23.57 -19.65
C GLU Q 52 41.19 -23.75 -21.01
N ASN Q 53 40.92 -22.84 -21.92
CA ASN Q 53 41.48 -22.89 -23.27
C ASN Q 53 41.53 -21.45 -23.79
N PRO Q 54 42.68 -20.78 -23.70
CA PRO Q 54 42.77 -19.40 -24.17
C PRO Q 54 42.87 -19.23 -25.68
N GLU Q 55 42.69 -20.30 -26.46
CA GLU Q 55 42.76 -20.24 -27.90
C GLU Q 55 41.42 -20.49 -28.59
N LYS Q 56 40.45 -21.05 -27.88
CA LYS Q 56 39.14 -21.33 -28.44
C LYS Q 56 38.23 -20.14 -28.26
N ASP Q 57 37.44 -19.86 -29.29
CA ASP Q 57 36.55 -18.72 -29.26
C ASP Q 57 35.42 -18.93 -28.26
N ILE Q 58 35.02 -17.84 -27.64
CA ILE Q 58 33.92 -17.82 -26.70
C ILE Q 58 32.72 -17.28 -27.44
N TYR Q 59 31.53 -17.72 -27.03
CA TYR Q 59 30.28 -17.31 -27.61
C TYR Q 59 29.43 -16.64 -26.56
N LEU Q 60 28.87 -15.49 -26.90
CA LEU Q 60 28.03 -14.72 -25.99
C LEU Q 60 26.72 -14.42 -26.71
N TYR Q 61 25.65 -15.01 -26.22
CA TYR Q 61 24.32 -14.81 -26.77
C TYR Q 61 23.71 -13.62 -26.07
N ILE Q 62 23.10 -12.73 -26.84
CA ILE Q 62 22.58 -11.47 -26.31
C ILE Q 62 21.11 -11.30 -26.64
N ASN Q 63 20.28 -11.25 -25.61
CA ASN Q 63 18.86 -10.96 -25.68
C ASN Q 63 18.64 -10.09 -24.46
N SER Q 64 18.69 -8.77 -24.64
CA SER Q 64 18.59 -7.89 -23.50
C SER Q 64 18.04 -6.51 -23.79
N PRO Q 65 17.24 -5.93 -22.90
CA PRO Q 65 16.74 -4.58 -23.11
C PRO Q 65 17.65 -3.48 -22.59
N GLY Q 66 18.89 -3.81 -22.23
CA GLY Q 66 19.84 -2.83 -21.77
C GLY Q 66 19.85 -2.71 -20.27
N GLY Q 67 20.73 -1.83 -19.80
CA GLY Q 67 20.80 -1.60 -18.39
C GLY Q 67 21.87 -0.62 -17.97
N VAL Q 68 22.48 -0.92 -16.83
CA VAL Q 68 23.52 -0.05 -16.31
C VAL Q 68 24.69 -0.05 -17.28
N ILE Q 69 25.41 1.07 -17.30
CA ILE Q 69 26.55 1.21 -18.20
C ILE Q 69 27.82 0.70 -17.56
N THR Q 70 28.00 0.98 -16.26
CA THR Q 70 29.18 0.51 -15.55
C THR Q 70 29.31 -1.00 -15.65
N ALA Q 71 28.21 -1.70 -15.48
CA ALA Q 71 28.21 -3.14 -15.58
C ALA Q 71 28.62 -3.58 -16.98
N GLY Q 72 28.05 -2.94 -17.99
CA GLY Q 72 28.40 -3.26 -19.36
C GLY Q 72 29.86 -3.05 -19.68
N MET Q 73 30.45 -1.99 -19.12
CA MET Q 73 31.85 -1.72 -19.40
C MET Q 73 32.75 -2.81 -18.84
N SER Q 74 32.38 -3.39 -17.70
CA SER Q 74 33.18 -4.46 -17.16
C SER Q 74 33.22 -5.64 -18.11
N ILE Q 75 32.06 -5.98 -18.68
CA ILE Q 75 32.00 -7.05 -19.65
C ILE Q 75 32.82 -6.69 -20.89
N TYR Q 76 32.68 -5.46 -21.36
CA TYR Q 76 33.41 -5.02 -22.54
C TYR Q 76 34.91 -5.03 -22.32
N ASP Q 77 35.34 -4.51 -21.18
CA ASP Q 77 36.76 -4.50 -20.86
C ASP Q 77 37.30 -5.91 -20.73
N THR Q 78 36.53 -6.79 -20.11
CA THR Q 78 36.94 -8.17 -19.95
C THR Q 78 37.08 -8.86 -21.31
N MET Q 79 36.17 -8.56 -22.23
CA MET Q 79 36.23 -9.18 -23.55
C MET Q 79 37.46 -8.72 -24.32
N GLN Q 80 37.76 -7.43 -24.27
CA GLN Q 80 38.92 -6.90 -24.96
C GLN Q 80 40.22 -7.28 -24.27
N PHE Q 81 40.16 -7.74 -23.03
CA PHE Q 81 41.36 -8.10 -22.30
C PHE Q 81 41.80 -9.53 -22.62
N ILE Q 82 40.88 -10.47 -22.47
CA ILE Q 82 41.18 -11.86 -22.71
C ILE Q 82 41.66 -12.08 -24.14
N LYS Q 83 42.42 -13.16 -24.31
CA LYS Q 83 42.96 -13.49 -25.63
C LYS Q 83 41.90 -14.05 -26.56
N PRO Q 84 41.05 -14.99 -26.13
CA PRO Q 84 40.02 -15.53 -27.04
C PRO Q 84 39.16 -14.49 -27.70
N ASP Q 85 38.69 -14.84 -28.89
CA ASP Q 85 37.79 -13.99 -29.65
C ASP Q 85 36.37 -14.27 -29.18
N VAL Q 86 35.71 -13.24 -28.66
CA VAL Q 86 34.37 -13.36 -28.12
C VAL Q 86 33.38 -13.10 -29.26
N SER Q 87 32.83 -14.17 -29.80
CA SER Q 87 31.84 -14.08 -30.87
C SER Q 87 30.48 -13.78 -30.27
N THR Q 88 29.93 -12.63 -30.61
CA THR Q 88 28.62 -12.21 -30.11
C THR Q 88 27.52 -12.57 -31.09
N ILE Q 89 26.40 -13.01 -30.56
CA ILE Q 89 25.22 -13.35 -31.33
C ILE Q 89 24.04 -12.62 -30.71
N CYS Q 90 23.21 -12.05 -31.55
CA CYS Q 90 22.02 -11.30 -31.14
C CYS Q 90 20.78 -12.12 -31.41
N MET Q 91 20.06 -12.44 -30.35
CA MET Q 91 18.84 -13.23 -30.43
C MET Q 91 17.74 -12.42 -29.78
N GLY Q 92 16.68 -12.15 -30.53
CA GLY Q 92 15.56 -11.39 -30.04
C GLY Q 92 15.81 -9.91 -30.13
N GLN Q 93 16.65 -9.36 -29.25
CA GLN Q 93 16.92 -7.94 -29.34
C GLN Q 93 18.23 -7.59 -28.66
N ALA Q 94 18.79 -6.48 -29.10
CA ALA Q 94 19.97 -5.88 -28.51
C ALA Q 94 19.66 -4.42 -28.28
N ALA Q 95 19.71 -4.00 -27.05
CA ALA Q 95 19.45 -2.62 -26.66
C ALA Q 95 20.76 -1.85 -26.67
N SER Q 96 20.76 -0.64 -26.13
CA SER Q 96 21.93 0.22 -26.16
C SER Q 96 23.16 -0.48 -25.60
N MET Q 97 23.05 -1.03 -24.39
CA MET Q 97 24.21 -1.73 -23.85
C MET Q 97 24.41 -3.07 -24.55
N GLY Q 98 23.33 -3.76 -24.87
CA GLY Q 98 23.47 -5.03 -25.57
C GLY Q 98 24.09 -4.85 -26.94
N ALA Q 99 23.70 -3.80 -27.64
CA ALA Q 99 24.27 -3.51 -28.95
C ALA Q 99 25.74 -3.16 -28.82
N PHE Q 100 26.08 -2.44 -27.75
CA PHE Q 100 27.46 -2.07 -27.52
C PHE Q 100 28.32 -3.30 -27.32
N LEU Q 101 27.80 -4.28 -26.58
CA LEU Q 101 28.54 -5.50 -26.37
C LEU Q 101 28.54 -6.35 -27.63
N LEU Q 102 27.44 -6.32 -28.38
CA LEU Q 102 27.35 -7.07 -29.62
C LEU Q 102 28.40 -6.62 -30.61
N THR Q 103 28.44 -5.32 -30.89
CA THR Q 103 29.43 -4.79 -31.81
C THR Q 103 30.84 -4.91 -31.28
N ALA Q 104 30.99 -5.03 -29.96
CA ALA Q 104 32.31 -5.15 -29.36
C ALA Q 104 32.93 -6.52 -29.57
N GLY Q 105 32.20 -7.47 -30.12
CA GLY Q 105 32.74 -8.77 -30.36
C GLY Q 105 33.89 -8.73 -31.35
N ALA Q 106 34.50 -9.89 -31.53
CA ALA Q 106 35.63 -10.00 -32.44
C ALA Q 106 35.18 -9.69 -33.85
N LYS Q 107 36.06 -9.00 -34.58
CA LYS Q 107 35.78 -8.66 -35.96
C LYS Q 107 35.56 -9.92 -36.78
N GLY Q 108 34.46 -9.95 -37.51
CA GLY Q 108 34.11 -11.09 -38.32
C GLY Q 108 33.39 -12.18 -37.58
N LYS Q 109 33.21 -12.05 -36.27
CA LYS Q 109 32.54 -13.04 -35.45
C LYS Q 109 31.35 -12.44 -34.71
N ARG Q 110 30.74 -11.41 -35.28
CA ARG Q 110 29.56 -10.76 -34.72
C ARG Q 110 28.41 -11.15 -35.63
N PHE Q 111 27.52 -11.99 -35.13
CA PHE Q 111 26.38 -12.48 -35.89
C PHE Q 111 25.09 -11.97 -35.31
N CYS Q 112 24.05 -12.03 -36.14
CA CYS Q 112 22.72 -11.61 -35.78
C CYS Q 112 21.74 -12.52 -36.46
N LEU Q 113 20.66 -12.80 -35.80
CA LEU Q 113 19.63 -13.62 -36.41
C LEU Q 113 18.77 -12.76 -37.32
N PRO Q 114 18.10 -13.36 -38.30
CA PRO Q 114 17.33 -12.58 -39.28
C PRO Q 114 16.26 -11.67 -38.71
N ASN Q 115 15.48 -12.13 -37.74
CA ASN Q 115 14.37 -11.37 -37.18
C ASN Q 115 14.75 -10.62 -35.91
N SER Q 116 16.01 -10.58 -35.56
CA SER Q 116 16.48 -9.87 -34.40
C SER Q 116 16.51 -8.38 -34.66
N ARG Q 117 16.43 -7.62 -33.57
CA ARG Q 117 16.40 -6.17 -33.62
C ARG Q 117 17.54 -5.60 -32.80
N VAL Q 118 17.93 -4.39 -33.17
CA VAL Q 118 19.00 -3.67 -32.49
C VAL Q 118 18.53 -2.26 -32.26
N MET Q 119 18.86 -1.72 -31.10
CA MET Q 119 18.49 -0.37 -30.71
C MET Q 119 19.69 0.32 -30.10
N ILE Q 120 20.05 1.47 -30.64
CA ILE Q 120 21.15 2.27 -30.13
C ILE Q 120 20.61 3.63 -29.75
N HIS Q 121 21.05 4.13 -28.60
CA HIS Q 121 20.64 5.44 -28.14
C HIS Q 121 21.70 5.94 -27.17
N GLN Q 122 21.62 7.22 -26.87
CA GLN Q 122 22.57 7.80 -25.96
C GLN Q 122 22.23 7.43 -24.52
N PRO Q 123 23.19 7.56 -23.61
CA PRO Q 123 22.95 7.19 -22.22
C PRO Q 123 21.88 8.02 -21.55
N LEU Q 124 21.19 7.39 -20.61
CA LEU Q 124 20.16 8.01 -19.81
C LEU Q 124 20.67 8.13 -18.39
N GLY Q 125 20.39 9.27 -17.77
CA GLY Q 125 20.82 9.48 -16.41
C GLY Q 125 20.04 10.61 -15.79
N GLY Q 126 20.13 10.68 -14.47
CA GLY Q 126 19.50 11.78 -13.76
C GLY Q 126 20.13 12.00 -12.42
N TYR Q 127 19.98 13.23 -11.93
CA TYR Q 127 20.50 13.58 -10.62
C TYR Q 127 19.63 14.66 -10.01
N GLN Q 128 19.47 14.61 -8.70
CA GLN Q 128 18.75 15.61 -7.94
C GLN Q 128 19.73 16.14 -6.90
N GLY Q 129 19.84 17.46 -6.81
CA GLY Q 129 20.77 18.03 -5.86
C GLY Q 129 21.03 19.48 -6.17
N GLN Q 130 22.12 19.98 -5.60
CA GLN Q 130 22.54 21.35 -5.82
C GLN Q 130 23.07 21.53 -7.23
N ALA Q 131 23.04 22.78 -7.68
CA ALA Q 131 23.52 23.11 -9.01
C ALA Q 131 24.96 22.69 -9.22
N THR Q 132 25.77 22.78 -8.19
CA THR Q 132 27.17 22.38 -8.29
C THR Q 132 27.28 20.89 -8.60
N ASP Q 133 26.60 20.07 -7.82
CA ASP Q 133 26.61 18.63 -8.04
C ASP Q 133 26.07 18.26 -9.42
N ILE Q 134 25.09 19.02 -9.89
CA ILE Q 134 24.48 18.76 -11.19
C ILE Q 134 25.51 18.92 -12.30
N GLU Q 135 26.31 19.98 -12.23
CA GLU Q 135 27.32 20.21 -13.26
C GLU Q 135 28.30 19.05 -13.30
N ILE Q 136 28.69 18.54 -12.13
CA ILE Q 136 29.61 17.42 -12.08
C ILE Q 136 29.02 16.20 -12.75
N HIS Q 137 27.82 15.81 -12.34
CA HIS Q 137 27.18 14.65 -12.91
C HIS Q 137 26.87 14.83 -14.39
N ALA Q 138 26.56 16.05 -14.81
CA ALA Q 138 26.30 16.31 -16.21
C ALA Q 138 27.55 16.08 -17.04
N ARG Q 139 28.67 16.62 -16.59
CA ARG Q 139 29.93 16.43 -17.30
C ARG Q 139 30.30 14.96 -17.38
N GLU Q 140 30.06 14.22 -16.31
CA GLU Q 140 30.42 12.81 -16.28
C GLU Q 140 29.65 12.00 -17.31
N ILE Q 141 28.32 12.14 -17.33
CA ILE Q 141 27.52 11.38 -18.27
C ILE Q 141 27.85 11.79 -19.71
N LEU Q 142 28.19 13.05 -19.92
CA LEU Q 142 28.56 13.50 -21.26
C LEU Q 142 29.85 12.84 -21.69
N LYS Q 143 30.81 12.72 -20.77
CA LYS Q 143 32.06 12.04 -21.08
C LYS Q 143 31.78 10.58 -21.41
N VAL Q 144 30.85 9.99 -20.68
CA VAL Q 144 30.46 8.61 -20.92
C VAL Q 144 29.87 8.48 -22.31
N LYS Q 145 29.00 9.42 -22.67
CA LYS Q 145 28.40 9.40 -24.00
C LYS Q 145 29.46 9.51 -25.08
N GLY Q 146 30.39 10.43 -24.89
CA GLY Q 146 31.47 10.57 -25.85
C GLY Q 146 32.31 9.32 -25.94
N ARG Q 147 32.63 8.73 -24.79
CA ARG Q 147 33.44 7.52 -24.78
C ARG Q 147 32.73 6.37 -25.46
N MET Q 148 31.44 6.20 -25.20
CA MET Q 148 30.68 5.14 -25.86
C MET Q 148 30.66 5.34 -27.36
N ASN Q 149 30.45 6.56 -27.80
CA ASN Q 149 30.40 6.85 -29.22
C ASN Q 149 31.74 6.56 -29.90
N GLU Q 150 32.84 6.86 -29.22
CA GLU Q 150 34.16 6.58 -29.78
C GLU Q 150 34.35 5.09 -29.98
N LEU Q 151 33.97 4.30 -28.99
CA LEU Q 151 34.10 2.85 -29.09
C LEU Q 151 33.20 2.29 -30.17
N MET Q 152 31.99 2.84 -30.30
CA MET Q 152 31.08 2.35 -31.32
C MET Q 152 31.63 2.64 -32.70
N ALA Q 153 32.22 3.81 -32.89
CA ALA Q 153 32.79 4.17 -34.17
C ALA Q 153 33.97 3.29 -34.52
N LEU Q 154 34.73 2.87 -33.52
CA LEU Q 154 35.88 2.02 -33.75
C LEU Q 154 35.46 0.63 -34.17
N HIS Q 155 34.43 0.09 -33.51
CA HIS Q 155 33.97 -1.26 -33.80
C HIS Q 155 33.15 -1.32 -35.08
N THR Q 156 32.31 -0.31 -35.32
CA THR Q 156 31.48 -0.29 -36.51
C THR Q 156 32.19 0.26 -37.72
N GLY Q 157 33.24 1.04 -37.54
CA GLY Q 157 33.94 1.63 -38.65
C GLY Q 157 33.39 2.97 -39.07
N GLN Q 158 32.20 3.33 -38.62
CA GLN Q 158 31.61 4.60 -38.98
C GLN Q 158 32.39 5.75 -38.37
N SER Q 159 32.01 6.96 -38.74
CA SER Q 159 32.63 8.16 -38.24
C SER Q 159 31.95 8.57 -36.95
N LEU Q 160 32.74 9.20 -36.07
CA LEU Q 160 32.21 9.66 -34.79
C LEU Q 160 31.02 10.59 -34.99
N GLU Q 161 31.09 11.44 -36.01
CA GLU Q 161 30.00 12.37 -36.26
C GLU Q 161 28.71 11.64 -36.62
N GLN Q 162 28.82 10.60 -37.45
CA GLN Q 162 27.64 9.85 -37.85
C GLN Q 162 27.00 9.16 -36.64
N ILE Q 163 27.83 8.62 -35.76
CA ILE Q 163 27.33 7.94 -34.57
C ILE Q 163 26.58 8.92 -33.69
N GLU Q 164 27.13 10.13 -33.52
CA GLU Q 164 26.47 11.12 -32.69
C GLU Q 164 25.12 11.51 -33.27
N ARG Q 165 25.03 11.65 -34.59
CA ARG Q 165 23.77 12.02 -35.19
C ARG Q 165 22.74 10.90 -35.08
N ASP Q 166 23.19 9.64 -35.13
CA ASP Q 166 22.28 8.52 -35.07
C ASP Q 166 21.88 8.13 -33.65
N THR Q 167 22.70 8.46 -32.66
CA THR Q 167 22.38 8.11 -31.28
C THR Q 167 21.65 9.21 -30.53
N GLU Q 168 21.46 10.38 -31.14
CA GLU Q 168 20.74 11.46 -30.46
C GLU Q 168 19.34 11.03 -30.06
N ARG Q 169 18.79 10.05 -30.75
CA ARG Q 169 17.48 9.51 -30.46
C ARG Q 169 17.52 8.02 -30.77
N ASP Q 170 16.59 7.29 -30.15
CA ASP Q 170 16.50 5.85 -30.35
C ASP Q 170 16.43 5.51 -31.82
N ARG Q 171 17.37 4.68 -32.27
CA ARG Q 171 17.45 4.24 -33.64
C ARG Q 171 17.35 2.73 -33.65
N PHE Q 172 16.40 2.22 -34.41
CA PHE Q 172 16.18 0.79 -34.52
C PHE Q 172 16.79 0.29 -35.80
N LEU Q 173 17.30 -0.93 -35.75
CA LEU Q 173 17.93 -1.55 -36.88
C LEU Q 173 17.65 -3.03 -36.88
N SER Q 174 17.42 -3.56 -38.06
CA SER Q 174 17.19 -4.97 -38.24
C SER Q 174 18.55 -5.61 -38.52
N ALA Q 175 18.54 -6.92 -38.69
CA ALA Q 175 19.78 -7.62 -39.01
C ALA Q 175 20.44 -7.08 -40.27
N PRO Q 176 19.74 -6.90 -41.39
CA PRO Q 176 20.40 -6.36 -42.57
C PRO Q 176 20.94 -4.95 -42.39
N GLU Q 177 20.15 -4.07 -41.78
CA GLU Q 177 20.59 -2.69 -41.56
C GLU Q 177 21.82 -2.66 -40.67
N ALA Q 178 21.87 -3.54 -39.68
CA ALA Q 178 23.01 -3.57 -38.76
C ALA Q 178 24.27 -3.97 -39.50
N VAL Q 179 24.15 -4.87 -40.46
CA VAL Q 179 25.29 -5.29 -41.26
C VAL Q 179 25.85 -4.11 -42.03
N GLU Q 180 24.97 -3.36 -42.70
CA GLU Q 180 25.40 -2.20 -43.46
C GLU Q 180 25.97 -1.13 -42.54
N TYR Q 181 25.49 -1.08 -41.31
CA TYR Q 181 25.98 -0.12 -40.32
C TYR Q 181 27.27 -0.59 -39.67
N GLY Q 182 27.80 -1.74 -40.06
CA GLY Q 182 29.01 -2.24 -39.46
C GLY Q 182 28.85 -2.76 -38.06
N LEU Q 183 27.63 -2.80 -37.55
CA LEU Q 183 27.40 -3.25 -36.18
C LEU Q 183 27.59 -4.74 -36.04
N VAL Q 184 27.27 -5.50 -37.08
CA VAL Q 184 27.50 -6.93 -37.12
C VAL Q 184 28.23 -7.25 -38.42
N ASP Q 185 28.50 -8.52 -38.62
CA ASP Q 185 29.25 -9.00 -39.77
C ASP Q 185 28.42 -9.80 -40.74
N SER Q 186 27.60 -10.73 -40.26
CA SER Q 186 26.78 -11.54 -41.12
C SER Q 186 25.53 -11.94 -40.39
N ILE Q 187 24.73 -12.78 -41.04
CA ILE Q 187 23.46 -13.26 -40.51
C ILE Q 187 23.45 -14.78 -40.58
N LEU Q 188 22.76 -15.39 -39.63
CA LEU Q 188 22.61 -16.83 -39.53
C LEU Q 188 21.17 -17.18 -39.84
N THR Q 189 20.92 -17.63 -41.06
CA THR Q 189 19.58 -18.01 -41.48
C THR Q 189 19.30 -19.48 -41.24
N HIS Q 190 20.14 -20.35 -41.77
CA HIS Q 190 20.01 -21.79 -41.61
C HIS Q 190 21.39 -22.40 -41.43
N ARG Q 191 21.43 -23.55 -40.78
CA ARG Q 191 22.68 -24.24 -40.57
C ARG Q 191 23.18 -24.82 -41.89
N ASN Q 192 24.48 -24.70 -42.12
CA ASN Q 192 25.12 -25.19 -43.33
C ASN Q 192 26.08 -26.32 -43.01
N LEU R 1 20.55 -17.40 -11.33
CA LEU R 1 21.23 -18.69 -11.29
C LEU R 1 22.73 -18.51 -11.37
N VAL R 2 23.47 -19.46 -10.82
CA VAL R 2 24.92 -19.47 -10.80
C VAL R 2 25.39 -20.74 -11.48
N PRO R 3 26.20 -20.68 -12.54
CA PRO R 3 26.63 -21.92 -13.19
C PRO R 3 27.61 -22.70 -12.35
N MET R 4 27.63 -24.00 -12.63
CA MET R 4 28.53 -24.94 -11.98
C MET R 4 29.56 -25.37 -13.00
N VAL R 5 30.80 -25.46 -12.54
CA VAL R 5 31.94 -25.82 -13.37
C VAL R 5 32.56 -27.09 -12.82
N ILE R 6 33.40 -27.69 -13.65
CA ILE R 6 34.09 -28.93 -13.33
C ILE R 6 35.59 -28.68 -13.34
N GLU R 7 36.25 -29.20 -12.31
CA GLU R 7 37.70 -29.10 -12.17
C GLU R 7 38.29 -30.50 -12.27
N GLN R 8 39.31 -30.67 -13.09
CA GLN R 8 39.98 -31.94 -13.24
C GLN R 8 41.12 -32.01 -12.24
N THR R 9 41.12 -33.05 -11.41
CA THR R 9 42.16 -33.23 -10.41
C THR R 9 42.59 -34.68 -10.38
N SER R 10 43.75 -34.92 -9.76
CA SER R 10 44.25 -36.28 -9.62
C SER R 10 43.25 -37.15 -8.87
N ARG R 11 42.66 -36.61 -7.81
CA ARG R 11 41.69 -37.36 -7.02
C ARG R 11 40.47 -37.73 -7.85
N GLY R 12 40.02 -36.81 -8.69
CA GLY R 12 38.88 -37.05 -9.55
C GLY R 12 38.19 -35.74 -9.88
N GLU R 13 37.14 -35.84 -10.68
CA GLU R 13 36.37 -34.67 -11.05
C GLU R 13 35.64 -34.11 -9.84
N ARG R 14 35.58 -32.78 -9.78
CA ARG R 14 34.93 -32.05 -8.72
C ARG R 14 34.01 -31.01 -9.33
N SER R 15 32.87 -30.77 -8.69
CA SER R 15 31.89 -29.80 -9.17
C SER R 15 31.91 -28.60 -8.23
N PHE R 16 32.09 -27.43 -8.82
CA PHE R 16 32.20 -26.18 -8.12
C PHE R 16 31.31 -25.14 -8.74
N ASP R 17 30.85 -24.20 -7.93
CA ASP R 17 30.14 -23.08 -8.50
C ASP R 17 31.20 -22.13 -9.03
N ILE R 18 30.79 -21.24 -9.93
CA ILE R 18 31.76 -20.37 -10.57
C ILE R 18 32.50 -19.50 -9.57
N TYR R 19 31.81 -18.97 -8.57
CA TYR R 19 32.48 -18.11 -7.59
C TYR R 19 33.42 -18.91 -6.70
N SER R 20 33.03 -20.11 -6.31
CA SER R 20 33.87 -20.94 -5.46
C SER R 20 35.12 -21.40 -6.20
N ARG R 21 34.98 -21.68 -7.49
CA ARG R 21 36.13 -22.10 -8.29
C ARG R 21 37.18 -21.01 -8.34
N LEU R 22 36.74 -19.78 -8.52
CA LEU R 22 37.68 -18.66 -8.57
C LEU R 22 38.33 -18.45 -7.22
N LEU R 23 37.55 -18.57 -6.14
CA LEU R 23 38.11 -18.45 -4.79
C LEU R 23 39.29 -19.38 -4.60
N LYS R 24 39.18 -20.59 -5.15
CA LYS R 24 40.28 -21.54 -5.10
C LYS R 24 41.54 -20.97 -5.75
N GLU R 25 41.38 -20.01 -6.65
CA GLU R 25 42.48 -19.33 -7.32
C GLU R 25 42.78 -17.99 -6.68
N ARG R 26 42.37 -17.79 -5.43
CA ARG R 26 42.62 -16.57 -4.68
C ARG R 26 42.03 -15.36 -5.35
N VAL R 27 40.73 -15.45 -5.64
CA VAL R 27 39.97 -14.37 -6.26
C VAL R 27 38.71 -14.16 -5.46
N ILE R 28 38.48 -12.92 -5.06
CA ILE R 28 37.31 -12.54 -4.29
C ILE R 28 36.60 -11.45 -5.06
N PHE R 29 35.28 -11.51 -5.07
CA PHE R 29 34.44 -10.54 -5.75
C PHE R 29 33.74 -9.67 -4.72
N LEU R 30 33.85 -8.37 -4.89
CA LEU R 30 33.16 -7.40 -4.06
C LEU R 30 32.17 -6.73 -4.99
N THR R 31 30.91 -7.10 -4.87
CA THR R 31 29.87 -6.56 -5.73
C THR R 31 28.70 -6.06 -4.91
N GLY R 32 28.04 -5.03 -5.43
CA GLY R 32 26.88 -4.49 -4.79
C GLY R 32 27.23 -3.52 -3.69
N GLN R 33 26.19 -3.06 -3.02
CA GLN R 33 26.39 -2.14 -1.92
C GLN R 33 27.12 -2.85 -0.79
N VAL R 34 28.05 -2.13 -0.17
CA VAL R 34 28.83 -2.69 0.92
C VAL R 34 27.98 -2.67 2.18
N GLU R 35 27.58 -3.84 2.64
CA GLU R 35 26.81 -4.02 3.85
C GLU R 35 27.63 -4.87 4.81
N ASP R 36 27.04 -5.18 5.96
CA ASP R 36 27.74 -5.95 6.96
C ASP R 36 27.84 -7.43 6.60
N HIS R 37 26.80 -7.98 5.99
CA HIS R 37 26.81 -9.40 5.67
C HIS R 37 27.80 -9.73 4.57
N MET R 38 27.75 -9.02 3.45
CA MET R 38 28.70 -9.27 2.38
C MET R 38 30.12 -9.02 2.83
N ALA R 39 30.31 -8.01 3.67
CA ALA R 39 31.64 -7.68 4.18
C ALA R 39 32.17 -8.79 5.05
N ASN R 40 31.33 -9.34 5.91
CA ASN R 40 31.73 -10.42 6.78
C ASN R 40 32.15 -11.62 5.96
N LEU R 41 31.45 -11.88 4.86
CA LEU R 41 31.79 -12.96 3.97
C LEU R 41 33.16 -12.75 3.34
N ILE R 42 33.44 -11.53 2.90
CA ILE R 42 34.71 -11.21 2.28
C ILE R 42 35.84 -11.40 3.29
N VAL R 43 35.58 -11.03 4.53
CA VAL R 43 36.57 -11.16 5.59
C VAL R 43 36.91 -12.63 5.78
N ALA R 44 35.90 -13.48 5.80
CA ALA R 44 36.11 -14.90 5.98
C ALA R 44 36.98 -15.48 4.87
N GLN R 45 36.72 -15.07 3.64
CA GLN R 45 37.51 -15.56 2.52
C GLN R 45 38.97 -15.16 2.64
N MET R 46 39.23 -13.91 3.02
CA MET R 46 40.61 -13.45 3.16
C MET R 46 41.35 -14.27 4.21
N LEU R 47 40.70 -14.48 5.35
CA LEU R 47 41.31 -15.26 6.42
C LEU R 47 41.57 -16.68 5.98
N PHE R 48 40.60 -17.27 5.28
CA PHE R 48 40.76 -18.63 4.79
C PHE R 48 41.90 -18.72 3.80
N LEU R 49 41.97 -17.76 2.88
CA LEU R 49 43.03 -17.76 1.88
C LEU R 49 44.39 -17.54 2.52
N GLU R 50 44.47 -16.69 3.53
CA GLU R 50 45.74 -16.44 4.20
C GLU R 50 46.25 -17.71 4.84
N ALA R 51 45.38 -18.46 5.50
CA ALA R 51 45.78 -19.70 6.12
C ALA R 51 46.21 -20.74 5.11
N GLU R 52 45.50 -20.80 3.98
CA GLU R 52 45.83 -21.78 2.95
C GLU R 52 47.21 -21.50 2.38
N ASN R 53 47.51 -20.26 2.09
CA ASN R 53 48.81 -19.83 1.62
C ASN R 53 49.03 -18.38 2.05
N PRO R 54 49.87 -18.09 3.04
CA PRO R 54 50.07 -16.70 3.44
C PRO R 54 51.10 -15.93 2.64
N GLU R 55 51.57 -16.47 1.52
CA GLU R 55 52.56 -15.82 0.68
C GLU R 55 52.06 -15.47 -0.71
N LYS R 56 50.95 -16.05 -1.14
CA LYS R 56 50.41 -15.78 -2.47
C LYS R 56 49.47 -14.59 -2.42
N ASP R 57 49.55 -13.75 -3.43
CA ASP R 57 48.74 -12.55 -3.49
C ASP R 57 47.28 -12.88 -3.70
N ILE R 58 46.43 -12.14 -3.02
CA ILE R 58 44.99 -12.28 -3.13
C ILE R 58 44.53 -11.22 -4.12
N TYR R 59 43.44 -11.52 -4.82
CA TYR R 59 42.87 -10.62 -5.80
C TYR R 59 41.45 -10.30 -5.40
N LEU R 60 41.12 -9.02 -5.39
CA LEU R 60 39.79 -8.55 -5.04
C LEU R 60 39.26 -7.71 -6.17
N TYR R 61 38.21 -8.18 -6.82
CA TYR R 61 37.59 -7.46 -7.92
C TYR R 61 36.52 -6.56 -7.31
N ILE R 62 36.45 -5.33 -7.80
CA ILE R 62 35.57 -4.33 -7.23
C ILE R 62 34.67 -3.72 -8.29
N ASN R 63 33.37 -3.93 -8.12
CA ASN R 63 32.33 -3.31 -8.96
C ASN R 63 31.25 -3.00 -7.93
N SER R 64 31.26 -1.76 -7.42
CA SER R 64 30.31 -1.42 -6.39
C SER R 64 29.92 0.04 -6.33
N PRO R 65 28.67 0.37 -6.01
CA PRO R 65 28.28 1.77 -5.85
C PRO R 65 28.51 2.33 -4.45
N GLY R 66 29.24 1.61 -3.61
CA GLY R 66 29.52 2.07 -2.27
C GLY R 66 28.51 1.58 -1.28
N GLY R 67 28.77 1.92 -0.03
CA GLY R 67 27.83 1.53 1.01
C GLY R 67 28.22 1.99 2.39
N VAL R 68 27.94 1.14 3.37
CA VAL R 68 28.25 1.45 4.75
C VAL R 68 29.76 1.61 4.87
N ILE R 69 30.18 2.40 5.84
CA ILE R 69 31.59 2.64 6.09
C ILE R 69 32.17 1.55 6.97
N THR R 70 31.51 1.29 8.11
CA THR R 70 31.95 0.27 9.04
C THR R 70 32.20 -1.05 8.35
N ALA R 71 31.31 -1.43 7.44
CA ALA R 71 31.47 -2.66 6.70
C ALA R 71 32.74 -2.63 5.86
N GLY R 72 33.12 -1.47 5.38
CA GLY R 72 34.31 -1.32 4.57
C GLY R 72 35.57 -1.31 5.39
N MET R 73 35.50 -0.70 6.57
CA MET R 73 36.65 -0.65 7.45
C MET R 73 37.06 -2.04 7.88
N SER R 74 36.10 -2.93 8.06
CA SER R 74 36.42 -4.30 8.41
C SER R 74 37.23 -4.95 7.31
N ILE R 75 36.80 -4.74 6.07
CA ILE R 75 37.53 -5.27 4.93
C ILE R 75 38.89 -4.60 4.82
N TYR R 76 38.94 -3.29 5.04
CA TYR R 76 40.19 -2.56 4.96
C TYR R 76 41.19 -3.05 6.01
N ASP R 77 40.72 -3.19 7.24
CA ASP R 77 41.58 -3.64 8.32
C ASP R 77 42.06 -5.05 8.09
N THR R 78 41.18 -5.91 7.60
CA THR R 78 41.53 -7.28 7.32
C THR R 78 42.61 -7.36 6.23
N MET R 79 42.51 -6.49 5.24
CA MET R 79 43.49 -6.49 4.16
C MET R 79 44.84 -6.01 4.66
N GLN R 80 44.84 -4.94 5.44
CA GLN R 80 46.08 -4.41 5.98
C GLN R 80 46.64 -5.28 7.10
N PHE R 81 45.87 -6.24 7.60
CA PHE R 81 46.32 -7.10 8.68
C PHE R 81 47.03 -8.34 8.16
N ILE R 82 46.39 -9.06 7.26
CA ILE R 82 46.95 -10.27 6.72
C ILE R 82 48.27 -9.99 6.00
N LYS R 83 49.07 -11.04 5.89
CA LYS R 83 50.39 -10.91 5.25
C LYS R 83 50.27 -10.80 3.73
N PRO R 84 49.47 -11.61 3.04
CA PRO R 84 49.36 -11.50 1.59
C PRO R 84 49.03 -10.10 1.10
N ASP R 85 49.57 -9.79 -0.08
CA ASP R 85 49.31 -8.52 -0.74
C ASP R 85 48.00 -8.66 -1.48
N VAL R 86 47.03 -7.81 -1.15
CA VAL R 86 45.71 -7.84 -1.74
C VAL R 86 45.71 -6.94 -2.96
N SER R 87 45.77 -7.54 -4.14
CA SER R 87 45.75 -6.82 -5.39
C SER R 87 44.31 -6.48 -5.73
N THR R 88 43.97 -5.20 -5.76
CA THR R 88 42.64 -4.75 -6.06
C THR R 88 42.50 -4.39 -7.52
N ILE R 89 41.40 -4.82 -8.13
CA ILE R 89 41.08 -4.50 -9.51
C ILE R 89 39.70 -3.88 -9.53
N CYS R 90 39.55 -2.84 -10.33
CA CYS R 90 38.30 -2.11 -10.48
C CYS R 90 37.66 -2.48 -11.81
N MET R 91 36.44 -3.00 -11.75
CA MET R 91 35.69 -3.39 -12.91
C MET R 91 34.37 -2.65 -12.86
N GLY R 92 34.07 -1.89 -13.90
CA GLY R 92 32.84 -1.16 -13.95
C GLY R 92 32.91 0.12 -13.19
N GLN R 93 32.91 0.05 -11.86
CA GLN R 93 33.04 1.27 -11.09
C GLN R 93 33.45 0.99 -9.66
N ALA R 94 34.09 2.01 -9.09
CA ALA R 94 34.48 2.03 -7.69
C ALA R 94 33.95 3.32 -7.12
N ALA R 95 33.08 3.22 -6.15
CA ALA R 95 32.44 4.33 -5.48
C ALA R 95 33.26 4.74 -4.26
N SER R 96 32.69 5.60 -3.41
CA SER R 96 33.39 6.14 -2.27
C SER R 96 34.01 5.07 -1.40
N MET R 97 33.26 4.02 -1.07
CA MET R 97 33.86 2.96 -0.28
C MET R 97 34.52 1.91 -1.16
N GLY R 98 34.13 1.80 -2.42
CA GLY R 98 34.82 0.91 -3.31
C GLY R 98 36.21 1.43 -3.64
N ALA R 99 36.29 2.74 -3.86
CA ALA R 99 37.55 3.39 -4.18
C ALA R 99 38.51 3.33 -3.01
N PHE R 100 37.98 3.45 -1.80
CA PHE R 100 38.80 3.40 -0.61
C PHE R 100 39.46 2.04 -0.49
N LEU R 101 38.72 0.99 -0.80
CA LEU R 101 39.29 -0.35 -0.77
C LEU R 101 40.22 -0.57 -1.94
N LEU R 102 39.90 0.01 -3.08
CA LEU R 102 40.76 -0.10 -4.25
C LEU R 102 42.13 0.47 -4.00
N THR R 103 42.18 1.70 -3.50
CA THR R 103 43.45 2.34 -3.20
C THR R 103 44.14 1.68 -2.02
N ALA R 104 43.39 0.97 -1.18
CA ALA R 104 43.96 0.30 -0.03
C ALA R 104 44.73 -0.95 -0.40
N GLY R 105 44.70 -1.37 -1.65
CA GLY R 105 45.43 -2.54 -2.06
C GLY R 105 46.92 -2.37 -1.92
N ALA R 106 47.65 -3.43 -2.21
CA ALA R 106 49.10 -3.39 -2.10
C ALA R 106 49.69 -2.40 -3.09
N LYS R 107 50.71 -1.68 -2.65
CA LYS R 107 51.38 -0.73 -3.51
C LYS R 107 51.98 -1.44 -4.69
N GLY R 108 51.58 -1.03 -5.89
CA GLY R 108 52.05 -1.62 -7.12
C GLY R 108 51.20 -2.76 -7.63
N LYS R 109 50.11 -3.10 -6.92
CA LYS R 109 49.23 -4.19 -7.30
C LYS R 109 47.78 -3.74 -7.37
N ARG R 110 47.54 -2.46 -7.61
CA ARG R 110 46.20 -1.91 -7.75
C ARG R 110 46.03 -1.60 -9.22
N PHE R 111 45.01 -2.19 -9.83
CA PHE R 111 44.75 -2.01 -11.25
C PHE R 111 43.34 -1.52 -11.47
N CYS R 112 43.12 -1.07 -12.69
CA CYS R 112 41.83 -0.59 -13.14
C CYS R 112 41.67 -0.94 -14.60
N LEU R 113 40.45 -1.23 -15.00
CA LEU R 113 40.20 -1.45 -16.39
C LEU R 113 40.11 -0.07 -17.06
N PRO R 114 40.39 0.02 -18.35
CA PRO R 114 40.41 1.35 -18.98
C PRO R 114 39.11 2.13 -18.95
N ASN R 115 37.97 1.47 -19.11
CA ASN R 115 36.69 2.16 -19.14
C ASN R 115 36.02 2.29 -17.78
N SER R 116 36.65 1.81 -16.72
CA SER R 116 36.07 1.91 -15.40
C SER R 116 36.08 3.35 -14.90
N ARG R 117 35.14 3.66 -14.01
CA ARG R 117 34.98 4.98 -13.44
C ARG R 117 35.15 4.88 -11.94
N VAL R 118 35.79 5.89 -11.36
CA VAL R 118 36.03 5.95 -9.93
C VAL R 118 35.43 7.23 -9.39
N MET R 119 34.69 7.12 -8.30
CA MET R 119 34.10 8.28 -7.64
C MET R 119 34.52 8.28 -6.19
N ILE R 120 34.96 9.43 -5.71
CA ILE R 120 35.31 9.63 -4.31
C ILE R 120 34.50 10.80 -3.79
N HIS R 121 33.98 10.66 -2.57
CA HIS R 121 33.24 11.73 -1.94
C HIS R 121 33.39 11.58 -0.44
N GLN R 122 32.89 12.56 0.28
CA GLN R 122 32.95 12.51 1.72
C GLN R 122 31.78 11.69 2.25
N PRO R 123 31.88 11.18 3.48
CA PRO R 123 30.81 10.36 4.03
C PRO R 123 29.46 11.07 4.09
N LEU R 124 28.42 10.24 4.09
CA LEU R 124 27.05 10.69 4.18
C LEU R 124 26.44 10.09 5.44
N GLY R 125 25.73 10.92 6.20
CA GLY R 125 25.09 10.42 7.39
C GLY R 125 24.01 11.38 7.83
N GLY R 126 23.18 10.90 8.74
CA GLY R 126 22.16 11.74 9.32
C GLY R 126 21.68 11.22 10.65
N TYR R 127 21.14 12.14 11.44
CA TYR R 127 20.57 11.78 12.73
C TYR R 127 19.41 12.69 13.05
N GLN R 128 18.40 12.15 13.70
CA GLN R 128 17.23 12.88 14.16
C GLN R 128 17.23 12.74 15.67
N GLY R 129 17.09 13.85 16.37
CA GLY R 129 17.10 13.77 17.82
C GLY R 129 17.31 15.14 18.44
N GLN R 130 17.65 15.10 19.71
CA GLN R 130 17.94 16.30 20.46
C GLN R 130 19.28 16.88 20.04
N ALA R 131 19.42 18.18 20.29
CA ALA R 131 20.65 18.89 19.95
C ALA R 131 21.88 18.24 20.55
N THR R 132 21.75 17.69 21.76
CA THR R 132 22.88 17.04 22.40
C THR R 132 23.35 15.84 21.59
N ASP R 133 22.42 14.96 21.22
CA ASP R 133 22.74 13.78 20.44
C ASP R 133 23.35 14.16 19.10
N ILE R 134 22.81 15.21 18.46
CA ILE R 134 23.27 15.64 17.16
C ILE R 134 24.73 16.03 17.20
N GLU R 135 25.14 16.71 18.27
CA GLU R 135 26.52 17.11 18.39
C GLU R 135 27.42 15.90 18.47
N ILE R 136 27.00 14.88 19.22
CA ILE R 136 27.78 13.67 19.35
C ILE R 136 27.92 12.97 18.01
N HIS R 137 26.83 12.85 17.28
CA HIS R 137 26.85 12.17 16.00
C HIS R 137 27.58 12.98 14.95
N ALA R 138 27.40 14.30 14.97
CA ALA R 138 28.09 15.15 14.02
C ALA R 138 29.59 15.10 14.23
N ARG R 139 30.03 15.10 15.48
CA ARG R 139 31.45 15.00 15.76
C ARG R 139 32.01 13.67 15.27
N GLU R 140 31.25 12.60 15.44
CA GLU R 140 31.70 11.27 15.05
C GLU R 140 31.90 11.14 13.56
N ILE R 141 30.97 11.65 12.76
CA ILE R 141 31.09 11.52 11.31
C ILE R 141 32.26 12.35 10.80
N LEU R 142 32.53 13.49 11.43
CA LEU R 142 33.66 14.31 11.04
C LEU R 142 34.96 13.57 11.30
N LYS R 143 35.05 12.87 12.43
CA LYS R 143 36.24 12.08 12.72
C LYS R 143 36.41 11.00 11.67
N VAL R 144 35.30 10.41 11.24
CA VAL R 144 35.32 9.40 10.19
C VAL R 144 35.84 10.02 8.91
N LYS R 145 35.30 11.19 8.55
CA LYS R 145 35.73 11.87 7.33
C LYS R 145 37.19 12.23 7.43
N GLY R 146 37.62 12.72 8.58
CA GLY R 146 39.02 13.04 8.75
C GLY R 146 39.89 11.80 8.68
N ARG R 147 39.46 10.73 9.32
CA ARG R 147 40.23 9.49 9.33
C ARG R 147 40.30 8.89 7.94
N MET R 148 39.21 8.95 7.18
CA MET R 148 39.22 8.40 5.83
C MET R 148 40.16 9.17 4.93
N ASN R 149 40.18 10.50 5.08
CA ASN R 149 41.06 11.32 4.27
C ASN R 149 42.52 11.00 4.53
N GLU R 150 42.87 10.74 5.79
CA GLU R 150 44.26 10.41 6.10
C GLU R 150 44.68 9.12 5.42
N LEU R 151 43.81 8.12 5.45
CA LEU R 151 44.10 6.85 4.80
C LEU R 151 44.20 7.01 3.29
N MET R 152 43.33 7.84 2.72
CA MET R 152 43.37 8.06 1.29
C MET R 152 44.66 8.76 0.89
N ALA R 153 45.09 9.72 1.70
CA ALA R 153 46.32 10.44 1.42
C ALA R 153 47.53 9.52 1.53
N LEU R 154 47.51 8.62 2.50
CA LEU R 154 48.63 7.71 2.70
C LEU R 154 48.79 6.77 1.52
N HIS R 155 47.70 6.14 1.11
CA HIS R 155 47.75 5.19 0.01
C HIS R 155 47.99 5.89 -1.33
N THR R 156 47.25 6.97 -1.59
CA THR R 156 47.42 7.71 -2.82
C THR R 156 48.75 8.42 -2.88
N GLY R 157 49.17 8.97 -1.74
CA GLY R 157 50.38 9.76 -1.66
C GLY R 157 50.15 11.23 -1.86
N GLN R 158 48.90 11.64 -2.03
CA GLN R 158 48.54 13.04 -2.16
C GLN R 158 48.51 13.68 -0.79
N SER R 159 48.62 15.00 -0.77
CA SER R 159 48.59 15.69 0.50
C SER R 159 47.18 15.63 1.07
N LEU R 160 47.10 15.71 2.39
CA LEU R 160 45.81 15.65 3.07
C LEU R 160 44.92 16.81 2.64
N GLU R 161 45.50 17.99 2.49
CA GLU R 161 44.72 19.16 2.10
C GLU R 161 44.10 18.98 0.73
N GLN R 162 44.85 18.38 -0.20
CA GLN R 162 44.32 18.15 -1.54
C GLN R 162 43.14 17.21 -1.51
N ILE R 163 43.23 16.17 -0.68
CA ILE R 163 42.15 15.19 -0.56
C ILE R 163 40.90 15.86 -0.03
N GLU R 164 41.05 16.73 0.97
CA GLU R 164 39.90 17.42 1.53
C GLU R 164 39.24 18.30 0.49
N ARG R 165 40.03 18.95 -0.36
CA ARG R 165 39.46 19.83 -1.36
C ARG R 165 38.75 19.02 -2.45
N ASP R 166 39.29 17.85 -2.78
CA ASP R 166 38.71 17.04 -3.83
C ASP R 166 37.54 16.18 -3.37
N THR R 167 37.42 15.93 -2.06
CA THR R 167 36.33 15.12 -1.54
C THR R 167 35.15 15.94 -1.04
N GLU R 168 35.25 17.27 -1.02
CA GLU R 168 34.13 18.09 -0.58
C GLU R 168 32.88 17.84 -1.41
N ARG R 169 33.06 17.39 -2.64
CA ARG R 169 31.96 17.08 -3.53
C ARG R 169 32.36 15.89 -4.36
N ASP R 170 31.35 15.21 -4.90
CA ASP R 170 31.57 14.04 -5.74
C ASP R 170 32.52 14.36 -6.86
N ARG R 171 33.59 13.58 -6.97
CA ARG R 171 34.60 13.73 -7.98
C ARG R 171 34.73 12.42 -8.73
N PHE R 172 34.58 12.48 -10.04
CA PHE R 172 34.69 11.30 -10.88
C PHE R 172 36.05 11.27 -11.53
N LEU R 173 36.56 10.05 -11.69
CA LEU R 173 37.87 9.84 -12.26
C LEU R 173 37.84 8.60 -13.13
N SER R 174 38.55 8.69 -14.24
CA SER R 174 38.68 7.56 -15.15
C SER R 174 39.95 6.83 -14.77
N ALA R 175 40.20 5.73 -15.45
CA ALA R 175 41.42 4.97 -15.21
C ALA R 175 42.68 5.83 -15.35
N PRO R 176 42.86 6.60 -16.42
CA PRO R 176 44.07 7.43 -16.52
C PRO R 176 44.18 8.48 -15.43
N GLU R 177 43.08 9.15 -15.12
CA GLU R 177 43.11 10.19 -14.09
C GLU R 177 43.42 9.59 -12.73
N ALA R 178 42.89 8.41 -12.45
CA ALA R 178 43.15 7.74 -11.19
C ALA R 178 44.62 7.43 -11.01
N VAL R 179 45.28 7.03 -12.10
CA VAL R 179 46.71 6.72 -12.03
C VAL R 179 47.50 7.96 -11.64
N GLU R 180 47.17 9.10 -12.22
CA GLU R 180 47.83 10.33 -11.86
C GLU R 180 47.56 10.70 -10.42
N TYR R 181 46.30 10.51 -10.00
CA TYR R 181 45.91 10.81 -8.62
C TYR R 181 46.61 9.88 -7.64
N GLY R 182 46.88 8.65 -8.05
CA GLY R 182 47.52 7.66 -7.22
C GLY R 182 46.62 6.57 -6.69
N LEU R 183 45.35 6.56 -7.09
CA LEU R 183 44.44 5.53 -6.62
C LEU R 183 44.83 4.16 -7.15
N VAL R 184 45.24 4.07 -8.41
CA VAL R 184 45.61 2.80 -9.02
C VAL R 184 46.98 2.94 -9.67
N ASP R 185 47.76 1.88 -9.57
CA ASP R 185 49.11 1.86 -10.11
C ASP R 185 49.15 1.81 -11.64
N SER R 186 48.28 1.03 -12.27
CA SER R 186 48.35 0.88 -13.72
C SER R 186 46.98 0.48 -14.27
N ILE R 187 46.95 0.13 -15.56
CA ILE R 187 45.74 -0.23 -16.29
C ILE R 187 45.98 -1.49 -17.09
N LEU R 188 45.08 -2.47 -16.95
CA LEU R 188 45.13 -3.74 -17.67
C LEU R 188 44.36 -3.63 -18.99
N THR R 189 44.98 -2.95 -19.95
CA THR R 189 44.31 -2.78 -21.24
C THR R 189 44.15 -4.10 -21.99
N HIS R 190 45.19 -4.92 -22.05
CA HIS R 190 45.16 -6.18 -22.77
C HIS R 190 46.06 -7.19 -22.10
N ARG R 191 45.74 -8.46 -22.29
CA ARG R 191 46.57 -9.52 -21.74
C ARG R 191 47.88 -9.62 -22.50
N ASN R 192 48.96 -9.85 -21.78
CA ASN R 192 50.29 -9.98 -22.36
C ASN R 192 50.92 -11.28 -21.92
N LEU S 1 24.78 -15.44 -1.95
CA LEU S 1 25.47 -16.72 -2.08
C LEU S 1 26.59 -16.82 -1.07
N VAL S 2 26.92 -18.05 -0.68
CA VAL S 2 27.97 -18.35 0.28
C VAL S 2 28.94 -19.29 -0.43
N PRO S 3 30.23 -18.96 -0.53
CA PRO S 3 31.14 -19.86 -1.23
C PRO S 3 31.41 -21.14 -0.46
N MET S 4 31.77 -22.16 -1.22
CA MET S 4 32.11 -23.46 -0.68
C MET S 4 33.61 -23.66 -0.85
N VAL S 5 34.24 -24.23 0.16
CA VAL S 5 35.67 -24.46 0.19
C VAL S 5 35.91 -25.95 0.38
N ILE S 6 37.14 -26.35 0.13
CA ILE S 6 37.55 -27.74 0.24
C ILE S 6 38.64 -27.85 1.29
N GLU S 7 38.52 -28.87 2.13
CA GLU S 7 39.47 -29.18 3.18
C GLU S 7 40.10 -30.53 2.87
N GLN S 8 41.43 -30.57 2.89
CA GLN S 8 42.15 -31.81 2.65
C GLN S 8 42.38 -32.50 3.99
N THR S 9 41.87 -33.72 4.12
CA THR S 9 41.98 -34.50 5.35
C THR S 9 42.52 -35.88 5.02
N SER S 10 42.79 -36.64 6.07
CA SER S 10 43.31 -37.98 5.89
C SER S 10 42.29 -38.88 5.20
N ARG S 11 41.01 -38.73 5.57
CA ARG S 11 39.98 -39.56 4.94
C ARG S 11 39.77 -39.17 3.49
N GLY S 12 39.73 -37.88 3.21
CA GLY S 12 39.59 -37.39 1.85
C GLY S 12 39.19 -35.93 1.87
N GLU S 13 38.97 -35.42 0.67
CA GLU S 13 38.54 -34.03 0.54
C GLU S 13 37.11 -33.91 1.05
N ARG S 14 36.83 -32.80 1.72
CA ARG S 14 35.52 -32.50 2.27
C ARG S 14 35.06 -31.14 1.80
N SER S 15 33.78 -31.02 1.47
CA SER S 15 33.22 -29.77 0.98
C SER S 15 32.53 -29.08 2.15
N PHE S 16 32.92 -27.84 2.38
CA PHE S 16 32.43 -27.02 3.47
C PHE S 16 32.06 -25.64 2.99
N ASP S 17 31.05 -25.05 3.64
CA ASP S 17 30.79 -23.66 3.33
C ASP S 17 31.79 -22.86 4.14
N ILE S 18 32.01 -21.61 3.73
CA ILE S 18 33.04 -20.80 4.36
C ILE S 18 32.79 -20.63 5.85
N TYR S 19 31.54 -20.45 6.26
CA TYR S 19 31.27 -20.25 7.67
C TYR S 19 31.49 -21.52 8.48
N SER S 20 31.10 -22.66 7.93
CA SER S 20 31.30 -23.94 8.61
C SER S 20 32.77 -24.26 8.77
N ARG S 21 33.57 -23.92 7.76
CA ARG S 21 35.00 -24.17 7.82
C ARG S 21 35.64 -23.40 8.95
N LEU S 22 35.21 -22.16 9.15
CA LEU S 22 35.77 -21.36 10.22
C LEU S 22 35.24 -21.81 11.56
N LEU S 23 34.05 -22.39 11.60
CA LEU S 23 33.54 -22.92 12.85
C LEU S 23 34.40 -24.07 13.31
N LYS S 24 34.87 -24.87 12.36
CA LYS S 24 35.75 -25.98 12.66
C LYS S 24 37.06 -25.50 13.27
N GLU S 25 37.41 -24.23 13.06
CA GLU S 25 38.59 -23.61 13.63
C GLU S 25 38.25 -22.74 14.83
N ARG S 26 37.08 -22.96 15.44
CA ARG S 26 36.65 -22.24 16.63
C ARG S 26 36.53 -20.74 16.38
N VAL S 27 35.75 -20.41 15.37
CA VAL S 27 35.48 -19.03 14.98
C VAL S 27 34.00 -18.89 14.75
N ILE S 28 33.38 -18.00 15.49
CA ILE S 28 31.96 -17.70 15.39
C ILE S 28 31.83 -16.27 14.91
N PHE S 29 30.78 -16.02 14.15
CA PHE S 29 30.49 -14.71 13.59
C PHE S 29 29.20 -14.19 14.19
N LEU S 30 29.24 -12.95 14.67
CA LEU S 30 28.10 -12.28 15.24
C LEU S 30 27.93 -11.03 14.39
N THR S 31 27.16 -11.17 13.32
CA THR S 31 26.92 -10.10 12.38
C THR S 31 25.45 -9.73 12.37
N GLY S 32 25.18 -8.47 12.08
CA GLY S 32 23.82 -7.99 12.00
C GLY S 32 23.20 -7.73 13.34
N GLN S 33 21.96 -7.26 13.27
CA GLN S 33 21.20 -6.98 14.49
C GLN S 33 21.06 -8.23 15.32
N VAL S 34 21.12 -8.06 16.61
CA VAL S 34 20.97 -9.16 17.55
C VAL S 34 19.49 -9.48 17.69
N GLU S 35 19.20 -10.77 17.75
CA GLU S 35 17.82 -11.23 17.84
C GLU S 35 17.85 -12.64 18.40
N ASP S 36 16.67 -13.13 18.76
CA ASP S 36 16.56 -14.44 19.37
C ASP S 36 17.12 -15.54 18.49
N HIS S 37 16.74 -15.54 17.21
CA HIS S 37 17.17 -16.60 16.32
C HIS S 37 18.67 -16.63 16.08
N MET S 38 19.28 -15.47 15.81
CA MET S 38 20.73 -15.46 15.61
C MET S 38 21.45 -15.78 16.91
N ALA S 39 20.95 -15.26 18.02
CA ALA S 39 21.58 -15.51 19.31
C ALA S 39 21.50 -16.97 19.67
N ASN S 40 20.37 -17.59 19.36
CA ASN S 40 20.20 -19.00 19.64
C ASN S 40 21.20 -19.82 18.83
N LEU S 41 21.41 -19.44 17.58
CA LEU S 41 22.39 -20.12 16.75
C LEU S 41 23.78 -19.99 17.31
N ILE S 42 24.13 -18.79 17.78
CA ILE S 42 25.45 -18.56 18.37
C ILE S 42 25.62 -19.41 19.61
N VAL S 43 24.57 -19.53 20.39
CA VAL S 43 24.61 -20.31 21.62
C VAL S 43 24.88 -21.77 21.29
N ALA S 44 24.25 -22.28 20.24
CA ALA S 44 24.46 -23.66 19.85
C ALA S 44 25.90 -23.91 19.44
N GLN S 45 26.49 -22.98 18.72
CA GLN S 45 27.87 -23.12 18.28
C GLN S 45 28.82 -23.16 19.47
N MET S 46 28.61 -22.30 20.45
CA MET S 46 29.49 -22.28 21.62
C MET S 46 29.45 -23.60 22.36
N LEU S 47 28.24 -24.13 22.56
CA LEU S 47 28.11 -25.40 23.26
C LEU S 47 28.77 -26.52 22.48
N PHE S 48 28.58 -26.54 21.17
CA PHE S 48 29.21 -27.56 20.33
C PHE S 48 30.72 -27.48 20.42
N LEU S 49 31.26 -26.27 20.37
CA LEU S 49 32.70 -26.08 20.45
C LEU S 49 33.24 -26.51 21.80
N GLU S 50 32.53 -26.19 22.87
CA GLU S 50 32.97 -26.57 24.20
C GLU S 50 33.09 -28.07 24.33
N ALA S 51 32.12 -28.80 23.81
CA ALA S 51 32.16 -30.25 23.87
C ALA S 51 33.29 -30.80 23.03
N GLU S 52 33.53 -30.17 21.88
CA GLU S 52 34.61 -30.63 21.00
C GLU S 52 35.96 -30.54 21.70
N ASN S 53 36.26 -29.39 22.27
CA ASN S 53 37.50 -29.18 23.01
C ASN S 53 37.23 -28.08 24.03
N PRO S 54 36.98 -28.42 25.28
CA PRO S 54 36.70 -27.39 26.28
C PRO S 54 37.92 -26.65 26.79
N GLU S 55 39.10 -26.84 26.20
CA GLU S 55 40.32 -26.16 26.61
C GLU S 55 40.81 -25.14 25.60
N LYS S 56 40.38 -25.24 24.35
CA LYS S 56 40.79 -24.31 23.30
C LYS S 56 39.89 -23.09 23.30
N ASP S 57 40.51 -21.92 23.15
CA ASP S 57 39.78 -20.68 23.16
C ASP S 57 38.92 -20.53 21.92
N ILE S 58 37.76 -19.94 22.12
CA ILE S 58 36.80 -19.68 21.06
C ILE S 58 37.00 -18.23 20.65
N TYR S 59 36.71 -17.94 19.38
CA TYR S 59 36.84 -16.60 18.83
C TYR S 59 35.50 -16.16 18.29
N LEU S 60 35.07 -14.97 18.72
CA LEU S 60 33.83 -14.37 18.28
C LEU S 60 34.15 -13.05 17.60
N TYR S 61 33.70 -12.91 16.36
CA TYR S 61 33.92 -11.69 15.59
C TYR S 61 32.63 -10.91 15.59
N ILE S 62 32.69 -9.65 15.98
CA ILE S 62 31.49 -8.82 16.13
C ILE S 62 31.49 -7.65 15.16
N ASN S 63 30.50 -7.63 14.27
CA ASN S 63 30.17 -6.48 13.46
C ASN S 63 28.68 -6.34 13.64
N SER S 64 28.25 -5.62 14.69
CA SER S 64 26.84 -5.50 14.98
C SER S 64 26.36 -4.06 15.15
N PRO S 65 25.16 -3.71 14.68
CA PRO S 65 24.60 -2.40 15.00
C PRO S 65 23.79 -2.44 16.28
N GLY S 66 23.74 -3.57 16.96
CA GLY S 66 23.03 -3.75 18.21
C GLY S 66 21.70 -4.42 18.01
N GLY S 67 21.03 -4.67 19.12
CA GLY S 67 19.72 -5.26 19.04
C GLY S 67 19.03 -5.50 20.36
N VAL S 68 18.30 -6.60 20.40
CA VAL S 68 17.57 -6.97 21.61
C VAL S 68 18.57 -7.24 22.73
N ILE S 69 18.13 -6.99 23.95
CA ILE S 69 18.98 -7.21 25.11
C ILE S 69 18.92 -8.66 25.56
N THR S 70 17.71 -9.20 25.70
CA THR S 70 17.53 -10.58 26.13
C THR S 70 18.33 -11.54 25.27
N ALA S 71 18.27 -11.34 23.95
CA ALA S 71 19.03 -12.18 23.04
C ALA S 71 20.52 -12.07 23.30
N GLY S 72 20.97 -10.92 23.78
CA GLY S 72 22.37 -10.70 24.07
C GLY S 72 22.77 -11.32 25.39
N MET S 73 21.87 -11.28 26.37
CA MET S 73 22.17 -11.86 27.67
C MET S 73 22.35 -13.35 27.57
N SER S 74 21.64 -13.99 26.65
CA SER S 74 21.82 -15.42 26.46
C SER S 74 23.23 -15.72 26.01
N ILE S 75 23.72 -14.93 25.06
CA ILE S 75 25.08 -15.10 24.58
C ILE S 75 26.08 -14.81 25.68
N TYR S 76 25.84 -13.74 26.46
CA TYR S 76 26.73 -13.38 27.55
C TYR S 76 26.81 -14.48 28.59
N ASP S 77 25.66 -15.00 29.01
CA ASP S 77 25.65 -16.05 30.02
C ASP S 77 26.31 -17.31 29.50
N THR S 78 26.10 -17.64 28.24
CA THR S 78 26.71 -18.80 27.66
C THR S 78 28.23 -18.67 27.65
N MET S 79 28.73 -17.47 27.38
CA MET S 79 30.16 -17.25 27.34
C MET S 79 30.76 -17.37 28.74
N GLN S 80 30.11 -16.76 29.72
CA GLN S 80 30.57 -16.81 31.09
C GLN S 80 30.33 -18.15 31.74
N PHE S 81 29.56 -19.04 31.12
CA PHE S 81 29.27 -20.35 31.66
C PHE S 81 30.31 -21.38 31.23
N ILE S 82 30.54 -21.47 29.93
CA ILE S 82 31.49 -22.43 29.42
C ILE S 82 32.89 -22.14 29.93
N LYS S 83 33.73 -23.15 29.87
CA LYS S 83 35.10 -23.10 30.35
C LYS S 83 36.03 -22.36 29.39
N PRO S 84 35.97 -22.61 28.08
CA PRO S 84 36.83 -21.90 27.14
C PRO S 84 36.76 -20.39 27.26
N ASP S 85 37.90 -19.75 27.05
CA ASP S 85 37.97 -18.31 27.06
C ASP S 85 37.52 -17.81 25.71
N VAL S 86 36.43 -17.06 25.69
CA VAL S 86 35.85 -16.53 24.46
C VAL S 86 36.55 -15.22 24.10
N SER S 87 37.48 -15.29 23.16
CA SER S 87 38.19 -14.11 22.71
C SER S 87 37.32 -13.35 21.73
N THR S 88 36.95 -12.13 22.09
CA THR S 88 36.12 -11.28 21.25
C THR S 88 36.96 -10.35 20.40
N ILE S 89 36.55 -10.19 19.15
CA ILE S 89 37.21 -9.30 18.21
C ILE S 89 36.14 -8.43 17.58
N CYS S 90 36.42 -7.15 17.46
CA CYS S 90 35.53 -6.15 16.90
C CYS S 90 35.99 -5.78 15.50
N MET S 91 35.13 -6.01 14.52
CA MET S 91 35.40 -5.69 13.13
C MET S 91 34.27 -4.79 12.65
N GLY S 92 34.64 -3.62 12.17
CA GLY S 92 33.67 -2.67 11.69
C GLY S 92 33.06 -1.86 12.80
N GLN S 93 32.17 -2.46 13.59
CA GLN S 93 31.61 -1.72 14.69
C GLN S 93 31.00 -2.64 15.72
N ALA S 94 30.89 -2.11 16.92
CA ALA S 94 30.22 -2.75 18.04
C ALA S 94 29.28 -1.73 18.65
N ALA S 95 28.01 -2.05 18.70
CA ALA S 95 26.98 -1.22 19.26
C ALA S 95 26.80 -1.54 20.74
N SER S 96 25.73 -1.03 21.34
CA SER S 96 25.48 -1.21 22.76
C SER S 96 25.51 -2.68 23.16
N MET S 97 24.81 -3.53 22.41
CA MET S 97 24.88 -4.94 22.77
C MET S 97 26.11 -5.60 22.20
N GLY S 98 26.63 -5.10 21.08
CA GLY S 98 27.87 -5.66 20.57
C GLY S 98 29.03 -5.35 21.49
N ALA S 99 29.06 -4.11 21.99
CA ALA S 99 30.11 -3.69 22.89
C ALA S 99 30.04 -4.44 24.21
N PHE S 100 28.82 -4.72 24.67
CA PHE S 100 28.65 -5.46 25.89
C PHE S 100 29.21 -6.86 25.76
N LEU S 101 28.98 -7.49 24.61
CA LEU S 101 29.53 -8.80 24.36
C LEU S 101 31.02 -8.72 24.13
N LEU S 102 31.49 -7.63 23.53
CA LEU S 102 32.91 -7.44 23.28
C LEU S 102 33.68 -7.38 24.58
N THR S 103 33.27 -6.49 25.48
CA THR S 103 33.92 -6.36 26.76
C THR S 103 33.70 -7.57 27.65
N ALA S 104 32.70 -8.39 27.34
CA ALA S 104 32.40 -9.58 28.12
C ALA S 104 33.36 -10.72 27.84
N GLY S 105 34.23 -10.56 26.85
CA GLY S 105 35.18 -11.60 26.54
C GLY S 105 36.17 -11.81 27.65
N ALA S 106 37.04 -12.79 27.43
CA ALA S 106 38.04 -13.14 28.41
C ALA S 106 39.03 -12.01 28.59
N LYS S 107 39.45 -11.81 29.83
CA LYS S 107 40.41 -10.76 30.14
C LYS S 107 41.71 -11.03 29.40
N GLY S 108 42.16 -10.03 28.66
CA GLY S 108 43.37 -10.13 27.88
C GLY S 108 43.18 -10.70 26.50
N LYS S 109 41.95 -11.05 26.14
CA LYS S 109 41.63 -11.64 24.84
C LYS S 109 40.52 -10.88 24.13
N ARG S 110 40.38 -9.59 24.42
CA ARG S 110 39.38 -8.74 23.79
C ARG S 110 40.16 -7.80 22.89
N PHE S 111 40.04 -8.01 21.59
CA PHE S 111 40.76 -7.23 20.60
C PHE S 111 39.79 -6.39 19.77
N CYS S 112 40.37 -5.38 19.13
CA CYS S 112 39.63 -4.47 18.29
C CYS S 112 40.55 -4.07 17.15
N LEU S 113 40.00 -3.95 15.96
CA LEU S 113 40.80 -3.51 14.85
C LEU S 113 40.98 -2.00 14.96
N PRO S 114 42.03 -1.46 14.34
CA PRO S 114 42.31 -0.02 14.50
C PRO S 114 41.23 0.93 14.07
N ASN S 115 40.56 0.67 12.96
CA ASN S 115 39.53 1.55 12.45
C ASN S 115 38.13 1.24 12.95
N SER S 116 37.99 0.20 13.77
CA SER S 116 36.69 -0.14 14.32
C SER S 116 36.22 0.92 15.30
N ARG S 117 34.91 1.06 15.40
CA ARG S 117 34.27 2.01 16.28
C ARG S 117 33.31 1.31 17.22
N VAL S 118 33.32 1.73 18.48
CA VAL S 118 32.50 1.15 19.53
C VAL S 118 31.57 2.21 20.06
N MET S 119 30.29 1.86 20.20
CA MET S 119 29.28 2.76 20.72
C MET S 119 28.59 2.10 21.89
N ILE S 120 28.45 2.84 22.98
CA ILE S 120 27.78 2.39 24.18
C ILE S 120 26.67 3.38 24.53
N HIS S 121 25.50 2.85 24.86
CA HIS S 121 24.40 3.70 25.27
C HIS S 121 23.52 2.91 26.23
N GLN S 122 22.59 3.61 26.84
CA GLN S 122 21.68 2.97 27.77
C GLN S 122 20.55 2.29 27.03
N PRO S 123 19.91 1.29 27.64
CA PRO S 123 18.84 0.57 26.97
C PRO S 123 17.72 1.45 26.44
N LEU S 124 17.02 0.91 25.46
CA LEU S 124 15.90 1.53 24.80
C LEU S 124 14.69 0.62 24.98
N GLY S 125 13.54 1.24 25.11
CA GLY S 125 12.33 0.48 25.28
C GLY S 125 11.12 1.35 25.14
N GLY S 126 10.01 0.84 25.65
CA GLY S 126 8.76 1.55 25.59
C GLY S 126 7.60 0.65 25.85
N TYR S 127 6.46 1.28 26.15
CA TYR S 127 5.24 0.54 26.43
C TYR S 127 4.08 1.50 26.26
N GLN S 128 2.94 0.92 25.93
CA GLN S 128 1.70 1.66 25.73
C GLN S 128 0.61 0.94 26.49
N GLY S 129 -0.01 1.63 27.43
CA GLY S 129 -1.08 1.03 28.20
C GLY S 129 -1.42 1.89 29.40
N GLN S 130 -1.98 1.22 30.40
CA GLN S 130 -2.36 1.90 31.62
C GLN S 130 -1.14 2.38 32.39
N ALA S 131 -1.39 3.27 33.34
CA ALA S 131 -0.33 3.80 34.18
C ALA S 131 0.31 2.70 35.02
N THR S 132 -0.50 1.77 35.51
CA THR S 132 0.01 0.69 36.33
C THR S 132 0.98 -0.18 35.55
N ASP S 133 0.63 -0.52 34.32
CA ASP S 133 1.51 -1.33 33.49
C ASP S 133 2.79 -0.60 33.17
N ILE S 134 2.70 0.72 32.93
CA ILE S 134 3.87 1.53 32.61
C ILE S 134 4.86 1.50 33.76
N GLU S 135 4.36 1.56 34.98
CA GLU S 135 5.24 1.56 36.14
C GLU S 135 6.03 0.26 36.22
N ILE S 136 5.38 -0.85 35.93
CA ILE S 136 6.05 -2.15 35.97
C ILE S 136 7.13 -2.23 34.90
N HIS S 137 6.80 -1.83 33.68
CA HIS S 137 7.77 -1.90 32.60
C HIS S 137 8.89 -0.89 32.79
N ALA S 138 8.55 0.31 33.26
CA ALA S 138 9.58 1.32 33.49
C ALA S 138 10.56 0.86 34.56
N ARG S 139 10.05 0.24 35.62
CA ARG S 139 10.94 -0.26 36.65
C ARG S 139 11.85 -1.34 36.12
N GLU S 140 11.29 -2.23 35.29
CA GLU S 140 12.04 -3.35 34.73
C GLU S 140 13.22 -2.88 33.89
N ILE S 141 12.97 -1.95 32.97
CA ILE S 141 14.04 -1.49 32.09
C ILE S 141 15.12 -0.77 32.88
N LEU S 142 14.75 -0.10 33.96
CA LEU S 142 15.75 0.55 34.79
C LEU S 142 16.63 -0.48 35.47
N LYS S 143 16.04 -1.58 35.92
CA LYS S 143 16.82 -2.65 36.51
C LYS S 143 17.79 -3.23 35.49
N VAL S 144 17.33 -3.34 34.24
CA VAL S 144 18.17 -3.83 33.17
C VAL S 144 19.33 -2.87 32.96
N LYS S 145 19.05 -1.58 32.98
CA LYS S 145 20.10 -0.59 32.83
C LYS S 145 21.11 -0.71 33.95
N GLY S 146 20.64 -0.88 35.17
CA GLY S 146 21.55 -1.05 36.29
C GLY S 146 22.38 -2.31 36.17
N ARG S 147 21.74 -3.40 35.78
CA ARG S 147 22.45 -4.66 35.63
C ARG S 147 23.49 -4.57 34.54
N MET S 148 23.15 -3.96 33.42
CA MET S 148 24.10 -3.81 32.32
C MET S 148 25.28 -2.95 32.75
N ASN S 149 25.01 -1.86 33.46
CA ASN S 149 26.08 -0.97 33.90
C ASN S 149 27.01 -1.67 34.86
N GLU S 150 26.48 -2.50 35.75
CA GLU S 150 27.31 -3.23 36.70
C GLU S 150 28.25 -4.17 35.96
N LEU S 151 27.71 -4.90 35.00
CA LEU S 151 28.53 -5.83 34.22
C LEU S 151 29.57 -5.09 33.41
N MET S 152 29.21 -3.97 32.81
CA MET S 152 30.17 -3.18 32.03
C MET S 152 31.28 -2.69 32.94
N ALA S 153 30.93 -2.22 34.12
CA ALA S 153 31.90 -1.73 35.07
C ALA S 153 32.87 -2.82 35.49
N LEU S 154 32.34 -4.01 35.74
CA LEU S 154 33.17 -5.12 36.17
C LEU S 154 34.17 -5.52 35.11
N HIS S 155 33.72 -5.66 33.87
CA HIS S 155 34.61 -6.08 32.80
C HIS S 155 35.59 -4.97 32.43
N THR S 156 35.09 -3.74 32.28
CA THR S 156 35.97 -2.62 31.94
C THR S 156 36.93 -2.29 33.07
N GLY S 157 36.45 -2.41 34.30
CA GLY S 157 37.20 -2.04 35.47
C GLY S 157 36.94 -0.63 35.91
N GLN S 158 36.05 0.09 35.23
CA GLN S 158 35.68 1.44 35.57
C GLN S 158 34.70 1.44 36.72
N SER S 159 34.58 2.58 37.38
CA SER S 159 33.62 2.70 38.46
C SER S 159 32.22 2.72 37.88
N LEU S 160 31.27 2.27 38.69
CA LEU S 160 29.88 2.25 38.25
C LEU S 160 29.38 3.65 37.94
N GLU S 161 29.78 4.62 38.75
CA GLU S 161 29.35 6.00 38.55
C GLU S 161 29.81 6.54 37.21
N GLN S 162 31.06 6.24 36.83
CA GLN S 162 31.58 6.72 35.56
C GLN S 162 30.80 6.14 34.40
N ILE S 163 30.45 4.85 34.49
CA ILE S 163 29.71 4.20 33.43
C ILE S 163 28.35 4.85 33.25
N GLU S 164 27.68 5.16 34.36
CA GLU S 164 26.36 5.79 34.29
C GLU S 164 26.44 7.15 33.61
N ARG S 165 27.50 7.91 33.91
CA ARG S 165 27.63 9.23 33.30
C ARG S 165 27.95 9.14 31.83
N ASP S 166 28.70 8.11 31.42
CA ASP S 166 29.08 7.96 30.03
C ASP S 166 28.04 7.25 29.18
N THR S 167 27.10 6.53 29.80
CA THR S 167 26.06 5.83 29.05
C THR S 167 24.75 6.59 28.97
N GLU S 168 24.64 7.74 29.66
CA GLU S 168 23.42 8.53 29.59
C GLU S 168 23.07 8.89 28.16
N ARG S 169 24.07 9.00 27.30
CA ARG S 169 23.89 9.29 25.89
C ARG S 169 24.91 8.50 25.11
N ASP S 170 24.62 8.34 23.82
CA ASP S 170 25.51 7.62 22.92
C ASP S 170 26.92 8.18 22.98
N ARG S 171 27.88 7.29 23.20
CA ARG S 171 29.29 7.64 23.28
C ARG S 171 30.03 6.77 22.30
N PHE S 172 30.75 7.39 21.38
CA PHE S 172 31.50 6.69 20.36
C PHE S 172 32.94 6.61 20.79
N LEU S 173 33.49 5.41 20.74
CA LEU S 173 34.87 5.15 21.12
C LEU S 173 35.62 4.51 19.98
N SER S 174 36.80 5.03 19.70
CA SER S 174 37.66 4.43 18.73
C SER S 174 38.42 3.30 19.40
N ALA S 175 39.13 2.51 18.60
CA ALA S 175 39.89 1.41 19.19
C ALA S 175 40.91 1.88 20.22
N PRO S 176 41.64 2.98 20.02
CA PRO S 176 42.55 3.41 21.09
C PRO S 176 41.84 3.86 22.34
N GLU S 177 40.74 4.59 22.19
CA GLU S 177 39.99 5.06 23.35
C GLU S 177 39.39 3.89 24.11
N ALA S 178 38.94 2.87 23.38
CA ALA S 178 38.36 1.70 24.01
C ALA S 178 39.36 1.00 24.90
N VAL S 179 40.62 0.95 24.49
CA VAL S 179 41.66 0.32 25.30
C VAL S 179 41.81 1.08 26.60
N GLU S 180 41.83 2.40 26.52
CA GLU S 180 41.95 3.21 27.73
C GLU S 180 40.71 3.11 28.59
N TYR S 181 39.56 2.84 27.98
CA TYR S 181 38.30 2.69 28.69
C TYR S 181 38.08 1.28 29.22
N GLY S 182 39.04 0.38 29.01
CA GLY S 182 38.89 -0.98 29.48
C GLY S 182 37.96 -1.85 28.68
N LEU S 183 37.38 -1.34 27.59
CA LEU S 183 36.46 -2.16 26.82
C LEU S 183 37.19 -3.27 26.09
N VAL S 184 38.42 -3.02 25.68
CA VAL S 184 39.25 -4.00 25.01
C VAL S 184 40.59 -4.04 25.73
N ASP S 185 41.47 -4.89 25.23
CA ASP S 185 42.79 -5.13 25.77
C ASP S 185 43.90 -4.63 24.89
N SER S 186 43.79 -4.83 23.59
CA SER S 186 44.82 -4.40 22.67
C SER S 186 44.20 -4.23 21.29
N ILE S 187 45.05 -3.85 20.35
CA ILE S 187 44.66 -3.60 18.97
C ILE S 187 45.47 -4.49 18.06
N LEU S 188 44.84 -4.96 17.00
CA LEU S 188 45.47 -5.82 16.00
C LEU S 188 45.64 -5.02 14.73
N THR S 189 46.87 -4.63 14.43
CA THR S 189 47.17 -3.86 13.23
C THR S 189 47.71 -4.72 12.10
N HIS S 190 48.67 -5.59 12.40
CA HIS S 190 49.27 -6.46 11.41
C HIS S 190 49.51 -7.83 12.04
N ARG S 191 49.88 -8.77 11.18
CA ARG S 191 50.17 -10.13 11.61
C ARG S 191 51.66 -10.21 11.92
N ASN S 192 51.97 -10.69 13.12
CA ASN S 192 53.35 -10.80 13.56
C ASN S 192 53.82 -12.23 13.36
N LEU T 1 21.53 -18.08 7.85
CA LEU T 1 22.16 -19.34 7.49
C LEU T 1 22.41 -20.18 8.74
N VAL T 2 22.53 -21.49 8.55
CA VAL T 2 22.75 -22.45 9.63
C VAL T 2 24.04 -23.20 9.34
N PRO T 3 25.02 -23.19 10.23
CA PRO T 3 26.26 -23.91 9.95
C PRO T 3 26.08 -25.42 10.02
N MET T 4 26.96 -26.11 9.29
CA MET T 4 27.01 -27.55 9.25
C MET T 4 28.25 -28.01 9.99
N VAL T 5 28.10 -29.04 10.80
CA VAL T 5 29.17 -29.59 11.62
C VAL T 5 29.40 -31.03 11.22
N ILE T 6 30.54 -31.56 11.67
CA ILE T 6 30.95 -32.91 11.36
C ILE T 6 31.06 -33.71 12.65
N GLU T 7 30.54 -34.93 12.61
CA GLU T 7 30.55 -35.86 13.73
C GLU T 7 31.40 -37.06 13.37
N GLN T 8 32.36 -37.39 14.22
CA GLN T 8 33.23 -38.54 14.00
C GLN T 8 32.60 -39.75 14.66
N THR T 9 32.31 -40.78 13.85
CA THR T 9 31.69 -42.00 14.32
C THR T 9 32.49 -43.20 13.84
N SER T 10 32.09 -44.37 14.34
CA SER T 10 32.77 -45.61 13.95
C SER T 10 32.55 -45.91 12.48
N ARG T 11 31.33 -45.69 11.99
CA ARG T 11 31.03 -45.96 10.59
C ARG T 11 31.75 -44.97 9.68
N GLY T 12 31.74 -43.69 10.05
CA GLY T 12 32.41 -42.68 9.28
C GLY T 12 31.91 -41.30 9.65
N GLU T 13 32.50 -40.30 9.00
CA GLU T 13 32.09 -38.92 9.25
C GLU T 13 30.68 -38.69 8.77
N ARG T 14 29.96 -37.85 9.51
CA ARG T 14 28.59 -37.50 9.21
C ARG T 14 28.46 -35.99 9.23
N SER T 15 27.64 -35.44 8.33
CA SER T 15 27.40 -34.01 8.24
C SER T 15 26.04 -33.71 8.82
N PHE T 16 26.01 -32.78 9.77
CA PHE T 16 24.80 -32.39 10.46
C PHE T 16 24.70 -30.89 10.57
N ASP T 17 23.47 -30.39 10.64
CA ASP T 17 23.30 -28.99 10.95
C ASP T 17 23.47 -28.84 12.45
N ILE T 18 23.77 -27.62 12.89
CA ILE T 18 24.03 -27.40 14.30
C ILE T 18 22.82 -27.79 15.15
N TYR T 19 21.62 -27.48 14.68
CA TYR T 19 20.41 -27.80 15.44
C TYR T 19 20.19 -29.30 15.52
N SER T 20 20.46 -30.02 14.45
CA SER T 20 20.25 -31.46 14.42
C SER T 20 21.29 -32.18 15.26
N ARG T 21 22.53 -31.69 15.24
CA ARG T 21 23.58 -32.30 16.05
C ARG T 21 23.21 -32.25 17.51
N LEU T 22 22.65 -31.14 17.96
CA LEU T 22 22.24 -31.01 19.35
C LEU T 22 21.04 -31.89 19.65
N LEU T 23 20.15 -32.08 18.67
CA LEU T 23 19.01 -32.97 18.85
C LEU T 23 19.50 -34.38 19.12
N LYS T 24 20.63 -34.75 18.53
CA LYS T 24 21.21 -36.06 18.78
C LYS T 24 21.63 -36.18 20.23
N GLU T 25 21.93 -35.07 20.87
CA GLU T 25 22.29 -35.01 22.27
C GLU T 25 21.09 -34.71 23.16
N ARG T 26 19.88 -34.90 22.63
CA ARG T 26 18.64 -34.72 23.34
C ARG T 26 18.41 -33.29 23.80
N VAL T 27 18.79 -32.34 22.96
CA VAL T 27 18.59 -30.91 23.20
C VAL T 27 17.57 -30.40 22.20
N ILE T 28 16.54 -29.72 22.69
CA ILE T 28 15.51 -29.13 21.86
C ILE T 28 15.52 -27.63 22.13
N PHE T 29 15.45 -26.85 21.06
CA PHE T 29 15.43 -25.41 21.16
C PHE T 29 14.04 -24.86 20.94
N LEU T 30 13.55 -24.10 21.91
CA LEU T 30 12.29 -23.40 21.81
C LEU T 30 12.65 -21.94 21.64
N THR T 31 12.41 -21.39 20.46
CA THR T 31 12.73 -20.01 20.17
C THR T 31 11.58 -19.36 19.45
N GLY T 32 11.49 -18.04 19.57
CA GLY T 32 10.45 -17.30 18.90
C GLY T 32 9.10 -17.47 19.54
N GLN T 33 8.15 -16.75 18.97
CA GLN T 33 6.79 -16.82 19.48
C GLN T 33 6.24 -18.22 19.28
N VAL T 34 5.50 -18.69 20.27
CA VAL T 34 4.91 -20.01 20.21
C VAL T 34 3.79 -19.99 19.19
N GLU T 35 3.67 -21.07 18.42
CA GLU T 35 2.66 -21.19 17.39
C GLU T 35 2.48 -22.67 17.11
N ASP T 36 1.42 -22.97 16.34
CA ASP T 36 1.10 -24.36 16.04
C ASP T 36 2.23 -25.09 15.33
N HIS T 37 2.83 -24.45 14.34
CA HIS T 37 3.87 -25.11 13.55
C HIS T 37 5.13 -25.38 14.36
N MET T 38 5.61 -24.41 15.13
CA MET T 38 6.80 -24.65 15.92
C MET T 38 6.52 -25.63 17.05
N ALA T 39 5.35 -25.52 17.66
CA ALA T 39 4.99 -26.42 18.74
C ALA T 39 4.87 -27.84 18.24
N ASN T 40 4.32 -27.99 17.04
CA ASN T 40 4.20 -29.30 16.44
C ASN T 40 5.56 -29.91 16.22
N LEU T 41 6.51 -29.09 15.77
CA LEU T 41 7.87 -29.57 15.56
C LEU T 41 8.51 -30.02 16.86
N ILE T 42 8.29 -29.27 17.93
CA ILE T 42 8.84 -29.64 19.22
C ILE T 42 8.24 -30.94 19.71
N VAL T 43 6.94 -31.11 19.50
CA VAL T 43 6.26 -32.34 19.90
C VAL T 43 6.88 -33.52 19.18
N ALA T 44 7.11 -33.38 17.88
CA ALA T 44 7.70 -34.46 17.11
C ALA T 44 9.07 -34.83 17.63
N GLN T 45 9.89 -33.84 17.97
CA GLN T 45 11.21 -34.11 18.49
C GLN T 45 11.15 -34.86 19.81
N MET T 46 10.25 -34.47 20.71
CA MET T 46 10.13 -35.14 21.99
C MET T 46 9.79 -36.61 21.82
N LEU T 47 8.83 -36.89 20.96
CA LEU T 47 8.40 -38.26 20.73
C LEU T 47 9.54 -39.09 20.16
N PHE T 48 10.28 -38.53 19.21
CA PHE T 48 11.41 -39.22 18.63
C PHE T 48 12.46 -39.55 19.68
N LEU T 49 12.77 -38.56 20.53
CA LEU T 49 13.76 -38.75 21.57
C LEU T 49 13.32 -39.81 22.56
N GLU T 50 12.03 -39.85 22.88
CA GLU T 50 11.53 -40.84 23.83
C GLU T 50 11.75 -42.24 23.31
N ALA T 51 11.49 -42.46 22.02
CA ALA T 51 11.66 -43.77 21.44
C ALA T 51 13.11 -44.21 21.45
N GLU T 52 14.02 -43.28 21.17
CA GLU T 52 15.45 -43.61 21.16
C GLU T 52 15.90 -44.09 22.53
N ASN T 53 15.63 -43.32 23.55
CA ASN T 53 15.99 -43.68 24.92
C ASN T 53 14.96 -43.06 25.84
N PRO T 54 13.96 -43.80 26.29
CA PRO T 54 12.96 -43.24 27.20
C PRO T 54 13.43 -43.03 28.63
N GLU T 55 14.71 -43.24 28.92
CA GLU T 55 15.27 -43.06 30.25
C GLU T 55 16.16 -41.85 30.37
N LYS T 56 16.75 -41.41 29.26
CA LYS T 56 17.64 -40.25 29.28
C LYS T 56 16.84 -38.96 29.27
N ASP T 57 17.27 -38.03 30.10
CA ASP T 57 16.57 -36.76 30.24
C ASP T 57 16.70 -35.91 28.99
N ILE T 58 15.62 -35.24 28.66
CA ILE T 58 15.56 -34.33 27.52
C ILE T 58 15.80 -32.93 28.06
N TYR T 59 16.37 -32.08 27.22
CA TYR T 59 16.67 -30.71 27.57
C TYR T 59 15.97 -29.78 26.60
N LEU T 60 15.23 -28.81 27.15
CA LEU T 60 14.52 -27.82 26.37
C LEU T 60 15.07 -26.45 26.74
N TYR T 61 15.57 -25.72 25.75
CA TYR T 61 16.12 -24.39 25.94
C TYR T 61 15.07 -23.40 25.49
N ILE T 62 14.69 -22.48 26.36
CA ILE T 62 13.61 -21.54 26.08
C ILE T 62 14.12 -20.11 26.03
N ASN T 63 13.95 -19.47 24.88
CA ASN T 63 14.12 -18.06 24.70
C ASN T 63 12.89 -17.66 23.89
N SER T 64 11.80 -17.30 24.56
CA SER T 64 10.59 -16.96 23.83
C SER T 64 9.90 -15.72 24.37
N PRO T 65 9.30 -14.89 23.51
CA PRO T 65 8.47 -13.81 23.98
C PRO T 65 7.03 -14.21 24.24
N GLY T 66 6.74 -15.51 24.21
CA GLY T 66 5.42 -16.03 24.44
C GLY T 66 4.63 -16.15 23.17
N GLY T 67 3.44 -16.70 23.30
CA GLY T 67 2.57 -16.81 22.15
C GLY T 67 1.22 -17.42 22.42
N VAL T 68 0.78 -18.24 21.47
CA VAL T 68 -0.51 -18.90 21.59
C VAL T 68 -0.46 -19.85 22.77
N ILE T 69 -1.62 -20.09 23.36
CA ILE T 69 -1.72 -20.98 24.50
C ILE T 69 -1.86 -22.42 24.07
N THR T 70 -2.83 -22.69 23.19
CA THR T 70 -3.06 -24.05 22.69
C THR T 70 -1.78 -24.70 22.19
N ALA T 71 -0.98 -23.94 21.45
CA ALA T 71 0.29 -24.44 20.99
C ALA T 71 1.20 -24.81 22.14
N GLY T 72 1.09 -24.09 23.25
CA GLY T 72 1.90 -24.34 24.41
C GLY T 72 1.40 -25.51 25.22
N MET T 73 0.07 -25.65 25.28
CA MET T 73 -0.51 -26.76 26.03
C MET T 73 -0.13 -28.09 25.40
N SER T 74 -0.01 -28.12 24.08
CA SER T 74 0.40 -29.35 23.42
C SER T 74 1.78 -29.75 23.88
N ILE T 75 2.69 -28.78 23.94
CA ILE T 75 4.03 -29.05 24.41
C ILE T 75 3.99 -29.46 25.88
N TYR T 76 3.19 -28.76 26.68
CA TYR T 76 3.10 -29.07 28.10
C TYR T 76 2.60 -30.49 28.33
N ASP T 77 1.53 -30.86 27.64
CA ASP T 77 0.95 -32.19 27.79
C ASP T 77 1.92 -33.25 27.31
N THR T 78 2.60 -32.99 26.21
CA THR T 78 3.57 -33.94 25.68
C THR T 78 4.70 -34.16 26.66
N MET T 79 5.14 -33.11 27.34
CA MET T 79 6.22 -33.25 28.30
C MET T 79 5.77 -34.05 29.51
N GLN T 80 4.57 -33.78 30.00
CA GLN T 80 4.04 -34.50 31.13
C GLN T 80 3.62 -35.92 30.78
N PHE T 81 3.52 -36.25 29.49
CA PHE T 81 3.11 -37.58 29.07
C PHE T 81 4.29 -38.54 28.97
N ILE T 82 5.32 -38.13 28.24
CA ILE T 82 6.49 -38.97 28.04
C ILE T 82 7.16 -39.30 29.36
N LYS T 83 7.92 -40.39 29.34
CA LYS T 83 8.62 -40.84 30.54
C LYS T 83 9.83 -39.98 30.86
N PRO T 84 10.71 -39.65 29.91
CA PRO T 84 11.87 -38.82 30.21
C PRO T 84 11.54 -37.52 30.92
N ASP T 85 12.46 -37.11 31.77
CA ASP T 85 12.35 -35.86 32.51
C ASP T 85 12.83 -34.74 31.61
N VAL T 86 11.95 -33.79 31.34
CA VAL T 86 12.24 -32.67 30.44
C VAL T 86 12.82 -31.52 31.25
N SER T 87 14.14 -31.45 31.28
CA SER T 87 14.85 -30.39 31.98
C SER T 87 14.76 -29.12 31.17
N THR T 88 14.09 -28.11 31.71
CA THR T 88 13.93 -26.84 31.03
C THR T 88 14.99 -25.85 31.48
N ILE T 89 15.50 -25.07 30.54
CA ILE T 89 16.49 -24.04 30.79
C ILE T 89 16.02 -22.77 30.11
N CYS T 90 16.18 -21.66 30.80
CA CYS T 90 15.79 -20.34 30.32
C CYS T 90 17.02 -19.57 29.89
N MET T 91 17.04 -19.15 28.63
CA MET T 91 18.13 -18.36 28.08
C MET T 91 17.51 -17.11 27.50
N GLY T 92 17.96 -15.96 27.99
CA GLY T 92 17.46 -14.69 27.52
C GLY T 92 16.18 -14.30 28.21
N GLN T 93 15.07 -14.94 27.85
CA GLN T 93 13.83 -14.63 28.53
C GLN T 93 12.79 -15.72 28.34
N ALA T 94 11.87 -15.74 29.29
CA ALA T 94 10.71 -16.62 29.26
C ALA T 94 9.49 -15.78 29.53
N ALA T 95 8.57 -15.78 28.61
CA ALA T 95 7.33 -15.03 28.69
C ALA T 95 6.27 -15.92 29.33
N SER T 96 5.01 -15.49 29.28
CA SER T 96 3.93 -16.22 29.94
C SER T 96 3.88 -17.68 29.53
N MET T 97 3.88 -17.96 28.23
CA MET T 97 3.89 -19.36 27.82
C MET T 97 5.25 -19.97 28.05
N GLY T 98 6.31 -19.22 27.81
CA GLY T 98 7.64 -19.76 28.06
C GLY T 98 7.84 -20.08 29.53
N ALA T 99 7.35 -19.22 30.40
CA ALA T 99 7.45 -19.43 31.83
C ALA T 99 6.65 -20.64 32.25
N PHE T 100 5.47 -20.81 31.67
CA PHE T 100 4.65 -21.96 31.98
C PHE T 100 5.34 -23.24 31.58
N LEU T 101 5.95 -23.24 30.40
CA LEU T 101 6.71 -24.39 29.96
C LEU T 101 7.96 -24.56 30.81
N LEU T 102 8.60 -23.45 31.16
CA LEU T 102 9.81 -23.50 31.96
C LEU T 102 9.54 -24.11 33.33
N THR T 103 8.40 -23.77 33.93
CA THR T 103 8.07 -24.33 35.23
C THR T 103 7.39 -25.67 35.12
N ALA T 104 7.10 -26.13 33.91
CA ALA T 104 6.52 -27.44 33.68
C ALA T 104 7.58 -28.52 33.58
N GLY T 105 8.84 -28.14 33.68
CA GLY T 105 9.91 -29.11 33.62
C GLY T 105 9.94 -29.96 34.87
N ALA T 106 10.66 -31.07 34.75
CA ALA T 106 10.78 -32.00 35.86
C ALA T 106 11.32 -31.31 37.09
N LYS T 107 10.75 -31.65 38.24
CA LYS T 107 11.17 -31.06 39.49
C LYS T 107 12.63 -31.34 39.73
N GLY T 108 13.37 -30.29 40.06
CA GLY T 108 14.78 -30.36 40.30
C GLY T 108 15.62 -30.18 39.06
N LYS T 109 15.00 -30.13 37.89
CA LYS T 109 15.69 -29.99 36.62
C LYS T 109 15.31 -28.73 35.86
N ARG T 110 14.70 -27.76 36.52
CA ARG T 110 14.34 -26.50 35.90
C ARG T 110 15.42 -25.50 36.27
N PHE T 111 16.12 -24.98 35.26
CA PHE T 111 17.21 -24.05 35.45
C PHE T 111 16.95 -22.73 34.74
N CYS T 112 17.75 -21.75 35.14
CA CYS T 112 17.75 -20.42 34.55
C CYS T 112 19.17 -19.89 34.57
N LEU T 113 19.47 -19.07 33.60
CA LEU T 113 20.75 -18.41 33.57
C LEU T 113 20.66 -17.21 34.49
N PRO T 114 21.79 -16.68 34.95
CA PRO T 114 21.73 -15.57 35.92
C PRO T 114 21.05 -14.31 35.43
N ASN T 115 21.24 -13.93 34.17
CA ASN T 115 20.68 -12.71 33.63
C ASN T 115 19.36 -12.91 32.91
N SER T 116 18.83 -14.13 32.88
CA SER T 116 17.55 -14.36 32.22
C SER T 116 16.42 -13.72 33.00
N ARG T 117 15.39 -13.32 32.26
CA ARG T 117 14.22 -12.66 32.82
C ARG T 117 12.98 -13.46 32.51
N VAL T 118 12.11 -13.59 33.51
CA VAL T 118 10.89 -14.37 33.40
C VAL T 118 9.71 -13.44 33.65
N MET T 119 8.71 -13.53 32.78
CA MET T 119 7.49 -12.74 32.89
C MET T 119 6.29 -13.67 32.89
N ILE T 120 5.39 -13.44 33.84
CA ILE T 120 4.14 -14.19 33.94
C ILE T 120 3.00 -13.21 33.92
N HIS T 121 1.99 -13.51 33.10
CA HIS T 121 0.81 -12.66 33.02
C HIS T 121 -0.37 -13.55 32.70
N GLN T 122 -1.55 -12.98 32.85
CA GLN T 122 -2.75 -13.74 32.56
C GLN T 122 -3.00 -13.76 31.06
N PRO T 123 -3.77 -14.73 30.58
CA PRO T 123 -4.05 -14.84 29.15
C PRO T 123 -4.62 -13.59 28.53
N LEU T 124 -4.41 -13.49 27.23
CA LEU T 124 -4.89 -12.41 26.39
C LEU T 124 -5.78 -12.99 25.32
N GLY T 125 -6.78 -12.23 24.92
CA GLY T 125 -7.67 -12.69 23.90
C GLY T 125 -8.62 -11.61 23.49
N GLY T 126 -9.68 -12.02 22.82
CA GLY T 126 -10.69 -11.10 22.36
C GLY T 126 -11.55 -11.70 21.31
N TYR T 127 -12.76 -11.17 21.21
CA TYR T 127 -13.74 -11.63 20.24
C TYR T 127 -14.65 -10.49 19.88
N GLN T 128 -15.11 -10.49 18.64
CA GLN T 128 -16.05 -9.50 18.14
C GLN T 128 -17.24 -10.26 17.59
N GLY T 129 -18.43 -9.87 18.00
CA GLY T 129 -19.62 -10.56 17.56
C GLY T 129 -20.80 -10.20 18.44
N GLN T 130 -21.79 -11.05 18.38
CA GLN T 130 -22.99 -10.90 19.17
C GLN T 130 -22.69 -11.11 20.65
N ALA T 131 -23.56 -10.55 21.48
CA ALA T 131 -23.39 -10.65 22.92
C ALA T 131 -23.41 -12.11 23.38
N THR T 132 -24.27 -12.92 22.77
CA THR T 132 -24.33 -14.32 23.14
C THR T 132 -23.01 -15.01 22.85
N ASP T 133 -22.42 -14.72 21.69
CA ASP T 133 -21.14 -15.28 21.33
C ASP T 133 -20.04 -14.81 22.27
N ILE T 134 -20.08 -13.53 22.64
CA ILE T 134 -19.06 -12.95 23.51
C ILE T 134 -19.05 -13.64 24.87
N GLU T 135 -20.23 -13.96 25.39
CA GLU T 135 -20.30 -14.60 26.69
C GLU T 135 -19.61 -15.96 26.67
N ILE T 136 -19.78 -16.69 25.57
CA ILE T 136 -19.17 -18.00 25.45
C ILE T 136 -17.66 -17.91 25.45
N HIS T 137 -17.11 -16.99 24.66
CA HIS T 137 -15.68 -16.83 24.56
C HIS T 137 -15.08 -16.30 25.86
N ALA T 138 -15.80 -15.40 26.52
CA ALA T 138 -15.32 -14.85 27.78
C ALA T 138 -15.20 -15.93 28.82
N ARG T 139 -16.22 -16.77 28.96
CA ARG T 139 -16.18 -17.86 29.93
C ARG T 139 -15.03 -18.81 29.61
N GLU T 140 -14.80 -19.08 28.33
CA GLU T 140 -13.75 -20.00 27.93
C GLU T 140 -12.37 -19.50 28.32
N ILE T 141 -12.07 -18.24 28.02
CA ILE T 141 -10.76 -17.69 28.35
C ILE T 141 -10.56 -17.64 29.85
N LEU T 142 -11.65 -17.41 30.60
CA LEU T 142 -11.54 -17.39 32.06
C LEU T 142 -11.20 -18.78 32.57
N LYS T 143 -11.80 -19.81 31.99
CA LYS T 143 -11.49 -21.18 32.37
C LYS T 143 -10.04 -21.48 32.09
N VAL T 144 -9.53 -20.97 30.97
CA VAL T 144 -8.13 -21.14 30.61
C VAL T 144 -7.25 -20.48 31.65
N LYS T 145 -7.61 -19.26 32.05
CA LYS T 145 -6.86 -18.56 33.08
C LYS T 145 -6.85 -19.35 34.37
N GLY T 146 -8.01 -19.85 34.76
CA GLY T 146 -8.08 -20.67 35.96
C GLY T 146 -7.24 -21.92 35.85
N ARG T 147 -7.34 -22.60 34.71
CA ARG T 147 -6.58 -23.81 34.50
C ARG T 147 -5.08 -23.53 34.51
N MET T 148 -4.66 -22.45 33.86
CA MET T 148 -3.24 -22.11 33.82
C MET T 148 -2.72 -21.81 35.21
N ASN T 149 -3.49 -21.07 36.00
CA ASN T 149 -3.07 -20.73 37.36
C ASN T 149 -2.94 -21.97 38.23
N GLU T 150 -3.86 -22.92 38.07
CA GLU T 150 -3.79 -24.14 38.86
C GLU T 150 -2.52 -24.92 38.58
N LEU T 151 -2.18 -25.05 37.30
CA LEU T 151 -0.97 -25.76 36.91
C LEU T 151 0.28 -25.04 37.41
N MET T 152 0.28 -23.71 37.33
CA MET T 152 1.43 -22.93 37.79
C MET T 152 1.61 -23.13 39.28
N ALA T 153 0.51 -23.17 40.02
CA ALA T 153 0.57 -23.35 41.46
C ALA T 153 1.05 -24.75 41.81
N LEU T 154 0.68 -25.73 41.00
CA LEU T 154 1.10 -27.11 41.25
C LEU T 154 2.60 -27.26 41.09
N HIS T 155 3.16 -26.62 40.06
CA HIS T 155 4.58 -26.72 39.80
C HIS T 155 5.41 -25.83 40.70
N THR T 156 4.96 -24.60 40.92
CA THR T 156 5.71 -23.68 41.76
C THR T 156 5.51 -23.92 43.25
N GLY T 157 4.45 -24.61 43.64
CA GLY T 157 4.17 -24.83 45.03
C GLY T 157 3.42 -23.70 45.68
N GLN T 158 3.31 -22.56 45.01
CA GLN T 158 2.60 -21.41 45.52
C GLN T 158 1.11 -21.68 45.56
N SER T 159 0.43 -20.99 46.47
CA SER T 159 -1.00 -21.16 46.57
C SER T 159 -1.68 -20.56 45.36
N LEU T 160 -2.85 -21.09 45.04
CA LEU T 160 -3.59 -20.62 43.87
C LEU T 160 -3.96 -19.15 44.02
N GLU T 161 -4.32 -18.74 45.22
CA GLU T 161 -4.69 -17.35 45.44
C GLU T 161 -3.52 -16.41 45.17
N GLN T 162 -2.32 -16.80 45.60
CA GLN T 162 -1.15 -15.96 45.37
C GLN T 162 -0.86 -15.81 43.89
N ILE T 163 -1.01 -16.88 43.13
CA ILE T 163 -0.74 -16.83 41.70
C ILE T 163 -1.71 -15.88 41.01
N GLU T 164 -2.97 -15.88 41.44
CA GLU T 164 -3.95 -14.99 40.83
C GLU T 164 -3.59 -13.53 41.05
N ARG T 165 -3.12 -13.20 42.26
CA ARG T 165 -2.76 -11.83 42.55
C ARG T 165 -1.54 -11.39 41.76
N ASP T 166 -0.61 -12.30 41.55
CA ASP T 166 0.62 -11.98 40.84
C ASP T 166 0.47 -11.98 39.32
N THR T 167 -0.54 -12.68 38.79
CA THR T 167 -0.76 -12.75 37.36
C THR T 167 -1.78 -11.73 36.86
N GLU T 168 -2.40 -10.96 37.76
CA GLU T 168 -3.37 -9.95 37.34
C GLU T 168 -2.73 -8.94 36.40
N ARG T 169 -1.42 -8.74 36.52
CA ARG T 169 -0.68 -7.83 35.68
C ARG T 169 0.70 -8.43 35.46
N ASP T 170 1.33 -7.98 34.40
CA ASP T 170 2.66 -8.45 34.04
C ASP T 170 3.61 -8.33 35.21
N ARG T 171 4.21 -9.45 35.58
CA ARG T 171 5.17 -9.51 36.68
C ARG T 171 6.47 -10.06 36.15
N PHE T 172 7.53 -9.32 36.37
CA PHE T 172 8.85 -9.69 35.92
C PHE T 172 9.62 -10.28 37.08
N LEU T 173 10.46 -11.24 36.77
CA LEU T 173 11.25 -11.92 37.76
C LEU T 173 12.60 -12.28 37.18
N SER T 174 13.62 -12.09 37.99
CA SER T 174 14.96 -12.43 37.62
C SER T 174 15.19 -13.87 38.01
N ALA T 175 16.36 -14.39 37.69
CA ALA T 175 16.69 -15.76 38.07
C ALA T 175 16.57 -15.98 39.57
N PRO T 176 17.14 -15.14 40.43
CA PRO T 176 16.98 -15.37 41.88
C PRO T 176 15.53 -15.29 42.34
N GLU T 177 14.81 -14.27 41.89
CA GLU T 177 13.41 -14.11 42.28
C GLU T 177 12.58 -15.30 41.85
N ALA T 178 12.87 -15.84 40.67
CA ALA T 178 12.15 -16.99 40.17
C ALA T 178 12.37 -18.20 41.05
N VAL T 179 13.58 -18.34 41.59
CA VAL T 179 13.88 -19.48 42.45
C VAL T 179 13.05 -19.40 43.72
N GLU T 180 12.99 -18.22 44.33
CA GLU T 180 12.19 -18.06 45.53
C GLU T 180 10.72 -18.26 45.22
N TYR T 181 10.29 -17.83 44.04
CA TYR T 181 8.92 -18.03 43.61
C TYR T 181 8.64 -19.50 43.39
N GLY T 182 9.64 -20.24 42.93
CA GLY T 182 9.55 -21.66 42.66
C GLY T 182 9.43 -22.03 41.21
N LEU T 183 9.53 -21.08 40.29
CA LEU T 183 9.48 -21.42 38.88
C LEU T 183 10.66 -22.29 38.48
N VAL T 184 11.85 -21.99 38.98
CA VAL T 184 13.06 -22.73 38.65
C VAL T 184 13.76 -23.16 39.93
N ASP T 185 14.29 -24.37 39.89
CA ASP T 185 14.99 -24.94 41.03
C ASP T 185 16.32 -24.27 41.34
N SER T 186 17.12 -24.00 40.31
CA SER T 186 18.46 -23.46 40.55
C SER T 186 18.93 -22.67 39.34
N ILE T 187 20.12 -22.09 39.48
CA ILE T 187 20.76 -21.29 38.46
C ILE T 187 22.08 -21.92 38.03
N LEU T 188 22.39 -21.80 36.74
CA LEU T 188 23.64 -22.27 36.15
C LEU T 188 24.61 -21.11 36.00
N THR T 189 25.23 -20.70 37.10
CA THR T 189 26.16 -19.58 37.02
C THR T 189 27.41 -19.93 36.23
N HIS T 190 28.02 -21.08 36.52
CA HIS T 190 29.25 -21.50 35.86
C HIS T 190 29.31 -23.01 35.80
N ARG T 191 30.06 -23.50 34.82
CA ARG T 191 30.23 -24.93 34.69
C ARG T 191 31.11 -25.46 35.81
N ASN T 192 30.79 -26.65 36.29
CA ASN T 192 31.52 -27.28 37.37
C ASN T 192 31.90 -28.71 36.98
#